data_4UV3
#
_entry.id   4UV3
#
_cell.length_a   161.934
_cell.length_b   372.847
_cell.length_c   161.972
_cell.angle_alpha   90.00
_cell.angle_beta   92.90
_cell.angle_gamma   90.00
#
_symmetry.space_group_name_H-M   'C 1 2 1'
#
_entity_poly.entity_id   1
_entity_poly.type   'polypeptide(L)'
_entity_poly.pdbx_seq_one_letter_code
;CLTAPPKEAARPTLMPRAQSYKDLTHLPAPTGKIFVSVYNIQDETGQFKPYPASNFSTAVPQSATAMLVTALKDSRWFIP
LERQGLQNLLNERKIIRAAQENGTVAINNRIPLQSLTAANIMVEGSIIGYESNVKSGGVGARYFGIGADTQYQLDQIAVN
LRVVNVSTGEILSSVNTSKTILSYEVQAGVFRFIDYQRLLEGEVGYTSNEPVMLCLMSAIETGVIFLINDGIDRGLWDLQ
NKAERQNDILVKYRHMSVPPES
;
_entity_poly.pdbx_strand_id   A,B,C,D,E,F,G,H,I,J,K,L,M,N,O,P,Q,R
#
# COMPACT_ATOMS: atom_id res chain seq x y z
N LEU A 2 47.93 -43.89 -18.36
CA LEU A 2 47.24 -43.26 -19.53
C LEU A 2 45.71 -43.49 -19.43
N THR A 3 45.15 -42.91 -18.38
CA THR A 3 43.72 -42.66 -18.21
C THR A 3 43.46 -41.30 -17.51
N ALA A 4 44.52 -40.62 -17.06
CA ALA A 4 44.43 -39.22 -16.66
C ALA A 4 44.34 -38.32 -17.91
N PRO A 5 44.34 -36.98 -17.76
CA PRO A 5 43.86 -36.28 -18.95
C PRO A 5 44.97 -36.07 -19.95
N PRO A 6 44.61 -35.65 -21.17
CA PRO A 6 45.62 -35.13 -22.10
C PRO A 6 46.01 -33.65 -21.84
N LYS A 7 47.24 -33.29 -22.17
CA LYS A 7 47.72 -31.92 -21.99
C LYS A 7 47.63 -31.12 -23.28
N GLU A 8 47.82 -29.81 -23.16
CA GLU A 8 47.38 -28.85 -24.19
C GLU A 8 48.18 -28.95 -25.47
N ALA A 9 47.47 -29.26 -26.55
CA ALA A 9 48.03 -29.22 -27.89
C ALA A 9 47.68 -27.89 -28.55
N ALA A 10 48.72 -27.07 -28.78
CA ALA A 10 48.59 -25.68 -29.27
C ALA A 10 48.37 -24.74 -28.11
N ARG A 11 48.72 -23.48 -28.33
CA ARG A 11 48.79 -22.49 -27.24
C ARG A 11 47.58 -21.54 -27.25
N PRO A 12 47.20 -20.99 -26.07
CA PRO A 12 46.28 -19.86 -26.11
C PRO A 12 46.93 -18.66 -26.75
N THR A 13 46.41 -18.27 -27.91
CA THR A 13 46.75 -16.99 -28.52
C THR A 13 45.69 -15.93 -28.19
N LEU A 14 46.01 -14.65 -28.33
CA LEU A 14 44.94 -13.65 -28.24
C LEU A 14 44.18 -13.67 -29.57
N MET A 15 42.94 -13.20 -29.60
CA MET A 15 41.97 -13.70 -30.57
C MET A 15 42.33 -13.26 -31.99
N PRO A 16 42.47 -14.23 -32.93
CA PRO A 16 42.93 -13.99 -34.29
C PRO A 16 42.00 -13.09 -35.13
N ARG A 17 42.15 -11.78 -34.95
CA ARG A 17 41.53 -10.81 -35.84
C ARG A 17 42.42 -10.47 -37.04
N ALA A 18 41.81 -10.23 -38.20
CA ALA A 18 42.59 -10.06 -39.45
C ALA A 18 42.51 -8.63 -40.00
N GLN A 19 41.98 -8.48 -41.22
CA GLN A 19 42.22 -7.25 -41.98
C GLN A 19 41.49 -6.04 -41.39
N SER A 20 40.19 -6.25 -41.13
CA SER A 20 39.34 -5.27 -40.44
C SER A 20 40.03 -4.66 -39.22
N TYR A 21 40.56 -5.53 -38.37
CA TYR A 21 41.38 -5.10 -37.24
C TYR A 21 42.55 -4.18 -37.63
N LYS A 22 43.36 -4.62 -38.60
CA LYS A 22 44.57 -3.90 -39.02
C LYS A 22 44.25 -2.50 -39.52
N ASP A 23 43.14 -2.40 -40.26
CA ASP A 23 42.60 -1.11 -40.68
C ASP A 23 42.16 -0.29 -39.48
N LEU A 24 41.45 -0.93 -38.57
CA LEU A 24 40.80 -0.25 -37.44
C LEU A 24 41.81 0.33 -36.46
N THR A 25 42.93 -0.36 -36.31
CA THR A 25 43.99 0.06 -35.39
C THR A 25 44.82 1.22 -35.94
N HIS A 26 45.23 1.09 -37.20
CA HIS A 26 46.05 2.10 -37.87
C HIS A 26 45.20 3.25 -38.45
N LEU A 27 44.14 3.63 -37.75
CA LEU A 27 43.35 4.79 -38.13
C LEU A 27 43.94 6.05 -37.50
N PRO A 28 44.08 7.11 -38.29
CA PRO A 28 44.60 8.38 -37.79
C PRO A 28 43.77 8.93 -36.64
N ALA A 29 44.42 9.30 -35.55
CA ALA A 29 43.69 9.58 -34.30
C ALA A 29 42.95 10.93 -34.35
N PRO A 30 41.81 11.01 -33.68
CA PRO A 30 41.06 12.27 -33.54
C PRO A 30 41.73 13.27 -32.58
N THR A 31 41.14 14.45 -32.44
CA THR A 31 41.67 15.48 -31.53
C THR A 31 41.52 15.11 -30.06
N GLY A 32 40.52 14.29 -29.77
CA GLY A 32 40.36 13.70 -28.45
C GLY A 32 39.50 12.48 -28.59
N LYS A 33 39.58 11.55 -27.66
CA LYS A 33 38.73 10.39 -27.75
C LYS A 33 37.28 10.87 -27.67
N ILE A 34 36.39 9.91 -27.91
CA ILE A 34 35.01 10.16 -27.64
C ILE A 34 34.47 9.08 -26.69
N PHE A 35 33.61 9.51 -25.77
CA PHE A 35 32.98 8.65 -24.75
C PHE A 35 31.79 7.94 -25.35
N VAL A 36 31.79 6.63 -25.31
CA VAL A 36 30.70 5.90 -25.91
C VAL A 36 30.08 4.83 -24.99
N SER A 37 28.79 4.54 -25.17
CA SER A 37 28.04 3.56 -24.34
C SER A 37 27.44 2.48 -25.20
N VAL A 38 27.67 1.23 -24.87
CA VAL A 38 27.00 0.17 -25.62
C VAL A 38 26.23 -0.65 -24.61
N TYR A 39 24.91 -0.69 -24.77
CA TYR A 39 24.02 -1.37 -23.82
C TYR A 39 23.78 -2.79 -24.28
N ASN A 40 23.46 -2.97 -25.55
CA ASN A 40 23.21 -4.30 -26.06
C ASN A 40 23.07 -4.36 -27.59
N ILE A 41 23.76 -5.31 -28.19
CA ILE A 41 23.50 -5.67 -29.59
C ILE A 41 22.96 -7.11 -29.64
N GLN A 42 21.71 -7.27 -30.12
CA GLN A 42 21.03 -8.57 -30.07
C GLN A 42 21.30 -9.47 -31.26
N ASP A 43 21.19 -10.79 -31.05
CA ASP A 43 21.11 -11.75 -32.12
C ASP A 43 19.71 -11.74 -32.75
N GLU A 44 19.33 -10.63 -33.40
CA GLU A 44 18.00 -10.48 -34.05
C GLU A 44 17.82 -11.42 -35.26
N THR A 45 18.74 -12.38 -35.43
CA THR A 45 18.87 -13.15 -36.67
C THR A 45 17.71 -14.13 -36.83
N GLY A 46 17.37 -14.80 -35.73
CA GLY A 46 16.23 -15.74 -35.75
C GLY A 46 16.59 -17.19 -36.11
N GLN A 47 17.86 -17.52 -35.99
CA GLN A 47 18.33 -18.65 -36.71
C GLN A 47 19.13 -19.56 -35.82
N PHE A 48 18.85 -20.85 -36.02
CA PHE A 48 19.55 -21.90 -35.32
C PHE A 48 20.17 -22.89 -36.31
N LYS A 49 21.04 -23.74 -35.77
CA LYS A 49 21.78 -24.69 -36.59
C LYS A 49 20.88 -25.86 -36.95
N PRO A 50 21.05 -26.39 -38.16
CA PRO A 50 20.26 -27.51 -38.65
C PRO A 50 20.79 -28.83 -38.12
N TYR A 51 20.00 -29.88 -38.33
CA TYR A 51 20.43 -31.21 -37.92
C TYR A 51 21.80 -31.46 -38.54
N PRO A 52 22.73 -32.05 -37.78
CA PRO A 52 22.61 -32.67 -36.44
C PRO A 52 22.94 -31.80 -35.23
N ALA A 53 22.94 -30.48 -35.38
CA ALA A 53 23.14 -29.62 -34.21
C ALA A 53 22.00 -29.76 -33.19
N SER A 54 22.29 -29.35 -31.95
CA SER A 54 21.21 -29.22 -30.98
C SER A 54 20.19 -28.22 -31.54
N ASN A 55 18.92 -28.52 -31.30
CA ASN A 55 17.82 -27.65 -31.67
C ASN A 55 18.08 -26.22 -31.23
N PHE A 56 18.80 -26.10 -30.12
CA PHE A 56 18.97 -24.81 -29.42
C PHE A 56 20.26 -24.10 -29.79
N SER A 57 21.07 -24.71 -30.65
CA SER A 57 22.33 -24.08 -31.01
C SER A 57 22.05 -22.94 -31.99
N THR A 58 22.34 -21.73 -31.56
CA THR A 58 22.10 -20.57 -32.37
C THR A 58 23.07 -20.52 -33.48
N ALA A 59 22.68 -19.89 -34.55
CA ALA A 59 23.57 -19.92 -35.68
C ALA A 59 24.72 -18.96 -35.46
N VAL A 60 24.53 -18.03 -34.53
CA VAL A 60 25.42 -16.87 -34.40
C VAL A 60 25.66 -16.66 -32.91
N PRO A 61 26.89 -16.30 -32.55
CA PRO A 61 27.19 -16.19 -31.13
C PRO A 61 26.51 -15.03 -30.57
N GLN A 62 26.15 -15.16 -29.29
CA GLN A 62 25.36 -14.13 -28.60
C GLN A 62 26.25 -13.11 -27.96
N SER A 63 27.32 -12.73 -28.64
CA SER A 63 28.43 -12.05 -27.99
C SER A 63 28.78 -10.74 -28.70
N ALA A 64 27.91 -10.33 -29.61
CA ALA A 64 28.19 -9.17 -30.46
C ALA A 64 28.51 -7.90 -29.64
N THR A 65 27.79 -7.71 -28.55
CA THR A 65 27.90 -6.50 -27.72
C THR A 65 29.32 -6.28 -27.26
N ALA A 66 29.95 -7.34 -26.79
CA ALA A 66 31.28 -7.23 -26.27
C ALA A 66 32.29 -7.03 -27.41
N MET A 67 32.02 -7.64 -28.56
CA MET A 67 32.90 -7.46 -29.74
C MET A 67 32.90 -6.00 -30.16
N LEU A 68 31.72 -5.39 -30.14
CA LEU A 68 31.59 -4.02 -30.57
C LEU A 68 32.39 -3.17 -29.62
N VAL A 69 32.21 -3.38 -28.32
CA VAL A 69 32.85 -2.51 -27.31
C VAL A 69 34.35 -2.61 -27.52
N THR A 70 34.81 -3.83 -27.79
CA THR A 70 36.22 -4.07 -27.97
C THR A 70 36.71 -3.37 -29.23
N ALA A 71 35.96 -3.48 -30.32
CA ALA A 71 36.33 -2.79 -31.57
C ALA A 71 36.38 -1.26 -31.36
N LEU A 72 35.39 -0.72 -30.66
CA LEU A 72 35.34 0.71 -30.37
C LEU A 72 36.57 1.13 -29.58
N LYS A 73 37.16 0.21 -28.81
CA LYS A 73 38.34 0.53 -28.00
C LYS A 73 39.60 0.43 -28.82
N ASP A 74 39.71 -0.66 -29.59
CA ASP A 74 40.91 -0.89 -30.42
C ASP A 74 41.15 0.21 -31.47
N SER A 75 40.07 0.87 -31.90
CA SER A 75 40.13 1.95 -32.89
C SER A 75 40.92 3.18 -32.40
N ARG A 76 40.94 3.38 -31.08
CA ARG A 76 41.61 4.50 -30.44
C ARG A 76 40.93 5.78 -30.85
N TRP A 77 39.62 5.70 -30.99
CA TRP A 77 38.78 6.88 -31.17
C TRP A 77 37.80 7.05 -29.98
N PHE A 78 37.41 5.94 -29.38
CA PHE A 78 36.39 5.92 -28.34
C PHE A 78 36.86 5.29 -27.04
N ILE A 79 36.40 5.86 -25.92
CA ILE A 79 36.49 5.24 -24.62
C ILE A 79 35.15 4.60 -24.38
N PRO A 80 35.15 3.31 -24.12
CA PRO A 80 33.86 2.77 -23.86
C PRO A 80 33.55 2.89 -22.39
N LEU A 81 32.35 3.34 -22.06
CA LEU A 81 31.84 3.18 -20.75
C LEU A 81 31.03 1.89 -20.52
N GLU A 82 31.19 1.31 -19.31
CA GLU A 82 30.65 -0.01 -19.00
C GLU A 82 29.19 0.13 -18.65
N ARG A 83 28.35 -0.38 -19.56
CA ARG A 83 26.92 -0.49 -19.32
C ARG A 83 26.38 -1.92 -19.49
N GLN A 84 27.09 -2.80 -20.16
CA GLN A 84 26.58 -4.18 -20.26
C GLN A 84 26.38 -4.76 -18.86
N GLY A 85 27.32 -4.51 -17.97
CA GLY A 85 27.19 -5.06 -16.63
C GLY A 85 26.97 -3.96 -15.64
N LEU A 86 26.12 -3.00 -15.99
CA LEU A 86 25.91 -1.83 -15.16
C LEU A 86 25.41 -2.15 -13.75
N GLN A 87 24.57 -3.18 -13.63
CA GLN A 87 23.96 -3.51 -12.34
C GLN A 87 25.02 -3.89 -11.27
N ASN A 88 25.99 -4.70 -11.68
CA ASN A 88 27.09 -5.09 -10.80
C ASN A 88 27.96 -3.91 -10.40
N LEU A 89 28.18 -3.01 -11.36
CA LEU A 89 28.99 -1.83 -11.15
C LEU A 89 28.32 -1.00 -10.00
N LEU A 90 26.99 -0.90 -10.06
CA LEU A 90 26.27 -0.09 -9.09
C LEU A 90 26.29 -0.77 -7.73
N ASN A 91 26.33 -2.09 -7.76
CA ASN A 91 26.37 -2.87 -6.54
C ASN A 91 27.71 -2.71 -5.83
N GLU A 92 28.80 -2.88 -6.58
CA GLU A 92 30.12 -2.62 -5.98
C GLU A 92 30.26 -1.18 -5.39
N ARG A 93 29.63 -0.22 -6.05
CA ARG A 93 29.60 1.14 -5.55
C ARG A 93 28.73 1.28 -4.26
N LYS A 94 27.64 0.52 -4.15
CA LYS A 94 26.92 0.44 -2.90
C LYS A 94 27.84 -0.08 -1.78
N ILE A 95 28.63 -1.11 -2.09
CA ILE A 95 29.45 -1.77 -1.06
C ILE A 95 30.58 -0.89 -0.60
N ILE A 96 31.17 -0.21 -1.59
CA ILE A 96 32.11 0.86 -1.32
C ILE A 96 31.51 1.90 -0.35
N ARG A 97 30.39 2.48 -0.73
CA ARG A 97 29.83 3.59 0.04
C ARG A 97 29.44 3.12 1.43
N ALA A 98 29.10 1.84 1.55
CA ALA A 98 28.75 1.27 2.85
C ALA A 98 29.98 1.00 3.69
N ALA A 99 31.10 0.77 3.01
CA ALA A 99 32.38 0.57 3.67
C ALA A 99 32.89 1.83 4.36
N GLN A 100 32.92 2.93 3.63
CA GLN A 100 33.73 4.08 4.01
C GLN A 100 32.93 5.25 4.52
N GLU A 101 31.64 5.03 4.68
CA GLU A 101 30.76 6.13 5.11
C GLU A 101 31.05 6.58 6.53
N ASN A 102 31.64 5.70 7.32
CA ASN A 102 31.89 6.02 8.73
C ASN A 102 33.25 6.65 8.98
N GLY A 103 34.07 6.76 7.93
CA GLY A 103 35.42 7.30 8.07
C GLY A 103 36.32 6.52 9.02
N THR A 104 36.14 5.21 9.06
CA THR A 104 37.07 4.36 9.76
C THR A 104 38.01 3.75 8.76
N VAL A 105 37.56 3.60 7.52
CA VAL A 105 38.30 2.77 6.54
C VAL A 105 39.68 3.39 6.31
N ALA A 106 40.68 2.52 6.19
CA ALA A 106 42.09 2.90 6.16
C ALA A 106 42.38 3.77 4.94
N ILE A 107 43.10 4.87 5.16
CA ILE A 107 43.33 5.88 4.13
C ILE A 107 44.01 5.30 2.87
N ASN A 108 44.84 4.27 3.06
CA ASN A 108 45.47 3.55 1.93
C ASN A 108 44.45 2.74 1.16
N ASN A 109 43.48 2.20 1.88
CA ASN A 109 42.48 1.29 1.33
C ASN A 109 41.27 2.01 0.73
N ARG A 110 41.11 3.28 1.09
CA ARG A 110 39.97 4.09 0.69
C ARG A 110 39.81 4.12 -0.84
N ILE A 111 38.58 3.94 -1.32
CA ILE A 111 38.27 4.10 -2.77
C ILE A 111 37.45 5.37 -3.00
N PRO A 112 38.01 6.35 -3.74
CA PRO A 112 37.33 7.62 -3.94
C PRO A 112 36.31 7.51 -5.06
N LEU A 113 35.08 7.91 -4.75
CA LEU A 113 33.93 7.66 -5.64
C LEU A 113 33.48 8.91 -6.29
N GLN A 114 33.19 8.74 -7.57
CA GLN A 114 32.99 9.86 -8.46
C GLN A 114 31.86 9.41 -9.33
N SER A 115 31.06 10.38 -9.78
CA SER A 115 29.81 10.09 -10.47
C SER A 115 30.15 9.33 -11.71
N LEU A 116 29.18 8.55 -12.20
CA LEU A 116 29.55 7.60 -13.23
C LEU A 116 29.79 8.38 -14.51
N THR A 117 30.97 8.22 -15.14
CA THR A 117 31.34 8.96 -16.34
C THR A 117 30.31 8.70 -17.36
N ALA A 118 29.82 9.78 -17.98
CA ALA A 118 28.62 9.70 -18.83
C ALA A 118 28.89 9.96 -20.28
N ALA A 119 28.21 9.17 -21.12
CA ALA A 119 28.48 9.17 -22.56
C ALA A 119 27.68 10.23 -23.30
N ASN A 120 28.19 10.67 -24.46
CA ASN A 120 27.44 11.62 -25.29
C ASN A 120 26.68 10.94 -26.40
N ILE A 121 27.36 10.04 -27.09
CA ILE A 121 26.70 9.25 -28.12
C ILE A 121 26.69 7.86 -27.60
N MET A 122 25.58 7.19 -27.79
CA MET A 122 25.60 5.77 -27.62
C MET A 122 25.27 5.05 -28.94
N VAL A 123 25.92 3.92 -29.17
CA VAL A 123 25.77 3.16 -30.42
C VAL A 123 25.18 1.84 -30.12
N GLU A 124 24.07 1.54 -30.77
CA GLU A 124 23.51 0.21 -30.68
C GLU A 124 23.30 -0.39 -32.05
N GLY A 125 23.03 -1.69 -32.07
CA GLY A 125 22.81 -2.37 -33.31
C GLY A 125 22.33 -3.79 -33.08
N SER A 126 22.49 -4.62 -34.10
CA SER A 126 21.80 -5.91 -34.12
C SER A 126 22.46 -6.78 -35.12
N ILE A 127 22.51 -8.07 -34.84
CA ILE A 127 22.87 -9.02 -35.88
C ILE A 127 21.61 -9.23 -36.72
N ILE A 128 21.56 -8.62 -37.90
CA ILE A 128 20.37 -8.65 -38.77
C ILE A 128 20.18 -9.63 -39.89
N GLY A 129 20.52 -10.87 -39.60
CA GLY A 129 20.39 -12.00 -40.53
C GLY A 129 21.57 -12.91 -40.57
N TYR A 130 21.27 -14.20 -40.64
CA TYR A 130 22.25 -15.21 -41.01
C TYR A 130 21.52 -16.15 -41.94
N GLU A 131 21.86 -16.10 -43.22
CA GLU A 131 21.33 -17.03 -44.21
C GLU A 131 22.39 -18.11 -44.42
N SER A 132 21.95 -19.35 -44.63
CA SER A 132 22.90 -20.45 -44.68
C SER A 132 22.92 -21.15 -46.04
N ASN A 133 24.11 -21.56 -46.49
CA ASN A 133 24.30 -22.08 -47.85
C ASN A 133 23.64 -21.16 -48.87
N VAL A 134 24.05 -19.90 -48.84
CA VAL A 134 23.56 -18.88 -49.75
C VAL A 134 24.08 -19.24 -51.14
N LYS A 135 25.29 -19.79 -51.19
CA LYS A 135 25.77 -20.48 -52.38
C LYS A 135 26.47 -21.78 -52.03
N SER A 136 26.57 -22.65 -53.03
CA SER A 136 27.25 -23.93 -52.85
C SER A 136 27.60 -24.57 -54.19
N GLY A 137 28.62 -25.44 -54.19
CA GLY A 137 28.99 -26.18 -55.39
C GLY A 137 29.96 -27.32 -55.16
N GLY A 138 30.29 -28.04 -56.22
CA GLY A 138 31.18 -29.20 -56.11
C GLY A 138 31.70 -29.71 -57.45
N VAL A 139 32.94 -30.22 -57.44
CA VAL A 139 33.53 -30.83 -58.62
C VAL A 139 34.32 -32.07 -58.23
N GLY A 140 34.02 -33.19 -58.87
CA GLY A 140 34.69 -34.46 -58.57
C GLY A 140 34.77 -35.40 -59.76
N ALA A 141 35.85 -36.17 -59.81
CA ALA A 141 36.00 -37.22 -60.81
C ALA A 141 36.67 -38.46 -60.25
N ARG A 142 36.19 -39.63 -60.67
CA ARG A 142 36.88 -40.87 -60.42
C ARG A 142 37.06 -41.62 -61.73
N TYR A 143 38.21 -42.29 -61.86
CA TYR A 143 38.62 -42.91 -63.11
C TYR A 143 39.08 -44.35 -62.87
N GLY A 145 41.71 -47.49 -59.72
CA GLY A 145 40.65 -46.50 -59.79
C GLY A 145 40.85 -45.33 -58.83
N ILE A 146 41.10 -44.18 -59.44
CA ILE A 146 41.64 -43.03 -58.73
C ILE A 146 40.64 -41.87 -58.78
N GLY A 147 40.46 -41.16 -57.67
CA GLY A 147 39.45 -40.10 -57.63
C GLY A 147 39.74 -38.95 -56.69
N ALA A 148 39.14 -37.80 -57.00
CA ALA A 148 39.17 -36.66 -56.10
C ALA A 148 37.89 -35.83 -56.25
N ASP A 149 37.67 -34.93 -55.29
CA ASP A 149 36.48 -34.07 -55.29
C ASP A 149 36.67 -32.92 -54.35
N THR A 150 36.15 -31.75 -54.73
CA THR A 150 35.95 -30.69 -53.74
C THR A 150 34.49 -30.27 -53.72
N GLN A 151 34.08 -29.76 -52.57
CA GLN A 151 32.75 -29.22 -52.40
C GLN A 151 32.87 -27.94 -51.60
N TYR A 152 32.07 -26.93 -51.91
CA TYR A 152 32.06 -25.72 -51.10
C TYR A 152 30.68 -25.19 -50.80
N GLN A 153 30.54 -24.57 -49.62
CA GLN A 153 29.32 -23.85 -49.29
C GLN A 153 29.67 -22.51 -48.67
N LEU A 154 28.77 -21.54 -48.80
CA LEU A 154 28.97 -20.26 -48.11
C LEU A 154 27.67 -19.65 -47.61
N ASP A 155 27.81 -18.96 -46.47
CA ASP A 155 26.69 -18.42 -45.68
C ASP A 155 26.86 -16.91 -45.55
N GLN A 156 25.78 -16.22 -45.20
CA GLN A 156 25.85 -14.77 -45.04
C GLN A 156 25.64 -14.38 -43.55
N ILE A 157 26.19 -13.23 -43.16
CA ILE A 157 25.86 -12.62 -41.89
C ILE A 157 25.91 -11.07 -42.00
N ALA A 158 24.96 -10.38 -41.38
CA ALA A 158 24.89 -8.94 -41.54
C ALA A 158 24.73 -8.31 -40.17
N VAL A 159 25.23 -7.11 -40.07
CA VAL A 159 25.20 -6.40 -38.81
C VAL A 159 24.84 -4.92 -38.99
N ASN A 160 23.88 -4.47 -38.22
CA ASN A 160 23.55 -3.09 -38.15
C ASN A 160 24.31 -2.52 -36.93
N LEU A 161 24.98 -1.39 -37.13
CA LEU A 161 25.36 -0.52 -36.03
C LEU A 161 24.80 0.85 -36.27
N ARG A 162 24.53 1.57 -35.22
CA ARG A 162 24.00 2.91 -35.39
C ARG A 162 24.28 3.85 -34.22
N VAL A 163 24.78 5.04 -34.54
CA VAL A 163 25.05 6.08 -33.55
C VAL A 163 23.84 6.92 -33.23
N VAL A 164 23.49 6.97 -31.95
CA VAL A 164 22.32 7.69 -31.46
C VAL A 164 22.78 8.80 -30.61
N ASN A 165 22.24 9.96 -30.86
CA ASN A 165 22.57 11.12 -30.05
C ASN A 165 21.74 11.18 -28.75
N VAL A 166 22.43 11.11 -27.62
CA VAL A 166 21.79 11.04 -26.30
C VAL A 166 20.97 12.28 -26.10
N SER A 167 21.48 13.40 -26.58
CA SER A 167 20.87 14.68 -26.27
C SER A 167 19.54 14.89 -26.99
N THR A 168 19.27 14.05 -28.01
CA THR A 168 18.07 14.26 -28.82
C THR A 168 17.31 12.98 -29.13
N GLY A 169 18.07 11.93 -29.37
CA GLY A 169 17.44 10.69 -29.83
C GLY A 169 17.59 10.53 -31.34
N GLU A 170 18.00 11.61 -32.00
CA GLU A 170 18.27 11.55 -33.41
C GLU A 170 19.27 10.46 -33.54
N ILE A 171 19.02 9.55 -34.44
CA ILE A 171 20.08 8.68 -34.92
C ILE A 171 21.03 9.50 -35.80
N LEU A 172 22.32 9.51 -35.46
CA LEU A 172 23.29 10.31 -36.21
C LEU A 172 23.90 9.53 -37.39
N SER A 173 23.72 8.22 -37.37
CA SER A 173 24.35 7.36 -38.35
C SER A 173 23.82 5.93 -38.22
N SER A 174 23.38 5.37 -39.33
CA SER A 174 23.12 3.93 -39.43
C SER A 174 23.97 3.31 -40.53
N VAL A 175 24.56 2.15 -40.24
CA VAL A 175 25.36 1.41 -41.23
C VAL A 175 25.08 -0.09 -41.22
N ASN A 176 25.16 -0.69 -42.39
CA ASN A 176 24.70 -2.09 -42.57
C ASN A 176 25.73 -3.00 -43.24
N THR A 177 26.54 -3.68 -42.44
CA THR A 177 27.66 -4.41 -42.99
C THR A 177 27.29 -5.86 -43.13
N SER A 178 28.03 -6.55 -43.99
CA SER A 178 27.73 -7.93 -44.31
C SER A 178 29.00 -8.69 -44.60
N LYS A 179 28.94 -9.99 -44.38
CA LYS A 179 30.14 -10.79 -44.48
C LYS A 179 29.78 -12.25 -44.79
N THR A 180 30.63 -12.89 -45.57
CA THR A 180 30.35 -14.23 -46.05
C THR A 180 31.24 -15.24 -45.33
N ILE A 181 30.63 -16.32 -44.88
CA ILE A 181 31.36 -17.40 -44.21
C ILE A 181 31.62 -18.55 -45.21
N LEU A 182 32.89 -18.85 -45.43
CA LEU A 182 33.30 -19.89 -46.37
C LEU A 182 33.53 -21.25 -45.74
N SER A 183 33.08 -22.29 -46.43
CA SER A 183 33.35 -23.68 -46.05
C SER A 183 33.69 -24.53 -47.27
N TYR A 184 34.65 -25.44 -47.12
CA TYR A 184 35.00 -26.34 -48.21
C TYR A 184 35.56 -27.69 -47.76
N GLU A 185 35.39 -28.68 -48.63
CA GLU A 185 35.79 -30.06 -48.36
C GLU A 185 36.54 -30.63 -49.55
N VAL A 186 37.83 -30.88 -49.34
CA VAL A 186 38.67 -31.50 -50.35
C VAL A 186 38.89 -32.97 -50.01
N GLN A 187 38.83 -33.83 -51.02
CA GLN A 187 38.95 -35.27 -50.82
C GLN A 187 39.62 -35.94 -51.99
N ALA A 188 40.52 -36.88 -51.69
CA ALA A 188 41.16 -37.68 -52.74
C ALA A 188 41.33 -39.12 -52.26
N GLY A 189 41.09 -40.06 -53.15
CA GLY A 189 41.23 -41.48 -52.82
C GLY A 189 41.76 -42.31 -53.98
N VAL A 190 42.66 -43.25 -53.67
CA VAL A 190 43.18 -44.18 -54.66
C VAL A 190 42.73 -45.62 -54.31
N PHE A 191 42.26 -46.35 -55.31
CA PHE A 191 41.63 -47.65 -55.08
C PHE A 191 42.15 -48.68 -56.07
N ARG A 192 42.48 -49.86 -55.56
CA ARG A 192 43.14 -50.85 -56.38
C ARG A 192 43.18 -52.22 -55.73
N LEU A 200 44.51 -52.61 -52.51
CA LEU A 200 45.01 -51.28 -52.16
C LEU A 200 43.90 -50.23 -52.15
N GLU A 201 43.60 -49.70 -50.97
CA GLU A 201 42.87 -48.42 -50.85
C GLU A 201 43.71 -47.41 -50.09
N GLY A 202 43.56 -46.13 -50.46
CA GLY A 202 44.20 -45.04 -49.73
C GLY A 202 43.40 -43.75 -49.89
N GLU A 203 43.04 -43.13 -48.77
CA GLU A 203 42.22 -41.93 -48.79
C GLU A 203 42.77 -40.78 -47.95
N VAL A 204 42.73 -39.58 -48.52
CA VAL A 204 43.00 -38.35 -47.79
C VAL A 204 41.78 -37.43 -47.91
N GLY A 205 41.41 -36.83 -46.79
CA GLY A 205 40.32 -35.86 -46.77
C GLY A 205 40.67 -34.65 -45.89
N TYR A 206 40.15 -33.49 -46.26
CA TYR A 206 40.32 -32.28 -45.47
C TYR A 206 39.09 -31.39 -45.60
N THR A 207 38.70 -30.75 -44.51
CA THR A 207 37.54 -29.85 -44.51
C THR A 207 37.83 -28.61 -43.69
N SER A 208 37.46 -27.44 -44.23
CA SER A 208 37.71 -26.19 -43.52
C SER A 208 36.49 -25.28 -43.50
N ASN A 209 36.11 -24.86 -42.30
CA ASN A 209 35.04 -23.88 -42.09
C ASN A 209 35.63 -22.61 -41.53
N GLU A 210 35.19 -21.49 -42.06
CA GLU A 210 35.46 -20.23 -41.42
C GLU A 210 34.72 -20.22 -40.08
N PRO A 211 35.35 -19.68 -39.04
CA PRO A 211 34.60 -19.41 -37.83
C PRO A 211 33.56 -18.28 -37.98
N VAL A 212 32.30 -18.59 -37.70
CA VAL A 212 31.24 -17.60 -37.71
C VAL A 212 31.53 -16.49 -36.67
N MET A 213 31.92 -16.94 -35.48
CA MET A 213 32.59 -16.12 -34.48
C MET A 213 33.49 -15.00 -35.05
N LEU A 214 34.38 -15.39 -35.95
CA LEU A 214 35.45 -14.51 -36.41
C LEU A 214 34.96 -13.59 -37.53
N CYS A 215 33.96 -14.06 -38.27
CA CYS A 215 33.30 -13.26 -39.30
C CYS A 215 32.39 -12.18 -38.71
N LEU A 216 31.66 -12.55 -37.68
CA LEU A 216 30.94 -11.58 -36.89
C LEU A 216 31.90 -10.47 -36.41
N MET A 217 33.03 -10.85 -35.82
CA MET A 217 33.95 -9.89 -35.24
C MET A 217 34.46 -8.94 -36.33
N SER A 218 34.85 -9.51 -37.45
CA SER A 218 35.36 -8.74 -38.59
C SER A 218 34.34 -7.71 -39.03
N ALA A 219 33.11 -8.16 -39.21
CA ALA A 219 32.07 -7.30 -39.75
C ALA A 219 31.73 -6.14 -38.81
N ILE A 220 31.81 -6.41 -37.51
CA ILE A 220 31.58 -5.36 -36.52
C ILE A 220 32.68 -4.30 -36.56
N GLU A 221 33.93 -4.74 -36.69
CA GLU A 221 35.06 -3.80 -36.86
C GLU A 221 34.85 -2.88 -38.09
N THR A 222 34.55 -3.49 -39.24
CA THR A 222 34.23 -2.79 -40.48
C THR A 222 33.14 -1.76 -40.28
N GLY A 223 32.08 -2.17 -39.62
CA GLY A 223 31.01 -1.25 -39.23
C GLY A 223 31.50 -0.04 -38.41
N VAL A 224 32.40 -0.29 -37.46
CA VAL A 224 32.90 0.78 -36.62
C VAL A 224 33.66 1.78 -37.49
N ILE A 225 34.45 1.29 -38.42
CA ILE A 225 35.19 2.18 -39.31
C ILE A 225 34.21 3.05 -40.08
N PHE A 226 33.21 2.44 -40.73
CA PHE A 226 32.23 3.18 -41.56
C PHE A 226 31.52 4.22 -40.71
N LEU A 227 31.34 3.91 -39.43
CA LEU A 227 30.73 4.87 -38.50
C LEU A 227 31.63 6.07 -38.27
N ILE A 228 32.92 5.82 -38.06
CA ILE A 228 33.85 6.88 -37.77
C ILE A 228 33.94 7.77 -38.99
N ASN A 229 34.13 7.14 -40.14
CA ASN A 229 34.32 7.89 -41.39
C ASN A 229 33.08 8.75 -41.63
N ASP A 230 31.92 8.16 -41.38
CA ASP A 230 30.66 8.84 -41.60
C ASP A 230 30.55 10.04 -40.68
N GLY A 231 31.00 9.85 -39.46
CA GLY A 231 30.94 10.90 -38.47
C GLY A 231 31.88 12.01 -38.85
N ILE A 232 33.04 11.66 -39.40
CA ILE A 232 34.01 12.65 -39.86
C ILE A 232 33.35 13.54 -40.91
N ASP A 233 32.74 12.91 -41.92
CA ASP A 233 32.04 13.63 -42.99
C ASP A 233 30.96 14.54 -42.43
N ARG A 234 30.13 14.01 -41.55
CA ARG A 234 28.98 14.76 -41.04
C ARG A 234 29.32 15.78 -39.94
N GLY A 235 30.59 15.84 -39.55
CA GLY A 235 31.01 16.80 -38.50
C GLY A 235 30.57 16.44 -37.08
N LEU A 236 30.51 15.13 -36.76
CA LEU A 236 30.40 14.67 -35.36
C LEU A 236 31.74 14.82 -34.65
N TRP A 237 32.82 14.34 -35.27
CA TRP A 237 34.19 14.49 -34.72
C TRP A 237 35.24 14.79 -35.82
N ASP A 238 36.47 15.18 -35.45
CA ASP A 238 37.48 15.59 -36.47
C ASP A 238 38.86 15.08 -36.17
N LEU A 239 39.65 15.07 -37.24
CA LEU A 239 40.98 14.52 -37.22
C LEU A 239 42.03 15.45 -36.60
N GLN A 240 43.00 14.85 -35.91
CA GLN A 240 44.16 15.59 -35.39
C GLN A 240 44.92 16.26 -36.50
N ASN A 241 45.31 15.48 -37.49
CA ASN A 241 45.99 15.98 -38.70
C ASN A 241 45.08 16.05 -39.92
N LYS A 242 44.78 17.28 -40.37
CA LYS A 242 43.84 17.50 -41.46
C LYS A 242 44.51 16.99 -42.72
N ALA A 243 45.83 16.93 -42.68
CA ALA A 243 46.65 16.33 -43.74
C ALA A 243 46.42 14.83 -43.88
N GLU A 244 45.84 14.21 -42.86
CA GLU A 244 45.58 12.78 -42.92
C GLU A 244 44.20 12.40 -43.48
N ARG A 245 43.48 13.38 -44.02
CA ARG A 245 42.16 13.18 -44.61
C ARG A 245 42.23 12.09 -45.71
N GLN A 246 43.32 12.09 -46.46
CA GLN A 246 43.45 11.19 -47.58
C GLN A 246 44.24 9.93 -47.20
N ASN A 247 44.24 9.62 -45.91
CA ASN A 247 44.65 8.30 -45.40
C ASN A 247 44.16 7.14 -46.27
N ASP A 248 45.04 6.17 -46.51
CA ASP A 248 44.72 5.03 -47.38
C ASP A 248 43.44 4.34 -46.94
N ILE A 249 43.33 4.12 -45.63
CA ILE A 249 42.22 3.38 -45.06
C ILE A 249 40.93 4.18 -45.23
N LEU A 250 40.99 5.46 -44.84
CA LEU A 250 39.82 6.32 -44.89
C LEU A 250 39.25 6.49 -46.30
N VAL A 251 40.13 6.53 -47.29
CA VAL A 251 39.69 6.66 -48.68
C VAL A 251 39.21 5.32 -49.24
N LYS A 252 39.69 4.23 -48.64
CA LYS A 252 39.25 2.89 -49.02
C LYS A 252 37.79 2.66 -48.60
N TYR A 253 37.47 3.03 -47.37
CA TYR A 253 36.09 2.88 -46.84
C TYR A 253 35.17 3.94 -47.46
N ARG A 254 35.74 5.11 -47.73
CA ARG A 254 35.00 6.16 -48.43
C ARG A 254 34.55 5.59 -49.76
N HIS A 255 35.46 4.85 -50.40
CA HIS A 255 35.21 4.29 -51.73
C HIS A 255 34.16 3.19 -51.69
N MET A 256 34.07 2.47 -50.57
CA MET A 256 33.07 1.41 -50.45
C MET A 256 31.65 1.97 -50.24
N SER A 257 31.55 3.18 -49.69
CA SER A 257 30.24 3.82 -49.59
C SER A 257 29.67 4.16 -50.98
N LEU B 2 49.21 -26.04 -38.64
CA LEU B 2 47.84 -26.16 -39.24
C LEU B 2 46.90 -26.98 -38.32
N THR B 3 46.67 -26.39 -37.14
CA THR B 3 45.59 -26.74 -36.22
C THR B 3 45.01 -25.48 -35.54
N ALA B 4 45.62 -24.32 -35.78
CA ALA B 4 45.04 -23.03 -35.39
C ALA B 4 43.93 -22.65 -36.39
N PRO B 5 43.30 -21.46 -36.24
CA PRO B 5 42.12 -21.31 -37.07
C PRO B 5 42.42 -21.01 -38.57
N PRO B 6 41.37 -21.09 -39.42
CA PRO B 6 41.45 -20.60 -40.82
C PRO B 6 41.31 -19.09 -40.92
N LYS B 7 41.89 -18.49 -41.97
CA LYS B 7 41.87 -17.03 -42.12
C LYS B 7 40.76 -16.57 -43.04
N GLU B 8 40.50 -15.26 -43.04
CA GLU B 8 39.25 -14.72 -43.58
C GLU B 8 39.16 -14.91 -45.09
N ALA B 9 38.11 -15.62 -45.51
CA ALA B 9 37.81 -15.77 -46.91
C ALA B 9 36.72 -14.77 -47.30
N ALA B 10 37.10 -13.81 -48.14
CA ALA B 10 36.26 -12.65 -48.54
C ALA B 10 36.40 -11.56 -47.51
N ARG B 11 36.09 -10.35 -47.93
CA ARG B 11 36.20 -9.18 -47.04
C ARG B 11 34.81 -8.79 -46.52
N PRO B 12 34.75 -8.16 -45.34
CA PRO B 12 33.50 -7.50 -44.99
C PRO B 12 33.21 -6.33 -45.94
N THR B 13 32.16 -6.46 -46.74
CA THR B 13 31.60 -5.36 -47.51
C THR B 13 30.43 -4.71 -46.76
N LEU B 14 30.06 -3.49 -47.13
CA LEU B 14 28.84 -2.96 -46.56
C LEU B 14 27.69 -3.68 -47.25
N MET B 15 26.54 -3.76 -46.59
CA MET B 15 25.42 -4.56 -47.09
C MET B 15 24.96 -4.42 -48.54
N PRO B 16 25.00 -5.53 -49.29
CA PRO B 16 24.73 -5.47 -50.73
C PRO B 16 23.26 -5.23 -51.09
N ARG B 17 22.86 -3.97 -51.08
CA ARG B 17 21.49 -3.58 -51.47
C ARG B 17 21.49 -3.33 -52.95
N ALA B 18 20.38 -3.62 -53.63
CA ALA B 18 20.32 -3.45 -55.10
C ALA B 18 19.37 -2.33 -55.57
N GLN B 19 18.36 -2.68 -56.37
CA GLN B 19 17.68 -1.69 -57.21
C GLN B 19 16.84 -0.74 -56.36
N SER B 20 16.02 -1.34 -55.51
CA SER B 20 15.23 -0.61 -54.53
C SER B 20 16.05 0.51 -53.88
N TYR B 21 17.24 0.15 -53.40
CA TYR B 21 18.17 1.12 -52.79
C TYR B 21 18.51 2.29 -53.72
N LYS B 22 18.90 1.96 -54.96
CA LYS B 22 19.30 2.96 -55.93
C LYS B 22 18.17 3.97 -56.24
N ASP B 23 16.95 3.46 -56.36
CA ASP B 23 15.77 4.30 -56.50
C ASP B 23 15.56 5.17 -55.27
N LEU B 24 15.67 4.55 -54.10
CA LEU B 24 15.37 5.18 -52.81
C LEU B 24 16.32 6.36 -52.53
N THR B 25 17.57 6.20 -52.95
CA THR B 25 18.59 7.20 -52.67
C THR B 25 18.46 8.41 -53.60
N HIS B 26 18.28 8.13 -54.89
CA HIS B 26 18.20 9.18 -55.90
C HIS B 26 16.75 9.73 -56.01
N LEU B 27 16.05 9.85 -54.87
CA LEU B 27 14.73 10.48 -54.84
C LEU B 27 14.86 11.98 -54.61
N PRO B 28 14.09 12.79 -55.37
CA PRO B 28 14.15 14.25 -55.26
C PRO B 28 13.76 14.72 -53.89
N ALA B 29 14.58 15.57 -53.29
CA ALA B 29 14.43 15.86 -51.86
C ALA B 29 13.18 16.73 -51.58
N PRO B 30 12.56 16.53 -50.42
CA PRO B 30 11.48 17.40 -49.92
C PRO B 30 11.95 18.79 -49.43
N THR B 31 10.99 19.66 -49.07
CA THR B 31 11.30 21.02 -48.57
C THR B 31 11.99 21.02 -47.20
N GLY B 32 11.74 19.99 -46.41
CA GLY B 32 12.56 19.69 -45.23
C GLY B 32 12.44 18.20 -44.94
N LYS B 33 13.45 17.62 -44.27
CA LYS B 33 13.41 16.21 -43.85
C LYS B 33 12.32 16.04 -42.68
N ILE B 34 11.60 14.92 -42.69
CA ILE B 34 10.46 14.72 -41.77
C ILE B 34 10.92 13.80 -40.62
N PHE B 35 10.44 14.10 -39.41
CA PHE B 35 10.81 13.37 -38.21
C PHE B 35 9.95 12.13 -38.07
N VAL B 36 10.57 10.96 -37.91
CA VAL B 36 9.82 9.73 -37.89
C VAL B 36 10.22 8.82 -36.79
N SER B 37 9.28 8.00 -36.36
CA SER B 37 9.53 7.06 -35.27
C SER B 37 9.22 5.68 -35.78
N VAL B 38 10.11 4.73 -35.55
CA VAL B 38 9.73 3.31 -35.68
C VAL B 38 9.92 2.53 -34.36
N TYR B 39 8.84 1.96 -33.83
CA TYR B 39 8.84 1.26 -32.52
C TYR B 39 9.10 -0.22 -32.73
N ASN B 40 8.38 -0.83 -33.65
CA ASN B 40 8.60 -2.23 -33.96
C ASN B 40 7.84 -2.72 -35.20
N ILE B 41 8.54 -3.47 -36.05
CA ILE B 41 7.89 -4.22 -37.14
C ILE B 41 8.10 -5.72 -36.91
N GLN B 42 7.02 -6.46 -36.71
CA GLN B 42 7.11 -7.84 -36.23
C GLN B 42 7.22 -8.82 -37.37
N ASP B 43 7.78 -9.99 -37.05
CA ASP B 43 7.69 -11.15 -37.92
C ASP B 43 6.33 -11.83 -37.77
N GLU B 44 5.27 -11.14 -38.20
CA GLU B 44 3.89 -11.66 -38.13
C GLU B 44 3.63 -12.82 -39.14
N THR B 45 4.72 -13.39 -39.67
CA THR B 45 4.65 -14.41 -40.70
C THR B 45 4.16 -15.77 -40.19
N GLY B 46 4.62 -16.20 -39.02
CA GLY B 46 4.15 -17.45 -38.40
C GLY B 46 4.93 -18.69 -38.83
N GLN B 47 6.12 -18.49 -39.34
CA GLN B 47 6.70 -19.50 -40.13
C GLN B 47 8.11 -19.78 -39.69
N PHE B 48 8.40 -21.07 -39.64
CA PHE B 48 9.71 -21.58 -39.33
C PHE B 48 10.21 -22.49 -40.45
N LYS B 49 11.50 -22.78 -40.38
CA LYS B 49 12.14 -23.59 -41.38
C LYS B 49 11.79 -25.06 -41.15
N PRO B 50 11.68 -25.83 -42.24
CA PRO B 50 11.37 -27.25 -42.16
C PRO B 50 12.60 -28.11 -41.83
N TYR B 51 12.36 -29.38 -41.53
CA TYR B 51 13.45 -30.30 -41.35
C TYR B 51 14.35 -30.19 -42.56
N PRO B 52 15.68 -30.16 -42.35
CA PRO B 52 16.45 -30.38 -41.11
C PRO B 52 16.83 -29.15 -40.31
N ALA B 53 16.14 -28.03 -40.50
CA ALA B 53 16.41 -26.86 -39.68
C ALA B 53 15.97 -27.09 -38.25
N SER B 54 16.54 -26.28 -37.36
CA SER B 54 16.07 -26.33 -35.99
C SER B 54 14.58 -25.98 -36.01
N ASN B 55 13.84 -26.64 -35.15
CA ASN B 55 12.45 -26.36 -34.89
C ASN B 55 12.20 -24.88 -34.70
N PHE B 56 13.21 -24.19 -34.16
CA PHE B 56 13.07 -22.81 -33.74
C PHE B 56 13.61 -21.80 -34.75
N SER B 57 14.11 -22.28 -35.88
CA SER B 57 14.70 -21.37 -36.86
C SER B 57 13.54 -20.72 -37.61
N THR B 58 13.43 -19.39 -37.48
CA THR B 58 12.37 -18.65 -38.13
C THR B 58 12.65 -18.54 -39.62
N ALA B 59 11.59 -18.44 -40.39
CA ALA B 59 11.81 -18.45 -41.81
C ALA B 59 12.32 -17.09 -42.28
N VAL B 60 12.09 -16.07 -41.45
CA VAL B 60 12.36 -14.69 -41.82
C VAL B 60 13.14 -14.04 -40.67
N PRO B 61 14.14 -13.23 -41.01
CA PRO B 61 14.87 -12.59 -39.93
C PRO B 61 13.99 -11.67 -39.10
N GLN B 62 14.30 -11.60 -37.81
CA GLN B 62 13.55 -10.75 -36.88
C GLN B 62 14.11 -9.35 -36.82
N SER B 63 14.54 -8.82 -37.97
CA SER B 63 15.37 -7.60 -38.03
C SER B 63 14.75 -6.52 -38.91
N ALA B 64 13.49 -6.73 -39.30
CA ALA B 64 12.77 -5.78 -40.14
C ALA B 64 12.76 -4.31 -39.63
N THR B 65 12.57 -4.13 -38.32
CA THR B 65 12.50 -2.82 -37.70
C THR B 65 13.70 -1.95 -38.05
N ALA B 66 14.89 -2.53 -37.89
CA ALA B 66 16.11 -1.81 -38.14
C ALA B 66 16.31 -1.52 -39.65
N MET B 67 15.88 -2.46 -40.49
CA MET B 67 15.95 -2.30 -41.92
C MET B 67 15.04 -1.14 -42.33
N LEU B 68 13.86 -1.06 -41.72
CA LEU B 68 12.95 0.03 -42.06
C LEU B 68 13.54 1.39 -41.65
N VAL B 69 14.12 1.47 -40.45
CA VAL B 69 14.69 2.73 -39.96
C VAL B 69 15.83 3.14 -40.84
N THR B 70 16.66 2.17 -41.20
CA THR B 70 17.72 2.43 -42.19
C THR B 70 17.26 2.91 -43.61
N ALA B 71 16.25 2.25 -44.15
CA ALA B 71 15.65 2.71 -45.39
C ALA B 71 15.03 4.10 -45.30
N LEU B 72 14.31 4.36 -44.20
CA LEU B 72 13.81 5.72 -43.93
C LEU B 72 14.90 6.79 -43.83
N LYS B 73 16.10 6.40 -43.43
CA LYS B 73 17.22 7.32 -43.42
C LYS B 73 17.87 7.51 -44.80
N ASP B 74 18.14 6.40 -45.49
CA ASP B 74 18.83 6.44 -46.79
C ASP B 74 18.06 7.23 -47.83
N SER B 75 16.73 7.29 -47.68
CA SER B 75 15.85 8.03 -48.60
C SER B 75 16.08 9.53 -48.60
N ARG B 76 16.58 10.04 -47.47
CA ARG B 76 16.88 11.46 -47.31
C ARG B 76 15.60 12.28 -47.32
N TRP B 77 14.57 11.68 -46.79
CA TRP B 77 13.29 12.34 -46.58
C TRP B 77 12.99 12.44 -45.08
N PHE B 78 13.45 11.45 -44.33
CA PHE B 78 13.12 11.29 -42.89
C PHE B 78 14.34 11.24 -41.98
N ILE B 79 14.20 11.85 -40.79
CA ILE B 79 15.15 11.68 -39.69
C ILE B 79 14.51 10.67 -38.76
N PRO B 80 15.22 9.55 -38.47
CA PRO B 80 14.58 8.60 -37.60
C PRO B 80 14.98 8.84 -36.20
N LEU B 81 13.97 8.91 -35.34
CA LEU B 81 14.23 9.05 -33.96
C LEU B 81 14.31 7.67 -33.37
N GLU B 82 15.25 7.53 -32.43
CA GLU B 82 15.54 6.23 -31.78
C GLU B 82 14.51 5.87 -30.70
N ARG B 83 13.66 4.88 -31.04
CA ARG B 83 12.71 4.32 -30.13
C ARG B 83 12.85 2.80 -29.96
N GLN B 84 13.53 2.12 -30.87
CA GLN B 84 13.71 0.68 -30.65
C GLN B 84 14.45 0.45 -29.33
N GLY B 85 15.47 1.26 -29.04
CA GLY B 85 16.20 1.06 -27.81
C GLY B 85 15.94 2.14 -26.77
N LEU B 86 14.68 2.55 -26.63
CA LEU B 86 14.37 3.82 -25.95
C LEU B 86 14.79 3.74 -24.51
N GLN B 87 14.70 2.54 -23.95
CA GLN B 87 14.97 2.36 -22.53
C GLN B 87 16.44 2.74 -22.18
N ASN B 88 17.36 2.32 -23.02
CA ASN B 88 18.78 2.62 -22.84
C ASN B 88 19.07 4.10 -22.99
N LEU B 89 18.37 4.72 -23.92
CA LEU B 89 18.53 6.13 -24.13
C LEU B 89 18.13 6.92 -22.87
N LEU B 90 17.05 6.49 -22.24
CA LEU B 90 16.55 7.15 -21.04
C LEU B 90 17.48 6.90 -19.85
N ASN B 91 18.11 5.74 -19.84
CA ASN B 91 19.07 5.38 -18.81
C ASN B 91 20.32 6.26 -18.89
N GLU B 92 20.90 6.37 -20.08
CA GLU B 92 22.06 7.25 -20.27
C GLU B 92 21.72 8.68 -19.82
N ARG B 93 20.49 9.10 -20.06
CA ARG B 93 20.08 10.45 -19.72
C ARG B 93 19.97 10.59 -18.20
N LYS B 94 19.60 9.50 -17.53
CA LYS B 94 19.58 9.49 -16.05
C LYS B 94 21.00 9.66 -15.54
N ILE B 95 21.96 9.01 -16.19
CA ILE B 95 23.34 9.01 -15.71
C ILE B 95 24.00 10.35 -15.94
N ILE B 96 23.69 10.93 -17.12
CA ILE B 96 24.09 12.30 -17.44
C ILE B 96 23.59 13.26 -16.39
N ARG B 97 22.27 13.29 -16.18
CA ARG B 97 21.67 14.22 -15.20
C ARG B 97 22.21 14.03 -13.77
N ALA B 98 22.56 12.80 -13.42
CA ALA B 98 23.12 12.52 -12.12
C ALA B 98 24.56 13.00 -12.04
N ALA B 99 25.23 13.02 -13.20
CA ALA B 99 26.64 13.44 -13.30
C ALA B 99 26.82 14.93 -13.06
N GLN B 100 26.01 15.71 -13.75
CA GLN B 100 26.27 17.14 -13.86
C GLN B 100 25.32 18.02 -13.06
N GLU B 101 24.49 17.40 -12.22
CA GLU B 101 23.52 18.16 -11.43
C GLU B 101 24.18 19.04 -10.36
N ASN B 102 25.40 18.69 -9.95
CA ASN B 102 26.08 19.42 -8.89
C ASN B 102 26.98 20.52 -9.42
N GLY B 103 27.08 20.64 -10.73
CA GLY B 103 27.95 21.66 -11.32
C GLY B 103 29.42 21.54 -10.93
N THR B 104 29.88 20.31 -10.73
CA THR B 104 31.30 20.07 -10.61
C THR B 104 31.83 19.59 -11.94
N VAL B 105 30.99 18.99 -12.79
CA VAL B 105 31.51 18.27 -13.99
C VAL B 105 32.19 19.26 -14.94
N ALA B 106 33.31 18.79 -15.51
CA ALA B 106 34.22 19.65 -16.27
C ALA B 106 33.51 20.22 -17.49
N ILE B 107 33.69 21.52 -17.72
CA ILE B 107 32.97 22.24 -18.75
C ILE B 107 33.18 21.64 -20.17
N ASN B 108 34.36 21.06 -20.39
CA ASN B 108 34.66 20.37 -21.65
C ASN B 108 33.88 19.06 -21.76
N ASN B 109 33.70 18.41 -20.62
CA ASN B 109 33.07 17.10 -20.57
C ASN B 109 31.54 17.16 -20.50
N ARG B 110 31.02 18.34 -20.17
CA ARG B 110 29.58 18.55 -19.93
C ARG B 110 28.75 18.12 -21.13
N ILE B 111 27.67 17.39 -20.89
CA ILE B 111 26.70 17.06 -21.96
C ILE B 111 25.40 17.83 -21.79
N PRO B 112 25.05 18.69 -22.74
CA PRO B 112 23.85 19.50 -22.59
C PRO B 112 22.64 18.68 -22.98
N LEU B 113 21.62 18.70 -22.13
CA LEU B 113 20.45 17.86 -22.32
C LEU B 113 19.24 18.68 -22.73
N GLN B 114 18.47 18.06 -23.61
CA GLN B 114 17.36 18.70 -24.26
C GLN B 114 16.29 17.62 -24.37
N SER B 115 15.03 18.03 -24.35
CA SER B 115 13.89 17.10 -24.32
C SER B 115 13.97 16.24 -25.52
N LEU B 116 13.32 15.09 -25.46
CA LEU B 116 13.62 14.08 -26.50
C LEU B 116 12.90 14.50 -27.73
N THR B 117 13.61 14.61 -28.85
CA THR B 117 13.05 15.14 -30.08
C THR B 117 11.90 14.26 -30.39
N ALA B 118 10.75 14.87 -30.74
CA ALA B 118 9.51 14.12 -30.89
C ALA B 118 8.99 14.08 -32.30
N ALA B 119 8.43 12.93 -32.65
CA ALA B 119 8.04 12.66 -34.03
C ALA B 119 6.62 13.12 -34.30
N ASN B 120 6.31 13.42 -35.57
CA ASN B 120 4.93 13.76 -35.95
C ASN B 120 4.15 12.59 -36.54
N ILE B 121 4.77 11.90 -37.48
CA ILE B 121 4.21 10.67 -37.99
C ILE B 121 5.07 9.53 -37.51
N MET B 122 4.43 8.44 -37.14
CA MET B 122 5.18 7.26 -36.90
C MET B 122 4.70 6.23 -37.91
N VAL B 123 5.62 5.42 -38.40
CA VAL B 123 5.28 4.31 -39.29
C VAL B 123 5.58 2.94 -38.71
N GLU B 124 4.58 2.07 -38.69
CA GLU B 124 4.77 0.71 -38.26
C GLU B 124 4.26 -0.22 -39.32
N GLY B 125 4.58 -1.50 -39.14
CA GLY B 125 4.20 -2.51 -40.10
C GLY B 125 4.55 -3.92 -39.59
N SER B 126 4.61 -4.86 -40.51
CA SER B 126 4.70 -6.27 -40.16
C SER B 126 5.11 -7.08 -41.34
N ILE B 127 5.89 -8.10 -41.09
CA ILE B 127 6.20 -9.05 -42.17
C ILE B 127 5.00 -9.97 -42.30
N ILE B 128 4.20 -9.77 -43.34
CA ILE B 128 2.87 -10.40 -43.47
C ILE B 128 2.69 -11.63 -44.27
N GLY B 129 3.63 -12.54 -44.12
CA GLY B 129 3.62 -13.83 -44.80
C GLY B 129 4.95 -14.21 -45.40
N TYR B 130 5.27 -15.48 -45.26
CA TYR B 130 6.33 -16.10 -46.03
C TYR B 130 5.78 -17.46 -46.39
N GLU B 131 5.39 -17.62 -47.64
CA GLU B 131 5.00 -18.95 -48.15
C GLU B 131 6.22 -19.53 -48.88
N SER B 132 6.36 -20.85 -48.81
CA SER B 132 7.59 -21.49 -49.25
C SER B 132 7.31 -22.46 -50.38
N ASN B 133 8.22 -22.51 -51.35
CA ASN B 133 7.98 -23.25 -52.60
C ASN B 133 6.62 -22.92 -53.21
N VAL B 134 6.40 -21.62 -53.42
CA VAL B 134 5.16 -21.14 -53.98
C VAL B 134 5.13 -21.64 -55.43
N LYS B 135 6.31 -21.69 -56.05
CA LYS B 135 6.47 -22.46 -57.29
C LYS B 135 7.75 -23.28 -57.28
N SER B 136 7.78 -24.30 -58.11
CA SER B 136 8.96 -25.16 -58.23
C SER B 136 8.94 -26.02 -59.50
N GLY B 137 10.13 -26.44 -59.94
CA GLY B 137 10.23 -27.23 -61.17
C GLY B 137 11.61 -27.83 -61.38
N GLY B 138 11.73 -28.64 -62.43
CA GLY B 138 12.99 -29.33 -62.71
C GLY B 138 13.02 -29.99 -64.07
N VAL B 139 14.18 -29.98 -64.68
CA VAL B 139 14.38 -30.59 -65.99
C VAL B 139 15.74 -31.28 -66.02
N GLY B 140 15.73 -32.56 -66.39
CA GLY B 140 16.95 -33.35 -66.45
C GLY B 140 16.92 -34.45 -67.49
N ALA B 141 18.07 -34.74 -68.07
CA ALA B 141 18.19 -35.88 -68.97
C ALA B 141 19.53 -36.59 -68.81
N ARG B 142 19.47 -37.91 -68.87
CA ARG B 142 20.67 -38.71 -68.92
C ARG B 142 20.56 -39.68 -70.09
N TYR B 143 21.70 -39.93 -70.73
CA TYR B 143 21.76 -40.78 -71.90
C TYR B 143 22.90 -41.81 -71.73
N GLY B 145 27.82 -42.80 -70.01
CA GLY B 145 26.46 -42.30 -69.83
C GLY B 145 26.46 -40.90 -69.25
N ILE B 146 25.86 -39.97 -70.00
CA ILE B 146 26.08 -38.52 -69.79
C ILE B 146 24.76 -37.86 -69.39
N GLY B 147 24.80 -36.97 -68.41
CA GLY B 147 23.57 -36.36 -67.90
C GLY B 147 23.69 -34.99 -67.28
N ALA B 148 22.57 -34.27 -67.27
CA ALA B 148 22.49 -32.99 -66.58
C ALA B 148 21.06 -32.77 -66.09
N ASP B 149 20.91 -31.78 -65.20
CA ASP B 149 19.60 -31.42 -64.70
C ASP B 149 19.64 -30.10 -63.94
N THR B 150 18.55 -29.35 -64.00
CA THR B 150 18.36 -28.23 -63.08
C THR B 150 17.07 -28.41 -62.31
N GLN B 151 17.03 -27.83 -61.13
CA GLN B 151 15.77 -27.77 -60.35
C GLN B 151 15.68 -26.38 -59.70
N TYR B 152 14.47 -25.86 -59.60
CA TYR B 152 14.29 -24.53 -59.05
C TYR B 152 13.10 -24.47 -58.13
N GLN B 153 13.21 -23.63 -57.11
CA GLN B 153 12.08 -23.35 -56.25
C GLN B 153 12.02 -21.86 -55.98
N LEU B 154 10.84 -21.37 -55.69
CA LEU B 154 10.72 -19.98 -55.24
C LEU B 154 9.65 -19.75 -54.19
N ASP B 155 9.94 -18.77 -53.32
CA ASP B 155 9.18 -18.51 -52.11
C ASP B 155 8.67 -17.07 -52.17
N GLN B 156 7.66 -16.76 -51.36
CA GLN B 156 7.15 -15.39 -51.30
C GLN B 156 7.43 -14.72 -49.95
N ILE B 157 7.49 -13.40 -49.93
CA ILE B 157 7.55 -12.64 -48.67
C ILE B 157 6.87 -11.26 -48.84
N ALA B 158 6.09 -10.85 -47.86
CA ALA B 158 5.29 -9.67 -48.02
C ALA B 158 5.44 -8.82 -46.80
N VAL B 159 5.31 -7.51 -47.01
CA VAL B 159 5.53 -6.56 -45.95
C VAL B 159 4.47 -5.47 -45.98
N ASN B 160 3.86 -5.23 -44.83
CA ASN B 160 3.00 -4.08 -44.61
C ASN B 160 3.82 -2.97 -43.94
N LEU B 161 3.76 -1.78 -44.51
CA LEU B 161 4.18 -0.57 -43.80
C LEU B 161 3.04 0.43 -43.79
N ARG B 162 2.93 1.22 -42.75
CA ARG B 162 1.82 2.15 -42.67
C ARG B 162 2.09 3.35 -41.81
N VAL B 163 1.81 4.50 -42.37
CA VAL B 163 2.01 5.78 -41.69
C VAL B 163 0.80 6.07 -40.81
N VAL B 164 1.07 6.33 -39.55
CA VAL B 164 0.04 6.71 -38.60
C VAL B 164 0.28 8.09 -38.14
N ASN B 165 -0.78 8.87 -38.10
CA ASN B 165 -0.70 10.24 -37.64
C ASN B 165 -0.80 10.29 -36.10
N VAL B 166 0.26 10.79 -35.46
CA VAL B 166 0.35 10.85 -33.99
C VAL B 166 -0.79 11.66 -33.44
N SER B 167 -1.12 12.74 -34.14
CA SER B 167 -2.04 13.71 -33.61
C SER B 167 -3.46 13.19 -33.57
N THR B 168 -3.73 12.09 -34.27
CA THR B 168 -5.12 11.61 -34.43
C THR B 168 -5.26 10.14 -34.33
N GLY B 169 -4.28 9.44 -34.84
CA GLY B 169 -4.40 7.99 -34.86
C GLY B 169 -4.96 7.49 -36.17
N GLU B 170 -5.48 8.40 -36.98
CA GLU B 170 -5.76 8.10 -38.38
C GLU B 170 -4.52 7.50 -39.00
N ILE B 171 -4.69 6.37 -39.64
CA ILE B 171 -3.64 5.87 -40.51
C ILE B 171 -3.64 6.69 -41.79
N LEU B 172 -2.49 7.24 -42.15
CA LEU B 172 -2.44 8.19 -43.26
C LEU B 172 -2.07 7.46 -44.54
N SER B 173 -1.62 6.23 -44.39
CA SER B 173 -1.23 5.44 -45.53
C SER B 173 -0.96 4.01 -45.10
N SER B 174 -1.50 3.05 -45.84
CA SER B 174 -1.07 1.65 -45.73
C SER B 174 -0.61 1.14 -47.08
N VAL B 175 0.48 0.38 -47.08
CA VAL B 175 1.02 -0.20 -48.31
C VAL B 175 1.43 -1.64 -48.10
N ASN B 176 1.27 -2.43 -49.15
CA ASN B 176 1.52 -3.86 -49.06
C ASN B 176 2.46 -4.35 -50.15
N THR B 177 3.75 -4.46 -49.84
CA THR B 177 4.73 -4.90 -50.84
C THR B 177 5.05 -6.40 -50.72
N SER B 178 5.58 -6.96 -51.80
CA SER B 178 5.84 -8.38 -51.88
C SER B 178 7.09 -8.65 -52.71
N LYS B 179 7.73 -9.78 -52.43
CA LYS B 179 8.96 -10.11 -53.13
C LYS B 179 9.19 -11.62 -53.15
N THR B 180 9.78 -12.09 -54.25
CA THR B 180 9.97 -13.52 -54.45
C THR B 180 11.45 -13.93 -54.26
N ILE B 181 11.65 -15.00 -53.49
CA ILE B 181 12.99 -15.50 -53.22
C ILE B 181 13.32 -16.71 -54.11
N LEU B 182 14.34 -16.55 -54.96
CA LEU B 182 14.71 -17.58 -55.95
C LEU B 182 15.79 -18.54 -55.46
N SER B 183 15.61 -19.81 -55.80
CA SER B 183 16.60 -20.84 -55.52
C SER B 183 16.70 -21.80 -56.72
N TYR B 184 17.91 -22.25 -57.02
CA TYR B 184 18.12 -23.22 -58.08
C TYR B 184 19.38 -24.06 -57.93
N GLU B 185 19.33 -25.20 -58.61
CA GLU B 185 20.34 -26.22 -58.50
C GLU B 185 20.65 -26.78 -59.88
N VAL B 186 21.85 -26.49 -60.37
CA VAL B 186 22.33 -27.01 -61.63
C VAL B 186 23.35 -28.14 -61.41
N GLN B 187 23.24 -29.20 -62.22
CA GLN B 187 24.08 -30.38 -62.05
C GLN B 187 24.37 -31.06 -63.39
N ALA B 188 25.61 -31.49 -63.57
CA ALA B 188 26.00 -32.23 -64.76
C ALA B 188 27.01 -33.29 -64.40
N GLY B 189 26.87 -34.47 -65.00
CA GLY B 189 27.74 -35.59 -64.69
C GLY B 189 27.99 -36.49 -65.88
N VAL B 190 29.23 -36.95 -66.02
CA VAL B 190 29.60 -37.88 -67.07
C VAL B 190 30.03 -39.21 -66.44
N PHE B 191 29.53 -40.32 -67.00
CA PHE B 191 29.73 -41.65 -66.40
C PHE B 191 30.06 -42.68 -67.51
N ARG B 192 31.01 -43.58 -67.24
CA ARG B 192 31.36 -44.65 -68.21
C ARG B 192 31.95 -45.89 -67.56
N LEU B 200 35.29 -44.33 -65.38
CA LEU B 200 35.28 -42.88 -65.46
C LEU B 200 33.96 -42.30 -64.95
N GLU B 201 34.04 -41.58 -63.83
CA GLU B 201 32.97 -40.67 -63.44
C GLU B 201 33.51 -39.26 -63.33
N GLY B 202 32.67 -38.28 -63.64
CA GLY B 202 33.00 -36.87 -63.42
C GLY B 202 31.77 -36.02 -63.23
N GLU B 203 31.72 -35.27 -62.13
CA GLU B 203 30.53 -34.48 -61.79
C GLU B 203 30.84 -33.02 -61.45
N VAL B 204 30.01 -32.13 -61.99
CA VAL B 204 29.97 -30.74 -61.56
C VAL B 204 28.57 -30.39 -61.08
N GLY B 205 28.52 -29.70 -59.94
CA GLY B 205 27.26 -29.28 -59.35
C GLY B 205 27.36 -27.86 -58.82
N TYR B 206 26.24 -27.13 -58.88
CA TYR B 206 26.16 -25.79 -58.32
C TYR B 206 24.76 -25.49 -57.81
N THR B 207 24.66 -24.77 -56.69
CA THR B 207 23.36 -24.40 -56.13
C THR B 207 23.37 -22.96 -55.60
N SER B 208 22.27 -22.25 -55.85
CA SER B 208 22.18 -20.85 -55.41
C SER B 208 20.83 -20.51 -54.81
N ASN B 209 20.88 -19.90 -53.63
CA ASN B 209 19.70 -19.37 -52.95
C ASN B 209 19.83 -17.88 -52.83
N GLU B 210 18.73 -17.18 -53.08
CA GLU B 210 18.66 -15.76 -52.75
C GLU B 210 18.62 -15.62 -51.24
N PRO B 211 19.32 -14.62 -50.69
CA PRO B 211 19.20 -14.37 -49.26
C PRO B 211 17.84 -13.77 -48.92
N VAL B 212 17.13 -14.45 -48.01
CA VAL B 212 15.82 -13.99 -47.56
C VAL B 212 16.03 -12.61 -46.92
N MET B 213 17.13 -12.52 -46.17
CA MET B 213 17.57 -11.28 -45.52
C MET B 213 17.71 -10.10 -46.44
N LEU B 214 18.01 -10.38 -47.71
CA LEU B 214 18.24 -9.33 -48.70
C LEU B 214 16.96 -9.00 -49.45
N CYS B 215 16.09 -9.99 -49.58
CA CYS B 215 14.75 -9.78 -50.16
C CYS B 215 13.85 -8.98 -49.24
N LEU B 216 13.91 -9.31 -47.95
CA LEU B 216 13.23 -8.52 -46.95
C LEU B 216 13.65 -7.03 -47.08
N MET B 217 14.95 -6.81 -47.18
CA MET B 217 15.49 -5.46 -47.15
C MET B 217 14.95 -4.72 -48.37
N SER B 218 15.04 -5.37 -49.52
CA SER B 218 14.60 -4.80 -50.80
C SER B 218 13.14 -4.37 -50.73
N ALA B 219 12.30 -5.27 -50.22
CA ALA B 219 10.87 -5.02 -50.17
C ALA B 219 10.49 -3.88 -49.23
N ILE B 220 11.25 -3.75 -48.14
CA ILE B 220 11.02 -2.65 -47.19
C ILE B 220 11.36 -1.30 -47.83
N GLU B 221 12.46 -1.24 -48.56
CA GLU B 221 12.83 -0.03 -49.29
C GLU B 221 11.70 0.39 -50.23
N THR B 222 11.25 -0.57 -51.04
CA THR B 222 10.18 -0.38 -52.01
C THR B 222 8.97 0.20 -51.33
N GLY B 223 8.60 -0.40 -50.21
CA GLY B 223 7.51 0.10 -49.39
C GLY B 223 7.70 1.57 -49.00
N VAL B 224 8.93 1.95 -48.64
CA VAL B 224 9.19 3.28 -48.17
C VAL B 224 8.94 4.24 -49.30
N ILE B 225 9.36 3.86 -50.50
CA ILE B 225 9.14 4.70 -51.69
C ILE B 225 7.64 4.92 -51.93
N PHE B 226 6.88 3.82 -51.99
CA PHE B 226 5.43 3.90 -52.16
C PHE B 226 4.77 4.78 -51.08
N LEU B 227 5.32 4.78 -49.88
CA LEU B 227 4.80 5.60 -48.81
C LEU B 227 5.04 7.06 -49.09
N ILE B 228 6.25 7.38 -49.55
CA ILE B 228 6.60 8.78 -49.81
C ILE B 228 5.77 9.32 -50.96
N ASN B 229 5.70 8.54 -52.03
CA ASN B 229 4.92 8.92 -53.20
C ASN B 229 3.46 9.13 -52.82
N ASP B 230 2.93 8.22 -52.00
CA ASP B 230 1.53 8.29 -51.55
C ASP B 230 1.30 9.52 -50.71
N GLY B 231 2.27 9.84 -49.87
CA GLY B 231 2.20 11.04 -49.07
C GLY B 231 2.29 12.33 -49.89
N ILE B 232 3.07 12.30 -50.96
CA ILE B 232 3.15 13.44 -51.90
C ILE B 232 1.81 13.72 -52.56
N ASP B 233 1.19 12.68 -53.14
CA ASP B 233 -0.16 12.76 -53.69
C ASP B 233 -1.16 13.33 -52.68
N ARG B 234 -1.17 12.80 -51.46
CA ARG B 234 -2.20 13.13 -50.47
C ARG B 234 -1.94 14.43 -49.72
N GLY B 235 -0.81 15.07 -50.00
CA GLY B 235 -0.48 16.35 -49.37
C GLY B 235 -0.03 16.22 -47.93
N LEU B 236 0.67 15.12 -47.60
CA LEU B 236 1.37 15.02 -46.29
C LEU B 236 2.62 15.88 -46.33
N TRP B 237 3.39 15.73 -47.42
CA TRP B 237 4.63 16.49 -47.59
C TRP B 237 4.79 16.95 -49.05
N ASP B 238 5.70 17.89 -49.28
CA ASP B 238 5.84 18.53 -50.59
C ASP B 238 7.28 18.55 -51.10
N LEU B 239 7.42 18.46 -52.41
CA LEU B 239 8.72 18.43 -53.06
C LEU B 239 9.33 19.82 -53.06
N GLN B 240 10.66 19.86 -52.94
CA GLN B 240 11.42 21.09 -53.14
C GLN B 240 11.09 21.69 -54.50
N ASN B 241 11.32 20.88 -55.54
CA ASN B 241 11.05 21.28 -56.92
C ASN B 241 9.79 20.64 -57.44
N LYS B 242 8.75 21.44 -57.63
CA LYS B 242 7.48 20.93 -58.13
C LYS B 242 7.67 20.39 -59.55
N ALA B 243 8.68 20.94 -60.23
CA ALA B 243 9.10 20.49 -61.56
C ALA B 243 9.58 19.05 -61.53
N GLU B 244 9.93 18.54 -60.34
CA GLU B 244 10.46 17.19 -60.23
C GLU B 244 9.37 16.18 -59.91
N ARG B 245 8.11 16.59 -60.01
CA ARG B 245 7.00 15.63 -59.90
C ARG B 245 7.08 14.46 -60.89
N GLN B 246 7.55 14.73 -62.11
CA GLN B 246 7.59 13.70 -63.14
C GLN B 246 8.94 12.98 -63.18
N ASN B 247 9.67 13.05 -62.07
CA ASN B 247 10.86 12.23 -61.83
C ASN B 247 10.66 10.78 -62.30
N ASP B 248 11.68 10.22 -62.95
CA ASP B 248 11.60 8.86 -63.51
C ASP B 248 11.14 7.85 -62.47
N ILE B 249 11.74 7.95 -61.29
CA ILE B 249 11.49 7.00 -60.21
C ILE B 249 10.05 7.18 -59.72
N LEU B 250 9.69 8.43 -59.45
CA LEU B 250 8.37 8.72 -58.90
C LEU B 250 7.24 8.27 -59.83
N VAL B 251 7.43 8.44 -61.13
CA VAL B 251 6.43 8.02 -62.12
C VAL B 251 6.43 6.50 -62.30
N LYS B 252 7.56 5.87 -62.01
CA LYS B 252 7.66 4.42 -62.09
C LYS B 252 6.81 3.78 -61.00
N TYR B 253 6.93 4.30 -59.78
CA TYR B 253 6.17 3.78 -58.64
C TYR B 253 4.72 4.25 -58.67
N ARG B 254 4.51 5.44 -59.22
CA ARG B 254 3.17 5.93 -59.52
C ARG B 254 2.46 4.95 -60.47
N HIS B 255 3.23 4.44 -61.45
CA HIS B 255 2.69 3.50 -62.44
C HIS B 255 2.37 2.13 -61.85
N MET B 256 3.15 1.70 -60.87
CA MET B 256 2.87 0.42 -60.21
C MET B 256 1.57 0.46 -59.39
N SER B 257 1.16 1.65 -58.96
CA SER B 257 -0.15 1.87 -58.33
C SER B 257 -1.30 1.88 -59.33
N LEU C 2 32.99 -14.91 -56.75
CA LEU C 2 31.73 -15.66 -56.44
C LEU C 2 31.84 -16.39 -55.08
N THR C 3 31.99 -15.56 -54.05
CA THR C 3 31.77 -15.92 -52.65
C THR C 3 31.06 -14.78 -51.90
N ALA C 4 30.89 -13.63 -52.56
CA ALA C 4 29.95 -12.60 -52.10
C ALA C 4 28.51 -13.03 -52.49
N PRO C 5 27.49 -12.20 -52.21
CA PRO C 5 26.18 -12.84 -52.30
C PRO C 5 25.66 -12.93 -53.73
N PRO C 6 24.60 -13.70 -53.95
CA PRO C 6 23.87 -13.68 -55.22
C PRO C 6 22.96 -12.47 -55.31
N LYS C 7 22.70 -12.01 -56.53
CA LYS C 7 21.88 -10.82 -56.69
C LYS C 7 20.39 -11.12 -56.92
N GLU C 8 19.58 -10.06 -56.83
CA GLU C 8 18.12 -10.16 -56.75
C GLU C 8 17.53 -10.76 -58.02
N ALA C 9 16.90 -11.91 -57.86
CA ALA C 9 16.08 -12.49 -58.91
C ALA C 9 14.61 -12.07 -58.74
N ALA C 10 14.09 -11.31 -59.71
CA ALA C 10 12.77 -10.67 -59.64
C ALA C 10 12.83 -9.35 -58.90
N ARG C 11 11.85 -8.49 -59.15
CA ARG C 11 11.80 -7.16 -58.54
C ARG C 11 10.77 -7.15 -57.40
N PRO C 12 10.96 -6.27 -56.40
CA PRO C 12 9.87 -6.02 -55.48
C PRO C 12 8.70 -5.36 -56.21
N THR C 13 7.59 -6.08 -56.31
CA THR C 13 6.32 -5.50 -56.72
C THR C 13 5.48 -5.12 -55.50
N LEU C 14 4.49 -4.26 -55.66
CA LEU C 14 3.49 -4.16 -54.57
C LEU C 14 2.58 -5.40 -54.57
N MET C 15 1.93 -5.70 -53.46
CA MET C 15 1.51 -7.10 -53.19
C MET C 15 0.37 -7.52 -54.14
N PRO C 16 0.55 -8.63 -54.86
CA PRO C 16 -0.31 -9.08 -55.93
C PRO C 16 -1.70 -9.49 -55.45
N ARG C 17 -2.57 -8.51 -55.28
CA ARG C 17 -3.98 -8.77 -55.01
C ARG C 17 -4.74 -8.91 -56.33
N ALA C 18 -5.77 -9.75 -56.37
CA ALA C 18 -6.50 -9.99 -57.62
C ALA C 18 -7.95 -9.47 -57.59
N GLN C 19 -8.93 -10.37 -57.73
CA GLN C 19 -10.28 -9.97 -58.15
C GLN C 19 -11.00 -9.22 -57.04
N SER C 20 -10.99 -9.84 -55.86
CA SER C 20 -11.52 -9.24 -54.66
C SER C 20 -11.11 -7.77 -54.54
N TYR C 21 -9.82 -7.50 -54.71
CA TYR C 21 -9.27 -6.14 -54.69
C TYR C 21 -9.93 -5.23 -55.71
N LYS C 22 -10.00 -5.70 -56.96
CA LYS C 22 -10.56 -4.90 -58.04
C LYS C 22 -12.01 -4.51 -57.76
N ASP C 23 -12.78 -5.45 -57.24
CA ASP C 23 -14.16 -5.19 -56.82
C ASP C 23 -14.18 -4.17 -55.69
N LEU C 24 -13.30 -4.37 -54.72
CA LEU C 24 -13.29 -3.59 -53.49
C LEU C 24 -12.96 -2.11 -53.76
N THR C 25 -12.07 -1.89 -54.73
CA THR C 25 -11.61 -0.54 -55.06
C THR C 25 -12.66 0.25 -55.86
N HIS C 26 -13.23 -0.40 -56.87
CA HIS C 26 -14.23 0.23 -57.74
C HIS C 26 -15.65 0.16 -57.14
N LEU C 27 -15.76 0.28 -55.83
CA LEU C 27 -17.05 0.37 -55.18
C LEU C 27 -17.53 1.82 -55.15
N PRO C 28 -18.80 2.05 -55.49
CA PRO C 28 -19.39 3.40 -55.44
C PRO C 28 -19.30 4.03 -54.06
N ALA C 29 -18.79 5.25 -53.98
CA ALA C 29 -18.43 5.85 -52.69
C ALA C 29 -19.66 6.26 -51.86
N PRO C 30 -19.56 6.16 -50.53
CA PRO C 30 -20.60 6.62 -49.60
C PRO C 30 -20.62 8.15 -49.46
N THR C 31 -21.61 8.66 -48.72
CA THR C 31 -21.77 10.12 -48.54
C THR C 31 -20.61 10.73 -47.75
N GLY C 32 -20.01 9.93 -46.87
CA GLY C 32 -18.76 10.30 -46.21
C GLY C 32 -18.06 9.03 -45.78
N LYS C 33 -16.73 9.06 -45.65
CA LYS C 33 -16.03 7.89 -45.15
C LYS C 33 -16.37 7.63 -43.68
N ILE C 34 -16.34 6.37 -43.26
CA ILE C 34 -16.73 6.00 -41.91
C ILE C 34 -15.45 5.68 -41.13
N PHE C 35 -15.43 6.07 -39.86
CA PHE C 35 -14.30 5.87 -38.96
C PHE C 35 -14.36 4.46 -38.38
N VAL C 36 -13.29 3.69 -38.53
CA VAL C 36 -13.31 2.31 -38.06
C VAL C 36 -12.08 1.94 -37.24
N SER C 37 -12.27 1.01 -36.32
CA SER C 37 -11.17 0.55 -35.47
C SER C 37 -11.01 -0.94 -35.67
N VAL C 38 -9.78 -1.41 -35.86
CA VAL C 38 -9.50 -2.83 -35.74
C VAL C 38 -8.43 -3.08 -34.69
N TYR C 39 -8.79 -3.85 -33.66
CA TYR C 39 -7.90 -4.13 -32.56
C TYR C 39 -7.12 -5.40 -32.88
N ASN C 40 -7.81 -6.48 -33.20
CA ASN C 40 -7.14 -7.77 -33.47
C ASN C 40 -8.01 -8.84 -34.11
N ILE C 41 -7.49 -9.46 -35.16
CA ILE C 41 -8.14 -10.63 -35.75
C ILE C 41 -7.20 -11.82 -35.58
N GLN C 42 -7.64 -12.83 -34.82
CA GLN C 42 -6.76 -13.93 -34.42
C GLN C 42 -6.71 -15.07 -35.43
N ASP C 43 -5.60 -15.81 -35.42
CA ASP C 43 -5.50 -17.09 -36.05
C ASP C 43 -6.20 -18.15 -35.22
N GLU C 44 -7.53 -18.03 -35.08
CA GLU C 44 -8.35 -19.01 -34.33
C GLU C 44 -8.46 -20.43 -35.01
N THR C 45 -7.55 -20.68 -35.97
CA THR C 45 -7.59 -21.87 -36.80
C THR C 45 -7.13 -23.15 -36.12
N GLY C 46 -6.06 -23.06 -35.32
CA GLY C 46 -5.65 -24.17 -34.46
C GLY C 46 -4.72 -25.11 -35.20
N GLN C 47 -4.10 -24.60 -36.24
CA GLN C 47 -3.50 -25.50 -37.12
C GLN C 47 -2.07 -25.11 -37.43
N PHE C 48 -1.24 -26.14 -37.50
CA PHE C 48 0.15 -26.01 -37.88
C PHE C 48 0.47 -26.88 -39.11
N LYS C 49 1.64 -26.64 -39.67
CA LYS C 49 2.09 -27.41 -40.81
C LYS C 49 2.57 -28.79 -40.38
N PRO C 50 2.36 -29.77 -41.26
CA PRO C 50 2.80 -31.13 -41.00
C PRO C 50 4.30 -31.34 -41.27
N TYR C 51 4.82 -32.47 -40.80
CA TYR C 51 6.14 -32.90 -41.15
C TYR C 51 6.33 -32.79 -42.66
N PRO C 52 7.47 -32.26 -43.12
CA PRO C 52 8.68 -31.86 -42.37
C PRO C 52 8.78 -30.41 -41.91
N ALA C 53 7.66 -29.68 -41.85
CA ALA C 53 7.69 -28.33 -41.31
C ALA C 53 8.10 -28.35 -39.85
N SER C 54 8.57 -27.20 -39.37
CA SER C 54 8.76 -27.09 -37.94
C SER C 54 7.41 -27.37 -37.27
N ASN C 55 7.49 -28.06 -36.14
CA ASN C 55 6.36 -28.20 -35.24
C ASN C 55 5.57 -26.88 -35.00
N PHE C 56 6.29 -25.76 -35.05
CA PHE C 56 5.75 -24.44 -34.67
C PHE C 56 5.33 -23.59 -35.85
N SER C 57 5.47 -24.10 -37.07
CA SER C 57 5.07 -23.33 -38.24
C SER C 57 3.56 -23.34 -38.37
N THR C 58 2.95 -22.17 -38.22
CA THR C 58 1.50 -22.09 -38.29
C THR C 58 1.02 -22.33 -39.71
N ALA C 59 -0.19 -22.83 -39.86
CA ALA C 59 -0.66 -23.09 -41.20
C ALA C 59 -1.09 -21.80 -41.89
N VAL C 60 -1.37 -20.77 -41.10
CA VAL C 60 -1.94 -19.53 -41.61
C VAL C 60 -1.14 -18.37 -41.04
N PRO C 61 -0.88 -17.36 -41.87
CA PRO C 61 -0.15 -16.22 -41.34
C PRO C 61 -0.90 -15.47 -40.25
N GLN C 62 -0.13 -14.96 -39.27
CA GLN C 62 -0.70 -14.29 -38.11
C GLN C 62 -0.91 -12.81 -38.38
N SER C 63 -1.27 -12.47 -39.62
CA SER C 63 -1.20 -11.12 -40.08
C SER C 63 -2.55 -10.55 -40.52
N ALA C 64 -3.61 -11.30 -40.25
CA ALA C 64 -4.95 -10.98 -40.73
C ALA C 64 -5.40 -9.54 -40.37
N THR C 65 -5.04 -9.11 -39.16
CA THR C 65 -5.43 -7.81 -38.65
C THR C 65 -5.04 -6.72 -39.61
N ALA C 66 -3.80 -6.76 -40.07
CA ALA C 66 -3.28 -5.70 -40.89
C ALA C 66 -3.91 -5.76 -42.27
N MET C 67 -4.19 -6.99 -42.72
CA MET C 67 -4.82 -7.20 -44.03
C MET C 67 -6.23 -6.61 -44.02
N LEU C 68 -6.94 -6.81 -42.91
CA LEU C 68 -8.27 -6.24 -42.77
C LEU C 68 -8.24 -4.70 -42.77
N VAL C 69 -7.30 -4.12 -42.02
CA VAL C 69 -7.19 -2.68 -41.94
C VAL C 69 -6.89 -2.12 -43.32
N THR C 70 -5.98 -2.76 -44.02
CA THR C 70 -5.65 -2.36 -45.38
C THR C 70 -6.85 -2.48 -46.33
N ALA C 71 -7.57 -3.59 -46.25
CA ALA C 71 -8.77 -3.76 -47.08
C ALA C 71 -9.85 -2.70 -46.76
N LEU C 72 -10.03 -2.42 -45.48
CA LEU C 72 -10.95 -1.34 -45.05
C LEU C 72 -10.55 0.02 -45.62
N LYS C 73 -9.24 0.21 -45.88
CA LYS C 73 -8.78 1.48 -46.43
C LYS C 73 -8.92 1.55 -47.94
N ASP C 74 -8.52 0.48 -48.61
CA ASP C 74 -8.57 0.41 -50.07
C ASP C 74 -10.00 0.59 -50.61
N SER C 75 -10.99 0.18 -49.82
CA SER C 75 -12.41 0.25 -50.22
C SER C 75 -12.90 1.69 -50.42
N ARG C 76 -12.24 2.63 -49.75
CA ARG C 76 -12.60 4.05 -49.79
C ARG C 76 -13.97 4.28 -49.21
N TRP C 77 -14.28 3.49 -48.19
CA TRP C 77 -15.48 3.67 -47.40
C TRP C 77 -15.11 4.06 -45.96
N PHE C 78 -14.00 3.50 -45.49
CA PHE C 78 -13.57 3.64 -44.09
C PHE C 78 -12.21 4.33 -43.94
N ILE C 79 -12.07 5.14 -42.90
CA ILE C 79 -10.79 5.59 -42.37
C ILE C 79 -10.43 4.69 -41.17
N PRO C 80 -9.26 4.01 -41.22
CA PRO C 80 -8.95 3.14 -40.11
C PRO C 80 -8.15 3.88 -39.11
N LEU C 81 -8.55 3.75 -37.85
CA LEU C 81 -7.84 4.38 -36.77
C LEU C 81 -6.91 3.35 -36.22
N GLU C 82 -5.68 3.82 -35.92
CA GLU C 82 -4.59 2.95 -35.50
C GLU C 82 -4.72 2.53 -34.00
N ARG C 83 -5.10 1.26 -33.83
CA ARG C 83 -5.23 0.65 -32.53
C ARG C 83 -4.34 -0.60 -32.39
N GLN C 84 -3.94 -1.24 -33.48
CA GLN C 84 -3.04 -2.39 -33.33
C GLN C 84 -1.77 -1.97 -32.58
N GLY C 85 -1.21 -0.80 -32.88
CA GLY C 85 -0.02 -0.37 -32.18
C GLY C 85 -0.31 0.81 -31.25
N LEU C 86 -1.42 0.76 -30.54
CA LEU C 86 -1.90 1.93 -29.80
C LEU C 86 -0.90 2.39 -28.78
N GLN C 87 -0.19 1.43 -28.20
CA GLN C 87 0.71 1.74 -27.09
C GLN C 87 1.82 2.71 -27.54
N ASN C 88 2.34 2.45 -28.73
CA ASN C 88 3.40 3.29 -29.27
C ASN C 88 2.90 4.69 -29.60
N LEU C 89 1.65 4.75 -30.01
CA LEU C 89 1.05 6.01 -30.40
C LEU C 89 0.93 6.88 -29.18
N LEU C 90 0.54 6.25 -28.07
CA LEU C 90 0.41 6.98 -26.80
C LEU C 90 1.77 7.43 -26.23
N ASN C 91 2.79 6.61 -26.50
CA ASN C 91 4.14 6.92 -26.10
C ASN C 91 4.67 8.16 -26.83
N GLU C 92 4.54 8.17 -28.14
CA GLU C 92 5.02 9.30 -28.93
C GLU C 92 4.33 10.57 -28.43
N ARG C 93 3.06 10.43 -28.06
CA ARG C 93 2.29 11.57 -27.61
C ARG C 93 2.81 12.03 -26.25
N LYS C 94 3.28 11.10 -25.43
CA LYS C 94 3.91 11.46 -24.15
C LYS C 94 5.19 12.27 -24.40
N ILE C 95 5.95 11.86 -25.43
CA ILE C 95 7.22 12.50 -25.71
C ILE C 95 7.01 13.88 -26.26
N ILE C 96 5.97 13.97 -27.13
CA ILE C 96 5.53 15.24 -27.67
C ILE C 96 5.18 16.22 -26.57
N ARG C 97 4.23 15.82 -25.74
CA ARG C 97 3.79 16.68 -24.65
C ARG C 97 4.94 17.07 -23.72
N ALA C 98 5.92 16.19 -23.56
CA ALA C 98 7.02 16.46 -22.67
C ALA C 98 7.96 17.47 -23.35
N ALA C 99 7.98 17.44 -24.69
CA ALA C 99 8.87 18.32 -25.53
C ALA C 99 8.46 19.76 -25.53
N GLN C 100 7.18 19.97 -25.73
CA GLN C 100 6.67 21.32 -25.95
C GLN C 100 5.90 21.98 -24.77
N GLU C 101 5.88 21.32 -23.62
CA GLU C 101 5.13 21.84 -22.47
C GLU C 101 5.72 23.13 -21.90
N ASN C 102 7.01 23.36 -22.15
CA ASN C 102 7.67 24.53 -21.61
C ASN C 102 7.68 25.72 -22.57
N GLY C 103 7.14 25.54 -23.76
CA GLY C 103 7.07 26.62 -24.73
C GLY C 103 8.44 27.16 -25.11
N THR C 104 9.42 26.28 -25.14
CA THR C 104 10.69 26.62 -25.73
C THR C 104 10.76 26.06 -27.15
N VAL C 105 10.02 24.99 -27.43
CA VAL C 105 10.20 24.28 -28.70
C VAL C 105 9.87 25.19 -29.87
N ALA C 106 10.69 25.06 -30.92
CA ALA C 106 10.65 25.95 -32.07
C ALA C 106 9.32 25.88 -32.78
N ILE C 107 8.77 27.06 -33.12
CA ILE C 107 7.42 27.16 -33.66
C ILE C 107 7.23 26.38 -34.98
N ASN C 108 8.31 26.26 -35.76
CA ASN C 108 8.32 25.44 -36.97
C ASN C 108 8.26 23.95 -36.64
N ASN C 109 8.91 23.58 -35.54
CA ASN C 109 9.05 22.19 -35.14
C ASN C 109 7.86 21.67 -34.31
N ARG C 110 7.06 22.61 -33.79
CA ARG C 110 5.95 22.31 -32.86
C ARG C 110 4.95 21.31 -33.45
N ILE C 111 4.53 20.33 -32.66
CA ILE C 111 3.51 19.39 -33.11
C ILE C 111 2.24 19.62 -32.35
N PRO C 112 1.17 20.03 -33.04
CA PRO C 112 -0.08 20.31 -32.35
C PRO C 112 -0.83 19.01 -32.04
N LEU C 113 -1.25 18.86 -30.79
CA LEU C 113 -1.87 17.63 -30.33
C LEU C 113 -3.36 17.78 -30.11
N GLN C 114 -4.06 16.72 -30.49
CA GLN C 114 -5.49 16.73 -30.56
C GLN C 114 -5.92 15.38 -30.08
N SER C 115 -7.09 15.32 -29.45
CA SER C 115 -7.55 14.10 -28.79
C SER C 115 -7.61 13.00 -29.82
N LEU C 116 -7.53 11.75 -29.37
CA LEU C 116 -7.33 10.69 -30.35
C LEU C 116 -8.65 10.46 -31.06
N THR C 117 -8.65 10.54 -32.38
CA THR C 117 -9.87 10.43 -33.18
C THR C 117 -10.48 9.11 -32.80
N ALA C 118 -11.79 9.13 -32.56
CA ALA C 118 -12.49 7.97 -32.00
C ALA C 118 -13.49 7.38 -32.97
N ALA C 119 -13.58 6.06 -32.94
CA ALA C 119 -14.35 5.30 -33.94
C ALA C 119 -15.77 5.12 -33.48
N ASN C 120 -16.69 4.95 -34.43
CA ASN C 120 -18.06 4.63 -34.05
C ASN C 120 -18.38 3.16 -34.12
N ILE C 121 -17.98 2.53 -35.23
CA ILE C 121 -18.13 1.09 -35.32
C ILE C 121 -16.73 0.50 -35.29
N MET C 122 -16.59 -0.63 -34.62
CA MET C 122 -15.35 -1.36 -34.74
C MET C 122 -15.70 -2.72 -35.31
N VAL C 123 -14.81 -3.23 -36.13
CA VAL C 123 -14.99 -4.56 -36.68
C VAL C 123 -13.88 -5.51 -36.29
N GLU C 124 -14.26 -6.67 -35.77
CA GLU C 124 -13.28 -7.69 -35.42
C GLU C 124 -13.71 -8.98 -36.03
N GLY C 125 -12.83 -9.96 -35.95
CA GLY C 125 -13.08 -11.25 -36.54
C GLY C 125 -12.00 -12.25 -36.21
N SER C 126 -11.93 -13.31 -37.00
CA SER C 126 -11.03 -14.40 -36.69
C SER C 126 -10.81 -15.22 -37.93
N ILE C 127 -9.64 -15.79 -38.06
CA ILE C 127 -9.45 -16.83 -39.04
C ILE C 127 -10.03 -18.12 -38.47
N ILE C 128 -11.22 -18.47 -38.93
CA ILE C 128 -11.95 -19.64 -38.47
C ILE C 128 -11.56 -20.70 -39.46
N GLY C 129 -10.61 -21.51 -39.06
CA GLY C 129 -10.39 -22.78 -39.76
C GLY C 129 -9.46 -22.76 -40.98
N TYR C 130 -8.60 -23.77 -40.99
CA TYR C 130 -7.82 -24.12 -42.17
C TYR C 130 -7.78 -25.64 -42.18
N GLU C 131 -8.56 -26.25 -43.06
CA GLU C 131 -8.51 -27.70 -43.24
C GLU C 131 -7.62 -27.97 -44.44
N SER C 132 -6.84 -29.05 -44.37
CA SER C 132 -5.78 -29.29 -45.35
C SER C 132 -6.06 -30.57 -46.15
N ASN C 133 -5.77 -30.51 -47.44
CA ASN C 133 -6.12 -31.57 -48.40
C ASN C 133 -7.58 -31.97 -48.25
N VAL C 134 -8.44 -30.96 -48.37
CA VAL C 134 -9.87 -31.14 -48.24
C VAL C 134 -10.31 -31.95 -49.44
N LYS C 135 -9.64 -31.73 -50.57
CA LYS C 135 -9.69 -32.68 -51.68
C LYS C 135 -8.31 -32.92 -52.27
N SER C 136 -8.19 -34.03 -52.98
CA SER C 136 -6.94 -34.37 -53.63
C SER C 136 -7.14 -35.46 -54.69
N GLY C 137 -6.23 -35.51 -55.65
CA GLY C 137 -6.30 -36.52 -56.70
C GLY C 137 -5.04 -36.64 -57.53
N GLY C 138 -5.00 -37.63 -58.40
CA GLY C 138 -3.83 -37.85 -59.25
C GLY C 138 -4.09 -38.81 -60.38
N VAL C 139 -3.46 -38.54 -61.52
CA VAL C 139 -3.56 -39.40 -62.69
C VAL C 139 -2.20 -39.54 -63.38
N GLY C 140 -1.75 -40.78 -63.58
CA GLY C 140 -0.46 -41.04 -64.18
C GLY C 140 -0.41 -42.33 -64.99
N ALA C 141 0.32 -42.29 -66.09
CA ALA C 141 0.44 -43.45 -66.97
C ALA C 141 1.82 -43.55 -67.59
N ARG C 142 2.34 -44.77 -67.64
CA ARG C 142 3.59 -45.04 -68.29
C ARG C 142 3.42 -46.20 -69.25
N TYR C 143 4.12 -46.12 -70.38
CA TYR C 143 3.93 -47.06 -71.50
C TYR C 143 5.27 -47.62 -72.00
N GLY C 145 7.98 -47.25 -71.85
CA GLY C 145 9.15 -46.40 -71.68
C GLY C 145 8.88 -44.92 -71.39
N ILE C 146 7.71 -44.42 -71.80
CA ILE C 146 7.38 -42.99 -71.70
C ILE C 146 6.22 -42.81 -70.71
N GLY C 147 6.30 -41.78 -69.86
CA GLY C 147 5.28 -41.59 -68.83
C GLY C 147 5.03 -40.17 -68.39
N ALA C 148 3.84 -39.93 -67.86
CA ALA C 148 3.52 -38.65 -67.23
C ALA C 148 2.56 -38.85 -66.07
N ASP C 149 2.40 -37.82 -65.26
CA ASP C 149 1.44 -37.84 -64.17
C ASP C 149 1.18 -36.43 -63.64
N THR C 150 -0.05 -36.19 -63.19
CA THR C 150 -0.32 -35.02 -62.38
C THR C 150 -0.87 -35.45 -61.02
N GLN C 151 -0.67 -34.60 -60.02
CA GLN C 151 -1.37 -34.75 -58.75
C GLN C 151 -1.80 -33.36 -58.25
N TYR C 152 -2.95 -33.31 -57.59
CA TYR C 152 -3.46 -32.05 -57.07
C TYR C 152 -3.98 -32.19 -55.65
N GLN C 153 -3.80 -31.15 -54.85
CA GLN C 153 -4.45 -31.09 -53.53
C GLN C 153 -5.08 -29.71 -53.39
N LEU C 154 -6.12 -29.63 -52.56
CA LEU C 154 -6.64 -28.33 -52.17
C LEU C 154 -7.10 -28.26 -50.72
N ASP C 155 -6.94 -27.06 -50.16
CA ASP C 155 -7.12 -26.78 -48.75
C ASP C 155 -8.16 -25.68 -48.58
N GLN C 156 -8.73 -25.56 -47.38
CA GLN C 156 -9.78 -24.57 -47.13
C GLN C 156 -9.32 -23.54 -46.08
N ILE C 157 -9.90 -22.35 -46.13
CA ILE C 157 -9.62 -21.30 -45.15
C ILE C 157 -10.84 -20.40 -45.03
N ALA C 158 -11.21 -20.04 -43.81
CA ALA C 158 -12.42 -19.30 -43.61
C ALA C 158 -12.17 -18.17 -42.69
N VAL C 159 -12.93 -17.12 -42.87
CA VAL C 159 -12.73 -15.91 -42.10
C VAL C 159 -14.07 -15.35 -41.63
N ASN C 160 -14.15 -15.06 -40.33
CA ASN C 160 -15.24 -14.28 -39.77
C ASN C 160 -14.80 -12.81 -39.70
N LEU C 161 -15.63 -11.91 -40.22
CA LEU C 161 -15.59 -10.48 -39.87
C LEU C 161 -16.92 -9.98 -39.35
N ARG C 162 -16.88 -9.08 -38.39
CA ARG C 162 -18.14 -8.65 -37.79
C ARG C 162 -18.07 -7.22 -37.24
N VAL C 163 -19.10 -6.45 -37.61
CA VAL C 163 -19.24 -5.05 -37.19
C VAL C 163 -19.94 -4.98 -35.85
N VAL C 164 -19.29 -4.35 -34.89
CA VAL C 164 -19.83 -4.19 -33.54
C VAL C 164 -20.06 -2.74 -33.28
N ASN C 165 -21.22 -2.44 -32.69
CA ASN C 165 -21.56 -1.05 -32.46
C ASN C 165 -21.00 -0.61 -31.13
N VAL C 166 -20.13 0.41 -31.16
CA VAL C 166 -19.44 0.87 -29.94
C VAL C 166 -20.43 1.39 -28.91
N SER C 167 -21.48 2.03 -29.40
CA SER C 167 -22.44 2.69 -28.55
C SER C 167 -23.36 1.72 -27.78
N THR C 168 -23.35 0.43 -28.16
CA THR C 168 -24.22 -0.57 -27.53
C THR C 168 -23.55 -1.93 -27.25
N GLY C 169 -22.66 -2.33 -28.12
CA GLY C 169 -22.16 -3.67 -28.06
C GLY C 169 -22.95 -4.63 -28.91
N GLU C 170 -24.09 -4.18 -29.44
CA GLU C 170 -24.81 -4.94 -30.47
C GLU C 170 -23.86 -5.21 -31.62
N ILE C 171 -23.74 -6.48 -32.01
CA ILE C 171 -23.13 -6.78 -33.29
C ILE C 171 -24.08 -6.36 -34.43
N LEU C 172 -23.60 -5.51 -35.34
CA LEU C 172 -24.46 -4.98 -36.38
C LEU C 172 -24.39 -5.82 -37.66
N SER C 173 -23.41 -6.71 -37.71
CA SER C 173 -23.25 -7.59 -38.84
C SER C 173 -22.21 -8.65 -38.55
N SER C 174 -22.52 -9.90 -38.87
CA SER C 174 -21.51 -10.97 -38.93
C SER C 174 -21.50 -11.64 -40.30
N VAL C 175 -20.30 -11.88 -40.83
CA VAL C 175 -20.14 -12.50 -42.14
C VAL C 175 -19.08 -13.58 -42.10
N ASN C 176 -19.29 -14.64 -42.87
CA ASN C 176 -18.42 -15.80 -42.85
C ASN C 176 -17.94 -16.15 -44.26
N THR C 177 -16.75 -15.68 -44.65
CA THR C 177 -16.22 -15.98 -45.98
C THR C 177 -15.26 -17.19 -45.98
N SER C 178 -15.07 -17.78 -47.15
CA SER C 178 -14.26 -18.99 -47.29
C SER C 178 -13.52 -19.01 -48.63
N LYS C 179 -12.40 -19.71 -48.67
CA LYS C 179 -11.57 -19.69 -49.86
C LYS C 179 -10.71 -20.94 -49.93
N THR C 180 -10.50 -21.41 -51.16
CA THR C 180 -9.80 -22.66 -51.37
C THR C 180 -8.39 -22.41 -51.93
N ILE C 181 -7.41 -23.08 -51.33
CA ILE C 181 -6.02 -22.97 -51.77
C ILE C 181 -5.66 -24.17 -52.67
N LEU C 182 -5.35 -23.87 -53.93
CA LEU C 182 -4.98 -24.89 -54.91
C LEU C 182 -3.47 -25.22 -55.00
N SER C 183 -3.16 -26.51 -55.15
CA SER C 183 -1.80 -26.97 -55.40
C SER C 183 -1.81 -28.11 -56.42
N TYR C 184 -0.82 -28.11 -57.32
CA TYR C 184 -0.68 -29.21 -58.29
C TYR C 184 0.76 -29.47 -58.74
N GLU C 185 0.99 -30.71 -59.17
CA GLU C 185 2.30 -31.17 -59.60
C GLU C 185 2.20 -31.96 -60.90
N VAL C 186 2.76 -31.40 -61.96
CA VAL C 186 2.80 -32.04 -63.26
C VAL C 186 4.21 -32.60 -63.51
N GLN C 187 4.28 -33.80 -64.08
CA GLN C 187 5.54 -34.48 -64.28
C GLN C 187 5.51 -35.36 -65.51
N ALA C 188 6.59 -35.33 -66.28
CA ALA C 188 6.72 -36.20 -67.45
C ALA C 188 8.15 -36.71 -67.60
N GLY C 189 8.29 -37.97 -67.97
CA GLY C 189 9.61 -38.59 -68.08
C GLY C 189 9.71 -39.60 -69.20
N VAL C 190 10.82 -39.57 -69.92
CA VAL C 190 11.05 -40.51 -71.02
C VAL C 190 12.25 -41.42 -70.67
N PHE C 191 12.09 -42.72 -70.93
CA PHE C 191 13.08 -43.71 -70.48
C PHE C 191 13.42 -44.70 -71.59
N LEU C 200 19.01 -43.95 -72.20
CA LEU C 200 18.36 -42.63 -72.29
C LEU C 200 17.30 -42.47 -71.20
N GLU C 201 17.54 -41.54 -70.28
CA GLU C 201 16.48 -41.01 -69.42
C GLU C 201 16.34 -39.51 -69.60
N GLY C 202 15.13 -38.99 -69.45
CA GLY C 202 14.88 -37.55 -69.46
C GLY C 202 13.61 -37.20 -68.71
N GLU C 203 13.70 -36.25 -67.77
CA GLU C 203 12.55 -35.86 -66.96
C GLU C 203 12.30 -34.35 -66.90
N VAL C 204 11.03 -33.98 -66.99
CA VAL C 204 10.57 -32.62 -66.75
C VAL C 204 9.52 -32.65 -65.65
N GLY C 205 9.64 -31.71 -64.72
CA GLY C 205 8.66 -31.57 -63.66
C GLY C 205 8.30 -30.11 -63.39
N TYR C 206 7.07 -29.89 -62.92
CA TYR C 206 6.60 -28.56 -62.53
C TYR C 206 5.62 -28.67 -61.38
N THR C 207 5.69 -27.75 -60.43
CA THR C 207 4.74 -27.72 -59.32
C THR C 207 4.29 -26.29 -59.04
N SER C 208 3.00 -26.13 -58.76
CA SER C 208 2.47 -24.82 -58.37
C SER C 208 1.56 -24.87 -57.11
N ASN C 209 1.88 -24.03 -56.11
CA ASN C 209 1.06 -23.82 -54.95
C ASN C 209 0.51 -22.40 -54.93
N GLU C 210 -0.77 -22.27 -54.57
CA GLU C 210 -1.31 -20.95 -54.23
C GLU C 210 -0.71 -20.47 -52.90
N PRO C 211 -0.39 -19.17 -52.80
CA PRO C 211 0.03 -18.64 -51.51
C PRO C 211 -1.14 -18.53 -50.53
N VAL C 212 -0.98 -19.13 -49.37
CA VAL C 212 -2.03 -19.10 -48.35
C VAL C 212 -2.22 -17.64 -47.96
N MET C 213 -1.08 -16.98 -47.80
CA MET C 213 -0.95 -15.52 -47.62
C MET C 213 -1.97 -14.74 -48.48
N LEU C 214 -2.05 -15.12 -49.74
CA LEU C 214 -2.74 -14.33 -50.74
C LEU C 214 -4.23 -14.70 -50.71
N CYS C 215 -4.53 -15.95 -50.33
CA CYS C 215 -5.90 -16.42 -50.22
C CYS C 215 -6.58 -15.77 -49.01
N LEU C 216 -5.83 -15.71 -47.92
CA LEU C 216 -6.30 -15.03 -46.73
C LEU C 216 -6.67 -13.62 -47.12
N MET C 217 -5.78 -12.94 -47.83
CA MET C 217 -5.98 -11.54 -48.16
C MET C 217 -7.23 -11.37 -49.02
N SER C 218 -7.37 -12.23 -50.01
CA SER C 218 -8.52 -12.23 -50.89
C SER C 218 -9.82 -12.35 -50.10
N ALA C 219 -9.86 -13.35 -49.21
CA ALA C 219 -11.09 -13.67 -48.47
C ALA C 219 -11.48 -12.55 -47.50
N ILE C 220 -10.50 -11.87 -46.96
CA ILE C 220 -10.76 -10.72 -46.10
C ILE C 220 -11.38 -9.57 -46.88
N GLU C 221 -10.87 -9.31 -48.09
CA GLU C 221 -11.42 -8.26 -48.97
C GLU C 221 -12.90 -8.52 -49.28
N THR C 222 -13.16 -9.76 -49.71
CA THR C 222 -14.51 -10.25 -49.96
C THR C 222 -15.42 -9.98 -48.76
N GLY C 223 -14.94 -10.37 -47.57
CA GLY C 223 -15.67 -10.12 -46.32
C GLY C 223 -16.00 -8.64 -46.08
N VAL C 224 -15.06 -7.77 -46.42
CA VAL C 224 -15.27 -6.35 -46.27
C VAL C 224 -16.40 -5.89 -47.18
N ILE C 225 -16.42 -6.40 -48.41
CA ILE C 225 -17.48 -6.04 -49.36
C ILE C 225 -18.84 -6.47 -48.83
N PHE C 226 -18.97 -7.75 -48.45
CA PHE C 226 -20.21 -8.26 -47.86
C PHE C 226 -20.67 -7.45 -46.64
N LEU C 227 -19.71 -6.95 -45.85
CA LEU C 227 -20.03 -6.11 -44.71
C LEU C 227 -20.62 -4.77 -45.16
N ILE C 228 -20.01 -4.15 -46.17
CA ILE C 228 -20.48 -2.84 -46.66
C ILE C 228 -21.87 -2.99 -47.24
N ASN C 229 -22.04 -4.01 -48.08
CA ASN C 229 -23.32 -4.25 -48.74
C ASN C 229 -24.40 -4.50 -47.68
N ASP C 230 -24.05 -5.28 -46.67
CA ASP C 230 -24.98 -5.62 -45.58
C ASP C 230 -25.36 -4.37 -44.81
N GLY C 231 -24.38 -3.51 -44.59
CA GLY C 231 -24.63 -2.24 -43.90
C GLY C 231 -25.47 -1.25 -44.70
N ILE C 232 -25.31 -1.29 -46.03
CA ILE C 232 -26.18 -0.52 -46.94
C ILE C 232 -27.64 -0.95 -46.82
N ASP C 233 -27.88 -2.27 -46.92
CA ASP C 233 -29.22 -2.85 -46.75
C ASP C 233 -29.85 -2.49 -45.40
N ARG C 234 -29.10 -2.65 -44.32
CA ARG C 234 -29.63 -2.44 -42.97
C ARG C 234 -29.69 -0.97 -42.52
N GLY C 235 -29.23 -0.05 -43.38
CA GLY C 235 -29.25 1.37 -43.06
C GLY C 235 -28.20 1.83 -42.06
N LEU C 236 -27.03 1.19 -42.05
CA LEU C 236 -25.89 1.71 -41.28
C LEU C 236 -25.34 2.94 -42.00
N TRP C 237 -25.13 2.81 -43.30
CA TRP C 237 -24.56 3.89 -44.11
C TRP C 237 -25.27 3.98 -45.45
N ASP C 238 -25.07 5.10 -46.16
CA ASP C 238 -25.80 5.39 -47.40
C ASP C 238 -24.90 5.78 -48.57
N LEU C 239 -25.34 5.41 -49.77
CA LEU C 239 -24.59 5.68 -50.99
C LEU C 239 -24.72 7.14 -51.38
N GLN C 240 -23.66 7.70 -51.93
CA GLN C 240 -23.70 9.03 -52.55
C GLN C 240 -24.81 9.08 -53.59
N ASN C 241 -24.71 8.17 -54.56
CA ASN C 241 -25.69 8.06 -55.63
C ASN C 241 -26.62 6.87 -55.41
N LYS C 242 -27.88 7.16 -55.11
CA LYS C 242 -28.87 6.10 -54.88
C LYS C 242 -29.10 5.32 -56.17
N ALA C 243 -28.85 6.00 -57.29
CA ALA C 243 -28.88 5.40 -58.62
C ALA C 243 -27.83 4.30 -58.76
N GLU C 244 -26.81 4.30 -57.90
CA GLU C 244 -25.75 3.31 -58.00
C GLU C 244 -26.01 2.08 -57.16
N ARG C 245 -27.22 1.95 -56.62
CA ARG C 245 -27.61 0.74 -55.90
C ARG C 245 -27.44 -0.54 -56.73
N GLN C 246 -27.73 -0.45 -58.04
CA GLN C 246 -27.67 -1.63 -58.91
C GLN C 246 -26.31 -1.76 -59.59
N ASN C 247 -25.30 -1.12 -59.00
CA ASN C 247 -23.90 -1.36 -59.36
C ASN C 247 -23.61 -2.85 -59.59
N ASP C 248 -22.83 -3.15 -60.64
CA ASP C 248 -22.51 -4.54 -61.01
C ASP C 248 -21.97 -5.33 -59.82
N ILE C 249 -21.02 -4.72 -59.12
CA ILE C 249 -20.33 -5.37 -58.01
C ILE C 249 -21.32 -5.61 -56.87
N LEU C 250 -22.06 -4.56 -56.51
CA LEU C 250 -23.00 -4.65 -55.40
C LEU C 250 -24.07 -5.69 -55.60
N VAL C 251 -24.55 -5.83 -56.84
CA VAL C 251 -25.57 -6.83 -57.16
C VAL C 251 -24.97 -8.23 -57.27
N LYS C 252 -23.68 -8.30 -57.55
CA LYS C 252 -22.97 -9.58 -57.60
C LYS C 252 -22.87 -10.18 -56.17
N TYR C 253 -22.51 -9.34 -55.21
CA TYR C 253 -22.37 -9.78 -53.82
C TYR C 253 -23.72 -9.91 -53.14
N ARG C 254 -24.66 -9.07 -53.56
CA ARG C 254 -26.06 -9.22 -53.17
C ARG C 254 -26.59 -10.60 -53.59
N HIS C 255 -26.20 -11.03 -54.79
CA HIS C 255 -26.60 -12.32 -55.35
C HIS C 255 -25.99 -13.50 -54.61
N MET C 256 -24.76 -13.35 -54.15
CA MET C 256 -24.12 -14.43 -53.39
C MET C 256 -24.84 -14.69 -52.04
N SER C 257 -25.51 -13.66 -51.51
CA SER C 257 -26.28 -13.76 -50.25
C SER C 257 -27.61 -14.47 -50.48
N LEU D 2 7.17 -15.94 -65.06
CA LEU D 2 6.60 -16.91 -64.07
C LEU D 2 7.65 -17.26 -63.00
N THR D 3 8.01 -16.22 -62.26
CA THR D 3 8.67 -16.33 -60.95
C THR D 3 8.11 -15.28 -59.96
N ALA D 4 7.23 -14.42 -60.45
CA ALA D 4 6.26 -13.74 -59.59
C ALA D 4 5.15 -14.75 -59.17
N PRO D 5 4.10 -14.31 -58.49
CA PRO D 5 3.35 -15.40 -57.87
C PRO D 5 2.34 -16.02 -58.83
N PRO D 6 1.75 -17.17 -58.44
CA PRO D 6 0.56 -17.70 -59.13
C PRO D 6 -0.71 -16.98 -58.72
N LYS D 7 -1.70 -16.94 -59.62
CA LYS D 7 -2.92 -16.17 -59.37
C LYS D 7 -4.03 -17.05 -58.80
N GLU D 8 -5.09 -16.37 -58.31
CA GLU D 8 -6.15 -17.02 -57.53
C GLU D 8 -6.94 -18.04 -58.34
N ALA D 9 -6.86 -19.29 -57.91
CA ALA D 9 -7.68 -20.37 -58.45
C ALA D 9 -8.94 -20.54 -57.57
N ALA D 10 -10.10 -20.26 -58.15
CA ALA D 10 -11.39 -20.20 -57.44
C ALA D 10 -11.57 -18.85 -56.77
N ARG D 11 -12.83 -18.50 -56.51
CA ARG D 11 -13.17 -17.19 -55.92
C ARG D 11 -13.47 -17.38 -54.44
N PRO D 12 -13.25 -16.33 -53.62
CA PRO D 12 -13.77 -16.39 -52.27
C PRO D 12 -15.29 -16.37 -52.33
N THR D 13 -15.90 -17.48 -51.93
CA THR D 13 -17.34 -17.49 -51.69
C THR D 13 -17.64 -17.18 -50.24
N LEU D 14 -18.86 -16.77 -49.91
CA LEU D 14 -19.22 -16.77 -48.49
C LEU D 14 -19.43 -18.23 -48.02
N MET D 15 -19.33 -18.48 -46.73
CA MET D 15 -18.93 -19.81 -46.25
C MET D 15 -20.03 -20.83 -46.47
N PRO D 16 -19.70 -21.94 -47.16
CA PRO D 16 -20.64 -22.96 -47.62
C PRO D 16 -21.37 -23.74 -46.50
N ARG D 17 -22.41 -23.13 -45.95
CA ARG D 17 -23.27 -23.80 -44.97
C ARG D 17 -24.39 -24.52 -45.71
N ALA D 18 -24.84 -25.66 -45.17
CA ALA D 18 -25.85 -26.49 -45.87
C ALA D 18 -27.19 -26.55 -45.13
N GLN D 19 -27.61 -27.76 -44.72
CA GLN D 19 -29.02 -28.00 -44.39
C GLN D 19 -29.42 -27.30 -43.09
N SER D 20 -28.62 -27.54 -42.06
CA SER D 20 -28.77 -26.87 -40.79
C SER D 20 -29.08 -25.38 -40.99
N TYR D 21 -28.26 -24.73 -41.81
CA TYR D 21 -28.42 -23.30 -42.12
C TYR D 21 -29.80 -22.99 -42.70
N LYS D 22 -30.19 -23.77 -43.69
CA LYS D 22 -31.46 -23.54 -44.37
C LYS D 22 -32.64 -23.65 -43.42
N ASP D 23 -32.57 -24.63 -42.52
CA ASP D 23 -33.59 -24.79 -41.47
C ASP D 23 -33.58 -23.58 -40.55
N LEU D 24 -32.37 -23.19 -40.15
CA LEU D 24 -32.17 -22.15 -39.13
C LEU D 24 -32.67 -20.80 -39.60
N THR D 25 -32.52 -20.53 -40.91
CA THR D 25 -32.92 -19.24 -41.49
C THR D 25 -34.44 -19.12 -41.68
N HIS D 26 -35.03 -20.18 -42.21
CA HIS D 26 -36.48 -20.21 -42.47
C HIS D 26 -37.28 -20.66 -41.23
N LEU D 27 -36.85 -20.23 -40.05
CA LEU D 27 -37.60 -20.47 -38.83
C LEU D 27 -38.59 -19.33 -38.58
N PRO D 28 -39.82 -19.68 -38.19
CA PRO D 28 -40.88 -18.68 -37.98
C PRO D 28 -40.49 -17.70 -36.88
N ALA D 29 -40.61 -16.41 -37.14
CA ALA D 29 -40.04 -15.39 -36.27
C ALA D 29 -40.83 -15.25 -34.94
N PRO D 30 -40.11 -14.93 -33.85
CA PRO D 30 -40.73 -14.67 -32.54
C PRO D 30 -41.40 -13.29 -32.47
N THR D 31 -42.05 -12.99 -31.34
CA THR D 31 -42.74 -11.69 -31.17
C THR D 31 -41.78 -10.51 -31.09
N GLY D 32 -40.57 -10.77 -30.62
CA GLY D 32 -39.47 -9.82 -30.74
C GLY D 32 -38.17 -10.59 -30.67
N LYS D 33 -37.09 -10.04 -31.24
CA LYS D 33 -35.79 -10.69 -31.11
C LYS D 33 -35.30 -10.66 -29.65
N ILE D 34 -34.53 -11.67 -29.25
CA ILE D 34 -34.06 -11.79 -27.88
C ILE D 34 -32.58 -11.40 -27.86
N PHE D 35 -32.19 -10.69 -26.81
CA PHE D 35 -30.82 -10.23 -26.62
C PHE D 35 -29.99 -11.35 -26.03
N VAL D 36 -28.87 -11.69 -26.66
CA VAL D 36 -28.06 -12.80 -26.19
C VAL D 36 -26.57 -12.45 -26.07
N SER D 37 -25.87 -13.12 -25.15
CA SER D 37 -24.45 -12.89 -24.95
C SER D 37 -23.73 -14.21 -25.12
N VAL D 38 -22.66 -14.21 -25.89
CA VAL D 38 -21.78 -15.38 -25.88
C VAL D 38 -20.39 -14.94 -25.46
N TYR D 39 -19.87 -15.49 -24.36
CA TYR D 39 -18.56 -15.15 -23.84
C TYR D 39 -17.51 -16.08 -24.46
N ASN D 40 -17.74 -17.39 -24.39
CA ASN D 40 -16.76 -18.34 -24.91
C ASN D 40 -17.27 -19.76 -24.99
N ILE D 41 -17.02 -20.41 -26.12
CA ILE D 41 -17.22 -21.87 -26.23
C ILE D 41 -15.88 -22.56 -26.51
N GLN D 42 -15.44 -23.42 -25.59
CA GLN D 42 -14.06 -23.95 -25.64
C GLN D 42 -13.94 -25.24 -26.42
N ASP D 43 -12.73 -25.52 -26.87
CA ASP D 43 -12.39 -26.80 -27.49
C ASP D 43 -12.09 -27.82 -26.44
N GLU D 44 -13.13 -28.15 -25.66
CA GLU D 44 -12.97 -29.06 -24.52
C GLU D 44 -12.65 -30.52 -24.99
N THR D 45 -12.22 -30.67 -26.24
CA THR D 45 -12.14 -31.99 -26.90
C THR D 45 -10.89 -32.77 -26.54
N GLY D 46 -9.77 -32.08 -26.41
CA GLY D 46 -8.56 -32.69 -25.81
C GLY D 46 -7.72 -33.37 -26.87
N GLN D 47 -7.92 -32.98 -28.09
CA GLN D 47 -7.46 -33.81 -29.11
C GLN D 47 -6.66 -33.04 -30.14
N PHE D 48 -5.60 -33.67 -30.60
CA PHE D 48 -4.75 -33.13 -31.64
C PHE D 48 -4.63 -34.09 -32.81
N LYS D 49 -4.09 -33.59 -33.89
CA LYS D 49 -3.91 -34.36 -35.11
C LYS D 49 -2.72 -35.30 -34.94
N PRO D 50 -2.83 -36.49 -35.53
CA PRO D 50 -1.75 -37.46 -35.49
C PRO D 50 -0.62 -37.13 -36.46
N TYR D 51 0.51 -37.81 -36.29
CA TYR D 51 1.55 -37.78 -37.30
C TYR D 51 0.94 -38.01 -38.70
N PRO D 52 1.34 -37.20 -39.71
CA PRO D 52 2.43 -36.21 -39.72
C PRO D 52 2.08 -34.76 -39.39
N ALA D 53 0.90 -34.51 -38.82
CA ALA D 53 0.57 -33.15 -38.44
C ALA D 53 1.59 -32.60 -37.45
N SER D 54 1.58 -31.29 -37.29
CA SER D 54 2.29 -30.74 -36.14
C SER D 54 1.68 -31.30 -34.84
N ASN D 55 2.56 -31.62 -33.89
CA ASN D 55 2.15 -32.04 -32.57
C ASN D 55 1.06 -31.10 -31.98
N PHE D 56 1.10 -29.83 -32.39
CA PHE D 56 0.28 -28.77 -31.79
C PHE D 56 -0.97 -28.52 -32.59
N SER D 57 -1.14 -29.22 -33.71
CA SER D 57 -2.34 -28.97 -34.49
C SER D 57 -3.54 -29.61 -33.76
N THR D 58 -4.48 -28.79 -33.34
CA THR D 58 -5.68 -29.27 -32.71
C THR D 58 -6.55 -30.02 -33.71
N ALA D 59 -7.30 -30.95 -33.22
CA ALA D 59 -8.17 -31.65 -34.14
C ALA D 59 -9.37 -30.82 -34.62
N VAL D 60 -9.72 -29.80 -33.86
CA VAL D 60 -10.95 -29.06 -34.04
C VAL D 60 -10.63 -27.61 -33.97
N PRO D 61 -11.28 -26.82 -34.82
CA PRO D 61 -10.94 -25.38 -34.82
C PRO D 61 -11.40 -24.67 -33.56
N GLN D 62 -10.64 -23.64 -33.17
CA GLN D 62 -10.83 -23.01 -31.86
C GLN D 62 -11.77 -21.88 -32.03
N SER D 63 -12.75 -22.05 -32.91
CA SER D 63 -13.49 -20.91 -33.43
C SER D 63 -15.00 -21.00 -33.11
N ALA D 64 -15.35 -21.94 -32.27
CA ALA D 64 -16.75 -22.31 -32.08
C ALA D 64 -17.57 -21.12 -31.63
N THR D 65 -16.96 -20.28 -30.81
CA THR D 65 -17.62 -19.13 -30.22
C THR D 65 -18.25 -18.27 -31.31
N ALA D 66 -17.45 -17.98 -32.33
CA ALA D 66 -17.89 -17.05 -33.36
C ALA D 66 -18.94 -17.71 -34.23
N MET D 67 -18.83 -19.03 -34.38
CA MET D 67 -19.80 -19.78 -35.16
C MET D 67 -21.15 -19.75 -34.46
N LEU D 68 -21.13 -19.88 -33.13
CA LEU D 68 -22.36 -19.85 -32.38
C LEU D 68 -23.01 -18.49 -32.45
N VAL D 69 -22.22 -17.43 -32.28
CA VAL D 69 -22.76 -16.06 -32.37
C VAL D 69 -23.40 -15.81 -33.74
N THR D 70 -22.70 -16.25 -34.79
CA THR D 70 -23.22 -16.14 -36.15
C THR D 70 -24.51 -16.92 -36.36
N ALA D 71 -24.55 -18.16 -35.85
CA ALA D 71 -25.76 -18.96 -35.94
C ALA D 71 -26.93 -18.31 -35.19
N LEU D 72 -26.63 -17.77 -34.00
CA LEU D 72 -27.65 -17.07 -33.22
C LEU D 72 -28.20 -15.86 -33.98
N LYS D 73 -27.39 -15.28 -34.88
CA LYS D 73 -27.82 -14.11 -35.64
C LYS D 73 -28.62 -14.50 -36.86
N ASP D 74 -28.11 -15.50 -37.58
CA ASP D 74 -28.77 -15.96 -38.79
C ASP D 74 -30.20 -16.44 -38.54
N SER D 75 -30.45 -16.96 -37.33
CA SER D 75 -31.75 -17.53 -36.97
C SER D 75 -32.87 -16.48 -36.97
N ARG D 76 -32.48 -15.22 -36.77
CA ARG D 76 -33.41 -14.09 -36.68
C ARG D 76 -34.34 -14.22 -35.49
N TRP D 77 -33.79 -14.79 -34.43
CA TRP D 77 -34.46 -14.86 -33.14
C TRP D 77 -33.72 -14.00 -32.11
N PHE D 78 -32.39 -13.95 -32.24
CA PHE D 78 -31.51 -13.32 -31.27
C PHE D 78 -30.68 -12.16 -31.88
N ILE D 79 -30.50 -11.10 -31.10
CA ILE D 79 -29.47 -10.12 -31.33
C ILE D 79 -28.29 -10.51 -30.45
N PRO D 80 -27.11 -10.70 -31.06
CA PRO D 80 -25.98 -11.02 -30.21
C PRO D 80 -25.25 -9.77 -29.78
N LEU D 81 -24.95 -9.70 -28.49
CA LEU D 81 -24.16 -8.62 -27.96
C LEU D 81 -22.71 -9.06 -27.90
N GLU D 82 -21.82 -8.14 -28.25
CA GLU D 82 -20.39 -8.44 -28.37
C GLU D 82 -19.74 -8.49 -27.00
N ARG D 83 -19.33 -9.68 -26.61
CA ARG D 83 -18.58 -9.90 -25.39
C ARG D 83 -17.26 -10.64 -25.65
N GLN D 84 -17.11 -11.34 -26.78
CA GLN D 84 -15.85 -12.02 -27.07
C GLN D 84 -14.69 -11.01 -27.09
N GLY D 85 -14.90 -9.84 -27.66
CA GLY D 85 -13.84 -8.84 -27.63
C GLY D 85 -14.11 -7.66 -26.70
N LEU D 86 -14.71 -7.92 -25.54
CA LEU D 86 -15.38 -6.85 -24.79
C LEU D 86 -14.35 -5.79 -24.49
N GLN D 87 -13.11 -6.23 -24.32
CA GLN D 87 -12.10 -5.35 -23.74
C GLN D 87 -11.88 -4.19 -24.73
N ASN D 88 -11.89 -4.53 -26.03
CA ASN D 88 -11.63 -3.55 -27.08
C ASN D 88 -12.77 -2.58 -27.18
N LEU D 89 -13.96 -3.11 -26.93
CA LEU D 89 -15.16 -2.30 -26.96
C LEU D 89 -15.07 -1.20 -25.90
N LEU D 90 -14.62 -1.60 -24.71
CA LEU D 90 -14.56 -0.69 -23.56
C LEU D 90 -13.46 0.32 -23.74
N ASN D 91 -12.42 -0.11 -24.45
CA ASN D 91 -11.30 0.76 -24.77
C ASN D 91 -11.73 1.88 -25.75
N GLU D 92 -12.41 1.51 -26.83
CA GLU D 92 -12.89 2.51 -27.79
C GLU D 92 -13.77 3.52 -27.07
N ARG D 93 -14.56 3.03 -26.14
CA ARG D 93 -15.47 3.88 -25.43
C ARG D 93 -14.70 4.83 -24.52
N LYS D 94 -13.56 4.38 -24.02
CA LYS D 94 -12.70 5.26 -23.21
C LYS D 94 -12.19 6.37 -24.10
N ILE D 95 -11.82 6.00 -25.34
CA ILE D 95 -11.16 6.98 -26.20
C ILE D 95 -12.19 8.00 -26.63
N ILE D 96 -13.42 7.51 -26.86
CA ILE D 96 -14.57 8.35 -27.21
C ILE D 96 -14.81 9.37 -26.13
N ARG D 97 -15.04 8.86 -24.92
CA ARG D 97 -15.30 9.74 -23.79
C ARG D 97 -14.15 10.74 -23.53
N ALA D 98 -12.93 10.34 -23.82
CA ALA D 98 -11.79 11.23 -23.65
C ALA D 98 -11.74 12.28 -24.77
N ALA D 99 -12.28 11.92 -25.95
CA ALA D 99 -12.32 12.80 -27.12
C ALA D 99 -13.28 13.96 -26.95
N GLN D 100 -14.50 13.63 -26.55
CA GLN D 100 -15.59 14.62 -26.56
C GLN D 100 -15.99 15.22 -25.20
N GLU D 101 -15.24 14.92 -24.15
CA GLU D 101 -15.56 15.42 -22.81
C GLU D 101 -15.42 16.94 -22.70
N ASN D 102 -14.60 17.54 -23.55
CA ASN D 102 -14.34 18.97 -23.45
C ASN D 102 -15.26 19.80 -24.31
N GLY D 103 -16.13 19.14 -25.07
CA GLY D 103 -17.06 19.86 -25.94
C GLY D 103 -16.38 20.73 -26.98
N THR D 104 -15.22 20.29 -27.45
CA THR D 104 -14.61 20.89 -28.61
C THR D 104 -14.91 20.04 -29.86
N VAL D 105 -15.16 18.75 -29.68
CA VAL D 105 -15.24 17.83 -30.83
C VAL D 105 -16.38 18.25 -31.75
N ALA D 106 -16.12 18.16 -33.05
CA ALA D 106 -17.01 18.65 -34.08
C ALA D 106 -18.35 17.94 -34.04
N ILE D 107 -19.43 18.70 -34.12
CA ILE D 107 -20.79 18.18 -33.94
C ILE D 107 -21.14 17.06 -34.96
N ASN D 108 -20.56 17.14 -36.14
CA ASN D 108 -20.71 16.09 -37.17
C ASN D 108 -19.99 14.82 -36.76
N ASN D 109 -18.86 14.99 -36.10
CA ASN D 109 -17.97 13.89 -35.75
C ASN D 109 -18.36 13.21 -34.43
N ARG D 110 -19.18 13.90 -33.64
CA ARG D 110 -19.52 13.48 -32.26
C ARG D 110 -20.15 12.09 -32.23
N ILE D 111 -19.70 11.24 -31.32
CA ILE D 111 -20.31 9.93 -31.14
C ILE D 111 -21.10 9.86 -29.84
N PRO D 112 -22.43 9.65 -29.92
CA PRO D 112 -23.25 9.64 -28.73
C PRO D 112 -23.16 8.28 -28.05
N LEU D 113 -22.86 8.32 -26.75
CA LEU D 113 -22.59 7.10 -25.99
C LEU D 113 -23.73 6.74 -25.07
N GLN D 114 -23.98 5.44 -25.02
CA GLN D 114 -25.16 4.91 -24.39
C GLN D 114 -24.65 3.72 -23.65
N SER D 115 -25.26 3.43 -22.50
CA SER D 115 -24.86 2.29 -21.71
C SER D 115 -24.86 1.00 -22.54
N LEU D 116 -24.02 0.04 -22.16
CA LEU D 116 -23.84 -1.09 -23.03
C LEU D 116 -25.13 -1.88 -22.95
N THR D 117 -25.72 -2.16 -24.10
CA THR D 117 -26.91 -3.00 -24.16
C THR D 117 -26.63 -4.31 -23.46
N ALA D 118 -27.55 -4.72 -22.58
CA ALA D 118 -27.31 -5.84 -21.72
C ALA D 118 -28.23 -6.98 -22.06
N ALA D 119 -27.68 -8.18 -21.97
CA ALA D 119 -28.39 -9.40 -22.28
C ALA D 119 -29.21 -9.97 -21.11
N ASN D 120 -30.26 -10.75 -21.44
CA ASN D 120 -31.04 -11.42 -20.40
C ASN D 120 -30.67 -12.87 -20.25
N ILE D 121 -30.56 -13.55 -21.36
CA ILE D 121 -30.05 -14.89 -21.29
C ILE D 121 -28.65 -14.86 -21.91
N MET D 122 -27.74 -15.64 -21.36
CA MET D 122 -26.51 -15.91 -22.07
C MET D 122 -26.35 -17.41 -22.30
N VAL D 123 -25.84 -17.77 -23.46
CA VAL D 123 -25.67 -19.17 -23.80
C VAL D 123 -24.22 -19.51 -23.97
N GLU D 124 -23.78 -20.55 -23.26
CA GLU D 124 -22.41 -21.05 -23.42
C GLU D 124 -22.42 -22.54 -23.63
N GLY D 125 -21.26 -23.07 -23.99
CA GLY D 125 -21.14 -24.47 -24.34
C GLY D 125 -19.71 -24.88 -24.54
N SER D 126 -19.52 -25.98 -25.23
CA SER D 126 -18.20 -26.55 -25.37
C SER D 126 -18.21 -27.53 -26.51
N ILE D 127 -17.06 -27.66 -27.18
CA ILE D 127 -16.88 -28.77 -28.08
C ILE D 127 -16.51 -29.96 -27.24
N ILE D 128 -17.50 -30.83 -27.02
CA ILE D 128 -17.30 -31.99 -26.16
C ILE D 128 -16.96 -33.24 -26.97
N GLY D 129 -15.67 -33.47 -27.19
CA GLY D 129 -15.22 -34.62 -27.94
C GLY D 129 -15.04 -34.56 -29.47
N TYR D 130 -13.93 -35.14 -29.89
CA TYR D 130 -13.70 -35.47 -31.30
C TYR D 130 -12.98 -36.79 -31.30
N GLU D 131 -13.70 -37.84 -31.62
CA GLU D 131 -13.08 -39.16 -31.73
C GLU D 131 -12.76 -39.37 -33.20
N SER D 132 -11.67 -40.08 -33.49
CA SER D 132 -11.18 -40.19 -34.85
C SER D 132 -11.18 -41.64 -35.36
N ASN D 133 -11.55 -41.82 -36.63
CA ASN D 133 -11.78 -43.15 -37.22
C ASN D 133 -12.68 -44.00 -36.33
N VAL D 134 -13.84 -43.45 -36.03
CA VAL D 134 -14.83 -44.11 -35.18
C VAL D 134 -15.30 -45.33 -35.95
N LYS D 135 -15.39 -45.17 -37.27
CA LYS D 135 -15.53 -46.32 -38.16
C LYS D 135 -14.62 -46.19 -39.37
N SER D 136 -14.36 -47.32 -40.00
CA SER D 136 -13.54 -47.35 -41.19
C SER D 136 -13.72 -48.66 -41.94
N GLY D 137 -13.39 -48.63 -43.21
CA GLY D 137 -13.45 -49.84 -44.04
C GLY D 137 -12.77 -49.71 -45.38
N GLY D 138 -12.71 -50.80 -46.14
CA GLY D 138 -12.11 -50.77 -47.46
C GLY D 138 -12.46 -51.99 -48.29
N VAL D 139 -12.60 -51.78 -49.59
CA VAL D 139 -12.88 -52.87 -50.54
C VAL D 139 -12.07 -52.69 -51.81
N GLY D 140 -11.33 -53.74 -52.18
CA GLY D 140 -10.46 -53.69 -53.35
C GLY D 140 -10.31 -55.03 -54.05
N ALA D 141 -10.20 -54.98 -55.38
CA ALA D 141 -10.08 -56.19 -56.18
C ALA D 141 -9.16 -55.99 -57.39
N ARG D 142 -8.35 -57.01 -57.68
CA ARG D 142 -7.48 -56.97 -58.82
C ARG D 142 -7.63 -58.26 -59.61
N TYR D 143 -7.52 -58.16 -60.92
CA TYR D 143 -7.80 -59.28 -61.83
C TYR D 143 -6.68 -59.45 -62.85
N GLY D 145 -4.56 -58.23 -64.01
CA GLY D 145 -3.70 -57.10 -64.34
C GLY D 145 -4.30 -55.77 -63.91
N ILE D 146 -5.60 -55.73 -63.71
CA ILE D 146 -6.32 -54.50 -63.47
C ILE D 146 -7.00 -54.49 -62.12
N GLY D 147 -6.97 -53.35 -61.44
CA GLY D 147 -7.45 -53.31 -60.08
C GLY D 147 -8.00 -51.97 -59.62
N ALA D 148 -8.87 -52.03 -58.62
CA ALA D 148 -9.40 -50.83 -58.00
C ALA D 148 -9.65 -51.08 -56.52
N ASP D 149 -9.86 -49.99 -55.78
CA ASP D 149 -10.16 -50.10 -54.36
C ASP D 149 -10.71 -48.79 -53.82
N THR D 150 -11.61 -48.87 -52.84
CA THR D 150 -11.96 -47.70 -52.06
C THR D 150 -11.68 -47.97 -50.59
N GLN D 151 -11.45 -46.89 -49.85
CA GLN D 151 -11.30 -46.94 -48.43
C GLN D 151 -12.06 -45.79 -47.83
N TYR D 152 -12.69 -45.99 -46.69
CA TYR D 152 -13.39 -44.90 -46.03
C TYR D 152 -13.12 -44.87 -44.53
N GLN D 153 -13.06 -43.66 -43.97
CA GLN D 153 -13.00 -43.49 -42.53
C GLN D 153 -13.99 -42.43 -42.10
N LEU D 154 -14.44 -42.51 -40.87
CA LEU D 154 -15.28 -41.43 -40.31
C LEU D 154 -15.02 -41.16 -38.83
N ASP D 155 -15.18 -39.89 -38.47
CA ASP D 155 -14.82 -39.33 -37.17
C ASP D 155 -16.04 -38.65 -36.56
N GLN D 156 -16.02 -38.45 -35.25
CA GLN D 156 -17.18 -37.90 -34.53
C GLN D 156 -16.85 -36.57 -33.90
N ILE D 157 -17.86 -35.73 -33.72
CA ILE D 157 -17.68 -34.46 -33.06
C ILE D 157 -18.98 -34.13 -32.33
N ALA D 158 -18.88 -33.62 -31.10
CA ALA D 158 -20.09 -33.30 -30.36
C ALA D 158 -19.99 -31.91 -29.76
N VAL D 159 -21.14 -31.28 -29.59
CA VAL D 159 -21.19 -29.93 -29.10
C VAL D 159 -22.30 -29.69 -28.09
N ASN D 160 -21.93 -29.08 -26.96
CA ASN D 160 -22.89 -28.73 -25.89
C ASN D 160 -23.16 -27.26 -26.01
N LEU D 161 -24.44 -26.94 -26.12
CA LEU D 161 -24.86 -25.56 -25.92
C LEU D 161 -25.83 -25.52 -24.77
N ARG D 162 -25.82 -24.43 -24.03
CA ARG D 162 -26.76 -24.30 -22.91
C ARG D 162 -27.13 -22.85 -22.54
N VAL D 163 -28.43 -22.61 -22.38
CA VAL D 163 -28.97 -21.29 -22.04
C VAL D 163 -28.98 -21.14 -20.56
N VAL D 164 -28.32 -20.09 -20.10
CA VAL D 164 -28.23 -19.79 -18.68
C VAL D 164 -28.97 -18.49 -18.42
N ASN D 165 -29.75 -18.48 -17.33
CA ASN D 165 -30.52 -17.32 -16.98
C ASN D 165 -29.69 -16.38 -16.14
N VAL D 166 -29.48 -15.15 -16.63
CA VAL D 166 -28.60 -14.17 -15.97
C VAL D 166 -29.15 -13.81 -14.62
N SER D 167 -30.47 -13.74 -14.55
CA SER D 167 -31.13 -13.27 -13.35
C SER D 167 -31.05 -14.27 -12.19
N THR D 168 -30.64 -15.52 -12.46
CA THR D 168 -30.61 -16.55 -11.43
C THR D 168 -29.35 -17.44 -11.46
N GLY D 169 -28.86 -17.72 -12.64
CA GLY D 169 -27.86 -18.74 -12.76
C GLY D 169 -28.42 -20.12 -13.00
N GLU D 170 -29.75 -20.27 -12.89
CA GLU D 170 -30.42 -21.46 -13.42
C GLU D 170 -30.07 -21.65 -14.90
N ILE D 171 -29.58 -22.84 -15.25
CA ILE D 171 -29.52 -23.22 -16.63
C ILE D 171 -30.96 -23.50 -17.12
N LEU D 172 -31.37 -22.81 -18.18
CA LEU D 172 -32.73 -22.94 -18.67
C LEU D 172 -32.87 -24.00 -19.77
N SER D 173 -31.72 -24.44 -20.28
CA SER D 173 -31.70 -25.48 -21.30
C SER D 173 -30.28 -25.97 -21.52
N SER D 174 -30.12 -27.28 -21.59
CA SER D 174 -28.87 -27.86 -22.11
C SER D 174 -29.19 -28.78 -23.28
N VAL D 175 -28.38 -28.70 -24.33
CA VAL D 175 -28.53 -29.58 -25.49
C VAL D 175 -27.20 -30.14 -26.00
N ASN D 176 -27.22 -31.38 -26.49
CA ASN D 176 -26.00 -32.12 -26.83
C ASN D 176 -26.06 -32.68 -28.26
N THR D 177 -25.53 -31.93 -29.24
CA THR D 177 -25.59 -32.35 -30.64
C THR D 177 -24.32 -33.09 -31.04
N SER D 178 -24.41 -33.86 -32.13
CA SER D 178 -23.28 -34.65 -32.64
C SER D 178 -23.29 -34.76 -34.16
N LYS D 179 -22.12 -34.98 -34.75
CA LYS D 179 -21.99 -34.94 -36.20
C LYS D 179 -20.79 -35.77 -36.64
N THR D 180 -20.94 -36.43 -37.77
CA THR D 180 -19.94 -37.33 -38.26
C THR D 180 -19.19 -36.75 -39.48
N ILE D 181 -17.86 -36.83 -39.43
CA ILE D 181 -17.01 -36.33 -40.52
C ILE D 181 -16.58 -37.48 -41.43
N LEU D 182 -17.01 -37.42 -42.68
CA LEU D 182 -16.73 -38.48 -43.68
C LEU D 182 -15.46 -38.26 -44.53
N SER D 183 -14.71 -39.35 -44.75
CA SER D 183 -13.54 -39.33 -45.59
C SER D 183 -13.49 -40.60 -46.41
N TYR D 184 -13.08 -40.46 -47.67
CA TYR D 184 -12.92 -41.64 -48.54
C TYR D 184 -11.85 -41.46 -49.62
N GLU D 185 -11.32 -42.60 -50.04
CA GLU D 185 -10.25 -42.68 -51.03
C GLU D 185 -10.55 -43.72 -52.10
N VAL D 186 -10.80 -43.26 -53.31
CA VAL D 186 -11.05 -44.13 -54.44
C VAL D 186 -9.80 -44.21 -55.31
N GLN D 187 -9.50 -45.40 -55.81
CA GLN D 187 -8.28 -45.58 -56.53
C GLN D 187 -8.37 -46.75 -57.55
N ALA D 188 -7.82 -46.53 -58.74
CA ALA D 188 -7.84 -47.56 -59.80
C ALA D 188 -6.52 -47.57 -60.55
N GLY D 189 -6.03 -48.76 -60.88
CA GLY D 189 -4.77 -48.89 -61.59
C GLY D 189 -4.74 -50.05 -62.55
N VAL D 190 -4.15 -49.85 -63.72
CA VAL D 190 -3.98 -50.92 -64.71
C VAL D 190 -2.48 -51.23 -64.85
N PHE D 191 -2.13 -52.52 -64.85
CA PHE D 191 -0.71 -52.91 -64.81
C PHE D 191 -0.39 -54.08 -65.77
N ARG D 192 0.80 -54.01 -66.36
CA ARG D 192 1.42 -55.15 -67.01
C ARG D 192 2.95 -54.99 -67.01
N LEU D 200 3.56 -51.60 -69.15
CA LEU D 200 2.42 -50.70 -69.05
C LEU D 200 1.91 -50.61 -67.62
N GLU D 201 2.04 -49.42 -67.03
CA GLU D 201 1.29 -49.06 -65.84
C GLU D 201 0.44 -47.80 -66.08
N GLY D 202 -0.70 -47.72 -65.42
CA GLY D 202 -1.52 -46.51 -65.42
C GLY D 202 -2.42 -46.41 -64.19
N GLU D 203 -2.35 -45.28 -63.48
CA GLU D 203 -3.07 -45.14 -62.22
C GLU D 203 -3.89 -43.85 -62.11
N VAL D 204 -5.10 -43.97 -61.59
CA VAL D 204 -5.94 -42.84 -61.22
C VAL D 204 -6.32 -42.95 -59.74
N GLY D 205 -6.26 -41.83 -59.03
CA GLY D 205 -6.69 -41.77 -57.63
C GLY D 205 -7.51 -40.52 -57.30
N TYR D 206 -8.38 -40.63 -56.31
CA TYR D 206 -9.12 -39.48 -55.77
C TYR D 206 -9.38 -39.66 -54.28
N THR D 207 -9.31 -38.57 -53.51
CA THR D 207 -9.62 -38.62 -52.06
C THR D 207 -10.47 -37.42 -51.64
N SER D 208 -11.48 -37.66 -50.82
CA SER D 208 -12.33 -36.57 -50.31
C SER D 208 -12.53 -36.61 -48.80
N ASN D 209 -12.21 -35.49 -48.13
CA ASN D 209 -12.46 -35.31 -46.72
C ASN D 209 -13.52 -34.25 -46.53
N GLU D 210 -14.45 -34.51 -45.63
CA GLU D 210 -15.31 -33.45 -45.13
C GLU D 210 -14.45 -32.44 -44.33
N PRO D 211 -14.73 -31.13 -44.48
CA PRO D 211 -14.12 -30.17 -43.57
C PRO D 211 -14.67 -30.29 -42.14
N VAL D 212 -13.78 -30.50 -41.17
CA VAL D 212 -14.15 -30.53 -39.77
C VAL D 212 -14.75 -29.19 -39.36
N MET D 213 -14.08 -28.13 -39.80
CA MET D 213 -14.61 -26.78 -39.83
C MET D 213 -16.14 -26.69 -40.06
N LEU D 214 -16.58 -27.37 -41.11
CA LEU D 214 -17.91 -27.17 -41.65
C LEU D 214 -18.89 -28.02 -40.86
N CYS D 215 -18.39 -29.13 -40.33
CA CYS D 215 -19.20 -30.04 -39.51
C CYS D 215 -19.50 -29.39 -38.17
N LEU D 216 -18.47 -28.76 -37.62
CA LEU D 216 -18.61 -28.01 -36.39
C LEU D 216 -19.70 -26.98 -36.58
N MET D 217 -19.62 -26.24 -37.69
CA MET D 217 -20.55 -25.15 -37.93
C MET D 217 -21.97 -25.69 -38.03
N SER D 218 -22.14 -26.76 -38.80
CA SER D 218 -23.44 -27.43 -38.96
C SER D 218 -24.04 -27.83 -37.62
N ALA D 219 -23.24 -28.52 -36.80
CA ALA D 219 -23.72 -29.03 -35.52
C ALA D 219 -24.14 -27.90 -34.54
N ILE D 220 -23.44 -26.78 -34.61
CA ILE D 220 -23.75 -25.64 -33.76
C ILE D 220 -25.09 -25.05 -34.16
N GLU D 221 -25.33 -24.94 -35.47
CA GLU D 221 -26.61 -24.45 -35.98
C GLU D 221 -27.76 -25.32 -35.45
N THR D 222 -27.62 -26.63 -35.63
CA THR D 222 -28.58 -27.62 -35.15
C THR D 222 -28.88 -27.41 -33.68
N GLY D 223 -27.81 -27.27 -32.89
CA GLY D 223 -27.94 -26.98 -31.46
C GLY D 223 -28.74 -25.72 -31.16
N VAL D 224 -28.55 -24.69 -31.98
CA VAL D 224 -29.29 -23.45 -31.80
C VAL D 224 -30.78 -23.67 -32.03
N ILE D 225 -31.12 -24.45 -33.06
CA ILE D 225 -32.51 -24.77 -33.34
C ILE D 225 -33.13 -25.51 -32.15
N PHE D 226 -32.49 -26.59 -31.71
CA PHE D 226 -32.98 -27.36 -30.56
C PHE D 226 -33.18 -26.47 -29.32
N LEU D 227 -32.32 -25.49 -29.16
CA LEU D 227 -32.44 -24.54 -28.06
C LEU D 227 -33.68 -23.67 -28.21
N ILE D 228 -33.94 -23.19 -29.42
CA ILE D 228 -35.08 -22.31 -29.64
C ILE D 228 -36.37 -23.11 -29.42
N ASN D 229 -36.41 -24.31 -30.00
CA ASN D 229 -37.59 -25.17 -29.89
C ASN D 229 -37.86 -25.55 -28.45
N ASP D 230 -36.80 -25.91 -27.73
CA ASP D 230 -36.89 -26.19 -26.31
C ASP D 230 -37.42 -24.98 -25.51
N GLY D 231 -36.95 -23.79 -25.86
CA GLY D 231 -37.39 -22.57 -25.18
C GLY D 231 -38.84 -22.22 -25.48
N ILE D 232 -39.28 -22.54 -26.70
CA ILE D 232 -40.69 -22.38 -27.07
C ILE D 232 -41.59 -23.28 -26.21
N ASP D 233 -41.23 -24.56 -26.13
CA ASP D 233 -41.94 -25.51 -25.26
C ASP D 233 -42.00 -25.05 -23.80
N ARG D 234 -40.87 -24.64 -23.25
CA ARG D 234 -40.77 -24.29 -21.83
C ARG D 234 -41.25 -22.87 -21.48
N GLY D 235 -41.69 -22.12 -22.49
CA GLY D 235 -42.23 -20.79 -22.27
C GLY D 235 -41.19 -19.73 -21.96
N LEU D 236 -39.98 -19.88 -22.53
CA LEU D 236 -38.99 -18.80 -22.47
C LEU D 236 -39.42 -17.68 -23.41
N TRP D 237 -39.76 -18.06 -24.64
CA TRP D 237 -40.16 -17.11 -25.67
C TRP D 237 -41.34 -17.64 -26.47
N ASP D 238 -42.00 -16.75 -27.22
CA ASP D 238 -43.23 -17.10 -27.93
C ASP D 238 -43.22 -16.74 -29.41
N LEU D 239 -43.93 -17.53 -30.21
CA LEU D 239 -44.01 -17.33 -31.65
C LEU D 239 -44.96 -16.18 -31.97
N GLN D 240 -44.61 -15.44 -33.01
CA GLN D 240 -45.51 -14.44 -33.57
C GLN D 240 -46.86 -15.07 -33.92
N ASN D 241 -46.80 -16.10 -34.74
CA ASN D 241 -47.99 -16.84 -35.17
C ASN D 241 -48.07 -18.18 -34.46
N LYS D 242 -49.06 -18.30 -33.57
CA LYS D 242 -49.24 -19.54 -32.82
C LYS D 242 -49.63 -20.66 -33.78
N ALA D 243 -50.23 -20.26 -34.90
CA ALA D 243 -50.57 -21.16 -36.00
C ALA D 243 -49.34 -21.80 -36.61
N GLU D 244 -48.17 -21.21 -36.37
CA GLU D 244 -46.94 -21.71 -36.96
C GLU D 244 -46.22 -22.69 -36.04
N ARG D 245 -46.89 -23.13 -34.97
CA ARG D 245 -46.31 -24.15 -34.09
C ARG D 245 -45.98 -25.44 -34.82
N GLN D 246 -46.81 -25.81 -35.80
CA GLN D 246 -46.62 -27.06 -36.53
C GLN D 246 -45.80 -26.88 -37.80
N ASN D 247 -45.05 -25.78 -37.85
CA ASN D 247 -44.01 -25.59 -38.86
C ASN D 247 -43.22 -26.87 -39.14
N ASP D 248 -42.94 -27.12 -40.42
CA ASP D 248 -42.23 -28.35 -40.84
C ASP D 248 -40.93 -28.55 -40.06
N ILE D 249 -40.15 -27.47 -39.97
CA ILE D 249 -38.84 -27.51 -39.34
C ILE D 249 -38.99 -27.78 -37.84
N LEU D 250 -39.88 -27.02 -37.20
CA LEU D 250 -40.08 -27.14 -35.75
C LEU D 250 -40.55 -28.54 -35.34
N VAL D 251 -41.42 -29.14 -36.15
CA VAL D 251 -41.90 -30.50 -35.86
C VAL D 251 -40.84 -31.57 -36.19
N LYS D 252 -39.94 -31.24 -37.11
CA LYS D 252 -38.84 -32.13 -37.45
C LYS D 252 -37.88 -32.26 -36.25
N TYR D 253 -37.53 -31.12 -35.64
CA TYR D 253 -36.61 -31.11 -34.50
C TYR D 253 -37.31 -31.55 -33.23
N ARG D 254 -38.61 -31.25 -33.14
CA ARG D 254 -39.46 -31.77 -32.07
C ARG D 254 -39.44 -33.30 -32.10
N HIS D 255 -39.47 -33.85 -33.32
CA HIS D 255 -39.46 -35.30 -33.51
C HIS D 255 -38.12 -35.93 -33.13
N MET D 256 -37.02 -35.20 -33.34
CA MET D 256 -35.70 -35.74 -33.00
C MET D 256 -35.51 -35.84 -31.47
N SER D 257 -36.27 -35.03 -30.72
CA SER D 257 -36.25 -35.07 -29.24
C SER D 257 -37.01 -36.27 -28.69
N LEU E 2 -15.73 -28.12 -59.14
CA LEU E 2 -15.43 -29.12 -58.09
C LEU E 2 -13.97 -28.97 -57.61
N THR E 3 -13.71 -27.79 -57.02
CA THR E 3 -12.54 -27.51 -56.19
C THR E 3 -12.93 -26.61 -54.99
N ALA E 4 -14.19 -26.20 -54.94
CA ALA E 4 -14.79 -25.70 -53.69
C ALA E 4 -15.06 -26.92 -52.76
N PRO E 5 -15.71 -26.71 -51.59
CA PRO E 5 -15.63 -27.84 -50.69
C PRO E 5 -16.62 -28.94 -51.02
N PRO E 6 -16.47 -30.12 -50.39
CA PRO E 6 -17.50 -31.17 -50.42
C PRO E 6 -18.66 -30.87 -49.47
N LYS E 7 -19.85 -31.37 -49.78
CA LYS E 7 -21.04 -31.07 -48.97
C LYS E 7 -21.32 -32.16 -47.94
N GLU E 8 -22.23 -31.84 -47.01
CA GLU E 8 -22.39 -32.60 -45.76
C GLU E 8 -22.90 -34.01 -46.00
N ALA E 9 -22.10 -34.99 -45.61
CA ALA E 9 -22.50 -36.39 -45.62
C ALA E 9 -22.99 -36.78 -44.22
N ALA E 10 -24.27 -37.10 -44.13
CA ALA E 10 -24.99 -37.32 -42.86
C ALA E 10 -25.44 -35.98 -42.25
N ARG E 11 -26.46 -36.02 -41.40
CA ARG E 11 -26.98 -34.77 -40.83
C ARG E 11 -26.59 -34.71 -39.36
N PRO E 12 -26.47 -33.50 -38.81
CA PRO E 12 -26.27 -33.38 -37.38
C PRO E 12 -27.46 -33.94 -36.63
N THR E 13 -27.24 -35.03 -35.90
CA THR E 13 -28.23 -35.54 -34.96
C THR E 13 -27.96 -34.97 -33.57
N LEU E 14 -28.94 -35.00 -32.67
CA LEU E 14 -28.61 -34.75 -31.26
C LEU E 14 -27.92 -36.01 -30.67
N MET E 15 -27.14 -35.83 -29.61
CA MET E 15 -25.98 -36.70 -29.37
C MET E 15 -26.51 -38.08 -29.00
N PRO E 16 -26.08 -39.11 -29.74
CA PRO E 16 -26.52 -40.50 -29.55
C PRO E 16 -26.24 -41.14 -28.17
N ARG E 17 -27.09 -40.82 -27.21
CA ARG E 17 -27.06 -41.49 -25.91
C ARG E 17 -27.92 -42.75 -25.97
N ALA E 18 -27.54 -43.80 -25.26
CA ALA E 18 -28.29 -45.07 -25.31
C ALA E 18 -29.00 -45.44 -24.01
N GLN E 19 -28.60 -46.55 -23.38
CA GLN E 19 -29.44 -47.20 -22.36
C GLN E 19 -29.50 -46.41 -21.05
N SER E 20 -28.31 -46.06 -20.56
CA SER E 20 -28.16 -45.18 -19.41
C SER E 20 -29.12 -43.99 -19.48
N TYR E 21 -29.12 -43.30 -20.62
CA TYR E 21 -30.04 -42.18 -20.88
C TYR E 21 -31.52 -42.55 -20.72
N LYS E 22 -31.94 -43.64 -21.36
CA LYS E 22 -33.32 -44.09 -21.32
C LYS E 22 -33.78 -44.40 -19.89
N ASP E 23 -32.93 -45.04 -19.12
CA ASP E 23 -33.18 -45.26 -17.70
C ASP E 23 -33.28 -43.94 -16.95
N LEU E 24 -32.34 -43.05 -17.20
CA LEU E 24 -32.21 -41.79 -16.47
C LEU E 24 -33.41 -40.87 -16.69
N THR E 25 -33.97 -40.90 -17.90
CA THR E 25 -35.11 -40.04 -18.25
C THR E 25 -36.43 -40.54 -17.66
N HIS E 26 -36.66 -41.84 -17.78
CA HIS E 26 -37.90 -42.47 -17.29
C HIS E 26 -37.81 -42.83 -15.81
N LEU E 27 -37.15 -41.99 -15.02
CA LEU E 27 -37.10 -42.18 -13.58
C LEU E 27 -38.30 -41.48 -12.94
N PRO E 28 -38.96 -42.15 -11.97
CA PRO E 28 -40.12 -41.58 -11.28
C PRO E 28 -39.78 -40.30 -10.54
N ALA E 29 -40.56 -39.25 -10.76
CA ALA E 29 -40.16 -37.90 -10.34
C ALA E 29 -40.27 -37.69 -8.81
N PRO E 30 -39.38 -36.88 -8.23
CA PRO E 30 -39.39 -36.56 -6.79
C PRO E 30 -40.50 -35.57 -6.46
N THR E 31 -40.66 -35.25 -5.18
CA THR E 31 -41.70 -34.29 -4.73
C THR E 31 -41.43 -32.84 -5.19
N GLY E 32 -40.16 -32.51 -5.38
CA GLY E 32 -39.77 -31.29 -6.06
C GLY E 32 -38.36 -31.46 -6.62
N LYS E 33 -38.02 -30.72 -7.66
CA LYS E 33 -36.67 -30.82 -8.19
C LYS E 33 -35.66 -30.26 -7.18
N ILE E 34 -34.44 -30.78 -7.19
CA ILE E 34 -33.42 -30.35 -6.23
C ILE E 34 -32.41 -29.46 -6.96
N PHE E 35 -31.95 -28.42 -6.27
CA PHE E 35 -31.00 -27.45 -6.80
C PHE E 35 -29.59 -27.98 -6.65
N VAL E 36 -28.85 -28.05 -7.77
CA VAL E 36 -27.48 -28.63 -7.71
C VAL E 36 -26.44 -27.71 -8.38
N SER E 37 -25.21 -27.82 -7.92
CA SER E 37 -24.11 -27.07 -8.48
C SER E 37 -23.01 -27.97 -8.89
N VAL E 38 -22.51 -27.78 -10.09
CA VAL E 38 -21.30 -28.53 -10.49
C VAL E 38 -20.24 -27.53 -10.89
N TYR E 39 -19.11 -27.55 -10.18
CA TYR E 39 -18.03 -26.60 -10.41
C TYR E 39 -17.06 -27.22 -11.42
N ASN E 40 -16.60 -28.45 -11.17
CA ASN E 40 -15.61 -29.08 -12.05
C ASN E 40 -15.37 -30.59 -11.79
N ILE E 41 -15.39 -31.38 -12.86
CA ILE E 41 -14.98 -32.77 -12.79
C ILE E 41 -13.75 -32.96 -13.69
N GLN E 42 -12.62 -33.34 -13.10
CA GLN E 42 -11.33 -33.29 -13.81
C GLN E 42 -11.02 -34.59 -14.50
N ASP E 43 -10.15 -34.51 -15.50
CA ASP E 43 -9.55 -35.71 -16.13
C ASP E 43 -8.40 -36.26 -15.29
N GLU E 44 -8.71 -36.73 -14.08
CA GLU E 44 -7.69 -37.16 -13.15
C GLU E 44 -6.96 -38.43 -13.66
N THR E 45 -7.11 -38.76 -14.96
CA THR E 45 -6.78 -40.12 -15.49
C THR E 45 -5.31 -40.29 -15.75
N GLY E 46 -4.68 -39.22 -16.21
CA GLY E 46 -3.20 -39.18 -16.33
C GLY E 46 -2.69 -39.77 -17.65
N GLN E 47 -3.55 -39.79 -18.63
CA GLN E 47 -3.28 -40.63 -19.72
C GLN E 47 -3.48 -39.94 -21.04
N PHE E 48 -2.58 -40.24 -21.95
CA PHE E 48 -2.60 -39.69 -23.29
C PHE E 48 -2.58 -40.81 -24.31
N LYS E 49 -2.82 -40.44 -25.56
CA LYS E 49 -2.87 -41.41 -26.64
C LYS E 49 -1.47 -41.73 -27.06
N PRO E 50 -1.24 -42.99 -27.45
CA PRO E 50 0.06 -43.42 -27.93
C PRO E 50 0.34 -42.96 -29.38
N TYR E 51 1.61 -43.08 -29.78
CA TYR E 51 1.93 -42.95 -31.18
C TYR E 51 0.98 -43.77 -32.06
N PRO E 52 0.48 -43.20 -33.16
CA PRO E 52 0.81 -41.91 -33.78
C PRO E 52 0.01 -40.69 -33.36
N ALA E 53 -0.70 -40.75 -32.24
CA ALA E 53 -1.46 -39.57 -31.79
C ALA E 53 -0.51 -38.47 -31.40
N SER E 54 -1.05 -37.26 -31.35
CA SER E 54 -0.22 -36.18 -30.85
C SER E 54 0.15 -36.55 -29.42
N ASN E 55 1.38 -36.19 -29.05
CA ASN E 55 1.83 -36.34 -27.67
C ASN E 55 0.84 -35.76 -26.64
N PHE E 56 0.11 -34.74 -27.08
CA PHE E 56 -0.77 -33.95 -26.21
C PHE E 56 -2.20 -34.42 -26.25
N SER E 57 -2.52 -35.41 -27.07
CA SER E 57 -3.91 -35.86 -27.16
C SER E 57 -4.20 -36.69 -25.91
N THR E 58 -5.13 -36.19 -25.11
CA THR E 58 -5.54 -36.89 -23.91
C THR E 58 -6.32 -38.13 -24.27
N ALA E 59 -6.27 -39.10 -23.40
CA ALA E 59 -6.99 -40.31 -23.73
C ALA E 59 -8.50 -40.14 -23.53
N VAL E 60 -8.88 -39.13 -22.75
CA VAL E 60 -10.27 -38.95 -22.35
C VAL E 60 -10.63 -37.48 -22.57
N PRO E 61 -11.85 -37.22 -23.08
CA PRO E 61 -12.26 -35.81 -23.25
C PRO E 61 -12.39 -35.03 -21.94
N GLN E 62 -12.03 -33.75 -22.00
CA GLN E 62 -11.90 -32.91 -20.79
C GLN E 62 -13.22 -32.30 -20.47
N SER E 63 -14.29 -33.03 -20.75
CA SER E 63 -15.62 -32.43 -20.90
C SER E 63 -16.62 -32.97 -19.89
N ALA E 64 -16.10 -33.72 -18.91
CA ALA E 64 -16.96 -34.51 -18.03
C ALA E 64 -17.92 -33.65 -17.24
N THR E 65 -17.45 -32.48 -16.86
CA THR E 65 -18.26 -31.50 -16.11
C THR E 65 -19.59 -31.18 -16.78
N ALA E 66 -19.53 -30.89 -18.08
CA ALA E 66 -20.74 -30.52 -18.82
C ALA E 66 -21.65 -31.73 -19.02
N MET E 67 -21.04 -32.90 -19.18
CA MET E 67 -21.82 -34.10 -19.30
C MET E 67 -22.61 -34.35 -18.02
N LEU E 68 -21.95 -34.15 -16.89
CA LEU E 68 -22.59 -34.40 -15.62
C LEU E 68 -23.74 -33.44 -15.40
N VAL E 69 -23.52 -32.18 -15.71
CA VAL E 69 -24.59 -31.19 -15.58
C VAL E 69 -25.79 -31.60 -16.44
N THR E 70 -25.49 -32.02 -17.67
CA THR E 70 -26.54 -32.40 -18.61
C THR E 70 -27.31 -33.60 -18.10
N ALA E 71 -26.58 -34.59 -17.61
CA ALA E 71 -27.22 -35.77 -17.05
C ALA E 71 -28.12 -35.37 -15.88
N LEU E 72 -27.61 -34.50 -15.02
CA LEU E 72 -28.36 -34.08 -13.84
C LEU E 72 -29.64 -33.40 -14.28
N LYS E 73 -29.65 -32.84 -15.48
CA LYS E 73 -30.83 -32.13 -15.94
C LYS E 73 -31.80 -33.10 -16.56
N ASP E 74 -31.27 -34.01 -17.38
CA ASP E 74 -32.12 -34.94 -18.12
C ASP E 74 -32.92 -35.85 -17.18
N SER E 75 -32.37 -36.09 -15.99
CA SER E 75 -33.00 -36.98 -14.99
C SER E 75 -34.34 -36.44 -14.48
N ARG E 76 -34.51 -35.11 -14.55
CA ARG E 76 -35.71 -34.41 -14.06
C ARG E 76 -35.85 -34.58 -12.57
N TRP E 77 -34.70 -34.62 -11.91
CA TRP E 77 -34.65 -34.58 -10.45
C TRP E 77 -34.01 -33.26 -9.97
N PHE E 78 -33.07 -32.75 -10.76
CA PHE E 78 -32.23 -31.63 -10.36
C PHE E 78 -32.39 -30.47 -11.34
N ILE E 79 -32.34 -29.26 -10.79
CA ILE E 79 -32.05 -28.04 -11.56
C ILE E 79 -30.57 -27.71 -11.38
N PRO E 80 -29.83 -27.62 -12.49
CA PRO E 80 -28.44 -27.28 -12.30
C PRO E 80 -28.27 -25.79 -12.35
N LEU E 81 -27.51 -25.27 -11.40
CA LEU E 81 -27.13 -23.90 -11.41
C LEU E 81 -25.77 -23.80 -12.08
N GLU E 82 -25.64 -22.75 -12.88
CA GLU E 82 -24.43 -22.49 -13.69
C GLU E 82 -23.33 -21.95 -12.78
N ARG E 83 -22.33 -22.80 -12.52
CA ARG E 83 -21.10 -22.39 -11.89
C ARG E 83 -19.82 -22.56 -12.77
N GLN E 84 -19.88 -23.35 -13.83
CA GLN E 84 -18.72 -23.55 -14.70
C GLN E 84 -18.28 -22.34 -15.54
N GLY E 85 -19.19 -21.44 -15.67
CA GLY E 85 -18.78 -20.18 -16.16
C GLY E 85 -19.16 -19.00 -15.26
N LEU E 86 -19.02 -19.16 -13.95
CA LEU E 86 -19.69 -18.26 -13.03
C LEU E 86 -19.22 -16.84 -13.28
N GLN E 87 -17.95 -16.71 -13.66
CA GLN E 87 -17.31 -15.39 -13.79
C GLN E 87 -18.04 -14.52 -14.86
N ASN E 88 -18.41 -15.16 -15.97
CA ASN E 88 -19.15 -14.49 -17.03
C ASN E 88 -20.55 -14.10 -16.60
N LEU E 89 -21.18 -14.98 -15.83
CA LEU E 89 -22.49 -14.72 -15.30
C LEU E 89 -22.48 -13.44 -14.43
N LEU E 90 -21.44 -13.30 -13.61
CA LEU E 90 -21.31 -12.15 -12.70
C LEU E 90 -21.01 -10.88 -13.49
N ASN E 91 -20.33 -11.06 -14.61
CA ASN E 91 -20.00 -9.95 -15.45
C ASN E 91 -21.25 -9.40 -16.08
N GLU E 92 -22.06 -10.28 -16.66
CA GLU E 92 -23.26 -9.84 -17.35
C GLU E 92 -24.13 -9.11 -16.33
N ARG E 93 -24.11 -9.58 -15.11
CA ARG E 93 -24.91 -8.95 -14.09
C ARG E 93 -24.34 -7.58 -13.71
N LYS E 94 -23.03 -7.41 -13.81
CA LYS E 94 -22.40 -6.07 -13.66
C LYS E 94 -22.84 -5.13 -14.77
N ILE E 95 -22.90 -5.66 -16.00
CA ILE E 95 -23.30 -4.85 -17.13
C ILE E 95 -24.78 -4.42 -17.05
N ILE E 96 -25.62 -5.37 -16.63
CA ILE E 96 -27.03 -5.11 -16.37
C ILE E 96 -27.16 -3.99 -15.38
N ARG E 97 -26.61 -4.21 -14.19
CA ARG E 97 -26.73 -3.21 -13.12
C ARG E 97 -26.19 -1.83 -13.53
N ALA E 98 -25.17 -1.82 -14.39
CA ALA E 98 -24.61 -0.57 -14.87
C ALA E 98 -25.53 0.07 -15.92
N ALA E 99 -26.28 -0.77 -16.64
CA ALA E 99 -27.24 -0.30 -17.63
C ALA E 99 -28.43 0.45 -17.02
N GLN E 100 -29.05 -0.16 -16.03
CA GLN E 100 -30.37 0.29 -15.56
C GLN E 100 -30.37 1.03 -14.23
N GLU E 101 -29.19 1.35 -13.72
CA GLU E 101 -29.09 2.02 -12.44
C GLU E 101 -29.61 3.46 -12.48
N ASN E 102 -29.60 4.07 -13.67
CA ASN E 102 -29.99 5.47 -13.80
C ASN E 102 -31.48 5.63 -14.13
N GLY E 103 -32.19 4.52 -14.30
CA GLY E 103 -33.63 4.58 -14.59
C GLY E 103 -33.95 5.31 -15.87
N THR E 104 -33.07 5.19 -16.84
CA THR E 104 -33.37 5.64 -18.17
C THR E 104 -33.78 4.43 -19.02
N VAL E 105 -33.29 3.23 -18.68
CA VAL E 105 -33.46 2.07 -19.56
C VAL E 105 -34.93 1.74 -19.76
N ALA E 106 -35.27 1.40 -21.01
CA ALA E 106 -36.65 1.25 -21.46
C ALA E 106 -37.34 0.12 -20.69
N ILE E 107 -38.57 0.38 -20.23
CA ILE E 107 -39.30 -0.53 -19.35
C ILE E 107 -39.50 -1.93 -19.98
N ASN E 108 -39.61 -1.97 -21.31
CA ASN E 108 -39.70 -3.24 -22.04
C ASN E 108 -38.38 -3.99 -22.00
N ASN E 109 -37.30 -3.23 -22.04
CA ASN E 109 -35.97 -3.79 -22.17
C ASN E 109 -35.36 -4.17 -20.82
N ARG E 110 -35.95 -3.63 -19.75
CA ARG E 110 -35.41 -3.75 -18.39
C ARG E 110 -35.23 -5.21 -17.99
N ILE E 111 -34.09 -5.54 -17.38
CA ILE E 111 -33.87 -6.89 -16.88
C ILE E 111 -33.91 -6.88 -15.38
N PRO E 112 -34.89 -7.60 -14.77
CA PRO E 112 -35.00 -7.61 -13.32
C PRO E 112 -34.01 -8.60 -12.71
N LEU E 113 -33.25 -8.12 -11.73
CA LEU E 113 -32.16 -8.89 -11.16
C LEU E 113 -32.49 -9.39 -9.78
N GLN E 114 -32.09 -10.63 -9.56
CA GLN E 114 -32.49 -11.38 -8.38
C GLN E 114 -31.25 -12.09 -7.93
N SER E 115 -31.11 -12.25 -6.62
CA SER E 115 -29.87 -12.79 -6.08
C SER E 115 -29.62 -14.14 -6.73
N LEU E 116 -28.34 -14.56 -6.80
CA LEU E 116 -28.08 -15.78 -7.55
C LEU E 116 -28.68 -16.97 -6.80
N THR E 117 -29.55 -17.73 -7.47
CA THR E 117 -30.14 -18.92 -6.90
C THR E 117 -29.04 -19.85 -6.40
N ALA E 118 -29.20 -20.37 -5.19
CA ALA E 118 -28.10 -21.04 -4.48
C ALA E 118 -28.43 -22.44 -4.21
N ALA E 119 -27.42 -23.27 -4.39
CA ALA E 119 -27.59 -24.73 -4.32
C ALA E 119 -27.47 -25.26 -2.88
N ASN E 120 -28.11 -26.40 -2.60
CA ASN E 120 -27.98 -27.02 -1.29
C ASN E 120 -26.96 -28.13 -1.26
N ILE E 121 -27.05 -29.02 -2.23
CA ILE E 121 -26.02 -30.00 -2.40
C ILE E 121 -25.23 -29.61 -3.65
N MET E 122 -23.94 -29.81 -3.59
CA MET E 122 -23.20 -29.80 -4.80
C MET E 122 -22.58 -31.18 -5.01
N VAL E 123 -22.50 -31.62 -6.26
CA VAL E 123 -21.80 -32.84 -6.59
C VAL E 123 -20.57 -32.66 -7.46
N GLU E 124 -19.46 -33.25 -7.04
CA GLU E 124 -18.22 -33.19 -7.81
C GLU E 124 -17.64 -34.58 -7.92
N GLY E 125 -16.66 -34.72 -8.80
CA GLY E 125 -16.09 -36.02 -9.09
C GLY E 125 -14.87 -35.92 -9.98
N SER E 126 -14.52 -37.04 -10.60
CA SER E 126 -13.29 -37.09 -11.34
C SER E 126 -13.32 -38.26 -12.28
N ILE E 127 -12.66 -38.13 -13.43
CA ILE E 127 -12.43 -39.27 -14.28
C ILE E 127 -11.26 -39.98 -13.65
N ILE E 128 -11.55 -41.07 -12.94
CA ILE E 128 -10.54 -41.89 -12.26
C ILE E 128 -10.14 -43.04 -13.17
N GLY E 129 -9.05 -42.83 -13.87
CA GLY E 129 -8.51 -43.89 -14.71
C GLY E 129 -9.06 -44.12 -16.13
N TYR E 130 -8.10 -44.33 -17.04
CA TYR E 130 -8.36 -44.95 -18.33
C TYR E 130 -7.19 -45.89 -18.56
N GLU E 131 -7.43 -47.19 -18.43
CA GLU E 131 -6.43 -48.14 -18.85
C GLU E 131 -6.75 -48.58 -20.28
N SER E 132 -5.71 -48.87 -21.06
CA SER E 132 -5.87 -49.15 -22.49
C SER E 132 -5.43 -50.57 -22.87
N ASN E 133 -6.19 -51.20 -23.77
CA ASN E 133 -6.03 -52.63 -24.10
C ASN E 133 -5.99 -53.48 -22.86
N VAL E 134 -7.04 -53.35 -22.06
CA VAL E 134 -7.13 -54.08 -20.80
C VAL E 134 -7.29 -55.54 -21.17
N LYS E 135 -7.98 -55.76 -22.28
CA LYS E 135 -7.97 -57.06 -22.93
C LYS E 135 -7.83 -56.90 -24.45
N SER E 136 -7.37 -57.98 -25.08
CA SER E 136 -7.22 -57.99 -26.52
C SER E 136 -7.05 -59.41 -27.04
N GLY E 137 -7.36 -59.58 -28.32
CA GLY E 137 -7.22 -60.88 -28.96
C GLY E 137 -7.29 -60.81 -30.48
N GLY E 138 -7.01 -61.94 -31.13
CA GLY E 138 -7.14 -62.03 -32.57
C GLY E 138 -7.17 -63.45 -33.07
N VAL E 139 -7.94 -63.67 -34.13
CA VAL E 139 -8.02 -64.98 -34.79
C VAL E 139 -8.00 -64.81 -36.31
N GLY E 140 -7.06 -65.48 -36.96
CA GLY E 140 -6.91 -65.37 -38.42
C GLY E 140 -6.36 -66.63 -39.05
N ALA E 141 -6.84 -66.93 -40.26
CA ALA E 141 -6.36 -68.09 -41.00
C ALA E 141 -6.29 -67.80 -42.49
N ARG E 142 -5.23 -68.29 -43.11
CA ARG E 142 -5.10 -68.23 -44.55
C ARG E 142 -4.80 -69.62 -45.07
N TYR E 143 -5.36 -69.95 -46.23
CA TYR E 143 -5.27 -71.27 -46.80
C TYR E 143 -4.80 -71.20 -48.26
N GLY E 145 -4.31 -69.61 -50.39
CA GLY E 145 -4.66 -68.44 -51.18
C GLY E 145 -5.72 -67.51 -50.57
N ILE E 146 -6.64 -68.05 -49.75
CA ILE E 146 -7.80 -67.29 -49.23
C ILE E 146 -7.67 -67.13 -47.71
N GLY E 147 -7.97 -65.94 -47.18
CA GLY E 147 -7.74 -65.67 -45.76
C GLY E 147 -8.66 -64.66 -45.11
N ALA E 148 -8.81 -64.78 -43.79
CA ALA E 148 -9.53 -63.78 -43.02
C ALA E 148 -8.93 -63.66 -41.62
N ASP E 149 -9.30 -62.59 -40.92
CA ASP E 149 -8.86 -62.39 -39.54
C ASP E 149 -9.71 -61.36 -38.82
N THR E 150 -9.95 -61.55 -37.53
CA THR E 150 -10.44 -60.47 -36.70
C THR E 150 -9.47 -60.21 -35.55
N GLN E 151 -9.49 -58.98 -35.06
CA GLN E 151 -8.71 -58.60 -33.92
C GLN E 151 -9.60 -57.71 -33.06
N TYR E 152 -9.51 -57.85 -31.75
CA TYR E 152 -10.26 -56.98 -30.87
C TYR E 152 -9.44 -56.46 -29.72
N GLN E 153 -9.71 -55.22 -29.31
CA GLN E 153 -9.12 -54.68 -28.09
C GLN E 153 -10.18 -53.97 -27.28
N LEU E 154 -10.00 -53.93 -25.95
CA LEU E 154 -10.91 -53.17 -25.10
C LEU E 154 -10.20 -52.47 -23.93
N ASP E 155 -10.74 -51.30 -23.59
CA ASP E 155 -10.12 -50.35 -22.69
C ASP E 155 -11.07 -50.06 -21.57
N GLN E 156 -10.56 -49.52 -20.46
CA GLN E 156 -11.44 -49.25 -19.28
C GLN E 156 -11.48 -47.76 -18.93
N ILE E 157 -12.57 -47.34 -18.29
CA ILE E 157 -12.73 -45.95 -17.91
C ILE E 157 -13.59 -45.94 -16.66
N ALA E 158 -13.21 -45.14 -15.67
CA ALA E 158 -13.97 -45.11 -14.43
C ALA E 158 -14.21 -43.69 -14.00
N VAL E 159 -15.32 -43.50 -13.29
CA VAL E 159 -15.75 -42.17 -12.91
C VAL E 159 -16.21 -42.17 -11.47
N ASN E 160 -15.66 -41.24 -10.69
CA ASN E 160 -16.18 -40.95 -9.36
C ASN E 160 -17.16 -39.79 -9.45
N LEU E 161 -18.32 -39.95 -8.84
CA LEU E 161 -19.16 -38.82 -8.54
C LEU E 161 -19.40 -38.80 -7.07
N ARG E 162 -19.58 -37.62 -6.51
CA ARG E 162 -19.95 -37.57 -5.09
C ARG E 162 -20.75 -36.31 -4.66
N VAL E 163 -21.79 -36.55 -3.86
CA VAL E 163 -22.63 -35.49 -3.33
C VAL E 163 -22.02 -34.99 -2.08
N VAL E 164 -21.78 -33.70 -2.06
CA VAL E 164 -21.27 -32.97 -0.90
C VAL E 164 -22.28 -31.98 -0.34
N ASN E 165 -22.48 -32.03 0.98
CA ASN E 165 -23.49 -31.22 1.64
C ASN E 165 -22.89 -29.85 1.94
N VAL E 166 -23.50 -28.80 1.38
CA VAL E 166 -22.95 -27.46 1.45
C VAL E 166 -22.96 -27.01 2.84
N SER E 167 -24.00 -27.40 3.55
CA SER E 167 -24.20 -26.95 4.92
C SER E 167 -23.16 -27.50 5.93
N THR E 168 -22.39 -28.52 5.53
CA THR E 168 -21.50 -29.19 6.46
C THR E 168 -20.15 -29.56 5.87
N GLY E 169 -20.16 -29.91 4.62
CA GLY E 169 -18.97 -30.44 4.04
C GLY E 169 -18.87 -31.94 4.18
N GLU E 170 -19.78 -32.55 4.96
CA GLU E 170 -20.03 -34.00 4.85
C GLU E 170 -20.29 -34.41 3.39
N ILE E 171 -19.51 -35.33 2.86
CA ILE E 171 -19.89 -36.00 1.68
C ILE E 171 -21.13 -36.88 1.99
N LEU E 172 -22.20 -36.72 1.23
CA LEU E 172 -23.43 -37.47 1.50
C LEU E 172 -23.54 -38.76 0.66
N SER E 173 -22.69 -38.86 -0.34
CA SER E 173 -22.63 -40.04 -1.15
C SER E 173 -21.39 -40.02 -2.06
N SER E 174 -20.67 -41.13 -2.11
CA SER E 174 -19.67 -41.33 -3.15
C SER E 174 -20.02 -42.57 -3.97
N VAL E 175 -19.88 -42.48 -5.28
CA VAL E 175 -20.09 -43.63 -6.17
C VAL E 175 -18.98 -43.76 -7.20
N ASN E 176 -18.68 -45.00 -7.56
CA ASN E 176 -17.57 -45.33 -8.48
C ASN E 176 -17.97 -46.20 -9.69
N THR E 177 -18.31 -45.59 -10.83
CA THR E 177 -18.81 -46.33 -11.99
C THR E 177 -17.67 -46.62 -12.96
N SER E 178 -17.88 -47.62 -13.81
CA SER E 178 -16.86 -48.07 -14.76
C SER E 178 -17.48 -48.60 -16.06
N LYS E 179 -16.73 -48.53 -17.13
CA LYS E 179 -17.28 -48.81 -18.45
C LYS E 179 -16.15 -49.21 -19.39
N THR E 180 -16.48 -50.14 -20.27
CA THR E 180 -15.49 -50.70 -21.16
C THR E 180 -15.69 -50.20 -22.60
N ILE E 181 -14.60 -49.76 -23.22
CA ILE E 181 -14.63 -49.30 -24.60
C ILE E 181 -14.18 -50.42 -25.54
N LEU E 182 -15.08 -50.86 -26.42
CA LEU E 182 -14.80 -51.93 -27.40
C LEU E 182 -14.27 -51.46 -28.77
N SER E 183 -13.27 -52.18 -29.29
CA SER E 183 -12.72 -51.95 -30.63
C SER E 183 -12.45 -53.28 -31.34
N TYR E 184 -12.77 -53.35 -32.63
CA TYR E 184 -12.50 -54.55 -33.41
C TYR E 184 -12.25 -54.28 -34.89
N GLU E 185 -11.47 -55.18 -35.49
CA GLU E 185 -11.03 -55.05 -36.90
C GLU E 185 -11.20 -56.39 -37.63
N VAL E 186 -12.18 -56.43 -38.54
CA VAL E 186 -12.47 -57.60 -39.36
C VAL E 186 -11.85 -57.41 -40.74
N GLN E 187 -11.23 -58.47 -41.27
CA GLN E 187 -10.53 -58.39 -42.54
C GLN E 187 -10.60 -59.71 -43.30
N ALA E 188 -10.81 -59.63 -44.61
CA ALA E 188 -10.80 -60.82 -45.46
C ALA E 188 -10.13 -60.51 -46.79
N GLY E 189 -9.33 -61.44 -47.29
CA GLY E 189 -8.61 -61.25 -48.54
C GLY E 189 -8.47 -62.52 -49.36
N VAL E 190 -8.64 -62.40 -50.67
CA VAL E 190 -8.47 -63.52 -51.60
C VAL E 190 -7.27 -63.27 -52.52
N PHE E 191 -6.43 -64.28 -52.70
CA PHE E 191 -5.15 -64.09 -53.38
C PHE E 191 -4.92 -65.18 -54.42
N LEU E 200 -4.48 -62.36 -59.26
CA LEU E 200 -5.69 -61.91 -58.59
C LEU E 200 -5.45 -61.68 -57.10
N GLU E 201 -5.58 -60.42 -56.68
CA GLU E 201 -5.79 -60.10 -55.26
C GLU E 201 -7.11 -59.36 -55.07
N GLY E 202 -7.75 -59.58 -53.93
CA GLY E 202 -8.94 -58.84 -53.54
C GLY E 202 -9.10 -58.79 -52.04
N GLU E 203 -9.26 -57.59 -51.49
CA GLU E 203 -9.36 -57.44 -50.04
C GLU E 203 -10.56 -56.59 -49.58
N VAL E 204 -11.21 -57.05 -48.52
CA VAL E 204 -12.23 -56.30 -47.80
C VAL E 204 -11.82 -56.15 -46.33
N GLY E 205 -11.96 -54.94 -45.80
CA GLY E 205 -11.67 -54.68 -44.39
C GLY E 205 -12.74 -53.81 -43.74
N TYR E 206 -12.93 -53.98 -42.44
CA TYR E 206 -13.82 -53.12 -41.63
C TYR E 206 -13.29 -52.99 -40.20
N THR E 207 -13.38 -51.79 -39.62
CA THR E 207 -12.93 -51.55 -38.25
C THR E 207 -13.94 -50.69 -37.50
N SER E 208 -14.22 -51.06 -36.25
CA SER E 208 -15.16 -50.29 -35.44
C SER E 208 -14.64 -50.03 -34.03
N ASN E 209 -14.60 -48.74 -33.66
CA ASN E 209 -14.24 -48.30 -32.30
C ASN E 209 -15.44 -47.68 -31.64
N GLU E 210 -15.65 -48.03 -30.39
CA GLU E 210 -16.59 -47.27 -29.57
C GLU E 210 -16.03 -45.87 -29.34
N PRO E 211 -16.89 -44.87 -29.36
CA PRO E 211 -16.44 -43.55 -28.95
C PRO E 211 -16.21 -43.44 -27.44
N VAL E 212 -15.00 -43.04 -27.05
CA VAL E 212 -14.63 -42.86 -25.64
C VAL E 212 -15.47 -41.75 -25.03
N MET E 213 -15.63 -40.71 -25.81
CA MET E 213 -16.68 -39.72 -25.64
C MET E 213 -18.01 -40.29 -25.09
N LEU E 214 -18.50 -41.33 -25.74
CA LEU E 214 -19.88 -41.77 -25.56
C LEU E 214 -19.94 -42.69 -24.35
N CYS E 215 -18.83 -43.37 -24.10
CA CYS E 215 -18.71 -44.23 -22.93
C CYS E 215 -18.62 -43.41 -21.66
N LEU E 216 -17.86 -42.31 -21.75
CA LEU E 216 -17.77 -41.38 -20.65
C LEU E 216 -19.18 -40.89 -20.29
N MET E 217 -19.94 -40.50 -21.31
CA MET E 217 -21.24 -39.93 -21.09
C MET E 217 -22.14 -40.95 -20.43
N SER E 218 -22.12 -42.18 -20.97
CA SER E 218 -22.93 -43.32 -20.43
C SER E 218 -22.65 -43.61 -18.98
N ALA E 219 -21.35 -43.73 -18.66
CA ALA E 219 -20.94 -43.96 -17.28
C ALA E 219 -21.34 -42.83 -16.28
N ILE E 220 -21.29 -41.57 -16.73
CA ILE E 220 -21.70 -40.45 -15.88
C ILE E 220 -23.21 -40.49 -15.59
N GLU E 221 -24.01 -40.83 -16.61
CA GLU E 221 -25.47 -41.01 -16.42
C GLU E 221 -25.75 -42.07 -15.37
N THR E 222 -25.14 -43.23 -15.55
CA THR E 222 -25.23 -44.35 -14.61
C THR E 222 -24.91 -43.90 -13.18
N GLY E 223 -23.80 -43.18 -13.02
CA GLY E 223 -23.41 -42.62 -11.74
C GLY E 223 -24.50 -41.75 -11.15
N VAL E 224 -25.15 -40.94 -11.98
CA VAL E 224 -26.20 -40.04 -11.50
C VAL E 224 -27.36 -40.84 -10.96
N ILE E 225 -27.72 -41.92 -11.65
CA ILE E 225 -28.80 -42.79 -11.19
C ILE E 225 -28.43 -43.39 -9.83
N PHE E 226 -27.25 -44.00 -9.70
CA PHE E 226 -26.80 -44.59 -8.42
C PHE E 226 -26.77 -43.56 -7.29
N LEU E 227 -26.48 -42.31 -7.63
CA LEU E 227 -26.55 -41.21 -6.66
C LEU E 227 -27.98 -40.95 -6.20
N ILE E 228 -28.93 -40.93 -7.13
CA ILE E 228 -30.32 -40.61 -6.80
C ILE E 228 -30.89 -41.73 -5.95
N ASN E 229 -30.66 -42.96 -6.39
CA ASN E 229 -31.13 -44.14 -5.66
C ASN E 229 -30.54 -44.21 -4.25
N ASP E 230 -29.24 -43.96 -4.14
CA ASP E 230 -28.57 -43.90 -2.86
C ASP E 230 -29.18 -42.80 -1.96
N GLY E 231 -29.49 -41.64 -2.55
CA GLY E 231 -30.06 -40.54 -1.80
C GLY E 231 -31.48 -40.84 -1.34
N ILE E 232 -32.23 -41.57 -2.17
CA ILE E 232 -33.57 -42.05 -1.78
C ILE E 232 -33.50 -42.95 -0.54
N ASP E 233 -32.62 -43.96 -0.59
CA ASP E 233 -32.40 -44.84 0.56
C ASP E 233 -32.02 -44.04 1.81
N ARG E 234 -31.05 -43.13 1.68
CA ARG E 234 -30.50 -42.44 2.85
C ARG E 234 -31.34 -41.25 3.33
N GLY E 235 -32.44 -40.99 2.64
CA GLY E 235 -33.38 -39.95 3.07
C GLY E 235 -32.87 -38.55 2.78
N LEU E 236 -32.13 -38.39 1.70
CA LEU E 236 -31.81 -37.04 1.20
C LEU E 236 -33.06 -36.45 0.55
N TRP E 237 -33.69 -37.23 -0.32
CA TRP E 237 -34.87 -36.77 -1.04
C TRP E 237 -35.92 -37.88 -1.12
N ASP E 238 -37.15 -37.52 -1.48
CA ASP E 238 -38.28 -38.45 -1.45
C ASP E 238 -39.08 -38.48 -2.75
N LEU E 239 -39.65 -39.65 -3.02
CA LEU E 239 -40.39 -39.90 -4.24
C LEU E 239 -41.80 -39.35 -4.14
N GLN E 240 -42.30 -38.81 -5.24
CA GLN E 240 -43.69 -38.37 -5.32
C GLN E 240 -44.63 -39.51 -4.93
N ASN E 241 -44.48 -40.63 -5.64
CA ASN E 241 -45.25 -41.83 -5.37
C ASN E 241 -44.43 -42.87 -4.65
N LYS E 242 -44.76 -43.12 -3.39
CA LYS E 242 -44.02 -44.10 -2.60
C LYS E 242 -44.24 -45.48 -3.17
N ALA E 243 -45.38 -45.63 -3.86
CA ALA E 243 -45.73 -46.84 -4.60
C ALA E 243 -44.74 -47.12 -5.72
N GLU E 244 -43.98 -46.10 -6.13
CA GLU E 244 -43.04 -46.27 -7.23
C GLU E 244 -41.64 -46.63 -6.75
N ARG E 245 -41.50 -46.98 -5.47
CA ARG E 245 -40.25 -47.52 -4.92
C ARG E 245 -39.72 -48.73 -5.69
N GLN E 246 -40.62 -49.61 -6.12
CA GLN E 246 -40.23 -50.84 -6.80
C GLN E 246 -40.23 -50.68 -8.33
N ASN E 247 -40.12 -49.44 -8.78
CA ASN E 247 -39.84 -49.13 -10.19
C ASN E 247 -38.77 -50.05 -10.79
N ASP E 248 -38.99 -50.50 -12.02
CA ASP E 248 -38.07 -51.46 -12.70
C ASP E 248 -36.63 -50.96 -12.66
N ILE E 249 -36.46 -49.69 -13.00
CA ILE E 249 -35.15 -49.08 -13.11
C ILE E 249 -34.50 -49.00 -11.74
N LEU E 250 -35.25 -48.49 -10.77
CA LEU E 250 -34.73 -48.31 -9.40
C LEU E 250 -34.30 -49.62 -8.75
N VAL E 251 -35.06 -50.69 -9.00
CA VAL E 251 -34.71 -52.01 -8.47
C VAL E 251 -33.57 -52.66 -9.24
N LYS E 252 -33.41 -52.27 -10.50
CA LYS E 252 -32.29 -52.74 -11.31
C LYS E 252 -30.96 -52.20 -10.75
N TYR E 253 -30.93 -50.90 -10.45
CA TYR E 253 -29.72 -50.25 -9.93
C TYR E 253 -29.51 -50.58 -8.45
N ARG E 254 -30.62 -50.76 -7.74
CA ARG E 254 -30.58 -51.27 -6.38
C ARG E 254 -29.90 -52.65 -6.37
N HIS E 255 -30.21 -53.47 -7.38
CA HIS E 255 -29.64 -54.81 -7.52
C HIS E 255 -28.16 -54.81 -7.84
N MET E 256 -27.71 -53.83 -8.62
CA MET E 256 -26.29 -53.72 -8.94
C MET E 256 -25.43 -53.38 -7.70
N SER E 257 -26.06 -52.74 -6.69
CA SER E 257 -25.41 -52.45 -5.40
C SER E 257 -25.34 -53.70 -4.53
N LEU F 2 -24.78 -46.56 -43.50
CA LEU F 2 -24.15 -46.24 -42.14
C LEU F 2 -22.76 -45.56 -42.00
N THR F 3 -22.79 -44.29 -41.57
CA THR F 3 -21.61 -43.43 -41.38
C THR F 3 -21.83 -42.36 -40.27
N ALA F 4 -23.03 -42.35 -39.70
CA ALA F 4 -23.24 -41.75 -38.39
C ALA F 4 -22.61 -42.69 -37.34
N PRO F 5 -22.75 -42.37 -36.04
CA PRO F 5 -21.84 -43.13 -35.19
C PRO F 5 -22.33 -44.56 -34.92
N PRO F 6 -21.48 -45.38 -34.33
CA PRO F 6 -21.91 -46.64 -33.70
C PRO F 6 -22.55 -46.45 -32.32
N LYS F 7 -23.42 -47.36 -31.93
CA LYS F 7 -24.06 -47.26 -30.62
C LYS F 7 -23.36 -48.11 -29.55
N GLU F 8 -23.70 -47.84 -28.29
CA GLU F 8 -22.89 -48.33 -27.15
C GLU F 8 -22.96 -49.83 -26.90
N ALA F 9 -21.80 -50.47 -26.99
CA ALA F 9 -21.63 -51.90 -26.71
C ALA F 9 -21.12 -52.14 -25.28
N ALA F 10 -21.89 -52.88 -24.47
CA ALA F 10 -21.61 -53.11 -23.04
C ALA F 10 -22.10 -51.98 -22.13
N ARG F 11 -22.31 -52.31 -20.85
CA ARG F 11 -23.02 -51.44 -19.91
C ARG F 11 -22.08 -50.81 -18.88
N PRO F 12 -22.43 -49.63 -18.37
CA PRO F 12 -21.74 -49.13 -17.20
C PRO F 12 -22.08 -49.99 -15.99
N THR F 13 -21.09 -50.68 -15.47
CA THR F 13 -21.20 -51.33 -14.17
C THR F 13 -20.69 -50.39 -13.07
N LEU F 14 -21.07 -50.61 -11.81
CA LEU F 14 -20.33 -49.94 -10.75
C LEU F 14 -18.93 -50.60 -10.56
N MET F 15 -17.96 -49.87 -10.03
CA MET F 15 -16.54 -50.13 -10.35
C MET F 15 -16.11 -51.43 -9.70
N PRO F 16 -15.62 -52.37 -10.51
CA PRO F 16 -15.29 -53.73 -10.10
C PRO F 16 -14.18 -53.82 -9.04
N ARG F 17 -14.54 -53.62 -7.79
CA ARG F 17 -13.65 -53.86 -6.66
C ARG F 17 -13.76 -55.33 -6.23
N ALA F 18 -12.65 -55.92 -5.77
CA ALA F 18 -12.68 -57.33 -5.34
C ALA F 18 -12.52 -57.58 -3.83
N GLN F 19 -11.44 -58.27 -3.44
CA GLN F 19 -11.37 -58.88 -2.12
C GLN F 19 -11.20 -57.85 -1.01
N SER F 20 -10.22 -56.96 -1.22
CA SER F 20 -9.99 -55.82 -0.34
C SER F 20 -11.31 -55.13 0.05
N TYR F 21 -12.15 -54.85 -0.95
CA TYR F 21 -13.47 -54.27 -0.75
C TYR F 21 -14.37 -55.11 0.17
N LYS F 22 -14.48 -56.40 -0.12
CA LYS F 22 -15.31 -57.30 0.66
C LYS F 22 -14.90 -57.38 2.12
N ASP F 23 -13.59 -57.42 2.37
CA ASP F 23 -13.05 -57.31 3.73
C ASP F 23 -13.38 -55.96 4.39
N LEU F 24 -13.18 -54.89 3.63
CA LEU F 24 -13.36 -53.52 4.13
C LEU F 24 -14.81 -53.23 4.55
N THR F 25 -15.77 -53.79 3.80
CA THR F 25 -17.19 -53.53 4.04
C THR F 25 -17.69 -54.28 5.26
N HIS F 26 -17.35 -55.57 5.33
CA HIS F 26 -17.82 -56.47 6.40
C HIS F 26 -16.98 -56.35 7.68
N LEU F 27 -16.49 -55.15 7.95
CA LEU F 27 -15.70 -54.92 9.15
C LEU F 27 -16.66 -54.55 10.29
N PRO F 28 -16.43 -55.12 11.48
CA PRO F 28 -17.28 -54.87 12.66
C PRO F 28 -17.28 -53.41 13.03
N ALA F 29 -18.46 -52.81 13.19
CA ALA F 29 -18.57 -51.35 13.29
C ALA F 29 -18.07 -50.81 14.64
N PRO F 30 -17.51 -49.59 14.64
CA PRO F 30 -17.04 -48.93 15.87
C PRO F 30 -18.19 -48.35 16.68
N THR F 31 -17.89 -47.75 17.84
CA THR F 31 -18.92 -47.20 18.74
C THR F 31 -19.57 -45.96 18.16
N GLY F 32 -18.83 -45.25 17.31
CA GLY F 32 -19.41 -44.22 16.45
C GLY F 32 -18.51 -44.06 15.25
N LYS F 33 -19.05 -43.56 14.14
CA LYS F 33 -18.19 -43.22 13.00
C LYS F 33 -17.23 -42.05 13.32
N ILE F 34 -16.05 -42.04 12.70
CA ILE F 34 -15.03 -41.04 13.00
C ILE F 34 -14.97 -40.07 11.81
N PHE F 35 -14.78 -38.79 12.13
CA PHE F 35 -14.73 -37.70 11.15
C PHE F 35 -13.34 -37.55 10.56
N VAL F 36 -13.22 -37.60 9.23
CA VAL F 36 -11.91 -37.67 8.61
C VAL F 36 -11.79 -36.73 7.43
N SER F 37 -10.57 -36.28 7.19
CA SER F 37 -10.32 -35.32 6.14
C SER F 37 -9.26 -35.91 5.26
N VAL F 38 -9.49 -35.88 3.95
CA VAL F 38 -8.38 -36.12 3.00
C VAL F 38 -8.17 -34.94 2.04
N TYR F 39 -6.98 -34.35 2.09
CA TYR F 39 -6.67 -33.13 1.33
C TYR F 39 -6.06 -33.55 0.00
N ASN F 40 -5.04 -34.40 0.03
CA ASN F 40 -4.41 -34.86 -1.21
C ASN F 40 -3.45 -36.06 -1.04
N ILE F 41 -3.58 -37.07 -1.89
CA ILE F 41 -2.58 -38.15 -1.99
C ILE F 41 -1.90 -38.17 -3.37
N GLN F 42 -0.59 -37.93 -3.42
CA GLN F 42 0.08 -37.57 -4.68
C GLN F 42 0.62 -38.77 -5.37
N ASP F 43 0.77 -38.65 -6.69
CA ASP F 43 1.48 -39.65 -7.49
C ASP F 43 2.99 -39.49 -7.34
N GLU F 44 3.50 -39.71 -6.13
CA GLU F 44 4.92 -39.47 -5.82
C GLU F 44 5.80 -40.51 -6.51
N THR F 45 5.23 -41.22 -7.49
CA THR F 45 5.92 -42.34 -8.13
C THR F 45 7.04 -41.94 -9.09
N GLY F 46 6.82 -40.90 -9.89
CA GLY F 46 7.89 -40.35 -10.78
C GLY F 46 7.96 -41.00 -12.17
N GLN F 47 6.86 -41.57 -12.60
CA GLN F 47 6.99 -42.53 -13.63
C GLN F 47 5.93 -42.34 -14.67
N PHE F 48 6.39 -42.44 -15.92
CA PHE F 48 5.56 -42.31 -17.10
C PHE F 48 5.72 -43.52 -18.01
N LYS F 49 4.82 -43.60 -18.98
CA LYS F 49 4.71 -44.80 -19.81
C LYS F 49 5.75 -44.69 -20.88
N PRO F 50 6.31 -45.84 -21.28
CA PRO F 50 7.34 -45.86 -22.29
C PRO F 50 6.75 -45.74 -23.70
N TYR F 51 7.63 -45.50 -24.67
CA TYR F 51 7.23 -45.57 -26.06
C TYR F 51 6.49 -46.87 -26.34
N PRO F 52 5.38 -46.80 -27.11
CA PRO F 52 4.83 -45.67 -27.85
C PRO F 52 3.81 -44.79 -27.13
N ALA F 53 3.74 -44.84 -25.79
CA ALA F 53 2.78 -43.99 -25.07
C ALA F 53 3.16 -42.54 -25.32
N SER F 54 2.20 -41.64 -25.09
CA SER F 54 2.56 -40.23 -25.03
C SER F 54 3.62 -40.04 -23.95
N ASN F 55 4.56 -39.17 -24.25
CA ASN F 55 5.60 -38.81 -23.30
C ASN F 55 5.02 -38.44 -21.93
N PHE F 56 3.79 -37.93 -21.97
CA PHE F 56 3.13 -37.34 -20.80
C PHE F 56 2.17 -38.28 -20.09
N SER F 57 2.02 -39.49 -20.59
CA SER F 57 1.12 -40.45 -19.93
C SER F 57 1.79 -41.00 -18.67
N THR F 58 1.17 -40.72 -17.54
CA THR F 58 1.72 -41.17 -16.26
C THR F 58 1.56 -42.66 -16.15
N ALA F 59 2.41 -43.28 -15.36
CA ALA F 59 2.25 -44.71 -15.20
C ALA F 59 1.11 -45.10 -14.24
N VAL F 60 0.70 -44.13 -13.40
CA VAL F 60 -0.30 -44.37 -12.35
C VAL F 60 -1.36 -43.27 -12.40
N PRO F 61 -2.65 -43.62 -12.19
CA PRO F 61 -3.68 -42.59 -12.21
C PRO F 61 -3.54 -41.59 -11.07
N GLN F 62 -3.87 -40.33 -11.36
CA GLN F 62 -3.65 -39.23 -10.42
C GLN F 62 -4.85 -39.08 -9.51
N SER F 63 -5.47 -40.21 -9.17
CA SER F 63 -6.83 -40.20 -8.64
C SER F 63 -6.89 -40.80 -7.24
N ALA F 64 -5.72 -41.05 -6.66
CA ALA F 64 -5.60 -41.79 -5.41
C ALA F 64 -6.41 -41.16 -4.27
N THR F 65 -6.40 -39.83 -4.22
CA THR F 65 -7.10 -39.04 -3.22
C THR F 65 -8.59 -39.44 -3.14
N ALA F 66 -9.26 -39.53 -4.29
CA ALA F 66 -10.71 -39.85 -4.31
C ALA F 66 -11.00 -41.33 -3.98
N MET F 67 -10.07 -42.20 -4.37
CA MET F 67 -10.15 -43.60 -4.00
C MET F 67 -10.08 -43.76 -2.48
N LEU F 68 -9.12 -43.09 -1.86
CA LEU F 68 -8.97 -43.21 -0.43
C LEU F 68 -10.21 -42.73 0.29
N VAL F 69 -10.75 -41.60 -0.14
CA VAL F 69 -11.98 -41.03 0.50
C VAL F 69 -13.12 -42.04 0.37
N THR F 70 -13.22 -42.65 -0.81
CA THR F 70 -14.26 -43.65 -1.06
C THR F 70 -14.07 -44.88 -0.18
N ALA F 71 -12.83 -45.33 -0.06
CA ALA F 71 -12.54 -46.46 0.80
C ALA F 71 -12.90 -46.14 2.24
N LEU F 72 -12.54 -44.95 2.67
CA LEU F 72 -12.78 -44.51 4.05
C LEU F 72 -14.27 -44.50 4.32
N LYS F 73 -15.06 -44.31 3.27
CA LYS F 73 -16.52 -44.28 3.44
C LYS F 73 -17.10 -45.69 3.46
N ASP F 74 -16.66 -46.52 2.52
CA ASP F 74 -17.21 -47.85 2.37
C ASP F 74 -17.01 -48.65 3.65
N SER F 75 -15.93 -48.36 4.37
CA SER F 75 -15.55 -49.13 5.57
C SER F 75 -16.60 -49.03 6.66
N ARG F 76 -17.39 -47.95 6.63
CA ARG F 76 -18.39 -47.63 7.66
C ARG F 76 -17.73 -47.48 9.01
N TRP F 77 -16.54 -46.91 8.99
CA TRP F 77 -15.88 -46.42 10.20
C TRP F 77 -15.79 -44.86 10.23
N PHE F 78 -15.64 -44.27 9.04
CA PHE F 78 -15.33 -42.84 8.89
C PHE F 78 -16.40 -42.13 8.08
N ILE F 79 -16.67 -40.88 8.46
CA ILE F 79 -17.38 -39.91 7.62
C ILE F 79 -16.36 -38.99 6.99
N PRO F 80 -16.34 -38.93 5.66
CA PRO F 80 -15.31 -38.10 5.13
C PRO F 80 -15.87 -36.74 4.97
N LEU F 81 -15.08 -35.76 5.36
CA LEU F 81 -15.39 -34.44 5.06
C LEU F 81 -14.71 -34.03 3.75
N GLU F 82 -15.45 -33.25 2.95
CA GLU F 82 -15.00 -32.77 1.66
C GLU F 82 -13.99 -31.61 1.83
N ARG F 83 -12.72 -31.94 1.56
CA ARG F 83 -11.66 -30.93 1.42
C ARG F 83 -10.99 -30.88 0.02
N GLN F 84 -11.12 -31.92 -0.81
CA GLN F 84 -10.46 -31.91 -2.12
C GLN F 84 -11.02 -30.78 -2.95
N GLY F 85 -12.30 -30.53 -2.85
CA GLY F 85 -12.85 -29.37 -3.54
C GLY F 85 -13.31 -28.28 -2.59
N LEU F 86 -12.55 -28.02 -1.53
CA LEU F 86 -12.97 -27.09 -0.48
C LEU F 86 -13.31 -25.67 -1.01
N GLN F 87 -12.58 -25.21 -2.02
CA GLN F 87 -12.74 -23.84 -2.50
C GLN F 87 -14.17 -23.58 -3.06
N ASN F 88 -14.63 -24.51 -3.86
CA ASN F 88 -15.96 -24.45 -4.41
C ASN F 88 -17.01 -24.45 -3.30
N LEU F 89 -16.75 -25.26 -2.27
CA LEU F 89 -17.69 -25.45 -1.19
C LEU F 89 -17.89 -24.06 -0.53
N LEU F 90 -16.79 -23.36 -0.35
CA LEU F 90 -16.81 -22.06 0.33
C LEU F 90 -17.49 -21.03 -0.55
N ASN F 91 -17.37 -21.23 -1.85
CA ASN F 91 -18.00 -20.35 -2.80
C ASN F 91 -19.51 -20.48 -2.77
N GLU F 92 -19.98 -21.73 -2.84
CA GLU F 92 -21.41 -21.95 -2.81
C GLU F 92 -21.98 -21.35 -1.54
N ARG F 93 -21.22 -21.47 -0.46
CA ARG F 93 -21.67 -20.92 0.82
C ARG F 93 -21.69 -19.37 0.77
N LYS F 94 -20.79 -18.76 0.02
CA LYS F 94 -20.84 -17.31 -0.18
C LYS F 94 -22.11 -16.95 -0.92
N ILE F 95 -22.48 -17.81 -1.89
CA ILE F 95 -23.62 -17.48 -2.76
C ILE F 95 -24.93 -17.60 -2.00
N ILE F 96 -24.97 -18.64 -1.16
CA ILE F 96 -26.07 -18.85 -0.22
C ILE F 96 -26.22 -17.63 0.67
N ARG F 97 -25.16 -17.29 1.39
CA ARG F 97 -25.22 -16.18 2.35
C ARG F 97 -25.60 -14.85 1.67
N ALA F 98 -25.19 -14.70 0.41
CA ALA F 98 -25.52 -13.51 -0.33
C ALA F 98 -27.00 -13.52 -0.73
N ALA F 99 -27.53 -14.72 -0.92
CA ALA F 99 -28.92 -14.91 -1.33
C ALA F 99 -29.87 -14.45 -0.21
N GLN F 100 -29.65 -14.97 0.97
CA GLN F 100 -30.69 -14.99 2.02
C GLN F 100 -30.42 -14.00 3.13
N GLU F 101 -29.39 -13.18 2.96
CA GLU F 101 -29.03 -12.19 3.99
C GLU F 101 -30.09 -11.09 4.17
N ASN F 102 -30.90 -10.86 3.15
CA ASN F 102 -31.91 -9.81 3.22
C ASN F 102 -33.26 -10.31 3.73
N GLY F 103 -33.40 -11.62 3.95
CA GLY F 103 -34.67 -12.18 4.42
C GLY F 103 -35.84 -11.98 3.46
N THR F 104 -35.54 -11.99 2.18
CA THR F 104 -36.58 -12.02 1.20
C THR F 104 -36.71 -13.43 0.68
N VAL F 105 -35.63 -14.21 0.72
CA VAL F 105 -35.66 -15.55 0.09
C VAL F 105 -36.76 -16.43 0.69
N ALA F 106 -37.43 -17.17 -0.21
CA ALA F 106 -38.63 -17.94 0.11
C ALA F 106 -38.31 -19.00 1.16
N ILE F 107 -39.17 -19.09 2.17
CA ILE F 107 -38.94 -19.98 3.32
C ILE F 107 -38.78 -21.48 2.92
N ASN F 108 -39.44 -21.88 1.85
CA ASN F 108 -39.28 -23.23 1.28
C ASN F 108 -37.91 -23.40 0.65
N ASN F 109 -37.43 -22.34 0.03
CA ASN F 109 -36.18 -22.36 -0.73
C ASN F 109 -34.94 -22.13 0.13
N ARG F 110 -35.15 -21.62 1.34
CA ARG F 110 -34.07 -21.20 2.25
C ARG F 110 -33.11 -22.35 2.54
N ILE F 111 -31.80 -22.09 2.48
CA ILE F 111 -30.81 -23.08 2.88
C ILE F 111 -30.17 -22.71 4.19
N PRO F 112 -30.37 -23.54 5.23
CA PRO F 112 -29.79 -23.23 6.55
C PRO F 112 -28.30 -23.61 6.59
N LEU F 113 -27.49 -22.64 7.04
CA LEU F 113 -26.04 -22.80 7.00
C LEU F 113 -25.48 -23.04 8.38
N GLN F 114 -24.51 -23.94 8.40
CA GLN F 114 -24.01 -24.49 9.64
C GLN F 114 -22.52 -24.46 9.45
N SER F 115 -21.79 -24.25 10.52
CA SER F 115 -20.33 -24.14 10.41
C SER F 115 -19.73 -25.41 9.81
N LEU F 116 -18.53 -25.31 9.21
CA LEU F 116 -18.11 -26.45 8.42
C LEU F 116 -17.68 -27.53 9.37
N THR F 117 -18.27 -28.72 9.25
CA THR F 117 -18.01 -29.81 10.17
C THR F 117 -16.51 -30.06 10.08
N ALA F 118 -15.86 -30.24 11.24
CA ALA F 118 -14.41 -30.28 11.31
C ALA F 118 -13.91 -31.60 11.78
N ALA F 119 -12.83 -32.02 11.16
CA ALA F 119 -12.26 -33.35 11.40
C ALA F 119 -11.33 -33.39 12.61
N ASN F 120 -11.17 -34.57 13.21
CA ASN F 120 -10.19 -34.72 14.29
C ASN F 120 -8.88 -35.32 13.80
N ILE F 121 -8.98 -36.39 13.02
CA ILE F 121 -7.79 -36.95 12.42
C ILE F 121 -7.89 -36.69 10.96
N MET F 122 -6.77 -36.36 10.35
CA MET F 122 -6.72 -36.35 8.90
C MET F 122 -5.65 -37.31 8.38
N VAL F 123 -5.96 -38.00 7.30
CA VAL F 123 -5.05 -39.03 6.78
C VAL F 123 -4.56 -38.57 5.41
N GLU F 124 -3.26 -38.62 5.22
CA GLU F 124 -2.72 -38.37 3.92
C GLU F 124 -1.70 -39.41 3.59
N GLY F 125 -1.26 -39.43 2.35
CA GLY F 125 -0.33 -40.44 1.90
C GLY F 125 0.19 -40.14 0.52
N SER F 126 0.73 -41.16 -0.13
CA SER F 126 1.36 -40.97 -1.42
C SER F 126 1.43 -42.28 -2.16
N ILE F 127 1.34 -42.23 -3.48
CA ILE F 127 1.71 -43.39 -4.27
C ILE F 127 3.22 -43.36 -4.30
N ILE F 128 3.80 -44.22 -3.48
CA ILE F 128 5.23 -44.43 -3.45
C ILE F 128 5.56 -45.55 -4.44
N GLY F 129 6.00 -45.16 -5.63
CA GLY F 129 6.61 -46.08 -6.55
C GLY F 129 5.68 -46.84 -7.48
N TYR F 130 6.12 -46.93 -8.74
CA TYR F 130 5.64 -47.93 -9.69
C TYR F 130 6.84 -48.42 -10.47
N GLU F 131 7.31 -49.63 -10.19
CA GLU F 131 8.35 -50.23 -10.99
C GLU F 131 7.68 -51.11 -12.04
N SER F 132 8.30 -51.21 -13.22
CA SER F 132 7.65 -51.89 -14.35
C SER F 132 8.46 -53.09 -14.85
N ASN F 133 7.75 -54.15 -15.26
CA ASN F 133 8.38 -55.46 -15.54
C ASN F 133 9.34 -55.88 -14.45
N VAL F 134 8.82 -55.96 -13.22
CA VAL F 134 9.61 -56.33 -12.06
C VAL F 134 9.96 -57.80 -12.23
N LYS F 135 9.03 -58.55 -12.83
CA LYS F 135 9.34 -59.87 -13.37
C LYS F 135 8.66 -60.10 -14.72
N SER F 136 9.22 -61.05 -15.46
CA SER F 136 8.75 -61.35 -16.81
C SER F 136 9.29 -62.66 -17.30
N GLY F 137 8.56 -63.25 -18.24
CA GLY F 137 8.96 -64.54 -18.79
C GLY F 137 8.18 -64.92 -20.03
N GLY F 138 8.59 -66.03 -20.65
CA GLY F 138 7.91 -66.51 -21.82
C GLY F 138 8.27 -67.94 -22.13
N VAL F 139 7.30 -68.67 -22.66
CA VAL F 139 7.51 -70.06 -23.09
C VAL F 139 6.80 -70.29 -24.42
N GLY F 140 7.57 -70.76 -25.40
CA GLY F 140 7.05 -71.00 -26.73
C GLY F 140 7.77 -72.12 -27.44
N ALA F 141 7.01 -72.85 -28.25
CA ALA F 141 7.60 -73.90 -29.08
C ALA F 141 6.92 -73.96 -30.44
N ARG F 142 7.73 -74.16 -31.47
CA ARG F 142 7.22 -74.43 -32.79
C ARG F 142 7.87 -75.69 -33.32
N TYR F 143 7.08 -76.49 -34.05
CA TYR F 143 7.49 -77.81 -34.48
C TYR F 143 7.25 -78.01 -35.98
N GLY F 145 5.94 -76.99 -38.14
CA GLY F 145 4.89 -76.21 -38.76
C GLY F 145 3.90 -75.58 -37.79
N ILE F 146 3.76 -76.16 -36.59
CA ILE F 146 2.72 -75.76 -35.62
C ILE F 146 3.40 -75.15 -34.38
N GLY F 147 2.86 -74.05 -33.85
CA GLY F 147 3.49 -73.38 -32.72
C GLY F 147 2.58 -72.63 -31.77
N ALA F 148 3.04 -72.48 -30.53
CA ALA F 148 2.35 -71.64 -29.56
C ALA F 148 3.35 -71.01 -28.62
N ASP F 149 2.89 -70.00 -27.88
CA ASP F 149 3.74 -69.34 -26.91
C ASP F 149 2.91 -68.48 -25.97
N THR F 150 3.37 -68.37 -24.73
CA THR F 150 2.86 -67.34 -23.83
C THR F 150 3.99 -66.46 -23.34
N GLN F 151 3.65 -65.23 -23.00
CA GLN F 151 4.60 -64.31 -22.40
C GLN F 151 3.89 -63.60 -21.26
N TYR F 152 4.59 -63.35 -20.17
CA TYR F 152 4.00 -62.63 -19.06
C TYR F 152 4.94 -61.59 -18.50
N GLN F 153 4.35 -60.48 -18.03
CA GLN F 153 5.11 -59.48 -17.31
C GLN F 153 4.33 -59.04 -16.09
N LEU F 154 5.05 -58.58 -15.06
CA LEU F 154 4.39 -58.00 -13.92
C LEU F 154 5.14 -56.82 -13.30
N ASP F 155 4.34 -55.89 -12.78
CA ASP F 155 4.78 -54.57 -12.32
C ASP F 155 4.45 -54.43 -10.83
N GLN F 156 5.12 -53.50 -10.13
CA GLN F 156 4.82 -53.22 -8.73
C GLN F 156 4.24 -51.79 -8.49
N ILE F 157 3.50 -51.63 -7.40
CA ILE F 157 2.91 -50.37 -7.04
C ILE F 157 2.81 -50.34 -5.52
N ALA F 158 3.13 -49.23 -4.91
CA ALA F 158 3.10 -49.15 -3.44
C ALA F 158 2.48 -47.86 -2.99
N VAL F 159 1.90 -47.91 -1.80
CA VAL F 159 1.12 -46.80 -1.30
C VAL F 159 1.47 -46.62 0.17
N ASN F 160 1.79 -45.40 0.52
CA ASN F 160 1.76 -44.97 1.88
C ASN F 160 0.41 -44.30 2.24
N LEU F 161 -0.18 -44.74 3.36
CA LEU F 161 -1.20 -43.93 4.05
C LEU F 161 -0.77 -43.65 5.48
N ARG F 162 -1.19 -42.51 6.01
CA ARG F 162 -0.84 -42.18 7.36
C ARG F 162 -1.83 -41.25 8.10
N VAL F 163 -2.17 -41.63 9.33
CA VAL F 163 -3.08 -40.87 10.18
C VAL F 163 -2.31 -39.84 10.96
N VAL F 164 -2.71 -38.58 10.78
CA VAL F 164 -2.12 -37.48 11.47
C VAL F 164 -3.12 -36.87 12.42
N ASN F 165 -2.64 -36.58 13.63
CA ASN F 165 -3.49 -36.02 14.66
C ASN F 165 -3.52 -34.52 14.55
N VAL F 166 -4.71 -33.98 14.31
CA VAL F 166 -4.89 -32.56 14.08
C VAL F 166 -4.44 -31.81 15.29
N SER F 167 -4.74 -32.35 16.45
CA SER F 167 -4.54 -31.65 17.66
C SER F 167 -3.05 -31.48 18.01
N THR F 168 -2.17 -32.23 17.34
CA THR F 168 -0.75 -32.22 17.71
C THR F 168 0.21 -32.26 16.56
N GLY F 169 -0.18 -32.95 15.52
CA GLY F 169 0.69 -33.04 14.37
C GLY F 169 1.44 -34.33 14.46
N GLU F 170 1.36 -34.99 15.63
CA GLU F 170 1.87 -36.36 15.76
C GLU F 170 1.22 -37.22 14.66
N ILE F 171 2.02 -37.90 13.87
CA ILE F 171 1.49 -38.94 13.08
C ILE F 171 1.09 -40.08 14.00
N LEU F 172 -0.16 -40.53 13.90
CA LEU F 172 -0.67 -41.59 14.79
C LEU F 172 -0.53 -43.01 14.18
N SER F 173 -0.27 -43.04 12.89
CA SER F 173 -0.04 -44.31 12.20
C SER F 173 0.50 -44.10 10.80
N SER F 174 1.55 -44.83 10.44
CA SER F 174 1.96 -44.90 9.05
C SER F 174 1.89 -46.35 8.57
N VAL F 175 1.37 -46.56 7.36
CA VAL F 175 1.35 -47.89 6.76
C VAL F 175 1.80 -47.89 5.30
N ASN F 176 2.43 -48.98 4.87
CA ASN F 176 3.05 -49.09 3.54
C ASN F 176 2.61 -50.33 2.75
N THR F 177 1.60 -50.21 1.91
CA THR F 177 1.03 -51.37 1.21
C THR F 177 1.55 -51.45 -0.22
N SER F 178 1.46 -52.65 -0.82
CA SER F 178 2.05 -52.93 -2.14
C SER F 178 1.23 -53.95 -2.90
N LYS F 179 1.33 -53.92 -4.22
CA LYS F 179 0.46 -54.72 -5.05
C LYS F 179 1.09 -54.91 -6.43
N THR F 180 0.85 -56.09 -6.99
CA THR F 180 1.47 -56.47 -8.25
C THR F 180 0.45 -56.45 -9.39
N ILE F 181 0.82 -55.84 -10.50
CA ILE F 181 -0.01 -55.80 -11.71
C ILE F 181 0.41 -56.87 -12.75
N LEU F 182 -0.50 -57.82 -13.06
CA LEU F 182 -0.24 -58.95 -14.02
C LEU F 182 -0.61 -58.59 -15.45
N SER F 183 0.25 -59.03 -16.36
CA SER F 183 -0.03 -58.98 -17.79
C SER F 183 0.45 -60.25 -18.49
N TYR F 184 -0.32 -60.73 -19.47
CA TYR F 184 0.08 -61.90 -20.25
C TYR F 184 -0.46 -61.92 -21.69
N GLU F 185 0.28 -62.62 -22.55
CA GLU F 185 -0.02 -62.75 -23.97
C GLU F 185 0.09 -64.21 -24.40
N VAL F 186 -1.05 -64.78 -24.76
CA VAL F 186 -1.11 -66.14 -25.29
C VAL F 186 -1.29 -66.13 -26.81
N GLN F 187 -0.57 -67.02 -27.51
CA GLN F 187 -0.57 -67.03 -28.96
C GLN F 187 -0.38 -68.42 -29.51
N ALA F 188 -1.12 -68.75 -30.56
CA ALA F 188 -0.93 -70.03 -31.26
C ALA F 188 -1.09 -69.85 -32.78
N GLY F 189 -0.25 -70.54 -33.55
CA GLY F 189 -0.28 -70.44 -35.01
C GLY F 189 0.06 -71.75 -35.71
N VAL F 190 -0.69 -72.05 -36.77
CA VAL F 190 -0.44 -73.26 -37.57
C VAL F 190 -0.01 -72.85 -38.99
N PHE F 191 1.02 -73.52 -39.50
CA PHE F 191 1.67 -73.08 -40.74
C PHE F 191 1.86 -74.28 -41.67
N LEU F 200 -1.08 -72.84 -46.29
CA LEU F 200 -1.94 -72.70 -45.11
C LEU F 200 -1.21 -72.02 -43.95
N GLU F 201 -1.69 -70.83 -43.60
CA GLU F 201 -1.39 -70.24 -42.30
C GLU F 201 -2.67 -69.97 -41.51
N GLY F 202 -2.59 -70.09 -40.19
CA GLY F 202 -3.69 -69.73 -39.31
C GLY F 202 -3.20 -69.35 -37.93
N GLU F 203 -3.60 -68.19 -37.44
CA GLU F 203 -3.13 -67.68 -36.16
C GLU F 203 -4.25 -67.20 -35.24
N VAL F 204 -4.13 -67.56 -33.96
CA VAL F 204 -4.99 -67.03 -32.89
C VAL F 204 -4.11 -66.40 -31.81
N GLY F 205 -4.53 -65.22 -31.33
CA GLY F 205 -3.83 -64.53 -30.25
C GLY F 205 -4.79 -63.95 -29.21
N TYR F 206 -4.31 -63.82 -27.97
CA TYR F 206 -5.04 -63.14 -26.89
C TYR F 206 -4.07 -62.45 -25.92
N THR F 207 -4.43 -61.26 -25.43
CA THR F 207 -3.60 -60.54 -24.44
C THR F 207 -4.43 -59.90 -23.33
N SER F 208 -3.96 -59.99 -22.07
CA SER F 208 -4.72 -59.44 -20.93
C SER F 208 -3.84 -58.69 -19.94
N ASN F 209 -4.23 -57.46 -19.63
CA ASN F 209 -3.56 -56.65 -18.63
C ASN F 209 -4.47 -56.37 -17.45
N GLU F 210 -3.92 -56.46 -16.24
CA GLU F 210 -4.63 -55.98 -15.06
C GLU F 210 -4.72 -54.47 -15.17
N PRO F 211 -5.85 -53.91 -14.76
CA PRO F 211 -5.93 -52.46 -14.71
C PRO F 211 -5.11 -51.91 -13.52
N VAL F 212 -4.19 -50.99 -13.81
CA VAL F 212 -3.35 -50.33 -12.79
C VAL F 212 -4.23 -49.50 -11.86
N MET F 213 -5.19 -48.82 -12.48
CA MET F 213 -6.39 -48.32 -11.83
C MET F 213 -6.93 -49.17 -10.65
N LEU F 214 -7.12 -50.45 -10.92
CA LEU F 214 -7.88 -51.36 -10.05
C LEU F 214 -6.98 -51.95 -8.98
N CYS F 215 -5.70 -52.05 -9.31
CA CYS F 215 -4.70 -52.41 -8.33
C CYS F 215 -4.44 -51.29 -7.30
N LEU F 216 -4.36 -50.06 -7.81
CA LEU F 216 -4.24 -48.90 -6.94
C LEU F 216 -5.39 -48.86 -5.93
N MET F 217 -6.61 -49.05 -6.43
CA MET F 217 -7.78 -49.03 -5.58
C MET F 217 -7.69 -50.09 -4.50
N SER F 218 -7.34 -51.29 -4.91
CA SER F 218 -7.26 -52.45 -3.99
C SER F 218 -6.31 -52.14 -2.87
N ALA F 219 -5.13 -51.62 -3.24
CA ALA F 219 -4.06 -51.45 -2.29
C ALA F 219 -4.42 -50.34 -1.28
N ILE F 220 -5.20 -49.37 -1.72
CA ILE F 220 -5.63 -48.29 -0.83
C ILE F 220 -6.64 -48.79 0.18
N GLU F 221 -7.55 -49.64 -0.26
CA GLU F 221 -8.51 -50.29 0.65
C GLU F 221 -7.77 -51.05 1.75
N THR F 222 -6.85 -51.93 1.32
CA THR F 222 -6.00 -52.70 2.22
C THR F 222 -5.32 -51.81 3.26
N GLY F 223 -4.72 -50.72 2.79
CA GLY F 223 -4.12 -49.72 3.67
C GLY F 223 -5.10 -49.16 4.70
N VAL F 224 -6.34 -48.91 4.27
CA VAL F 224 -7.35 -48.38 5.17
C VAL F 224 -7.63 -49.39 6.28
N ILE F 225 -7.72 -50.67 5.92
CA ILE F 225 -7.94 -51.71 6.91
C ILE F 225 -6.81 -51.75 7.92
N PHE F 226 -5.56 -51.81 7.45
CA PHE F 226 -4.38 -51.82 8.33
C PHE F 226 -4.36 -50.60 9.25
N LEU F 227 -4.89 -49.48 8.76
CA LEU F 227 -4.97 -48.26 9.56
C LEU F 227 -5.99 -48.39 10.67
N ILE F 228 -7.14 -48.97 10.35
CA ILE F 228 -8.20 -49.15 11.35
C ILE F 228 -7.76 -50.14 12.42
N ASN F 229 -7.20 -51.27 11.98
CA ASN F 229 -6.70 -52.30 12.90
C ASN F 229 -5.61 -51.75 13.82
N ASP F 230 -4.67 -51.01 13.23
CA ASP F 230 -3.60 -50.38 13.98
C ASP F 230 -4.18 -49.41 15.02
N GLY F 231 -5.20 -48.65 14.63
CA GLY F 231 -5.81 -47.67 15.51
C GLY F 231 -6.55 -48.35 16.66
N ILE F 232 -7.14 -49.51 16.37
CA ILE F 232 -7.81 -50.31 17.39
C ILE F 232 -6.81 -50.75 18.45
N ASP F 233 -5.68 -51.31 17.99
CA ASP F 233 -4.60 -51.72 18.89
C ASP F 233 -4.10 -50.55 19.74
N ARG F 234 -3.86 -49.40 19.11
CA ARG F 234 -3.23 -48.27 19.80
C ARG F 234 -4.19 -47.40 20.59
N GLY F 235 -5.47 -47.75 20.57
CA GLY F 235 -6.49 -47.07 21.37
C GLY F 235 -6.87 -45.73 20.79
N LEU F 236 -6.84 -45.59 19.47
CA LEU F 236 -7.44 -44.42 18.82
C LEU F 236 -8.96 -44.52 18.88
N TRP F 237 -9.48 -45.68 18.49
CA TRP F 237 -10.91 -45.91 18.45
C TRP F 237 -11.24 -47.32 18.96
N ASP F 238 -12.51 -47.56 19.27
CA ASP F 238 -12.92 -48.80 19.94
C ASP F 238 -14.09 -49.48 19.22
N LEU F 239 -14.11 -50.82 19.31
CA LEU F 239 -15.15 -51.62 18.69
C LEU F 239 -16.43 -51.56 19.50
N GLN F 240 -17.57 -51.57 18.80
CA GLN F 240 -18.87 -51.74 19.45
C GLN F 240 -18.89 -53.00 20.32
N ASN F 241 -18.59 -54.13 19.69
CA ASN F 241 -18.53 -55.41 20.37
C ASN F 241 -17.09 -55.83 20.60
N LYS F 242 -16.67 -55.82 21.86
CA LYS F 242 -15.30 -56.23 22.20
C LYS F 242 -15.09 -57.71 21.89
N ALA F 243 -16.20 -58.45 21.89
CA ALA F 243 -16.26 -59.85 21.48
C ALA F 243 -15.86 -60.03 20.01
N GLU F 244 -15.93 -58.95 19.23
CA GLU F 244 -15.62 -59.04 17.80
C GLU F 244 -14.16 -58.73 17.50
N ARG F 245 -13.32 -58.63 18.54
CA ARG F 245 -11.89 -58.46 18.35
C ARG F 245 -11.27 -59.56 17.50
N GLN F 246 -11.74 -60.80 17.66
CA GLN F 246 -11.17 -61.94 16.93
C GLN F 246 -11.90 -62.20 15.62
N ASN F 247 -12.60 -61.18 15.11
CA ASN F 247 -13.14 -61.18 13.75
C ASN F 247 -12.15 -61.77 12.74
N ASP F 248 -12.66 -62.60 11.82
CA ASP F 248 -11.82 -63.28 10.81
C ASP F 248 -10.91 -62.30 10.06
N ILE F 249 -11.52 -61.20 9.62
CA ILE F 249 -10.82 -60.20 8.83
C ILE F 249 -9.75 -59.52 9.68
N LEU F 250 -10.15 -59.07 10.87
CA LEU F 250 -9.24 -58.35 11.77
C LEU F 250 -8.01 -59.18 12.17
N VAL F 251 -8.21 -60.47 12.38
CA VAL F 251 -7.11 -61.37 12.73
C VAL F 251 -6.26 -61.72 11.50
N LYS F 252 -6.87 -61.67 10.32
CA LYS F 252 -6.14 -61.88 9.08
C LYS F 252 -5.11 -60.75 8.83
N TYR F 253 -5.56 -59.51 9.02
CA TYR F 253 -4.69 -58.33 8.83
C TYR F 253 -3.74 -58.13 10.01
N ARG F 254 -4.19 -58.51 11.20
CA ARG F 254 -3.33 -58.62 12.37
C ARG F 254 -2.16 -59.59 12.13
N HIS F 255 -2.47 -60.71 11.47
CA HIS F 255 -1.47 -61.71 11.11
C HIS F 255 -0.47 -61.22 10.06
N MET F 256 -0.91 -60.41 9.10
CA MET F 256 0.00 -59.89 8.08
C MET F 256 1.05 -58.95 8.69
N SER F 257 0.72 -58.34 9.83
CA SER F 257 1.64 -57.45 10.58
C SER F 257 2.72 -58.22 11.36
N LEU G 2 -16.84 -61.79 -21.78
CA LEU G 2 -15.41 -61.45 -21.48
C LEU G 2 -14.93 -60.26 -22.36
N THR G 3 -15.59 -59.13 -22.15
CA THR G 3 -15.17 -57.80 -22.62
C THR G 3 -15.47 -56.72 -21.54
N ALA G 4 -16.10 -57.15 -20.46
CA ALA G 4 -16.02 -56.44 -19.19
C ALA G 4 -14.60 -56.65 -18.60
N PRO G 5 -14.35 -56.17 -17.38
CA PRO G 5 -12.93 -56.17 -17.07
C PRO G 5 -12.41 -57.57 -16.69
N PRO G 6 -11.09 -57.70 -16.55
CA PRO G 6 -10.48 -58.79 -15.77
C PRO G 6 -10.52 -58.64 -14.23
N LYS G 7 -10.52 -59.75 -13.52
CA LYS G 7 -10.60 -59.74 -12.04
C LYS G 7 -9.22 -59.83 -11.38
N GLU G 8 -9.20 -59.65 -10.06
CA GLU G 8 -7.96 -59.48 -9.29
C GLU G 8 -7.02 -60.69 -9.38
N ALA G 9 -5.85 -60.45 -9.97
CA ALA G 9 -4.72 -61.37 -9.90
C ALA G 9 -3.68 -60.92 -8.85
N ALA G 10 -3.60 -61.68 -7.76
CA ALA G 10 -2.74 -61.39 -6.60
C ALA G 10 -3.45 -60.46 -5.63
N ARG G 11 -2.97 -60.46 -4.38
CA ARG G 11 -3.54 -59.60 -3.32
C ARG G 11 -2.59 -58.48 -2.90
N PRO G 12 -3.15 -57.34 -2.49
CA PRO G 12 -2.31 -56.35 -1.87
C PRO G 12 -1.72 -56.93 -0.57
N THR G 13 -0.42 -57.08 -0.53
CA THR G 13 0.30 -57.29 0.71
C THR G 13 0.75 -55.93 1.30
N LEU G 14 1.10 -55.89 2.58
CA LEU G 14 1.83 -54.71 3.07
C LEU G 14 3.28 -54.75 2.57
N MET G 15 3.96 -53.61 2.52
CA MET G 15 5.08 -53.41 1.56
C MET G 15 6.30 -54.23 1.96
N PRO G 16 6.75 -55.12 1.04
CA PRO G 16 7.78 -56.12 1.32
C PRO G 16 9.14 -55.54 1.66
N ARG G 17 9.30 -55.15 2.91
CA ARG G 17 10.61 -54.77 3.43
C ARG G 17 11.39 -56.02 3.88
N ALA G 18 12.73 -56.01 3.71
CA ALA G 18 13.54 -57.13 4.15
C ALA G 18 14.46 -56.81 5.37
N GLN G 19 15.78 -56.93 5.19
CA GLN G 19 16.69 -57.18 6.33
C GLN G 19 16.84 -55.94 7.18
N SER G 20 17.11 -54.84 6.49
CA SER G 20 17.16 -53.53 7.11
C SER G 20 15.99 -53.36 8.09
N TYR G 21 14.77 -53.65 7.62
CA TYR G 21 13.56 -53.53 8.44
C TYR G 21 13.67 -54.36 9.71
N LYS G 22 14.05 -55.64 9.56
CA LYS G 22 14.10 -56.59 10.67
C LYS G 22 15.08 -56.13 11.76
N ASP G 23 16.21 -55.58 11.31
CA ASP G 23 17.17 -54.95 12.22
C ASP G 23 16.58 -53.71 12.90
N LEU G 24 15.93 -52.87 12.10
CA LEU G 24 15.40 -51.58 12.56
C LEU G 24 14.30 -51.74 13.61
N THR G 25 13.48 -52.78 13.45
CA THR G 25 12.37 -53.04 14.39
C THR G 25 12.85 -53.61 15.73
N HIS G 26 13.73 -54.61 15.67
CA HIS G 26 14.23 -55.31 16.87
C HIS G 26 15.41 -54.55 17.49
N LEU G 27 15.36 -53.23 17.45
CA LEU G 27 16.37 -52.41 18.12
C LEU G 27 15.95 -52.17 19.57
N PRO G 28 16.90 -52.29 20.51
CA PRO G 28 16.61 -52.06 21.94
C PRO G 28 16.12 -50.66 22.20
N ALA G 29 14.99 -50.53 22.89
CA ALA G 29 14.27 -49.25 23.00
C ALA G 29 15.02 -48.22 23.91
N PRO G 30 14.92 -46.92 23.58
CA PRO G 30 15.50 -45.83 24.38
C PRO G 30 14.66 -45.53 25.61
N THR G 31 15.15 -44.62 26.46
CA THR G 31 14.46 -44.30 27.71
C THR G 31 13.12 -43.62 27.45
N GLY G 32 13.02 -42.93 26.33
CA GLY G 32 11.76 -42.38 25.86
C GLY G 32 11.87 -42.17 24.37
N LYS G 33 10.76 -42.20 23.65
CA LYS G 33 10.82 -41.89 22.23
C LYS G 33 11.20 -40.41 22.00
N ILE G 34 11.87 -40.14 20.87
CA ILE G 34 12.33 -38.78 20.55
C ILE G 34 11.43 -38.19 19.44
N PHE G 35 11.14 -36.89 19.58
CA PHE G 35 10.26 -36.14 18.67
C PHE G 35 11.01 -35.62 17.46
N VAL G 36 10.57 -36.00 16.25
CA VAL G 36 11.37 -35.74 15.06
C VAL G 36 10.56 -35.19 13.93
N SER G 37 11.20 -34.36 13.12
CA SER G 37 10.49 -33.66 12.03
C SER G 37 11.18 -34.00 10.76
N VAL G 38 10.43 -34.40 9.75
CA VAL G 38 10.99 -34.48 8.42
C VAL G 38 10.22 -33.59 7.47
N TYR G 39 10.91 -32.58 6.89
CA TYR G 39 10.29 -31.60 5.98
C TYR G 39 10.38 -32.09 4.53
N ASN G 40 11.56 -32.46 4.08
CA ASN G 40 11.73 -32.97 2.71
C ASN G 40 13.08 -33.64 2.44
N ILE G 41 13.05 -34.80 1.79
CA ILE G 41 14.26 -35.42 1.26
C ILE G 41 14.17 -35.50 -0.27
N GLN G 42 15.05 -34.81 -0.98
CA GLN G 42 14.89 -34.59 -2.43
C GLN G 42 15.55 -35.69 -3.25
N ASP G 43 15.07 -35.84 -4.47
CA ASP G 43 15.72 -36.68 -5.49
C ASP G 43 16.87 -35.91 -6.12
N GLU G 44 17.91 -35.62 -5.34
CA GLU G 44 19.06 -34.83 -5.80
C GLU G 44 19.92 -35.63 -6.80
N THR G 45 19.37 -36.72 -7.33
CA THR G 45 20.12 -37.67 -8.17
C THR G 45 20.40 -37.16 -9.59
N GLY G 46 19.43 -36.53 -10.22
CA GLY G 46 19.64 -35.88 -11.53
C GLY G 46 19.42 -36.83 -12.70
N GLN G 47 18.68 -37.87 -12.46
CA GLN G 47 18.72 -38.92 -13.40
C GLN G 47 17.34 -39.39 -13.80
N PHE G 48 17.22 -39.68 -15.10
CA PHE G 48 15.98 -40.20 -15.66
C PHE G 48 16.21 -41.53 -16.36
N LYS G 49 15.11 -42.20 -16.69
CA LYS G 49 15.15 -43.47 -17.39
C LYS G 49 15.46 -43.28 -18.86
N PRO G 50 16.23 -44.22 -19.42
CA PRO G 50 16.59 -44.22 -20.83
C PRO G 50 15.47 -44.73 -21.75
N TYR G 51 15.65 -44.52 -23.06
CA TYR G 51 14.73 -45.05 -24.03
C TYR G 51 14.54 -46.52 -23.75
N PRO G 52 13.30 -47.00 -23.83
CA PRO G 52 12.07 -46.36 -24.31
C PRO G 52 11.21 -45.69 -23.26
N ALA G 53 11.77 -45.40 -22.08
CA ALA G 53 10.96 -44.76 -21.04
C ALA G 53 10.53 -43.38 -21.55
N SER G 54 9.46 -42.83 -20.97
CA SER G 54 9.20 -41.42 -21.15
C SER G 54 10.40 -40.60 -20.70
N ASN G 55 10.63 -39.54 -21.46
CA ASN G 55 11.72 -38.63 -21.17
C ASN G 55 11.71 -38.24 -19.68
N PHE G 56 10.49 -38.22 -19.13
CA PHE G 56 10.20 -37.59 -17.83
C PHE G 56 10.15 -38.57 -16.70
N SER G 57 10.30 -39.84 -17.01
CA SER G 57 10.34 -40.83 -15.95
C SER G 57 11.70 -40.75 -15.16
N THR G 58 11.60 -40.40 -13.90
CA THR G 58 12.78 -40.29 -13.07
C THR G 58 13.35 -41.64 -12.78
N ALA G 59 14.63 -41.67 -12.48
CA ALA G 59 15.22 -42.97 -12.24
C ALA G 59 14.92 -43.46 -10.84
N VAL G 60 14.54 -42.53 -9.96
CA VAL G 60 14.32 -42.83 -8.54
C VAL G 60 13.01 -42.24 -8.08
N PRO G 61 12.24 -43.00 -7.27
CA PRO G 61 10.97 -42.45 -6.85
C PRO G 61 11.15 -41.19 -6.01
N GLN G 62 10.20 -40.25 -6.13
CA GLN G 62 10.26 -38.98 -5.43
C GLN G 62 9.70 -39.03 -4.02
N SER G 63 9.86 -40.16 -3.36
CA SER G 63 9.00 -40.53 -2.23
C SER G 63 9.82 -40.74 -0.96
N ALA G 64 11.10 -40.42 -1.05
CA ALA G 64 12.06 -40.72 -0.01
C ALA G 64 11.66 -40.14 1.36
N THR G 65 11.04 -38.97 1.33
CA THR G 65 10.57 -38.29 2.52
C THR G 65 9.65 -39.16 3.35
N ALA G 66 8.64 -39.72 2.71
CA ALA G 66 7.67 -40.55 3.42
C ALA G 66 8.29 -41.86 3.93
N MET G 67 9.21 -42.43 3.14
CA MET G 67 9.95 -43.62 3.55
C MET G 67 10.76 -43.39 4.83
N LEU G 68 11.44 -42.24 4.88
CA LEU G 68 12.24 -41.90 6.04
C LEU G 68 11.37 -41.73 7.25
N VAL G 69 10.24 -41.02 7.10
CA VAL G 69 9.31 -40.84 8.23
C VAL G 69 8.83 -42.19 8.74
N THR G 70 8.50 -43.07 7.80
CA THR G 70 8.02 -44.40 8.15
C THR G 70 9.11 -45.21 8.86
N ALA G 71 10.32 -45.15 8.34
CA ALA G 71 11.44 -45.84 8.99
C ALA G 71 11.68 -45.30 10.40
N LEU G 72 11.61 -43.99 10.54
CA LEU G 72 11.79 -43.34 11.84
C LEU G 72 10.74 -43.81 12.83
N LYS G 73 9.58 -44.21 12.32
CA LYS G 73 8.51 -44.67 13.20
C LYS G 73 8.73 -46.13 13.56
N ASP G 74 9.03 -46.96 12.55
CA ASP G 74 9.11 -48.41 12.74
C ASP G 74 10.19 -48.73 13.76
N SER G 75 11.20 -47.86 13.84
CA SER G 75 12.34 -48.09 14.73
C SER G 75 11.95 -48.12 16.20
N ARG G 76 10.84 -47.47 16.50
CA ARG G 76 10.37 -47.30 17.88
C ARG G 76 11.41 -46.58 18.72
N TRP G 77 12.05 -45.61 18.10
CA TRP G 77 12.86 -44.60 18.79
C TRP G 77 12.28 -43.17 18.68
N PHE G 78 11.59 -42.89 17.57
CA PHE G 78 11.12 -41.55 17.23
C PHE G 78 9.61 -41.49 17.01
N ILE G 79 9.00 -40.38 17.44
CA ILE G 79 7.65 -39.98 17.03
C ILE G 79 7.77 -38.94 15.95
N PRO G 80 7.20 -39.22 14.76
CA PRO G 80 7.40 -38.25 13.71
C PRO G 80 6.28 -37.28 13.74
N LEU G 81 6.62 -36.01 13.65
CA LEU G 81 5.65 -34.99 13.57
C LEU G 81 5.43 -34.65 12.12
N GLU G 82 4.17 -34.45 11.78
CA GLU G 82 3.75 -34.20 10.41
C GLU G 82 4.06 -32.75 9.96
N ARG G 83 5.05 -32.65 9.06
CA ARG G 83 5.39 -31.41 8.43
C ARG G 83 5.30 -31.50 6.89
N GLN G 84 5.30 -32.69 6.30
CA GLN G 84 5.25 -32.79 4.84
C GLN G 84 3.97 -32.17 4.34
N GLY G 85 2.89 -32.37 5.05
CA GLY G 85 1.63 -31.73 4.66
C GLY G 85 1.17 -30.64 5.59
N LEU G 86 2.10 -29.82 6.10
CA LEU G 86 1.82 -28.93 7.25
C LEU G 86 0.71 -27.95 6.94
N GLN G 87 0.64 -27.52 5.68
CA GLN G 87 -0.35 -26.53 5.29
C GLN G 87 -1.81 -27.01 5.53
N ASN G 88 -2.08 -28.27 5.16
CA ASN G 88 -3.40 -28.83 5.32
C ASN G 88 -3.71 -28.90 6.79
N LEU G 89 -2.68 -29.16 7.59
CA LEU G 89 -2.88 -29.46 9.00
C LEU G 89 -3.37 -28.15 9.62
N LEU G 90 -2.77 -27.06 9.17
CA LEU G 90 -3.08 -25.75 9.72
C LEU G 90 -4.48 -25.31 9.26
N ASN G 91 -4.87 -25.76 8.06
CA ASN G 91 -6.19 -25.48 7.54
C ASN G 91 -7.28 -26.17 8.29
N GLU G 92 -7.12 -27.47 8.54
CA GLU G 92 -8.07 -28.23 9.38
C GLU G 92 -8.20 -27.64 10.79
N ARG G 93 -7.09 -27.15 11.32
CA ARG G 93 -7.14 -26.44 12.57
C ARG G 93 -7.88 -25.06 12.49
N LYS G 94 -7.78 -24.38 11.35
CA LYS G 94 -8.58 -23.16 11.14
C LYS G 94 -10.08 -23.49 11.15
N ILE G 95 -10.43 -24.62 10.51
CA ILE G 95 -11.83 -25.00 10.37
C ILE G 95 -12.42 -25.44 11.69
N ILE G 96 -11.62 -26.19 12.45
CA ILE G 96 -11.93 -26.49 13.83
C ILE G 96 -12.21 -25.21 14.61
N ARG G 97 -11.22 -24.32 14.69
CA ARG G 97 -11.35 -23.13 15.51
C ARG G 97 -12.53 -22.27 15.09
N ALA G 98 -12.84 -22.27 13.79
CA ALA G 98 -13.98 -21.53 13.30
C ALA G 98 -15.30 -22.19 13.72
N ALA G 99 -15.24 -23.51 13.89
CA ALA G 99 -16.43 -24.28 14.25
C ALA G 99 -16.87 -23.95 15.67
N GLN G 100 -15.91 -24.01 16.59
CA GLN G 100 -16.25 -24.16 18.02
C GLN G 100 -15.96 -22.91 18.82
N GLU G 101 -15.62 -21.83 18.12
CA GLU G 101 -15.34 -20.56 18.77
C GLU G 101 -16.56 -19.92 19.48
N ASN G 102 -17.76 -20.26 19.04
CA ASN G 102 -18.96 -19.65 19.57
C ASN G 102 -19.55 -20.44 20.72
N GLY G 103 -18.96 -21.59 21.03
CA GLY G 103 -19.55 -22.48 22.06
C GLY G 103 -20.99 -22.96 21.83
N THR G 104 -21.32 -23.19 20.58
CA THR G 104 -22.54 -23.87 20.26
C THR G 104 -22.23 -25.32 19.95
N VAL G 105 -21.04 -25.61 19.44
CA VAL G 105 -20.76 -26.94 18.94
C VAL G 105 -20.97 -27.98 20.06
N ALA G 106 -21.55 -29.11 19.66
CA ALA G 106 -21.95 -30.18 20.57
C ALA G 106 -20.76 -30.73 21.33
N ILE G 107 -20.92 -30.87 22.64
CA ILE G 107 -19.81 -31.34 23.48
C ILE G 107 -19.22 -32.71 23.10
N ASN G 108 -20.05 -33.59 22.55
CA ASN G 108 -19.58 -34.88 22.02
C ASN G 108 -18.73 -34.69 20.77
N ASN G 109 -19.10 -33.70 19.97
CA ASN G 109 -18.45 -33.46 18.70
C ASN G 109 -17.19 -32.60 18.82
N ARG G 110 -17.05 -31.92 19.95
CA ARG G 110 -16.01 -30.90 20.17
C ARG G 110 -14.60 -31.49 19.96
N ILE G 111 -13.73 -30.79 19.25
CA ILE G 111 -12.33 -31.21 19.12
C ILE G 111 -11.44 -30.29 19.90
N PRO G 112 -10.79 -30.82 20.96
CA PRO G 112 -9.91 -29.98 21.77
C PRO G 112 -8.56 -29.73 21.07
N LEU G 113 -8.20 -28.45 20.97
CA LEU G 113 -7.01 -28.03 20.24
C LEU G 113 -5.91 -27.58 21.18
N GLN G 114 -4.68 -27.85 20.76
CA GLN G 114 -3.56 -27.23 21.42
C GLN G 114 -2.58 -26.96 20.32
N SER G 115 -1.82 -25.88 20.46
CA SER G 115 -0.80 -25.55 19.47
C SER G 115 0.13 -26.80 19.31
N LEU G 116 0.79 -26.89 18.22
CA LEU G 116 1.34 -28.06 17.59
C LEU G 116 2.53 -28.59 18.39
N THR G 117 2.55 -29.90 18.60
CA THR G 117 3.72 -30.57 19.16
C THR G 117 4.97 -30.27 18.34
N ALA G 118 6.04 -29.90 19.04
CA ALA G 118 7.25 -29.38 18.38
C ALA G 118 8.41 -30.33 18.59
N ALA G 119 9.16 -30.48 17.53
CA ALA G 119 10.33 -31.31 17.52
C ALA G 119 11.59 -30.66 18.15
N ASN G 120 12.51 -31.48 18.62
CA ASN G 120 13.80 -30.97 19.01
C ASN G 120 14.87 -31.14 17.92
N ILE G 121 14.94 -32.34 17.36
CA ILE G 121 15.88 -32.57 16.30
C ILE G 121 15.05 -32.73 15.05
N MET G 122 15.54 -32.20 13.93
CA MET G 122 14.95 -32.55 12.66
C MET G 122 15.99 -33.11 11.73
N VAL G 123 15.58 -34.11 10.96
CA VAL G 123 16.53 -34.86 10.12
C VAL G 123 16.11 -34.65 8.69
N GLU G 124 17.06 -34.18 7.89
CA GLU G 124 16.85 -34.11 6.44
C GLU G 124 17.99 -34.74 5.69
N GLY G 125 17.80 -34.90 4.38
CA GLY G 125 18.76 -35.63 3.58
C GLY G 125 18.46 -35.50 2.11
N SER G 126 19.04 -36.40 1.32
CA SER G 126 18.87 -36.35 -0.12
C SER G 126 19.20 -37.69 -0.76
N ILE G 127 18.51 -38.03 -1.84
CA ILE G 127 18.95 -39.11 -2.64
C ILE G 127 20.12 -38.54 -3.42
N ILE G 128 21.31 -38.89 -2.97
CA ILE G 128 22.53 -38.57 -3.68
C ILE G 128 22.79 -39.74 -4.65
N GLY G 129 22.47 -39.54 -5.91
CA GLY G 129 23.03 -40.35 -6.95
C GLY G 129 22.25 -41.61 -7.25
N TYR G 130 22.10 -41.85 -8.55
CA TYR G 130 21.75 -43.17 -9.08
C TYR G 130 22.55 -43.37 -10.35
N GLU G 131 23.57 -44.22 -10.28
CA GLU G 131 24.31 -44.59 -11.49
C GLU G 131 23.74 -45.89 -12.03
N SER G 132 23.75 -46.05 -13.34
CA SER G 132 23.05 -47.17 -13.97
C SER G 132 24.01 -48.08 -14.77
N ASN G 133 23.75 -49.38 -14.73
CA ASN G 133 24.71 -50.39 -15.23
C ASN G 133 26.13 -50.09 -14.76
N VAL G 134 26.29 -50.02 -13.44
CA VAL G 134 27.58 -49.80 -12.82
C VAL G 134 28.43 -51.03 -13.08
N LYS G 135 27.78 -52.20 -13.09
CA LYS G 135 28.39 -53.40 -13.66
C LYS G 135 27.40 -54.16 -14.52
N SER G 136 27.93 -55.01 -15.40
CA SER G 136 27.10 -55.84 -16.25
C SER G 136 27.90 -56.99 -16.86
N GLY G 137 27.18 -58.06 -17.24
CA GLY G 137 27.83 -59.21 -17.87
C GLY G 137 26.86 -60.19 -18.48
N GLY G 138 27.41 -61.21 -19.14
CA GLY G 138 26.59 -62.23 -19.80
C GLY G 138 27.36 -63.46 -20.18
N VAL G 139 26.70 -64.62 -20.11
CA VAL G 139 27.30 -65.88 -20.52
C VAL G 139 26.27 -66.72 -21.27
N GLY G 140 26.63 -67.15 -22.47
CA GLY G 140 25.74 -67.94 -23.32
C GLY G 140 26.44 -68.90 -24.26
N ALA G 141 25.81 -70.03 -24.51
CA ALA G 141 26.36 -71.02 -25.43
C ALA G 141 25.26 -71.74 -26.21
N ARG G 142 25.53 -71.98 -27.49
CA ARG G 142 24.67 -72.83 -28.28
C ARG G 142 25.50 -73.91 -28.93
N TYR G 143 24.91 -75.11 -29.01
CA TYR G 143 25.63 -76.29 -29.44
C TYR G 143 24.77 -76.96 -30.50
N GLY G 145 22.40 -77.25 -31.79
CA GLY G 145 20.96 -77.11 -31.81
C GLY G 145 20.33 -76.58 -30.52
N ILE G 146 21.02 -76.74 -29.39
CA ILE G 146 20.46 -76.38 -28.08
C ILE G 146 21.27 -75.21 -27.49
N GLY G 147 20.58 -74.22 -26.91
CA GLY G 147 21.30 -73.06 -26.37
C GLY G 147 20.68 -72.38 -25.17
N ALA G 148 21.53 -71.73 -24.37
CA ALA G 148 21.06 -70.94 -23.23
C ALA G 148 22.01 -69.79 -22.97
N ASP G 149 21.53 -68.85 -22.16
CA ASP G 149 22.33 -67.67 -21.83
C ASP G 149 21.72 -66.94 -20.65
N THR G 150 22.57 -66.33 -19.84
CA THR G 150 22.12 -65.33 -18.89
C THR G 150 22.83 -64.00 -19.12
N GLN G 151 22.16 -62.93 -18.72
CA GLN G 151 22.74 -61.60 -18.76
C GLN G 151 22.37 -60.87 -17.48
N TYR G 152 23.27 -60.06 -16.94
CA TYR G 152 22.97 -59.34 -15.73
C TYR G 152 23.47 -57.92 -15.77
N GLN G 153 22.74 -57.02 -15.12
CA GLN G 153 23.20 -55.67 -14.92
C GLN G 153 22.92 -55.22 -13.49
N LEU G 154 23.72 -54.28 -13.00
CA LEU G 154 23.43 -53.72 -11.69
C LEU G 154 23.75 -52.23 -11.60
N ASP G 155 22.94 -51.55 -10.80
CA ASP G 155 22.91 -50.09 -10.67
C ASP G 155 23.25 -49.71 -9.23
N GLN G 156 23.66 -48.47 -9.01
CA GLN G 156 23.88 -47.97 -7.63
C GLN G 156 22.88 -46.87 -7.20
N ILE G 157 22.69 -46.71 -5.88
CA ILE G 157 21.84 -45.68 -5.33
C ILE G 157 22.37 -45.31 -3.93
N ALA G 158 22.37 -44.03 -3.60
CA ALA G 158 22.97 -43.59 -2.36
C ALA G 158 22.10 -42.58 -1.71
N VAL G 159 22.21 -42.48 -0.40
CA VAL G 159 21.32 -41.65 0.37
C VAL G 159 22.08 -40.99 1.51
N ASN G 160 21.90 -39.69 1.61
CA ASN G 160 22.36 -38.92 2.76
C ASN G 160 21.16 -38.77 3.71
N LEU G 161 21.36 -39.10 4.96
CA LEU G 161 20.52 -38.56 6.03
C LEU G 161 21.34 -37.78 7.09
N ARG G 162 20.75 -36.78 7.71
CA ARG G 162 21.49 -36.02 8.67
C ARG G 162 20.63 -35.36 9.74
N VAL G 163 21.06 -35.51 10.99
CA VAL G 163 20.38 -34.94 12.17
C VAL G 163 20.85 -33.54 12.44
N VAL G 164 19.91 -32.62 12.45
CA VAL G 164 20.19 -31.22 12.67
C VAL G 164 19.57 -30.87 14.00
N ASN G 165 20.33 -30.14 14.80
CA ASN G 165 19.83 -29.60 16.05
C ASN G 165 19.08 -28.29 15.87
N VAL G 166 17.80 -28.32 16.20
CA VAL G 166 16.92 -27.17 16.03
C VAL G 166 17.45 -26.01 16.83
N SER G 167 18.00 -26.30 18.00
CA SER G 167 18.34 -25.27 18.94
C SER G 167 19.61 -24.51 18.54
N THR G 168 20.36 -25.05 17.58
CA THR G 168 21.60 -24.38 17.11
C THR G 168 21.84 -24.35 15.58
N GLY G 169 21.36 -25.36 14.89
CA GLY G 169 21.60 -25.46 13.49
C GLY G 169 22.81 -26.35 13.27
N GLU G 170 23.55 -26.63 14.34
CA GLU G 170 24.65 -27.61 14.25
C GLU G 170 24.04 -28.88 13.68
N ILE G 171 24.66 -29.41 12.64
CA ILE G 171 24.38 -30.77 12.28
C ILE G 171 24.97 -31.70 13.35
N LEU G 172 24.15 -32.59 13.90
CA LEU G 172 24.61 -33.49 14.96
C LEU G 172 25.07 -34.86 14.42
N SER G 173 24.74 -35.13 13.16
CA SER G 173 25.18 -36.37 12.51
C SER G 173 24.89 -36.38 11.03
N SER G 174 25.87 -36.78 10.23
CA SER G 174 25.63 -37.00 8.80
C SER G 174 26.02 -38.40 8.46
N VAL G 175 25.20 -39.06 7.65
CA VAL G 175 25.49 -40.43 7.24
C VAL G 175 25.19 -40.66 5.77
N ASN G 176 26.00 -41.52 5.14
CA ASN G 176 25.95 -41.72 3.71
C ASN G 176 25.85 -43.23 3.38
N THR G 177 24.63 -43.71 3.15
CA THR G 177 24.41 -45.12 2.78
C THR G 177 24.27 -45.36 1.28
N SER G 178 24.45 -46.61 0.85
CA SER G 178 24.47 -46.99 -0.57
C SER G 178 23.97 -48.41 -0.79
N LYS G 179 23.44 -48.68 -1.96
CA LYS G 179 22.75 -49.94 -2.21
C LYS G 179 22.72 -50.23 -3.70
N THR G 180 22.83 -51.50 -4.02
CA THR G 180 22.94 -51.93 -5.41
C THR G 180 21.63 -52.59 -5.87
N ILE G 181 21.18 -52.20 -7.06
CA ILE G 181 19.96 -52.79 -7.67
C ILE G 181 20.32 -53.84 -8.73
N LEU G 182 19.91 -55.08 -8.50
CA LEU G 182 20.22 -56.22 -9.37
C LEU G 182 19.15 -56.49 -10.44
N SER G 183 19.62 -56.82 -11.64
CA SER G 183 18.75 -57.25 -12.73
C SER G 183 19.40 -58.40 -13.50
N TYR G 184 18.59 -59.37 -13.93
CA TYR G 184 19.09 -60.50 -14.73
C TYR G 184 18.05 -61.16 -15.64
N GLU G 185 18.57 -61.76 -16.72
CA GLU G 185 17.75 -62.33 -17.79
C GLU G 185 18.27 -63.68 -18.16
N VAL G 186 17.49 -64.70 -17.85
CA VAL G 186 17.83 -66.07 -18.16
C VAL G 186 17.02 -66.53 -19.34
N GLN G 187 17.65 -67.27 -20.24
CA GLN G 187 16.99 -67.62 -21.47
C GLN G 187 17.54 -68.93 -22.06
N ALA G 188 16.64 -69.79 -22.54
CA ALA G 188 17.03 -71.08 -23.11
C ALA G 188 16.16 -71.43 -24.31
N GLY G 189 16.76 -72.03 -25.32
CA GLY G 189 16.05 -72.43 -26.53
C GLY G 189 16.57 -73.72 -27.12
N VAL G 190 15.67 -74.58 -27.58
CA VAL G 190 16.03 -75.81 -28.27
C VAL G 190 15.56 -75.78 -29.72
N PHE G 191 16.43 -76.20 -30.64
CA PHE G 191 16.20 -75.98 -32.07
C PHE G 191 16.48 -77.26 -32.84
N LEU G 200 11.51 -78.39 -35.30
CA LEU G 200 11.30 -78.19 -33.86
C LEU G 200 12.07 -76.98 -33.35
N GLU G 201 11.33 -75.95 -32.92
CA GLU G 201 11.88 -74.93 -32.04
C GLU G 201 11.10 -74.87 -30.73
N GLY G 202 11.79 -74.53 -29.64
CA GLY G 202 11.15 -74.30 -28.34
C GLY G 202 11.99 -73.32 -27.51
N GLU G 203 11.35 -72.26 -27.02
CA GLU G 203 12.08 -71.23 -26.27
C GLU G 203 11.42 -70.85 -24.94
N VAL G 204 12.24 -70.73 -23.90
CA VAL G 204 11.82 -70.25 -22.58
C VAL G 204 12.70 -69.05 -22.19
N GLY G 205 12.07 -68.02 -21.64
CA GLY G 205 12.80 -66.88 -21.11
C GLY G 205 12.25 -66.39 -19.77
N TYR G 206 13.12 -65.79 -18.96
CA TYR G 206 12.71 -65.18 -17.69
C TYR G 206 13.59 -63.98 -17.40
N THR G 207 12.99 -62.93 -16.84
CA THR G 207 13.78 -61.76 -16.43
C THR G 207 13.34 -61.23 -15.05
N SER G 208 14.31 -60.85 -14.22
CA SER G 208 13.99 -60.25 -12.92
C SER G 208 14.77 -58.97 -12.63
N ASN G 209 14.03 -57.93 -12.26
CA ASN G 209 14.61 -56.67 -11.78
C ASN G 209 14.27 -56.46 -10.32
N GLU G 210 15.26 -56.00 -9.56
CA GLU G 210 14.99 -55.52 -8.22
C GLU G 210 14.18 -54.24 -8.35
N PRO G 211 13.20 -54.07 -7.48
CA PRO G 211 12.56 -52.77 -7.43
C PRO G 211 13.47 -51.67 -6.84
N VAL G 212 13.64 -50.58 -7.59
CA VAL G 212 14.44 -49.44 -7.14
C VAL G 212 13.77 -48.88 -5.88
N MET G 213 12.45 -48.78 -5.97
CA MET G 213 11.56 -48.49 -4.86
C MET G 213 12.06 -49.11 -3.57
N LEU G 214 12.38 -50.39 -3.64
CA LEU G 214 12.52 -51.24 -2.47
C LEU G 214 13.94 -51.10 -1.97
N CYS G 215 14.82 -50.75 -2.90
CA CYS G 215 16.22 -50.56 -2.55
C CYS G 215 16.36 -49.23 -1.83
N LEU G 216 15.61 -48.25 -2.33
CA LEU G 216 15.64 -46.94 -1.71
C LEU G 216 15.17 -47.09 -0.27
N MET G 217 14.08 -47.83 -0.08
CA MET G 217 13.49 -48.02 1.25
C MET G 217 14.48 -48.70 2.20
N SER G 218 15.09 -49.77 1.72
CA SER G 218 16.10 -50.49 2.47
C SER G 218 17.23 -49.56 2.94
N ALA G 219 17.79 -48.80 2.01
CA ALA G 219 18.95 -47.97 2.29
C ALA G 219 18.59 -46.88 3.33
N ILE G 220 17.36 -46.39 3.27
CA ILE G 220 16.92 -45.33 4.19
C ILE G 220 16.85 -45.92 5.60
N GLU G 221 16.33 -47.14 5.71
CA GLU G 221 16.25 -47.81 7.00
C GLU G 221 17.63 -47.91 7.60
N THR G 222 18.56 -48.45 6.81
CA THR G 222 19.96 -48.62 7.21
C THR G 222 20.52 -47.31 7.73
N GLY G 223 20.26 -46.23 6.99
CA GLY G 223 20.69 -44.91 7.39
C GLY G 223 20.14 -44.53 8.77
N VAL G 224 18.88 -44.88 9.03
CA VAL G 224 18.23 -44.51 10.28
C VAL G 224 18.94 -45.22 11.42
N ILE G 225 19.30 -46.48 11.19
CA ILE G 225 20.03 -47.25 12.21
C ILE G 225 21.36 -46.58 12.51
N PHE G 226 22.15 -46.30 11.47
CA PHE G 226 23.47 -45.65 11.65
C PHE G 226 23.32 -44.33 12.40
N LEU G 227 22.21 -43.64 12.18
CA LEU G 227 21.95 -42.37 12.87
C LEU G 227 21.70 -42.58 14.34
N ILE G 228 20.91 -43.60 14.67
CA ILE G 228 20.59 -43.90 16.08
C ILE G 228 21.85 -44.33 16.81
N ASN G 229 22.60 -45.24 16.19
CA ASN G 229 23.83 -45.76 16.78
C ASN G 229 24.84 -44.63 17.00
N ASP G 230 24.99 -43.77 16.00
CA ASP G 230 25.86 -42.61 16.08
C ASP G 230 25.41 -41.70 17.23
N GLY G 231 24.11 -41.49 17.37
CA GLY G 231 23.58 -40.63 18.42
C GLY G 231 23.81 -41.21 19.81
N ILE G 232 23.72 -42.53 19.90
CA ILE G 232 24.01 -43.23 21.16
C ILE G 232 25.44 -42.96 21.57
N ASP G 233 26.37 -43.16 20.64
CA ASP G 233 27.78 -42.92 20.89
C ASP G 233 28.00 -41.48 21.36
N ARG G 234 27.41 -40.53 20.64
CA ARG G 234 27.69 -39.10 20.86
C ARG G 234 26.86 -38.47 21.99
N GLY G 235 26.00 -39.28 22.60
CA GLY G 235 25.28 -38.84 23.79
C GLY G 235 24.12 -37.93 23.45
N LEU G 236 23.52 -38.15 22.28
CA LEU G 236 22.25 -37.47 21.96
C LEU G 236 21.13 -38.12 22.76
N TRP G 237 21.10 -39.43 22.74
CA TRP G 237 20.05 -40.18 23.44
C TRP G 237 20.65 -41.43 24.11
N ASP G 238 19.89 -42.03 25.02
CA ASP G 238 20.39 -43.13 25.85
C ASP G 238 19.48 -44.34 25.83
N LEU G 239 20.11 -45.51 25.95
CA LEU G 239 19.43 -46.79 25.91
C LEU G 239 18.77 -47.08 27.29
N GLN G 240 17.57 -47.65 27.24
CA GLN G 240 16.89 -48.11 28.46
C GLN G 240 17.83 -49.00 29.28
N ASN G 241 18.30 -50.05 28.63
CA ASN G 241 19.22 -51.00 29.24
C ASN G 241 20.63 -50.78 28.74
N LYS G 242 21.49 -50.27 29.62
CA LYS G 242 22.88 -50.05 29.26
C LYS G 242 23.59 -51.38 28.95
N ALA G 243 23.05 -52.45 29.55
CA ALA G 243 23.48 -53.83 29.28
C ALA G 243 23.24 -54.23 27.82
N GLU G 244 22.35 -53.50 27.13
CA GLU G 244 22.03 -53.83 25.75
C GLU G 244 22.88 -53.06 24.75
N ARG G 245 23.94 -52.41 25.23
CA ARG G 245 24.92 -51.79 24.33
C ARG G 245 25.52 -52.76 23.31
N GLN G 246 25.78 -54.00 23.74
CA GLN G 246 26.42 -54.98 22.87
C GLN G 246 25.41 -55.82 22.10
N ASN G 247 24.20 -55.29 21.97
CA ASN G 247 23.18 -55.86 21.08
C ASN G 247 23.78 -56.28 19.74
N ASP G 248 23.34 -57.44 19.23
CA ASP G 248 23.88 -57.99 17.97
C ASP G 248 23.82 -56.97 16.83
N ILE G 249 22.66 -56.33 16.70
CA ILE G 249 22.41 -55.38 15.63
C ILE G 249 23.31 -54.15 15.80
N LEU G 250 23.32 -53.59 17.02
CA LEU G 250 24.09 -52.39 17.30
C LEU G 250 25.60 -52.57 17.07
N VAL G 251 26.12 -53.74 17.42
CA VAL G 251 27.54 -54.04 17.20
C VAL G 251 27.84 -54.35 15.73
N LYS G 252 26.81 -54.82 15.01
CA LYS G 252 26.94 -55.06 13.58
C LYS G 252 27.14 -53.74 12.81
N TYR G 253 26.31 -52.74 13.14
CA TYR G 253 26.38 -51.42 12.50
C TYR G 253 27.54 -50.59 13.03
N ARG G 254 27.86 -50.81 14.30
CA ARG G 254 29.10 -50.25 14.90
C ARG G 254 30.32 -50.74 14.13
N HIS G 255 30.29 -52.01 13.73
CA HIS G 255 31.38 -52.63 12.98
C HIS G 255 31.52 -52.08 11.57
N MET G 256 30.39 -51.76 10.94
CA MET G 256 30.43 -51.21 9.58
C MET G 256 31.09 -49.83 9.57
N SER G 257 31.07 -49.14 10.72
CA SER G 257 31.74 -47.82 10.90
C SER G 257 33.24 -47.95 11.11
N LEU H 2 5.52 -67.27 -7.22
CA LEU H 2 6.51 -66.28 -7.75
C LEU H 2 5.85 -65.32 -8.75
N THR H 3 4.89 -64.55 -8.21
CA THR H 3 4.37 -63.31 -8.81
C THR H 3 4.18 -62.22 -7.73
N ALA H 4 4.41 -62.59 -6.48
CA ALA H 4 4.78 -61.63 -5.45
C ALA H 4 6.24 -61.19 -5.68
N PRO H 5 6.80 -60.33 -4.80
CA PRO H 5 8.00 -59.70 -5.32
C PRO H 5 9.23 -60.58 -5.16
N PRO H 6 10.36 -60.18 -5.78
CA PRO H 6 11.68 -60.74 -5.44
C PRO H 6 12.28 -60.12 -4.18
N LYS H 7 13.10 -60.88 -3.46
CA LYS H 7 13.75 -60.36 -2.23
C LYS H 7 15.18 -59.82 -2.51
N GLU H 8 15.73 -59.12 -1.52
CA GLU H 8 16.91 -58.27 -1.73
C GLU H 8 18.16 -59.06 -2.06
N ALA H 9 18.70 -58.84 -3.26
CA ALA H 9 19.98 -59.37 -3.67
C ALA H 9 21.08 -58.31 -3.42
N ALA H 10 21.96 -58.60 -2.47
CA ALA H 10 22.96 -57.67 -1.96
C ALA H 10 22.38 -56.82 -0.83
N ARG H 11 23.27 -56.33 0.04
CA ARG H 11 22.86 -55.62 1.24
C ARG H 11 23.19 -54.10 1.20
N PRO H 12 22.37 -53.28 1.86
CA PRO H 12 22.83 -51.93 2.11
C PRO H 12 24.15 -51.84 2.92
N THR H 13 25.20 -51.35 2.29
CA THR H 13 26.39 -50.88 2.98
C THR H 13 26.37 -49.37 3.20
N LEU H 14 27.17 -48.83 4.11
CA LEU H 14 27.35 -47.35 4.10
C LEU H 14 28.29 -46.97 2.93
N MET H 15 28.25 -45.72 2.47
CA MET H 15 28.61 -45.41 1.07
C MET H 15 30.11 -45.58 0.85
N PRO H 16 30.49 -46.45 -0.13
CA PRO H 16 31.87 -46.90 -0.39
C PRO H 16 32.87 -45.83 -0.80
N ARG H 17 33.34 -45.09 0.20
CA ARG H 17 34.37 -44.08 -0.03
C ARG H 17 35.72 -44.78 0.04
N ALA H 18 36.70 -44.31 -0.73
CA ALA H 18 38.03 -44.92 -0.74
C ALA H 18 39.12 -43.99 -0.17
N GLN H 19 40.13 -43.67 -0.98
CA GLN H 19 41.42 -43.24 -0.46
C GLN H 19 41.31 -41.83 0.14
N SER H 20 40.73 -40.94 -0.64
CA SER H 20 40.47 -39.60 -0.21
C SER H 20 39.92 -39.61 1.21
N TYR H 21 38.89 -40.44 1.43
CA TYR H 21 38.24 -40.56 2.75
C TYR H 21 39.22 -40.94 3.85
N LYS H 22 40.04 -41.96 3.57
CA LYS H 22 40.99 -42.47 4.54
C LYS H 22 42.01 -41.40 4.96
N ASP H 23 42.47 -40.63 3.98
CA ASP H 23 43.34 -39.48 4.25
C ASP H 23 42.62 -38.42 5.07
N LEU H 24 41.39 -38.12 4.68
CA LEU H 24 40.59 -37.04 5.28
C LEU H 24 40.28 -37.32 6.75
N THR H 25 40.03 -38.59 7.07
CA THR H 25 39.67 -38.97 8.43
C THR H 25 40.89 -38.94 9.37
N HIS H 26 41.99 -39.52 8.92
CA HIS H 26 43.20 -39.66 9.73
C HIS H 26 44.06 -38.38 9.67
N LEU H 27 43.41 -37.23 9.62
CA LEU H 27 44.13 -35.96 9.63
C LEU H 27 44.33 -35.52 11.08
N PRO H 28 45.53 -35.04 11.40
CA PRO H 28 45.83 -34.55 12.76
C PRO H 28 44.92 -33.40 13.17
N ALA H 29 44.30 -33.51 14.35
CA ALA H 29 43.21 -32.60 14.74
C ALA H 29 43.72 -31.19 15.11
N PRO H 30 42.92 -30.15 14.84
CA PRO H 30 43.25 -28.76 15.15
C PRO H 30 43.04 -28.48 16.62
N THR H 31 43.34 -27.26 17.05
CA THR H 31 43.19 -26.88 18.46
C THR H 31 41.72 -26.79 18.89
N GLY H 32 40.84 -26.49 17.95
CA GLY H 32 39.40 -26.62 18.15
C GLY H 32 38.73 -26.74 16.80
N LYS H 33 37.55 -27.37 16.75
CA LYS H 33 36.86 -27.50 15.47
C LYS H 33 36.37 -26.13 15.01
N ILE H 34 36.26 -25.93 13.69
CA ILE H 34 35.91 -24.63 13.12
C ILE H 34 34.48 -24.73 12.61
N PHE H 35 33.72 -23.65 12.82
CA PHE H 35 32.29 -23.55 12.43
C PHE H 35 32.16 -23.15 10.98
N VAL H 36 31.43 -23.95 10.20
CA VAL H 36 31.43 -23.71 8.77
C VAL H 36 30.05 -23.78 8.20
N SER H 37 29.82 -23.02 7.12
CA SER H 37 28.52 -22.96 6.49
C SER H 37 28.67 -23.38 5.06
N VAL H 38 27.83 -24.29 4.61
CA VAL H 38 27.71 -24.47 3.18
C VAL H 38 26.27 -24.17 2.73
N TYR H 39 26.11 -23.19 1.82
CA TYR H 39 24.79 -22.81 1.28
C TYR H 39 24.45 -23.62 0.01
N ASN H 40 25.35 -23.64 -0.96
CA ASN H 40 25.10 -24.40 -2.20
C ASN H 40 26.31 -24.54 -3.11
N ILE H 41 26.52 -25.76 -3.60
CA ILE H 41 27.52 -26.01 -4.63
C ILE H 41 26.79 -26.49 -5.87
N GLN H 42 26.86 -25.72 -6.97
CA GLN H 42 26.04 -25.98 -8.18
C GLN H 42 26.70 -26.87 -9.20
N ASP H 43 25.84 -27.52 -10.01
CA ASP H 43 26.31 -28.34 -11.12
C ASP H 43 26.63 -27.46 -12.30
N GLU H 44 27.66 -26.63 -12.16
CA GLU H 44 27.94 -25.58 -13.16
C GLU H 44 28.48 -26.20 -14.45
N THR H 45 28.30 -27.52 -14.58
CA THR H 45 28.99 -28.31 -15.62
C THR H 45 28.38 -28.15 -16.99
N GLY H 46 27.06 -28.14 -17.05
CA GLY H 46 26.33 -27.81 -18.29
C GLY H 46 26.06 -29.04 -19.15
N GLN H 47 26.06 -30.19 -18.51
CA GLN H 47 26.20 -31.36 -19.28
C GLN H 47 25.18 -32.43 -18.92
N PHE H 48 24.61 -33.03 -19.95
CA PHE H 48 23.64 -34.08 -19.82
C PHE H 48 24.09 -35.35 -20.53
N LYS H 49 23.41 -36.44 -20.24
CA LYS H 49 23.80 -37.72 -20.76
C LYS H 49 23.31 -37.81 -22.20
N PRO H 50 24.10 -38.49 -23.05
CA PRO H 50 23.69 -38.80 -24.42
C PRO H 50 22.66 -39.91 -24.56
N TYR H 51 22.11 -40.07 -25.76
CA TYR H 51 21.29 -41.26 -26.05
C TYR H 51 22.04 -42.53 -25.59
N PRO H 52 21.34 -43.46 -24.88
CA PRO H 52 19.90 -43.57 -24.68
C PRO H 52 19.39 -43.02 -23.38
N ALA H 53 20.16 -42.17 -22.73
CA ALA H 53 19.67 -41.55 -21.50
C ALA H 53 18.44 -40.64 -21.77
N SER H 54 17.67 -40.40 -20.71
CA SER H 54 16.68 -39.35 -20.79
C SER H 54 17.37 -38.03 -21.09
N ASN H 55 16.70 -37.23 -21.91
CA ASN H 55 17.19 -35.93 -22.30
C ASN H 55 17.61 -35.12 -21.07
N PHE H 56 16.94 -35.44 -19.96
CA PHE H 56 17.01 -34.63 -18.75
C PHE H 56 18.00 -35.19 -17.78
N SER H 57 18.61 -36.30 -18.11
CA SER H 57 19.54 -36.88 -17.15
C SER H 57 20.84 -36.06 -17.16
N THR H 58 21.13 -35.41 -16.05
CA THR H 58 22.36 -34.70 -15.93
C THR H 58 23.57 -35.62 -15.92
N ALA H 59 24.69 -35.10 -16.34
CA ALA H 59 25.85 -35.95 -16.37
C ALA H 59 26.41 -36.13 -14.99
N VAL H 60 26.05 -35.25 -14.09
CA VAL H 60 26.66 -35.23 -12.79
C VAL H 60 25.53 -35.11 -11.78
N PRO H 61 25.66 -35.78 -10.63
CA PRO H 61 24.63 -35.65 -9.62
C PRO H 61 24.57 -34.25 -8.99
N GLN H 62 23.36 -33.83 -8.64
CA GLN H 62 23.13 -32.46 -8.18
C GLN H 62 23.31 -32.35 -6.70
N SER H 63 24.26 -33.09 -6.17
CA SER H 63 24.23 -33.43 -4.76
C SER H 63 25.50 -33.00 -4.07
N ALA H 64 26.31 -32.25 -4.81
CA ALA H 64 27.64 -31.89 -4.36
C ALA H 64 27.65 -31.21 -2.99
N THR H 65 26.64 -30.38 -2.76
CA THR H 65 26.52 -29.61 -1.54
C THR H 65 26.58 -30.51 -0.32
N ALA H 66 25.77 -31.57 -0.34
CA ALA H 66 25.67 -32.43 0.80
C ALA H 66 26.96 -33.25 0.97
N MET H 67 27.59 -33.60 -0.15
CA MET H 67 28.87 -34.34 -0.13
C MET H 67 29.96 -33.49 0.52
N LEU H 68 29.97 -32.20 0.18
CA LEU H 68 30.94 -31.29 0.78
C LEU H 68 30.71 -31.15 2.28
N VAL H 69 29.46 -30.97 2.70
CA VAL H 69 29.15 -30.82 4.12
C VAL H 69 29.62 -32.07 4.86
N THR H 70 29.33 -33.23 4.27
CA THR H 70 29.71 -34.51 4.86
C THR H 70 31.23 -34.64 4.96
N ALA H 71 31.91 -34.28 3.89
CA ALA H 71 33.37 -34.29 3.91
C ALA H 71 33.94 -33.34 4.96
N LEU H 72 33.35 -32.15 5.06
CA LEU H 72 33.75 -31.18 6.09
C LEU H 72 33.55 -31.70 7.51
N LYS H 73 32.60 -32.63 7.67
CA LYS H 73 32.37 -33.22 8.98
C LYS H 73 33.32 -34.37 9.26
N ASP H 74 33.48 -35.28 8.29
CA ASP H 74 34.30 -36.48 8.47
C ASP H 74 35.74 -36.10 8.83
N SER H 75 36.19 -34.93 8.35
CA SER H 75 37.57 -34.49 8.53
C SER H 75 37.92 -34.27 10.01
N ARG H 76 36.89 -34.00 10.80
CA ARG H 76 37.04 -33.66 12.21
C ARG H 76 37.87 -32.40 12.39
N TRP H 77 37.67 -31.46 11.49
CA TRP H 77 38.17 -30.10 11.62
C TRP H 77 37.03 -29.06 11.75
N PHE H 78 35.91 -29.35 11.09
CA PHE H 78 34.77 -28.42 10.97
C PHE H 78 33.46 -28.98 11.51
N ILE H 79 32.69 -28.10 12.15
CA ILE H 79 31.27 -28.36 12.49
C ILE H 79 30.46 -27.66 11.41
N PRO H 80 29.63 -28.43 10.69
CA PRO H 80 28.86 -27.78 9.68
C PRO H 80 27.55 -27.29 10.25
N LEU H 81 27.23 -26.02 9.97
CA LEU H 81 25.95 -25.45 10.33
C LEU H 81 25.01 -25.53 9.17
N GLU H 82 23.77 -25.90 9.51
CA GLU H 82 22.78 -26.31 8.49
C GLU H 82 22.15 -25.08 7.88
N ARG H 83 22.52 -24.85 6.62
CA ARG H 83 21.98 -23.76 5.83
C ARG H 83 21.31 -24.26 4.54
N GLN H 84 21.62 -25.47 4.09
CA GLN H 84 20.94 -25.98 2.88
C GLN H 84 19.43 -26.03 3.09
N GLY H 85 18.98 -26.45 4.25
CA GLY H 85 17.55 -26.45 4.51
C GLY H 85 17.11 -25.39 5.50
N LEU H 86 17.70 -24.20 5.44
CA LEU H 86 17.57 -23.21 6.53
C LEU H 86 16.13 -22.84 6.78
N GLN H 87 15.33 -22.85 5.72
CA GLN H 87 13.95 -22.44 5.85
C GLN H 87 13.17 -23.35 6.82
N ASN H 88 13.38 -24.67 6.69
CA ASN H 88 12.67 -25.66 7.54
C ASN H 88 13.09 -25.53 8.99
N LEU H 89 14.35 -25.17 9.17
CA LEU H 89 14.92 -25.05 10.49
C LEU H 89 14.18 -23.90 11.18
N LEU H 90 13.97 -22.82 10.43
CA LEU H 90 13.38 -21.60 11.01
C LEU H 90 11.90 -21.85 11.30
N ASN H 91 11.29 -22.72 10.49
CA ASN H 91 9.89 -23.09 10.65
C ASN H 91 9.67 -23.93 11.90
N GLU H 92 10.49 -24.96 12.10
CA GLU H 92 10.45 -25.74 13.37
C GLU H 92 10.68 -24.87 14.61
N ARG H 93 11.54 -23.88 14.48
CA ARG H 93 11.75 -22.92 15.55
C ARG H 93 10.53 -21.99 15.78
N LYS H 94 9.81 -21.65 14.72
CA LYS H 94 8.54 -20.95 14.89
C LYS H 94 7.55 -21.80 15.69
N ILE H 95 7.52 -23.10 15.37
CA ILE H 95 6.52 -23.99 15.97
C ILE H 95 6.82 -24.23 17.42
N ILE H 96 8.10 -24.41 17.70
CA ILE H 96 8.58 -24.41 19.06
C ILE H 96 8.12 -23.15 19.82
N ARG H 97 8.51 -21.98 19.34
CA ARG H 97 8.23 -20.76 20.06
C ARG H 97 6.73 -20.59 20.26
N ALA H 98 5.95 -21.10 19.32
CA ALA H 98 4.52 -20.94 19.40
C ALA H 98 3.95 -21.89 20.42
N ALA H 99 4.67 -22.99 20.60
CA ALA H 99 4.28 -24.01 21.59
C ALA H 99 4.42 -23.55 23.07
N GLN H 100 5.57 -22.99 23.38
CA GLN H 100 5.95 -22.80 24.77
C GLN H 100 5.90 -21.36 25.23
N GLU H 101 5.39 -20.47 24.38
CA GLU H 101 5.33 -19.03 24.71
C GLU H 101 4.37 -18.71 25.87
N ASN H 102 3.39 -19.59 26.11
CA ASN H 102 2.41 -19.36 27.16
C ASN H 102 2.78 -19.98 28.50
N GLY H 103 3.91 -20.68 28.55
CA GLY H 103 4.31 -21.36 29.78
C GLY H 103 3.31 -22.39 30.32
N THR H 104 2.64 -23.08 29.41
CA THR H 104 1.86 -24.24 29.78
C THR H 104 2.62 -25.51 29.46
N VAL H 105 3.49 -25.46 28.45
CA VAL H 105 4.12 -26.67 27.96
C VAL H 105 4.90 -27.36 29.10
N ALA H 106 4.81 -28.70 29.10
CA ALA H 106 5.36 -29.55 30.14
C ALA H 106 6.87 -29.43 30.23
N ILE H 107 7.37 -29.27 31.45
CA ILE H 107 8.79 -28.99 31.69
C ILE H 107 9.73 -30.08 31.11
N ASN H 108 9.25 -31.32 31.07
CA ASN H 108 9.98 -32.43 30.46
C ASN H 108 10.03 -32.28 28.94
N ASN H 109 8.95 -31.75 28.37
CA ASN H 109 8.79 -31.66 26.93
C ASN H 109 9.42 -30.40 26.34
N ARG H 110 9.72 -29.43 27.21
CA ARG H 110 10.17 -28.09 26.82
C ARG H 110 11.43 -28.17 25.95
N ILE H 111 11.46 -27.40 24.86
CA ILE H 111 12.70 -27.28 24.07
C ILE H 111 13.33 -25.91 24.23
N PRO H 112 14.53 -25.85 24.82
CA PRO H 112 15.17 -24.56 25.04
C PRO H 112 15.82 -24.02 23.77
N LEU H 113 15.51 -22.77 23.44
CA LEU H 113 15.91 -22.17 22.16
C LEU H 113 16.93 -21.07 22.32
N GLN H 114 17.86 -21.12 21.38
CA GLN H 114 19.06 -20.34 21.48
C GLN H 114 19.32 -19.89 20.07
N SER H 115 19.91 -18.71 19.94
CA SER H 115 20.13 -18.11 18.66
C SER H 115 20.91 -19.07 17.79
N LEU H 116 20.77 -18.92 16.47
CA LEU H 116 21.32 -19.90 15.57
C LEU H 116 22.82 -19.73 15.57
N THR H 117 23.53 -20.82 15.86
CA THR H 117 24.99 -20.82 15.89
C THR H 117 25.51 -20.33 14.55
N ALA H 118 26.45 -19.40 14.60
CA ALA H 118 26.84 -18.63 13.41
C ALA H 118 28.26 -18.96 13.01
N ALA H 119 28.48 -19.04 11.70
CA ALA H 119 29.74 -19.46 11.11
C ALA H 119 30.70 -18.29 10.92
N ASN H 120 32.00 -18.57 10.90
CA ASN H 120 32.96 -17.53 10.62
C ASN H 120 33.43 -17.57 9.18
N ILE H 121 33.76 -18.76 8.70
CA ILE H 121 34.12 -18.90 7.30
C ILE H 121 33.02 -19.69 6.68
N MET H 122 32.66 -19.35 5.45
CA MET H 122 31.79 -20.21 4.71
C MET H 122 32.48 -20.59 3.42
N VAL H 123 32.24 -21.81 2.99
CA VAL H 123 32.93 -22.34 1.81
C VAL H 123 31.89 -22.69 0.78
N GLU H 124 32.06 -22.14 -0.41
CA GLU H 124 31.23 -22.54 -1.55
C GLU H 124 32.08 -22.92 -2.72
N GLY H 125 31.44 -23.47 -3.73
CA GLY H 125 32.15 -23.95 -4.89
C GLY H 125 31.22 -24.38 -6.00
N SER H 126 31.72 -25.19 -6.91
CA SER H 126 30.94 -25.57 -8.07
C SER H 126 31.52 -26.84 -8.66
N ILE H 127 30.66 -27.66 -9.25
CA ILE H 127 31.14 -28.61 -10.19
C ILE H 127 31.46 -27.93 -11.50
N ILE H 128 32.76 -27.68 -11.72
CA ILE H 128 33.29 -27.04 -12.94
C ILE H 128 33.64 -28.18 -13.90
N GLY H 129 32.72 -28.47 -14.80
CA GLY H 129 33.04 -29.28 -15.93
C GLY H 129 32.87 -30.76 -15.74
N TYR H 130 32.31 -31.36 -16.80
CA TYR H 130 32.38 -32.79 -17.00
C TYR H 130 32.56 -32.94 -18.47
N GLU H 131 33.76 -33.33 -18.88
CA GLU H 131 34.00 -33.71 -20.27
C GLU H 131 33.96 -35.23 -20.41
N SER H 132 33.48 -35.72 -21.55
CA SER H 132 33.16 -37.14 -21.68
C SER H 132 33.97 -37.78 -22.80
N ASN H 133 34.39 -39.03 -22.58
CA ASN H 133 35.38 -39.69 -23.45
C ASN H 133 36.56 -38.78 -23.77
N VAL H 134 37.20 -38.30 -22.73
CA VAL H 134 38.35 -37.43 -22.85
C VAL H 134 39.47 -38.28 -23.47
N LYS H 135 39.51 -39.55 -23.12
CA LYS H 135 40.30 -40.54 -23.86
C LYS H 135 39.48 -41.81 -24.09
N SER H 136 39.92 -42.58 -25.07
CA SER H 136 39.31 -43.87 -25.35
C SER H 136 40.20 -44.76 -26.22
N GLY H 137 39.98 -46.07 -26.16
CA GLY H 137 40.71 -47.02 -27.00
C GLY H 137 40.11 -48.42 -27.03
N GLY H 138 40.70 -49.28 -27.85
CA GLY H 138 40.25 -50.67 -27.94
C GLY H 138 41.24 -51.58 -28.62
N VAL H 139 41.32 -52.82 -28.16
CA VAL H 139 42.21 -53.82 -28.74
C VAL H 139 41.48 -55.17 -28.82
N GLY H 140 41.46 -55.75 -30.02
CA GLY H 140 40.79 -57.03 -30.23
C GLY H 140 41.42 -57.89 -31.31
N ALA H 141 41.38 -59.20 -31.10
CA ALA H 141 41.90 -60.14 -32.09
C ALA H 141 41.05 -61.40 -32.19
N ARG H 142 40.84 -61.87 -33.41
CA ARG H 142 40.19 -63.13 -33.63
C ARG H 142 41.05 -63.99 -34.54
N TYR H 143 41.07 -65.29 -34.28
CA TYR H 143 41.99 -66.22 -34.95
C TYR H 143 41.25 -67.44 -35.49
N GLY H 145 38.83 -68.77 -35.38
CA GLY H 145 37.63 -69.17 -34.66
C GLY H 145 37.44 -68.60 -33.27
N ILE H 146 38.55 -68.21 -32.61
CA ILE H 146 38.53 -67.77 -31.20
C ILE H 146 38.93 -66.30 -31.13
N GLY H 147 38.22 -65.50 -30.32
CA GLY H 147 38.48 -64.06 -30.29
C GLY H 147 38.20 -63.38 -28.97
N ALA H 148 38.91 -62.27 -28.75
CA ALA H 148 38.65 -61.44 -27.59
C ALA H 148 38.93 -59.97 -27.92
N ASP H 149 38.45 -59.09 -27.06
CA ASP H 149 38.65 -57.66 -27.25
C ASP H 149 38.32 -56.89 -25.99
N THR H 150 39.05 -55.81 -25.74
CA THR H 150 38.66 -54.86 -24.72
C THR H 150 38.50 -53.49 -25.34
N GLN H 151 37.66 -52.68 -24.70
CA GLN H 151 37.46 -51.29 -25.09
C GLN H 151 37.38 -50.46 -23.83
N TYR H 152 37.96 -49.26 -23.86
CA TYR H 152 37.94 -48.41 -22.69
C TYR H 152 37.63 -46.98 -23.05
N GLN H 153 36.91 -46.30 -22.16
CA GLN H 153 36.76 -44.86 -22.26
C GLN H 153 36.99 -44.20 -20.90
N LEU H 154 37.43 -42.95 -20.89
CA LEU H 154 37.47 -42.21 -19.65
C LEU H 154 37.06 -40.73 -19.77
N ASP H 155 36.45 -40.23 -18.69
CA ASP H 155 35.79 -38.93 -18.62
C ASP H 155 36.44 -38.10 -17.51
N GLN H 156 36.24 -36.78 -17.54
CA GLN H 156 36.83 -35.90 -16.53
C GLN H 156 35.77 -35.20 -15.72
N ILE H 157 36.14 -34.79 -14.52
CA ILE H 157 35.22 -34.04 -13.65
C ILE H 157 36.06 -33.17 -12.70
N ALA H 158 35.63 -31.92 -12.52
CA ALA H 158 36.45 -30.98 -11.78
C ALA H 158 35.58 -30.23 -10.83
N VAL H 159 36.20 -29.82 -9.72
CA VAL H 159 35.45 -29.21 -8.65
C VAL H 159 36.22 -28.05 -8.07
N ASN H 160 35.54 -26.91 -7.99
CA ASN H 160 36.07 -25.76 -7.28
C ASN H 160 35.48 -25.74 -5.88
N LEU H 161 36.34 -25.62 -4.89
CA LEU H 161 35.92 -25.23 -3.56
C LEU H 161 36.68 -23.99 -3.12
N ARG H 162 36.04 -23.14 -2.33
CA ARG H 162 36.70 -21.91 -1.90
C ARG H 162 36.19 -21.36 -0.59
N VAL H 163 37.13 -21.05 0.29
CA VAL H 163 36.84 -20.47 1.59
C VAL H 163 36.70 -18.97 1.43
N VAL H 164 35.56 -18.48 1.88
CA VAL H 164 35.30 -17.07 1.91
C VAL H 164 35.24 -16.62 3.36
N ASN H 165 35.89 -15.50 3.63
CA ASN H 165 35.76 -14.89 4.93
C ASN H 165 34.48 -14.06 5.09
N VAL H 166 33.62 -14.45 6.03
CA VAL H 166 32.38 -13.77 6.28
C VAL H 166 32.66 -12.33 6.66
N SER H 167 33.74 -12.09 7.41
CA SER H 167 33.96 -10.79 8.04
C SER H 167 34.44 -9.74 7.05
N THR H 168 34.84 -10.20 5.84
CA THR H 168 35.30 -9.27 4.78
C THR H 168 34.75 -9.55 3.38
N GLY H 169 34.52 -10.81 3.07
CA GLY H 169 34.23 -11.17 1.72
C GLY H 169 35.47 -11.56 0.95
N GLU H 170 36.65 -11.31 1.52
CA GLU H 170 37.92 -11.82 0.94
C GLU H 170 37.76 -13.32 0.79
N ILE H 171 38.01 -13.84 -0.40
CA ILE H 171 38.21 -15.25 -0.53
C ILE H 171 39.55 -15.60 0.15
N LEU H 172 39.53 -16.51 1.11
CA LEU H 172 40.75 -16.87 1.81
C LEU H 172 41.51 -18.05 1.14
N SER H 173 40.84 -18.73 0.21
CA SER H 173 41.44 -19.89 -0.48
C SER H 173 40.56 -20.39 -1.58
N SER H 174 41.14 -20.63 -2.74
CA SER H 174 40.41 -21.28 -3.83
C SER H 174 41.22 -22.48 -4.24
N VAL H 175 40.54 -23.58 -4.46
CA VAL H 175 41.20 -24.80 -4.94
C VAL H 175 40.44 -25.45 -6.06
N ASN H 176 41.18 -26.04 -7.00
CA ASN H 176 40.60 -26.68 -8.18
C ASN H 176 41.00 -28.16 -8.36
N THR H 177 40.16 -29.10 -7.91
CA THR H 177 40.49 -30.52 -7.99
C THR H 177 39.81 -31.18 -9.18
N SER H 178 40.35 -32.33 -9.58
CA SER H 178 39.90 -33.01 -10.80
C SER H 178 40.04 -34.51 -10.65
N LYS H 179 39.21 -35.23 -11.38
CA LYS H 179 39.18 -36.67 -11.23
C LYS H 179 38.66 -37.34 -12.49
N THR H 180 39.17 -38.52 -12.75
CA THR H 180 38.87 -39.20 -13.94
C THR H 180 37.95 -40.38 -13.68
N ILE H 181 36.94 -40.54 -14.54
CA ILE H 181 36.00 -41.66 -14.46
C ILE H 181 36.35 -42.73 -15.52
N LEU H 182 36.72 -43.92 -15.04
CA LEU H 182 37.07 -45.03 -15.92
C LEU H 182 35.91 -45.95 -16.31
N SER H 183 35.92 -46.37 -17.57
CA SER H 183 34.97 -47.37 -18.07
C SER H 183 35.68 -48.35 -18.99
N TYR H 184 35.33 -49.62 -18.90
CA TYR H 184 35.88 -50.64 -19.82
C TYR H 184 34.96 -51.83 -20.07
N GLU H 185 35.17 -52.46 -21.22
CA GLU H 185 34.37 -53.58 -21.69
C GLU H 185 35.27 -54.69 -22.20
N VAL H 186 35.28 -55.81 -21.47
CA VAL H 186 36.04 -56.98 -21.86
C VAL H 186 35.10 -58.03 -22.45
N GLN H 187 35.54 -58.69 -23.52
CA GLN H 187 34.68 -59.61 -24.24
C GLN H 187 35.51 -60.72 -24.85
N ALA H 188 34.98 -61.93 -24.77
CA ALA H 188 35.62 -63.08 -25.41
C ALA H 188 34.58 -64.01 -26.02
N GLY H 189 34.86 -64.55 -27.20
CA GLY H 189 33.95 -65.45 -27.87
C GLY H 189 34.67 -66.55 -28.60
N VAL H 190 34.14 -67.77 -28.49
CA VAL H 190 34.67 -68.92 -29.20
C VAL H 190 33.65 -69.42 -30.24
N PHE H 191 34.14 -69.71 -31.45
CA PHE H 191 33.25 -70.02 -32.58
C PHE H 191 33.79 -71.23 -33.38
N ARG H 192 32.93 -72.14 -33.84
CA ARG H 192 33.35 -73.28 -34.67
C ARG H 192 32.17 -73.85 -35.47
N LEU H 200 29.12 -74.77 -32.75
CA LEU H 200 29.54 -74.28 -31.44
C LEU H 200 29.83 -72.78 -31.48
N GLU H 201 29.00 -72.00 -30.80
CA GLU H 201 29.37 -70.65 -30.40
C GLU H 201 29.30 -70.52 -28.88
N GLY H 202 30.18 -69.69 -28.32
CA GLY H 202 30.14 -69.37 -26.90
C GLY H 202 30.73 -68.01 -26.61
N GLU H 203 29.98 -67.15 -25.92
CA GLU H 203 30.41 -65.78 -25.68
C GLU H 203 30.30 -65.37 -24.22
N VAL H 204 31.36 -64.73 -23.74
CA VAL H 204 31.39 -64.15 -22.41
C VAL H 204 31.72 -62.67 -22.53
N GLY H 205 30.99 -61.85 -21.78
CA GLY H 205 31.24 -60.42 -21.75
C GLY H 205 31.19 -59.84 -20.35
N TYR H 206 31.95 -58.77 -20.12
CA TYR H 206 31.89 -58.03 -18.86
C TYR H 206 32.14 -56.55 -19.11
N THR H 207 31.43 -55.68 -18.40
CA THR H 207 31.62 -54.23 -18.53
C THR H 207 31.60 -53.54 -17.17
N SER H 208 32.52 -52.59 -16.97
CA SER H 208 32.59 -51.87 -15.70
C SER H 208 32.73 -50.37 -15.89
N ASN H 209 31.82 -49.63 -15.25
CA ASN H 209 31.87 -48.17 -15.18
C ASN H 209 32.11 -47.71 -13.76
N GLU H 210 33.01 -46.75 -13.61
CA GLU H 210 33.15 -46.10 -12.32
C GLU H 210 31.88 -45.32 -12.09
N PRO H 211 31.44 -45.28 -10.84
CA PRO H 211 30.34 -44.37 -10.51
C PRO H 211 30.77 -42.90 -10.50
N VAL H 212 30.06 -42.07 -11.26
CA VAL H 212 30.37 -40.64 -11.34
C VAL H 212 30.11 -40.02 -9.98
N MET H 213 29.01 -40.48 -9.39
CA MET H 213 28.68 -40.30 -7.97
C MET H 213 29.88 -40.36 -7.00
N LEU H 214 30.68 -41.38 -7.19
CA LEU H 214 31.70 -41.74 -6.24
C LEU H 214 32.93 -40.91 -6.52
N CYS H 215 33.11 -40.57 -7.79
CA CYS H 215 34.26 -39.78 -8.22
C CYS H 215 34.08 -38.33 -7.76
N LEU H 216 32.86 -37.85 -7.88
CA LEU H 216 32.51 -36.55 -7.38
C LEU H 216 32.83 -36.49 -5.89
N MET H 217 32.42 -37.52 -5.16
CA MET H 217 32.60 -37.54 -3.71
C MET H 217 34.08 -37.53 -3.36
N SER H 218 34.84 -38.38 -4.04
CA SER H 218 36.28 -38.46 -3.85
C SER H 218 36.97 -37.09 -4.06
N ALA H 219 36.66 -36.45 -5.18
CA ALA H 219 37.31 -35.21 -5.53
C ALA H 219 36.97 -34.09 -4.52
N ILE H 220 35.76 -34.11 -4.00
CA ILE H 220 35.36 -33.09 -3.01
C ILE H 220 36.15 -33.27 -1.71
N GLU H 221 36.35 -34.53 -1.30
CA GLU H 221 37.15 -34.84 -0.11
C GLU H 221 38.56 -34.28 -0.28
N THR H 222 39.16 -34.61 -1.42
CA THR H 222 40.50 -34.13 -1.79
C THR H 222 40.58 -32.62 -1.66
N GLY H 223 39.58 -31.95 -2.23
CA GLY H 223 39.49 -30.50 -2.16
C GLY H 223 39.49 -30.01 -0.72
N VAL H 224 38.76 -30.71 0.16
CA VAL H 224 38.65 -30.28 1.54
C VAL H 224 40.01 -30.37 2.20
N ILE H 225 40.76 -31.42 1.88
CA ILE H 225 42.11 -31.57 2.43
C ILE H 225 42.99 -30.41 1.99
N PHE H 226 43.03 -30.14 0.69
CA PHE H 226 43.83 -29.04 0.15
C PHE H 226 43.46 -27.70 0.78
N LEU H 227 42.19 -27.54 1.11
CA LEU H 227 41.72 -26.34 1.78
C LEU H 227 42.26 -26.23 3.20
N ILE H 228 42.23 -27.34 3.94
CA ILE H 228 42.72 -27.35 5.31
C ILE H 228 44.21 -27.08 5.32
N ASN H 229 44.94 -27.78 4.44
CA ASN H 229 46.40 -27.63 4.36
C ASN H 229 46.78 -26.20 4.00
N ASP H 230 46.06 -25.65 3.02
CA ASP H 230 46.27 -24.28 2.61
C ASP H 230 46.02 -23.32 3.78
N GLY H 231 44.96 -23.57 4.53
CA GLY H 231 44.62 -22.73 5.67
C GLY H 231 45.66 -22.80 6.79
N ILE H 232 46.23 -23.98 6.96
CA ILE H 232 47.31 -24.17 7.93
C ILE H 232 48.48 -23.29 7.54
N ASP H 233 48.88 -23.37 6.28
CA ASP H 233 49.99 -22.59 5.77
C ASP H 233 49.74 -21.10 5.97
N ARG H 234 48.56 -20.65 5.61
CA ARG H 234 48.24 -19.22 5.62
C ARG H 234 47.81 -18.66 6.99
N GLY H 235 47.76 -19.53 7.99
CA GLY H 235 47.49 -19.08 9.35
C GLY H 235 46.03 -18.78 9.58
N LEU H 236 45.14 -19.51 8.90
CA LEU H 236 43.70 -19.46 9.24
C LEU H 236 43.47 -20.24 10.53
N TRP H 237 44.03 -21.44 10.59
CA TRP H 237 43.85 -22.31 11.76
C TRP H 237 45.16 -23.03 12.08
N ASP H 238 45.24 -23.60 13.29
CA ASP H 238 46.49 -24.17 13.81
C ASP H 238 46.34 -25.59 14.32
N LEU H 239 47.40 -26.37 14.16
CA LEU H 239 47.40 -27.76 14.59
C LEU H 239 47.54 -27.84 16.11
N GLN H 240 46.87 -28.83 16.69
CA GLN H 240 47.10 -29.19 18.09
C GLN H 240 48.58 -29.43 18.37
N ASN H 241 49.14 -30.38 17.61
CA ASN H 241 50.56 -30.69 17.70
C ASN H 241 51.33 -30.11 16.53
N LYS H 242 52.17 -29.12 16.82
CA LYS H 242 53.00 -28.51 15.79
C LYS H 242 54.00 -29.53 15.22
N ALA H 243 54.35 -30.51 16.06
CA ALA H 243 55.17 -31.65 15.67
C ALA H 243 54.52 -32.47 14.56
N GLU H 244 53.20 -32.33 14.39
CA GLU H 244 52.51 -33.12 13.39
C GLU H 244 52.42 -32.41 12.04
N ARG H 245 53.16 -31.31 11.88
CA ARG H 245 53.25 -30.60 10.59
C ARG H 245 53.68 -31.54 9.47
N GLN H 246 54.60 -32.45 9.77
CA GLN H 246 55.20 -33.30 8.74
C GLN H 246 54.46 -34.62 8.64
N ASN H 247 53.22 -34.64 9.12
CA ASN H 247 52.29 -35.75 8.90
C ASN H 247 52.40 -36.27 7.46
N ASP H 248 52.36 -37.59 7.28
CA ASP H 248 52.46 -38.21 5.95
C ASP H 248 51.45 -37.63 4.96
N ILE H 249 50.20 -37.52 5.40
CA ILE H 249 49.11 -37.05 4.56
C ILE H 249 49.33 -35.58 4.20
N LEU H 250 49.58 -34.76 5.21
CA LEU H 250 49.79 -33.33 5.00
C LEU H 250 50.95 -33.01 4.04
N VAL H 251 52.04 -33.77 4.13
CA VAL H 251 53.18 -33.56 3.24
C VAL H 251 52.92 -34.13 1.84
N LYS H 252 52.02 -35.10 1.76
CA LYS H 252 51.61 -35.65 0.48
C LYS H 252 50.82 -34.61 -0.35
N TYR H 253 49.89 -33.94 0.30
CA TYR H 253 49.05 -32.90 -0.34
C TYR H 253 49.83 -31.61 -0.51
N ARG H 254 50.71 -31.31 0.44
CA ARG H 254 51.68 -30.23 0.29
C ARG H 254 52.50 -30.43 -0.99
N HIS H 255 52.89 -31.68 -1.25
CA HIS H 255 53.72 -32.02 -2.41
C HIS H 255 52.95 -31.86 -3.70
N MET H 256 51.66 -32.17 -3.68
CA MET H 256 50.87 -32.04 -4.90
C MET H 256 50.74 -30.56 -5.31
N SER H 257 50.91 -29.66 -4.34
CA SER H 257 50.97 -28.22 -4.60
C SER H 257 52.34 -27.83 -5.15
N LEU I 2 29.72 -59.67 -6.76
CA LEU I 2 29.82 -58.55 -7.74
C LEU I 2 28.50 -57.77 -7.82
N THR I 3 28.15 -57.17 -6.67
CA THR I 3 27.14 -56.10 -6.58
C THR I 3 27.60 -55.05 -5.59
N ALA I 4 28.73 -55.29 -4.93
CA ALA I 4 29.51 -54.19 -4.40
C ALA I 4 30.05 -53.32 -5.55
N PRO I 5 30.26 -52.04 -5.26
CA PRO I 5 30.56 -51.20 -6.39
C PRO I 5 32.00 -51.41 -6.81
N PRO I 6 32.36 -50.91 -7.99
CA PRO I 6 33.77 -50.83 -8.35
C PRO I 6 34.48 -49.67 -7.63
N LYS I 7 35.75 -49.86 -7.34
CA LYS I 7 36.52 -48.86 -6.60
C LYS I 7 37.33 -47.96 -7.54
N GLU I 8 37.92 -46.91 -6.95
CA GLU I 8 38.53 -45.80 -7.70
C GLU I 8 39.74 -46.20 -8.52
N ALA I 9 39.62 -46.04 -9.83
CA ALA I 9 40.72 -46.22 -10.75
C ALA I 9 41.32 -44.85 -11.08
N ALA I 10 42.55 -44.64 -10.63
CA ALA I 10 43.25 -43.33 -10.67
C ALA I 10 42.87 -42.49 -9.46
N ARG I 11 43.78 -41.59 -9.09
CA ARG I 11 43.68 -40.82 -7.84
C ARG I 11 43.16 -39.42 -8.15
N PRO I 12 42.48 -38.82 -7.18
CA PRO I 12 42.24 -37.39 -7.30
C PRO I 12 43.57 -36.60 -7.33
N THR I 13 43.83 -35.96 -8.46
CA THR I 13 44.83 -34.90 -8.54
C THR I 13 44.20 -33.50 -8.45
N LEU I 14 44.99 -32.48 -8.12
CA LEU I 14 44.45 -31.12 -8.26
C LEU I 14 44.46 -30.76 -9.74
N MET I 15 43.67 -29.78 -10.16
CA MET I 15 43.21 -29.73 -11.56
C MET I 15 44.36 -29.41 -12.51
N PRO I 16 44.60 -30.29 -13.51
CA PRO I 16 45.78 -30.26 -14.39
C PRO I 16 45.88 -29.03 -15.30
N ARG I 17 46.38 -27.94 -14.73
CA ARG I 17 46.66 -26.72 -15.50
C ARG I 17 48.07 -26.79 -16.05
N ALA I 18 48.29 -26.24 -17.25
CA ALA I 18 49.60 -26.34 -17.90
C ALA I 18 50.33 -24.99 -18.02
N GLN I 19 50.61 -24.58 -19.25
CA GLN I 19 51.62 -23.54 -19.48
C GLN I 19 51.16 -22.18 -18.96
N SER I 20 49.95 -21.81 -19.37
CA SER I 20 49.32 -20.58 -18.95
C SER I 20 49.48 -20.40 -17.46
N TYR I 21 49.18 -21.46 -16.71
CA TYR I 21 49.32 -21.46 -15.25
C TYR I 21 50.76 -21.14 -14.80
N LYS I 22 51.72 -21.82 -15.41
CA LYS I 22 53.12 -21.68 -15.02
C LYS I 22 53.62 -20.26 -15.22
N ASP I 23 53.19 -19.66 -16.34
CA ASP I 23 53.48 -18.25 -16.61
C ASP I 23 52.81 -17.35 -15.58
N LEU I 24 51.54 -17.64 -15.30
CA LEU I 24 50.71 -16.81 -14.44
C LEU I 24 51.23 -16.78 -13.00
N THR I 25 51.75 -17.91 -12.55
CA THR I 25 52.24 -18.02 -11.18
C THR I 25 53.58 -17.30 -10.98
N HIS I 26 54.53 -17.54 -11.90
CA HIS I 26 55.88 -16.99 -11.82
C HIS I 26 55.96 -15.56 -12.37
N LEU I 27 54.90 -14.78 -12.15
CA LEU I 27 54.91 -13.40 -12.56
C LEU I 27 55.53 -12.57 -11.44
N PRO I 28 56.42 -11.63 -11.80
CA PRO I 28 56.98 -10.70 -10.81
C PRO I 28 55.95 -9.88 -10.06
N ALA I 29 56.02 -9.89 -8.73
CA ALA I 29 54.92 -9.37 -7.89
C ALA I 29 54.84 -7.84 -7.93
N PRO I 30 53.63 -7.28 -7.79
CA PRO I 30 53.41 -5.84 -7.72
C PRO I 30 53.77 -5.27 -6.35
N THR I 31 53.68 -3.95 -6.19
CA THR I 31 53.99 -3.28 -4.91
C THR I 31 52.99 -3.61 -3.80
N GLY I 32 51.76 -3.92 -4.18
CA GLY I 32 50.78 -4.51 -3.27
C GLY I 32 49.74 -5.24 -4.08
N LYS I 33 49.07 -6.24 -3.49
CA LYS I 33 48.01 -6.95 -4.22
C LYS I 33 46.80 -6.02 -4.44
N ILE I 34 46.06 -6.24 -5.53
CA ILE I 34 44.96 -5.36 -5.90
C ILE I 34 43.65 -6.10 -5.63
N PHE I 35 42.67 -5.36 -5.11
CA PHE I 35 41.37 -5.89 -4.72
C PHE I 35 40.49 -5.96 -5.94
N VAL I 36 39.94 -7.14 -6.21
CA VAL I 36 39.16 -7.32 -7.42
C VAL I 36 37.82 -8.00 -7.17
N SER I 37 36.83 -7.66 -7.98
CA SER I 37 35.53 -8.29 -7.88
C SER I 37 35.21 -8.98 -9.17
N VAL I 38 34.75 -10.21 -9.09
CA VAL I 38 34.13 -10.80 -10.27
C VAL I 38 32.68 -11.16 -9.93
N TYR I 39 31.72 -10.56 -10.67
CA TYR I 39 30.29 -10.86 -10.50
C TYR I 39 29.81 -12.05 -11.38
N ASN I 40 30.12 -11.99 -12.67
CA ASN I 40 29.71 -13.08 -13.56
C ASN I 40 30.37 -13.01 -14.94
N ILE I 41 30.86 -14.15 -15.40
CA ILE I 41 31.27 -14.30 -16.78
C ILE I 41 30.36 -15.33 -17.46
N GLN I 42 29.62 -14.92 -18.50
CA GLN I 42 28.56 -15.76 -19.07
C GLN I 42 29.05 -16.63 -20.22
N ASP I 43 28.33 -17.73 -20.46
CA ASP I 43 28.52 -18.56 -21.64
C ASP I 43 27.80 -17.94 -22.82
N GLU I 44 28.26 -16.76 -23.25
CA GLU I 44 27.63 -15.98 -24.36
C GLU I 44 27.78 -16.69 -25.71
N THR I 45 28.15 -17.98 -25.68
CA THR I 45 28.57 -18.70 -26.86
C THR I 45 27.39 -19.11 -27.73
N GLY I 46 26.32 -19.58 -27.10
CA GLY I 46 25.08 -19.94 -27.83
C GLY I 46 24.98 -21.39 -28.33
N GLN I 47 25.78 -22.25 -27.76
CA GLN I 47 26.11 -23.42 -28.48
C GLN I 47 25.96 -24.65 -27.60
N PHE I 48 25.40 -25.69 -28.20
CA PHE I 48 25.17 -26.97 -27.52
C PHE I 48 25.80 -28.11 -28.31
N LYS I 49 25.87 -29.28 -27.67
CA LYS I 49 26.52 -30.45 -28.24
C LYS I 49 25.58 -31.13 -29.18
N PRO I 50 26.14 -31.70 -30.27
CA PRO I 50 25.33 -32.35 -31.31
C PRO I 50 24.97 -33.76 -30.91
N TYR I 51 24.08 -34.38 -31.67
CA TYR I 51 23.77 -35.79 -31.46
C TYR I 51 25.06 -36.59 -31.42
N PRO I 52 25.19 -37.53 -30.44
CA PRO I 52 24.18 -38.04 -29.50
C PRO I 52 24.13 -37.41 -28.13
N ALA I 53 24.71 -36.20 -27.97
CA ALA I 53 24.60 -35.52 -26.68
C ALA I 53 23.14 -35.19 -26.34
N SER I 54 22.87 -34.94 -25.06
CA SER I 54 21.59 -34.38 -24.69
C SER I 54 21.42 -33.04 -25.38
N ASN I 55 20.20 -32.79 -25.82
CA ASN I 55 19.87 -31.54 -26.48
C ASN I 55 20.35 -30.34 -25.66
N PHE I 56 20.41 -30.55 -24.35
CA PHE I 56 20.62 -29.47 -23.38
C PHE I 56 22.07 -29.37 -22.95
N SER I 57 22.92 -30.27 -23.44
CA SER I 57 24.33 -30.22 -23.05
C SER I 57 25.00 -29.04 -23.75
N THR I 58 25.43 -28.07 -22.96
CA THR I 58 26.12 -26.93 -23.53
C THR I 58 27.46 -27.31 -24.09
N ALA I 59 27.92 -26.56 -25.06
CA ALA I 59 29.21 -26.89 -25.60
C ALA I 59 30.35 -26.48 -24.67
N VAL I 60 30.08 -25.59 -23.74
CA VAL I 60 31.10 -25.00 -22.94
C VAL I 60 30.64 -24.98 -21.51
N PRO I 61 31.56 -25.17 -20.57
CA PRO I 61 31.10 -25.26 -19.19
C PRO I 61 30.71 -23.90 -18.67
N GLN I 62 29.74 -23.89 -17.77
CA GLN I 62 29.14 -22.63 -17.31
C GLN I 62 29.87 -22.16 -16.10
N SER I 63 31.17 -22.36 -16.08
CA SER I 63 31.92 -22.25 -14.87
C SER I 63 33.05 -21.19 -14.98
N ALA I 64 32.99 -20.40 -16.05
CA ALA I 64 34.06 -19.47 -16.36
C ALA I 64 34.37 -18.49 -15.21
N THR I 65 33.32 -17.99 -14.59
CA THR I 65 33.45 -17.07 -13.49
C THR I 65 34.45 -17.55 -12.46
N ALA I 66 34.28 -18.78 -12.02
CA ALA I 66 35.06 -19.29 -10.92
C ALA I 66 36.50 -19.46 -11.40
N MET I 67 36.65 -19.84 -12.67
CA MET I 67 37.98 -20.07 -13.23
C MET I 67 38.75 -18.75 -13.26
N LEU I 68 38.04 -17.68 -13.61
CA LEU I 68 38.66 -16.37 -13.64
C LEU I 68 39.07 -15.94 -12.25
N VAL I 69 38.19 -16.14 -11.26
CA VAL I 69 38.50 -15.73 -9.89
C VAL I 69 39.75 -16.47 -9.44
N THR I 70 39.80 -17.76 -9.76
CA THR I 70 40.91 -18.60 -9.35
C THR I 70 42.19 -18.11 -10.02
N ALA I 71 42.10 -17.83 -11.32
CA ALA I 71 43.28 -17.35 -12.05
C ALA I 71 43.77 -16.01 -11.46
N LEU I 72 42.82 -15.15 -11.11
CA LEU I 72 43.15 -13.84 -10.52
C LEU I 72 43.86 -14.04 -9.19
N LYS I 73 43.59 -15.16 -8.52
CA LYS I 73 44.23 -15.42 -7.23
C LYS I 73 45.59 -16.05 -7.41
N ASP I 74 45.69 -17.02 -8.29
CA ASP I 74 46.96 -17.73 -8.51
C ASP I 74 48.07 -16.79 -8.99
N SER I 75 47.69 -15.71 -9.68
CA SER I 75 48.65 -14.75 -10.23
C SER I 75 49.46 -14.02 -9.15
N ARG I 76 48.89 -13.94 -7.95
CA ARG I 76 49.48 -13.23 -6.82
C ARG I 76 49.64 -11.76 -7.15
N TRP I 77 48.65 -11.24 -7.87
CA TRP I 77 48.51 -9.81 -8.09
C TRP I 77 47.22 -9.27 -7.44
N PHE I 78 46.18 -10.10 -7.42
CA PHE I 78 44.85 -9.71 -6.97
C PHE I 78 44.34 -10.55 -5.79
N ILE I 79 43.62 -9.90 -4.88
CA ILE I 79 42.78 -10.55 -3.90
C ILE I 79 41.38 -10.50 -4.47
N PRO I 80 40.77 -11.67 -4.64
CA PRO I 80 39.41 -11.62 -5.10
C PRO I 80 38.42 -11.49 -3.95
N LEU I 81 37.47 -10.58 -4.08
CA LEU I 81 36.37 -10.48 -3.15
C LEU I 81 35.16 -11.25 -3.68
N GLU I 82 34.47 -11.89 -2.74
CA GLU I 82 33.44 -12.86 -3.09
C GLU I 82 32.16 -12.11 -3.39
N ARG I 83 31.78 -12.14 -4.67
CA ARG I 83 30.51 -11.60 -5.11
C ARG I 83 29.64 -12.63 -5.86
N GLN I 84 30.23 -13.70 -6.38
CA GLN I 84 29.37 -14.71 -7.05
C GLN I 84 28.29 -15.22 -6.10
N GLY I 85 28.64 -15.45 -4.83
CA GLY I 85 27.64 -15.94 -3.90
C GLY I 85 27.28 -14.90 -2.87
N LEU I 86 27.18 -13.64 -3.29
CA LEU I 86 27.09 -12.51 -2.35
C LEU I 86 25.89 -12.66 -1.40
N GLN I 87 24.81 -13.24 -1.91
CA GLN I 87 23.57 -13.31 -1.14
C GLN I 87 23.75 -14.16 0.12
N ASN I 88 24.45 -15.28 -0.03
CA ASN I 88 24.71 -16.16 1.10
C ASN I 88 25.60 -15.51 2.15
N LEU I 89 26.54 -14.72 1.65
CA LEU I 89 27.50 -14.06 2.50
C LEU I 89 26.70 -13.13 3.42
N LEU I 90 25.73 -12.44 2.82
CA LEU I 90 24.98 -11.41 3.54
C LEU I 90 24.06 -12.07 4.53
N ASN I 91 23.63 -13.28 4.17
CA ASN I 91 22.78 -14.09 5.04
C ASN I 91 23.52 -14.59 6.29
N GLU I 92 24.70 -15.16 6.10
CA GLU I 92 25.55 -15.55 7.25
C GLU I 92 25.84 -14.35 8.17
N ARG I 93 25.99 -13.17 7.58
CA ARG I 93 26.24 -11.97 8.34
C ARG I 93 24.98 -11.51 9.10
N LYS I 94 23.82 -11.75 8.52
CA LYS I 94 22.58 -11.55 9.29
C LYS I 94 22.53 -12.46 10.52
N ILE I 95 22.94 -13.72 10.33
CA ILE I 95 22.80 -14.70 11.41
C ILE I 95 23.77 -14.39 12.53
N ILE I 96 24.98 -13.99 12.12
CA ILE I 96 25.98 -13.53 13.04
C ILE I 96 25.39 -12.40 13.86
N ARG I 97 24.96 -11.33 13.21
CA ARG I 97 24.52 -10.13 13.92
C ARG I 97 23.33 -10.45 14.84
N ALA I 98 22.54 -11.44 14.44
CA ALA I 98 21.40 -11.84 15.25
C ALA I 98 21.86 -12.66 16.45
N ALA I 99 22.99 -13.33 16.29
CA ALA I 99 23.56 -14.15 17.35
C ALA I 99 24.11 -13.31 18.51
N GLN I 100 24.91 -12.33 18.19
CA GLN I 100 25.74 -11.67 19.18
C GLN I 100 25.29 -10.28 19.57
N GLU I 101 24.12 -9.88 19.09
CA GLU I 101 23.59 -8.55 19.38
C GLU I 101 23.23 -8.35 20.86
N ASN I 102 22.97 -9.45 21.57
CA ASN I 102 22.57 -9.34 22.97
C ASN I 102 23.74 -9.42 23.95
N GLY I 103 24.95 -9.65 23.44
CA GLY I 103 26.12 -9.82 24.30
C GLY I 103 26.05 -10.98 25.28
N THR I 104 25.41 -12.06 24.85
CA THR I 104 25.45 -13.30 25.62
C THR I 104 26.43 -14.25 24.97
N VAL I 105 26.65 -14.11 23.67
CA VAL I 105 27.49 -15.08 22.95
C VAL I 105 28.90 -15.12 23.54
N ALA I 106 29.42 -16.36 23.63
CA ALA I 106 30.68 -16.64 24.31
C ALA I 106 31.84 -15.92 23.64
N ILE I 107 32.68 -15.28 24.45
CA ILE I 107 33.75 -14.42 23.95
C ILE I 107 34.72 -15.16 23.01
N ASN I 108 34.90 -16.46 23.24
CA ASN I 108 35.73 -17.31 22.37
C ASN I 108 35.05 -17.55 21.02
N ASN I 109 33.73 -17.63 21.06
CA ASN I 109 32.93 -17.96 19.89
C ASN I 109 32.57 -16.74 19.04
N ARG I 110 32.71 -15.55 19.63
CA ARG I 110 32.28 -14.28 19.01
C ARG I 110 32.93 -14.08 17.65
N ILE I 111 32.14 -13.67 16.66
CA ILE I 111 32.71 -13.29 15.33
C ILE I 111 32.64 -11.78 15.11
N PRO I 112 33.80 -11.12 14.98
CA PRO I 112 33.82 -9.67 14.84
C PRO I 112 33.53 -9.27 13.39
N LEU I 113 32.58 -8.35 13.22
CA LEU I 113 32.04 -8.03 11.88
C LEU I 113 32.45 -6.67 11.42
N GLN I 114 32.80 -6.63 10.15
CA GLN I 114 33.57 -5.54 9.59
C GLN I 114 32.94 -5.39 8.25
N SER I 115 32.88 -4.15 7.78
CA SER I 115 32.18 -3.83 6.56
C SER I 115 32.76 -4.64 5.44
N LEU I 116 31.96 -4.90 4.40
CA LEU I 116 32.43 -5.83 3.38
C LEU I 116 33.55 -5.15 2.58
N THR I 117 34.72 -5.79 2.50
CA THR I 117 35.90 -5.23 1.83
C THR I 117 35.53 -4.97 0.41
N ALA I 118 35.87 -3.78 -0.07
CA ALA I 118 35.31 -3.28 -1.32
C ALA I 118 36.39 -3.14 -2.35
N ALA I 119 36.02 -3.49 -3.58
CA ALA I 119 36.96 -3.53 -4.70
C ALA I 119 37.09 -2.20 -5.39
N ASN I 120 38.23 -1.99 -6.06
CA ASN I 120 38.38 -0.77 -6.87
C ASN I 120 38.13 -0.99 -8.36
N ILE I 121 38.71 -2.06 -8.88
CA ILE I 121 38.43 -2.43 -10.24
C ILE I 121 37.63 -3.69 -10.15
N MET I 122 36.68 -3.82 -11.04
CA MET I 122 36.06 -5.13 -11.21
C MET I 122 36.19 -5.55 -12.67
N VAL I 123 36.36 -6.84 -12.87
CA VAL I 123 36.65 -7.36 -14.20
C VAL I 123 35.55 -8.32 -14.54
N GLU I 124 34.94 -8.08 -15.69
CA GLU I 124 33.97 -9.05 -16.21
C GLU I 124 34.32 -9.44 -17.62
N GLY I 125 33.61 -10.41 -18.13
CA GLY I 125 33.86 -10.88 -19.47
C GLY I 125 32.82 -11.85 -19.94
N SER I 126 33.18 -12.65 -20.91
CA SER I 126 32.21 -13.58 -21.49
C SER I 126 32.96 -14.64 -22.24
N ILE I 127 32.40 -15.85 -22.27
CA ILE I 127 32.81 -16.77 -23.29
C ILE I 127 32.16 -16.37 -24.64
N ILE I 128 32.96 -15.71 -25.50
CA ILE I 128 32.53 -15.29 -26.85
C ILE I 128 32.87 -16.40 -27.82
N GLY I 129 31.89 -17.24 -28.08
CA GLY I 129 32.01 -18.21 -29.13
C GLY I 129 32.59 -19.57 -28.74
N TYR I 130 31.96 -20.59 -29.31
CA TYR I 130 32.62 -21.87 -29.53
C TYR I 130 32.19 -22.34 -30.91
N GLU I 131 33.11 -22.34 -31.87
CA GLU I 131 32.83 -22.95 -33.17
C GLU I 131 33.41 -24.35 -33.18
N SER I 132 32.73 -25.26 -33.88
CA SER I 132 33.09 -26.69 -33.81
C SER I 132 33.52 -27.28 -35.14
N ASN I 133 34.51 -28.15 -35.11
CA ASN I 133 35.18 -28.62 -36.32
C ASN I 133 35.51 -27.45 -37.24
N VAL I 134 36.28 -26.52 -36.69
CA VAL I 134 36.76 -25.37 -37.45
C VAL I 134 37.75 -25.87 -38.51
N LYS I 135 38.52 -26.91 -38.15
CA LYS I 135 39.23 -27.70 -39.15
C LYS I 135 39.11 -29.18 -38.87
N SER I 136 39.35 -29.98 -39.91
CA SER I 136 39.30 -31.42 -39.79
C SER I 136 40.00 -32.11 -40.95
N GLY I 137 40.44 -33.34 -40.73
CA GLY I 137 41.09 -34.11 -41.78
C GLY I 137 41.28 -35.56 -41.45
N GLY I 138 41.77 -36.32 -42.42
CA GLY I 138 41.97 -37.77 -42.24
C GLY I 138 42.84 -38.38 -43.32
N VAL I 139 43.62 -39.38 -42.91
CA VAL I 139 44.45 -40.13 -43.85
C VAL I 139 44.42 -41.61 -43.49
N GLY I 140 44.07 -42.44 -44.48
CA GLY I 140 43.97 -43.88 -44.25
C GLY I 140 44.26 -44.73 -45.48
N ALA I 141 44.86 -45.88 -45.26
CA ALA I 141 45.18 -46.80 -46.33
C ALA I 141 45.05 -48.27 -45.90
N ARG I 142 44.52 -49.09 -46.79
CA ARG I 142 44.53 -50.52 -46.57
C ARG I 142 45.12 -51.19 -47.79
N TYR I 143 45.87 -52.27 -47.55
CA TYR I 143 46.63 -52.95 -48.60
C TYR I 143 46.40 -54.46 -48.59
N GLY I 145 45.34 -56.52 -47.10
CA GLY I 145 44.99 -57.11 -45.82
C GLY I 145 45.24 -56.24 -44.60
N ILE I 146 46.20 -55.32 -44.67
CA ILE I 146 46.65 -54.56 -43.51
C ILE I 146 46.27 -53.09 -43.72
N GLY I 147 45.77 -52.43 -42.68
CA GLY I 147 45.30 -51.05 -42.83
C GLY I 147 45.43 -50.18 -41.60
N ALA I 148 45.52 -48.87 -41.83
CA ALA I 148 45.49 -47.90 -40.75
C ALA I 148 44.83 -46.60 -41.21
N ASP I 149 44.51 -45.74 -40.25
CA ASP I 149 43.89 -44.45 -40.53
C ASP I 149 44.00 -43.55 -39.33
N THR I 150 44.24 -42.26 -39.56
CA THR I 150 43.98 -41.27 -38.52
C THR I 150 42.94 -40.29 -39.02
N GLN I 151 42.18 -39.72 -38.10
CA GLN I 151 41.30 -38.60 -38.41
C GLN I 151 41.38 -37.57 -37.26
N TYR I 152 41.32 -36.29 -37.61
CA TYR I 152 41.45 -35.26 -36.60
C TYR I 152 40.40 -34.19 -36.82
N GLN I 153 39.92 -33.63 -35.71
CA GLN I 153 39.10 -32.43 -35.78
C GLN I 153 39.54 -31.40 -34.73
N LEU I 154 39.30 -30.12 -35.01
CA LEU I 154 39.59 -29.10 -34.01
C LEU I 154 38.56 -27.99 -33.98
N ASP I 155 38.36 -27.48 -32.77
CA ASP I 155 37.27 -26.54 -32.44
C ASP I 155 37.89 -25.27 -31.83
N GLN I 156 37.13 -24.18 -31.81
CA GLN I 156 37.68 -22.91 -31.31
C GLN I 156 36.90 -22.46 -30.09
N ILE I 157 37.55 -21.68 -29.25
CA ILE I 157 36.89 -21.06 -28.12
C ILE I 157 37.54 -19.72 -27.83
N ALA I 158 36.74 -18.71 -27.51
CA ALA I 158 37.29 -17.38 -27.29
C ALA I 158 36.71 -16.78 -26.04
N VAL I 159 37.49 -15.91 -25.42
CA VAL I 159 37.11 -15.35 -24.16
C VAL I 159 37.43 -13.89 -24.09
N ASN I 160 36.44 -13.10 -23.69
CA ASN I 160 36.63 -11.68 -23.43
C ASN I 160 36.80 -11.53 -21.92
N LEU I 161 37.86 -10.83 -21.52
CA LEU I 161 37.93 -10.27 -20.19
C LEU I 161 38.15 -8.77 -20.27
N ARG I 162 37.62 -8.04 -19.31
CA ARG I 162 37.77 -6.60 -19.33
C ARG I 162 37.69 -5.95 -17.95
N VAL I 163 38.67 -5.09 -17.69
CA VAL I 163 38.76 -4.32 -16.44
C VAL I 163 37.94 -3.05 -16.52
N VAL I 164 37.02 -2.92 -15.58
CA VAL I 164 36.15 -1.76 -15.51
C VAL I 164 36.47 -1.01 -14.28
N ASN I 165 36.58 0.27 -14.43
CA ASN I 165 36.84 1.11 -13.28
C ASN I 165 35.56 1.45 -12.52
N VAL I 166 35.49 1.06 -11.24
CA VAL I 166 34.32 1.24 -10.42
C VAL I 166 34.05 2.71 -10.26
N SER I 167 35.10 3.51 -10.14
CA SER I 167 34.95 4.91 -9.83
C SER I 167 34.43 5.75 -11.00
N THR I 168 34.46 5.20 -12.23
CA THR I 168 33.93 5.92 -13.42
C THR I 168 33.04 5.12 -14.41
N GLY I 169 33.28 3.84 -14.50
CA GLY I 169 32.57 3.02 -15.45
C GLY I 169 33.39 2.90 -16.71
N GLU I 170 34.48 3.70 -16.81
CA GLU I 170 35.42 3.56 -17.93
C GLU I 170 35.83 2.12 -17.90
N ILE I 171 35.68 1.41 -19.00
CA ILE I 171 36.49 0.24 -19.20
C ILE I 171 38.00 0.59 -19.31
N LEU I 172 38.83 0.00 -18.45
CA LEU I 172 40.27 0.33 -18.42
C LEU I 172 41.11 -0.61 -19.30
N SER I 173 40.47 -1.70 -19.73
CA SER I 173 41.13 -2.70 -20.56
C SER I 173 40.16 -3.73 -21.06
N SER I 174 40.21 -4.03 -22.34
CA SER I 174 39.49 -5.18 -22.90
C SER I 174 40.51 -6.06 -23.60
N VAL I 175 40.38 -7.36 -23.41
CA VAL I 175 41.24 -8.33 -24.10
C VAL I 175 40.45 -9.52 -24.63
N ASN I 176 40.88 -10.02 -25.79
CA ASN I 176 40.17 -11.09 -26.48
C ASN I 176 41.03 -12.32 -26.81
N THR I 177 41.00 -13.35 -25.95
CA THR I 177 41.88 -14.51 -26.11
C THR I 177 41.13 -15.66 -26.76
N SER I 178 41.88 -16.59 -27.32
CA SER I 178 41.30 -17.68 -28.10
C SER I 178 42.13 -18.91 -27.94
N LYS I 179 41.49 -20.06 -28.11
CA LYS I 179 42.19 -21.32 -27.91
C LYS I 179 41.52 -22.46 -28.70
N THR I 180 42.35 -23.39 -29.16
CA THR I 180 41.88 -24.42 -30.06
C THR I 180 41.83 -25.75 -29.31
N ILE I 181 40.71 -26.46 -29.48
CA ILE I 181 40.53 -27.78 -28.86
C ILE I 181 40.77 -28.91 -29.87
N LEU I 182 41.79 -29.73 -29.59
CA LEU I 182 42.22 -30.79 -30.50
C LEU I 182 41.56 -32.12 -30.21
N SER I 183 41.17 -32.82 -31.29
CA SER I 183 40.69 -34.18 -31.19
C SER I 183 41.26 -35.05 -32.32
N TYR I 184 41.62 -36.29 -32.00
CA TYR I 184 42.10 -37.22 -33.01
C TYR I 184 41.84 -38.70 -32.72
N GLU I 185 41.80 -39.47 -33.80
CA GLU I 185 41.43 -40.86 -33.78
C GLU I 185 42.38 -41.68 -34.64
N VAL I 186 43.22 -42.47 -33.97
CA VAL I 186 44.17 -43.34 -34.64
C VAL I 186 43.64 -44.78 -34.63
N GLN I 187 43.80 -45.47 -35.74
CA GLN I 187 43.23 -46.77 -35.84
C GLN I 187 44.05 -47.65 -36.82
N ALA I 188 44.30 -48.89 -36.41
CA ALA I 188 45.05 -49.84 -37.24
C ALA I 188 44.44 -51.23 -37.12
N GLY I 189 44.36 -51.93 -38.23
CA GLY I 189 43.80 -53.28 -38.25
C GLY I 189 44.53 -54.20 -39.22
N VAL I 190 44.77 -55.43 -38.78
CA VAL I 190 45.38 -56.43 -39.64
C VAL I 190 44.36 -57.55 -39.90
N PHE I 191 44.27 -57.99 -41.15
CA PHE I 191 43.22 -58.92 -41.57
C PHE I 191 43.83 -60.05 -42.41
N LEU I 200 42.43 -64.71 -39.28
CA LEU I 200 43.10 -63.73 -38.44
C LEU I 200 42.56 -62.33 -38.69
N GLU I 201 41.89 -61.76 -37.69
CA GLU I 201 41.71 -60.32 -37.59
C GLU I 201 42.33 -59.78 -36.30
N GLY I 202 42.85 -58.56 -36.36
CA GLY I 202 43.37 -57.89 -35.18
C GLY I 202 43.28 -56.39 -35.32
N GLU I 203 42.65 -55.73 -34.35
CA GLU I 203 42.44 -54.29 -34.44
C GLU I 203 42.87 -53.53 -33.18
N VAL I 204 43.57 -52.43 -33.40
CA VAL I 204 43.88 -51.47 -32.35
C VAL I 204 43.29 -50.12 -32.73
N GLY I 205 42.64 -49.48 -31.77
CA GLY I 205 42.10 -48.15 -31.95
C GLY I 205 42.39 -47.27 -30.74
N TYR I 206 42.58 -45.98 -30.98
CA TYR I 206 42.77 -45.01 -29.91
C TYR I 206 42.20 -43.66 -30.31
N THR I 207 41.57 -42.97 -29.36
CA THR I 207 40.99 -41.64 -29.62
C THR I 207 41.26 -40.69 -28.46
N SER I 208 41.64 -39.46 -28.79
CA SER I 208 41.93 -38.48 -27.75
C SER I 208 41.28 -37.14 -28.04
N ASN I 209 40.52 -36.65 -27.07
CA ASN I 209 39.94 -35.30 -27.10
C ASN I 209 40.56 -34.44 -26.03
N GLU I 210 40.86 -33.21 -26.39
CA GLU I 210 41.25 -32.24 -25.39
C GLU I 210 40.01 -31.92 -24.56
N PRO I 211 40.22 -31.70 -23.28
CA PRO I 211 39.09 -31.23 -22.51
C PRO I 211 38.79 -29.74 -22.79
N VAL I 212 37.51 -29.46 -23.13
CA VAL I 212 37.05 -28.09 -23.37
C VAL I 212 37.13 -27.29 -22.08
N MET I 213 36.72 -27.94 -21.01
CA MET I 213 37.04 -27.54 -19.64
C MET I 213 38.43 -26.90 -19.43
N LEU I 214 39.44 -27.59 -19.93
CA LEU I 214 40.83 -27.28 -19.62
C LEU I 214 41.34 -26.19 -20.54
N CYS I 215 40.79 -26.15 -21.75
CA CYS I 215 41.09 -25.10 -22.72
C CYS I 215 40.50 -23.74 -22.30
N LEU I 216 39.28 -23.80 -21.80
CA LEU I 216 38.64 -22.63 -21.21
C LEU I 216 39.53 -22.07 -20.11
N MET I 217 39.99 -22.96 -19.22
CA MET I 217 40.76 -22.53 -18.07
C MET I 217 42.06 -21.90 -18.53
N SER I 218 42.73 -22.54 -19.47
CA SER I 218 43.98 -22.02 -20.04
C SER I 218 43.82 -20.60 -20.62
N ALA I 219 42.79 -20.45 -21.45
CA ALA I 219 42.58 -19.20 -22.14
C ALA I 219 42.28 -18.06 -21.14
N ILE I 220 41.56 -18.38 -20.07
CA ILE I 220 41.23 -17.39 -19.05
C ILE I 220 42.50 -16.91 -18.31
N GLU I 221 43.39 -17.85 -18.01
CA GLU I 221 44.67 -17.52 -17.40
C GLU I 221 45.45 -16.54 -18.31
N THR I 222 45.58 -16.92 -19.59
CA THR I 222 46.24 -16.11 -20.60
C THR I 222 45.68 -14.68 -20.64
N GLY I 223 44.34 -14.59 -20.68
CA GLY I 223 43.66 -13.31 -20.59
C GLY I 223 44.02 -12.48 -19.34
N VAL I 224 44.16 -13.14 -18.20
CA VAL I 224 44.53 -12.45 -16.98
C VAL I 224 45.93 -11.85 -17.10
N ILE I 225 46.84 -12.62 -17.69
CA ILE I 225 48.20 -12.11 -17.90
C ILE I 225 48.16 -10.87 -18.76
N PHE I 226 47.50 -10.97 -19.94
CA PHE I 226 47.40 -9.82 -20.87
C PHE I 226 46.81 -8.58 -20.17
N LEU I 227 45.87 -8.81 -19.26
CA LEU I 227 45.25 -7.73 -18.50
C LEU I 227 46.24 -7.07 -17.56
N ILE I 228 47.05 -7.88 -16.88
CA ILE I 228 48.04 -7.35 -15.96
C ILE I 228 49.08 -6.56 -16.73
N ASN I 229 49.57 -7.16 -17.82
CA ASN I 229 50.61 -6.52 -18.61
C ASN I 229 50.09 -5.20 -19.15
N ASP I 230 48.87 -5.22 -19.66
CA ASP I 230 48.27 -4.03 -20.21
C ASP I 230 48.18 -2.95 -19.13
N GLY I 231 47.80 -3.37 -17.94
CA GLY I 231 47.63 -2.43 -16.84
C GLY I 231 48.97 -1.82 -16.46
N ILE I 232 50.03 -2.61 -16.59
CA ILE I 232 51.36 -2.16 -16.23
C ILE I 232 51.72 -1.05 -17.17
N ASP I 233 51.53 -1.31 -18.47
CA ASP I 233 51.80 -0.32 -19.52
C ASP I 233 51.01 0.98 -19.29
N ARG I 234 49.72 0.84 -19.02
CA ARG I 234 48.85 2.00 -18.90
C ARG I 234 48.89 2.71 -17.54
N GLY I 235 49.68 2.18 -16.61
CA GLY I 235 49.86 2.82 -15.31
C GLY I 235 48.71 2.63 -14.34
N LEU I 236 48.03 1.47 -14.45
CA LEU I 236 47.02 1.08 -13.44
C LEU I 236 47.76 0.65 -12.19
N TRP I 237 48.75 -0.22 -12.37
CA TRP I 237 49.52 -0.73 -11.25
C TRP I 237 51.00 -0.81 -11.60
N ASP I 238 51.84 -0.98 -10.57
CA ASP I 238 53.29 -0.90 -10.75
C ASP I 238 54.04 -2.10 -10.16
N LEU I 239 55.15 -2.45 -10.79
CA LEU I 239 55.98 -3.57 -10.36
C LEU I 239 56.79 -3.19 -9.13
N GLN I 240 56.99 -4.18 -8.25
CA GLN I 240 57.91 -4.03 -7.14
C GLN I 240 59.30 -3.64 -7.66
N ASN I 241 59.83 -4.47 -8.56
CA ASN I 241 61.13 -4.24 -9.17
C ASN I 241 60.98 -3.75 -10.60
N LYS I 242 61.32 -2.49 -10.82
CA LYS I 242 61.23 -1.89 -12.15
C LYS I 242 62.21 -2.58 -13.09
N ALA I 243 63.26 -3.14 -12.50
CA ALA I 243 64.25 -3.96 -13.19
C ALA I 243 63.63 -5.21 -13.78
N GLU I 244 62.46 -5.61 -13.27
CA GLU I 244 61.82 -6.83 -13.74
C GLU I 244 60.83 -6.57 -14.87
N ARG I 245 60.84 -5.37 -15.44
CA ARG I 245 60.02 -5.08 -16.61
C ARG I 245 60.31 -6.03 -17.77
N GLN I 246 61.56 -6.42 -17.95
CA GLN I 246 61.94 -7.23 -19.11
C GLN I 246 61.89 -8.72 -18.77
N ASN I 247 61.13 -9.04 -17.73
CA ASN I 247 60.81 -10.44 -17.39
C ASN I 247 60.47 -11.26 -18.63
N ASP I 248 60.96 -12.49 -18.69
CA ASP I 248 60.76 -13.35 -19.88
C ASP I 248 59.28 -13.47 -20.25
N ILE I 249 58.46 -13.70 -19.23
CA ILE I 249 57.03 -13.89 -19.42
C ILE I 249 56.39 -12.60 -19.91
N LEU I 250 56.68 -11.49 -19.23
CA LEU I 250 56.10 -10.19 -19.56
C LEU I 250 56.43 -9.72 -20.97
N VAL I 251 57.66 -9.98 -21.42
CA VAL I 251 58.05 -9.64 -22.78
C VAL I 251 57.48 -10.61 -23.82
N LYS I 252 57.18 -11.84 -23.39
CA LYS I 252 56.55 -12.82 -24.27
C LYS I 252 55.12 -12.38 -24.62
N TYR I 253 54.37 -11.94 -23.61
CA TYR I 253 52.96 -11.50 -23.79
C TYR I 253 52.92 -10.10 -24.39
N ARG I 254 53.90 -9.29 -24.05
CA ARG I 254 54.10 -8.01 -24.71
C ARG I 254 54.26 -8.22 -26.22
N HIS I 255 55.00 -9.28 -26.58
CA HIS I 255 55.29 -9.58 -27.98
C HIS I 255 54.04 -10.04 -28.71
N MET I 256 53.17 -10.77 -28.02
CA MET I 256 51.95 -11.28 -28.66
C MET I 256 50.99 -10.13 -29.00
N SER I 257 51.15 -9.00 -28.31
CA SER I 257 50.37 -7.77 -28.59
C SER I 257 50.89 -7.01 -29.82
N LEU J 2 20.07 59.29 26.53
CA LEU J 2 19.45 58.17 27.33
C LEU J 2 18.06 57.82 26.76
N THR J 3 18.09 57.34 25.52
CA THR J 3 16.99 56.59 24.89
C THR J 3 17.56 55.43 24.04
N ALA J 4 18.88 55.36 23.94
CA ALA J 4 19.55 54.11 23.61
C ALA J 4 19.52 53.19 24.84
N PRO J 5 20.13 52.01 24.77
CA PRO J 5 19.69 51.09 25.81
C PRO J 5 20.45 51.29 27.12
N PRO J 6 19.98 50.64 28.20
CA PRO J 6 20.77 50.52 29.43
C PRO J 6 21.76 49.37 29.36
N LYS J 7 22.88 49.50 30.08
CA LYS J 7 23.89 48.45 30.08
C LYS J 7 23.76 47.49 31.26
N GLU J 8 24.49 46.38 31.19
CA GLU J 8 24.28 45.24 32.09
C GLU J 8 24.67 45.53 33.55
N ALA J 9 23.68 45.51 34.44
CA ALA J 9 23.91 45.66 35.88
C ALA J 9 23.96 44.28 36.56
N ALA J 10 25.13 43.92 37.05
CA ALA J 10 25.45 42.58 37.60
C ALA J 10 25.89 41.64 36.48
N ARG J 11 26.65 40.61 36.86
CA ARG J 11 27.41 39.80 35.90
C ARG J 11 26.80 38.43 35.72
N PRO J 12 26.94 37.83 34.54
CA PRO J 12 26.72 36.40 34.48
C PRO J 12 27.69 35.60 35.37
N THR J 13 27.16 34.95 36.38
CA THR J 13 27.86 33.90 37.10
C THR J 13 27.47 32.51 36.57
N LEU J 14 28.26 31.46 36.84
CA LEU J 14 27.74 30.11 36.61
C LEU J 14 26.73 29.75 37.73
N MET J 15 25.83 28.79 37.49
CA MET J 15 24.54 28.78 38.22
C MET J 15 24.74 28.42 39.69
N PRO J 16 24.28 29.32 40.59
CA PRO J 16 24.52 29.25 42.04
C PRO J 16 23.95 28.03 42.78
N ARG J 17 24.67 26.92 42.68
CA ARG J 17 24.30 25.72 43.39
C ARG J 17 24.93 25.79 44.79
N ALA J 18 24.27 25.22 45.81
CA ALA J 18 24.82 25.24 47.16
C ALA J 18 25.20 23.84 47.70
N GLN J 19 24.57 23.42 48.79
CA GLN J 19 25.15 22.38 49.64
C GLN J 19 25.13 21.02 48.93
N SER J 20 23.95 20.68 48.42
CA SER J 20 23.75 19.46 47.68
C SER J 20 24.91 19.29 46.71
N TYR J 21 25.22 20.36 45.97
CA TYR J 21 26.29 20.34 44.96
C TYR J 21 27.63 19.97 45.58
N LYS J 22 27.93 20.62 46.69
CA LYS J 22 29.22 20.45 47.37
C LYS J 22 29.40 19.00 47.83
N ASP J 23 28.32 18.42 48.34
CA ASP J 23 28.32 17.01 48.72
C ASP J 23 28.50 16.11 47.50
N LEU J 24 27.76 16.44 46.44
CA LEU J 24 27.72 15.63 45.22
C LEU J 24 29.08 15.56 44.51
N THR J 25 29.80 16.68 44.53
CA THR J 25 31.10 16.78 43.86
C THR J 25 32.19 16.02 44.62
N HIS J 26 32.25 16.24 45.94
CA HIS J 26 33.30 15.65 46.80
C HIS J 26 32.91 14.23 47.23
N LEU J 27 32.26 13.48 46.35
CA LEU J 27 31.97 12.08 46.62
C LEU J 27 33.14 11.21 46.19
N PRO J 28 33.51 10.24 47.01
CA PRO J 28 34.61 9.32 46.68
C PRO J 28 34.34 8.53 45.41
N ALA J 29 35.31 8.52 44.48
CA ALA J 29 35.06 8.04 43.12
C ALA J 29 34.96 6.48 43.06
N PRO J 30 34.15 5.97 42.11
CA PRO J 30 33.96 4.53 41.91
C PRO J 30 35.12 3.95 41.12
N THR J 31 35.10 2.63 40.93
CA THR J 31 36.21 1.95 40.22
C THR J 31 36.24 2.33 38.73
N GLY J 32 35.08 2.67 38.19
CA GLY J 32 34.99 3.27 36.85
C GLY J 32 33.70 4.01 36.74
N LYS J 33 33.64 5.03 35.88
CA LYS J 33 32.39 5.78 35.72
C LYS J 33 31.34 4.90 35.05
N ILE J 34 30.05 5.15 35.35
CA ILE J 34 28.97 4.31 34.85
C ILE J 34 28.23 5.08 33.77
N PHE J 35 27.85 4.36 32.70
CA PHE J 35 27.15 4.93 31.52
C PHE J 35 25.67 5.05 31.77
N VAL J 36 25.12 6.25 31.60
CA VAL J 36 23.75 6.45 32.03
C VAL J 36 22.96 7.19 31.00
N SER J 37 21.65 6.91 30.96
CA SER J 37 20.79 7.55 29.98
C SER J 37 19.70 8.26 30.73
N VAL J 38 19.45 9.51 30.37
CA VAL J 38 18.20 10.13 30.80
C VAL J 38 17.38 10.54 29.58
N TYR J 39 16.16 9.99 29.47
CA TYR J 39 15.25 10.32 28.36
C TYR J 39 14.35 11.54 28.71
N ASN J 40 13.67 11.48 29.86
CA ASN J 40 12.80 12.57 30.26
C ASN J 40 12.30 12.49 31.71
N ILE J 41 12.36 13.61 32.41
CA ILE J 41 11.75 13.74 33.73
C ILE J 41 10.67 14.81 33.65
N GLN J 42 9.41 14.42 33.87
CA GLN J 42 8.25 15.29 33.59
C GLN J 42 7.84 16.13 34.78
N ASP J 43 7.18 17.24 34.48
CA ASP J 43 6.58 18.09 35.50
C ASP J 43 5.25 17.53 35.95
N GLU J 44 5.28 16.36 36.57
CA GLU J 44 4.04 15.61 36.87
C GLU J 44 3.25 16.31 37.99
N THR J 45 3.61 17.58 38.24
CA THR J 45 3.12 18.32 39.42
C THR J 45 1.69 18.82 39.28
N GLY J 46 1.34 19.32 38.10
CA GLY J 46 -0.07 19.65 37.79
C GLY J 46 -0.43 21.06 38.18
N GLN J 47 0.58 21.91 38.29
CA GLN J 47 0.36 23.11 38.99
C GLN J 47 0.87 24.32 38.22
N PHE J 48 0.05 25.37 38.25
CA PHE J 48 0.39 26.63 37.62
C PHE J 48 0.34 27.76 38.63
N LYS J 49 0.89 28.90 38.22
CA LYS J 49 0.97 30.05 39.10
C LYS J 49 -0.40 30.71 39.17
N PRO J 50 -0.74 31.22 40.36
CA PRO J 50 -1.92 32.05 40.53
C PRO J 50 -1.84 33.47 39.95
N TYR J 51 -2.99 34.14 39.87
CA TYR J 51 -3.00 35.57 39.54
C TYR J 51 -1.97 36.31 40.41
N PRO J 52 -1.15 37.20 39.82
CA PRO J 52 -1.25 37.78 38.48
C PRO J 52 -0.38 37.13 37.44
N ALA J 53 0.07 35.90 37.69
CA ALA J 53 0.86 35.20 36.67
C ALA J 53 0.02 34.95 35.40
N SER J 54 0.71 34.73 34.28
CA SER J 54 0.03 34.18 33.13
C SER J 54 -0.58 32.82 33.47
N ASN J 55 -1.78 32.62 32.92
CA ASN J 55 -2.51 31.39 33.15
C ASN J 55 -1.64 30.20 32.91
N PHE J 56 -0.67 30.40 32.01
CA PHE J 56 0.13 29.31 31.44
C PHE J 56 1.43 29.16 32.15
N SER J 57 1.70 30.00 33.13
CA SER J 57 2.97 29.89 33.81
C SER J 57 2.91 28.68 34.75
N THR J 58 3.71 27.67 34.46
CA THR J 58 3.82 26.54 35.34
C THR J 58 4.46 26.89 36.68
N ALA J 59 4.12 26.14 37.69
CA ALA J 59 4.66 26.45 38.97
C ALA J 59 6.09 25.98 39.07
N VAL J 60 6.50 25.10 38.18
CA VAL J 60 7.78 24.48 38.28
C VAL J 60 8.39 24.52 36.90
N PRO J 61 9.71 24.75 36.82
CA PRO J 61 10.35 24.74 35.51
C PRO J 61 10.37 23.36 34.86
N GLN J 62 10.26 23.36 33.52
CA GLN J 62 10.09 22.11 32.79
C GLN J 62 11.43 21.54 32.41
N SER J 63 12.40 21.69 33.29
CA SER J 63 13.78 21.58 32.89
C SER J 63 14.50 20.50 33.69
N ALA J 64 13.72 19.76 34.46
CA ALA J 64 14.27 18.80 35.40
C ALA J 64 15.24 17.78 34.76
N THR J 65 14.90 17.38 33.55
CA THR J 65 15.69 16.41 32.79
C THR J 65 17.14 16.85 32.70
N ALA J 66 17.36 18.09 32.26
CA ALA J 66 18.70 18.58 32.02
C ALA J 66 19.44 18.75 33.36
N MET J 67 18.71 19.12 34.41
CA MET J 67 19.28 19.27 35.76
C MET J 67 19.76 17.93 36.29
N LEU J 68 18.96 16.89 36.04
CA LEU J 68 19.37 15.55 36.44
C LEU J 68 20.62 15.08 35.69
N VAL J 69 20.66 15.28 34.37
CA VAL J 69 21.82 14.86 33.58
C VAL J 69 23.06 15.58 34.11
N THR J 70 22.91 16.87 34.38
CA THR J 70 24.02 17.69 34.88
C THR J 70 24.49 17.19 36.22
N ALA J 71 23.54 16.92 37.12
CA ALA J 71 23.87 16.38 38.42
C ALA J 71 24.58 15.02 38.30
N LEU J 72 24.09 14.18 37.40
CA LEU J 72 24.71 12.87 37.15
C LEU J 72 26.15 13.02 36.64
N LYS J 73 26.44 14.15 36.01
CA LYS J 73 27.80 14.39 35.51
C LYS J 73 28.70 14.96 36.58
N ASP J 74 28.20 15.95 37.32
CA ASP J 74 29.00 16.64 38.33
C ASP J 74 29.49 15.65 39.40
N SER J 75 28.70 14.60 39.63
CA SER J 75 29.00 13.62 40.68
C SER J 75 30.31 12.87 40.43
N ARG J 76 30.70 12.80 39.16
CA ARG J 76 31.87 12.05 38.73
C ARG J 76 31.73 10.57 39.07
N TRP J 77 30.51 10.08 38.93
CA TRP J 77 30.22 8.65 38.95
C TRP J 77 29.70 8.14 37.58
N PHE J 78 28.98 9.01 36.86
CA PHE J 78 28.28 8.66 35.63
C PHE J 78 28.71 9.50 34.43
N ILE J 79 28.78 8.85 33.27
CA ILE J 79 28.85 9.52 31.96
C ILE J 79 27.44 9.53 31.39
N PRO J 80 26.92 10.73 31.10
CA PRO J 80 25.59 10.74 30.57
C PRO J 80 25.66 10.64 29.07
N LEU J 81 24.86 9.72 28.52
CA LEU J 81 24.66 9.63 27.09
C LEU J 81 23.44 10.42 26.66
N GLU J 82 23.60 11.12 25.54
CA GLU J 82 22.63 12.13 25.09
C GLU J 82 21.47 11.46 24.39
N ARG J 83 20.33 11.49 25.07
CA ARG J 83 19.08 10.96 24.54
C ARG J 83 17.98 12.03 24.50
N GLN J 84 18.11 13.10 25.27
CA GLN J 84 17.06 14.14 25.23
C GLN J 84 16.92 14.71 23.82
N GLY J 85 18.03 14.90 23.15
CA GLY J 85 17.95 15.37 21.77
C GLY J 85 18.32 14.34 20.72
N LEU J 86 17.92 13.08 20.94
CA LEU J 86 18.53 11.95 20.19
C LEU J 86 18.31 12.09 18.70
N GLN J 87 17.18 12.71 18.35
CA GLN J 87 16.83 12.84 16.95
C GLN J 87 17.90 13.67 16.17
N ASN J 88 18.33 14.78 16.78
CA ASN J 88 19.31 15.67 16.14
C ASN J 88 20.64 14.97 15.98
N LEU J 89 20.95 14.12 16.94
CA LEU J 89 22.22 13.43 16.98
C LEU J 89 22.23 12.51 15.77
N LEU J 90 21.09 11.85 15.53
CA LEU J 90 21.03 10.85 14.47
C LEU J 90 21.05 11.54 13.10
N ASN J 91 20.53 12.76 13.07
CA ASN J 91 20.53 13.57 11.86
C ASN J 91 21.93 14.02 11.49
N GLU J 92 22.68 14.56 12.45
CA GLU J 92 24.10 14.93 12.19
C GLU J 92 24.91 13.72 11.72
N ARG J 93 24.59 12.56 12.25
CA ARG J 93 25.25 11.33 11.83
C ARG J 93 24.85 10.91 10.41
N LYS J 94 23.61 11.19 10.02
CA LYS J 94 23.21 11.02 8.62
C LYS J 94 24.05 11.93 7.71
N ILE J 95 24.26 13.17 8.13
CA ILE J 95 24.90 14.16 7.28
C ILE J 95 26.35 13.82 7.13
N ILE J 96 26.94 13.39 8.24
CA ILE J 96 28.28 12.86 8.22
C ILE J 96 28.39 11.73 7.21
N ARG J 97 27.60 10.69 7.40
CA ARG J 97 27.72 9.50 6.54
C ARG J 97 27.50 9.87 5.08
N ALA J 98 26.68 10.89 4.85
CA ALA J 98 26.38 11.28 3.49
C ALA J 98 27.56 12.03 2.91
N ALA J 99 28.30 12.67 3.80
CA ALA J 99 29.48 13.48 3.41
C ALA J 99 30.64 12.60 2.90
N GLN J 100 30.96 11.56 3.66
CA GLN J 100 32.23 10.88 3.48
C GLN J 100 32.08 9.51 2.86
N GLU J 101 30.87 9.16 2.45
CA GLU J 101 30.61 7.82 1.85
C GLU J 101 31.33 7.59 0.50
N ASN J 102 31.67 8.68 -0.18
CA ASN J 102 32.30 8.57 -1.49
C ASN J 102 33.81 8.60 -1.44
N GLY J 103 34.37 8.77 -0.25
CA GLY J 103 35.84 8.86 -0.10
C GLY J 103 36.49 10.01 -0.87
N THR J 104 35.79 11.12 -0.97
CA THR J 104 36.40 12.33 -1.47
C THR J 104 36.75 13.25 -0.31
N VAL J 105 36.01 13.16 0.78
CA VAL J 105 36.18 14.10 1.87
C VAL J 105 37.62 14.09 2.37
N ALA J 106 38.11 15.29 2.68
CA ALA J 106 39.50 15.53 3.05
C ALA J 106 39.86 14.80 4.35
N ILE J 107 41.02 14.13 4.34
CA ILE J 107 41.43 13.26 5.43
C ILE J 107 41.53 14.01 6.79
N ASN J 108 41.86 15.30 6.72
CA ASN J 108 41.90 16.15 7.91
C ASN J 108 40.50 16.43 8.43
N ASN J 109 39.56 16.55 7.51
CA ASN J 109 38.19 16.94 7.82
C ASN J 109 37.31 15.76 8.22
N ARG J 110 37.79 14.56 7.90
CA ARG J 110 37.00 13.32 8.06
C ARG J 110 36.53 13.17 9.52
N ILE J 111 35.27 12.81 9.71
CA ILE J 111 34.80 12.43 11.03
C ILE J 111 34.56 10.94 11.15
N PRO J 112 35.32 10.26 12.02
CA PRO J 112 35.16 8.83 12.18
C PRO J 112 33.94 8.45 13.03
N LEU J 113 33.10 7.56 12.52
CA LEU J 113 31.81 7.25 13.13
C LEU J 113 31.77 5.86 13.72
N GLN J 114 31.14 5.80 14.87
CA GLN J 114 31.20 4.64 15.72
C GLN J 114 29.81 4.54 16.27
N SER J 115 29.38 3.30 16.50
CA SER J 115 28.04 3.04 16.96
C SER J 115 27.78 3.83 18.24
N LEU J 116 26.50 4.11 18.51
CA LEU J 116 26.19 5.04 19.58
C LEU J 116 26.44 4.32 20.88
N THR J 117 27.28 4.93 21.73
CA THR J 117 27.63 4.36 23.03
C THR J 117 26.36 4.11 23.81
N ALA J 118 26.25 2.92 24.39
CA ALA J 118 24.98 2.45 24.91
C ALA J 118 25.06 2.31 26.41
N ALA J 119 23.96 2.66 27.06
CA ALA J 119 23.85 2.69 28.52
C ALA J 119 23.44 1.36 29.11
N ASN J 120 23.82 1.11 30.37
CA ASN J 120 23.37 -0.10 31.03
C ASN J 120 22.20 0.17 31.96
N ILE J 121 22.31 1.21 32.76
CA ILE J 121 21.18 1.59 33.58
C ILE J 121 20.68 2.90 33.03
N MET J 122 19.37 3.07 33.02
CA MET J 122 18.84 4.37 32.73
C MET J 122 17.97 4.81 33.90
N VAL J 123 18.01 6.11 34.19
CA VAL J 123 17.31 6.63 35.36
C VAL J 123 16.30 7.64 34.89
N GLU J 124 15.05 7.43 35.29
CA GLU J 124 14.00 8.41 35.03
C GLU J 124 13.27 8.74 36.30
N GLY J 125 12.42 9.74 36.21
CA GLY J 125 11.73 10.23 37.40
C GLY J 125 10.70 11.26 37.03
N SER J 126 10.30 12.05 38.03
CA SER J 126 9.25 13.03 37.83
C SER J 126 9.36 14.08 38.91
N ILE J 127 8.96 15.30 38.57
CA ILE J 127 8.57 16.21 39.59
C ILE J 127 7.18 15.85 40.13
N ILE J 128 7.17 15.20 41.29
CA ILE J 128 5.94 14.79 42.00
C ILE J 128 5.60 15.94 42.97
N GLY J 129 4.73 16.82 42.51
CA GLY J 129 4.08 17.71 43.42
C GLY J 129 4.77 19.04 43.63
N TYR J 130 3.94 20.07 43.66
CA TYR J 130 4.33 21.36 44.18
C TYR J 130 3.09 21.86 44.88
N GLU J 131 3.13 21.85 46.20
CA GLU J 131 2.08 22.49 46.98
C GLU J 131 2.53 23.88 47.41
N SER J 132 1.59 24.80 47.49
CA SER J 132 1.94 26.21 47.65
C SER J 132 1.34 26.77 48.94
N ASN J 133 2.11 27.65 49.59
CA ASN J 133 1.78 28.11 50.95
C ASN J 133 1.39 26.94 51.84
N VAL J 134 2.30 25.98 51.93
CA VAL J 134 2.12 24.83 52.79
C VAL J 134 2.14 25.31 54.25
N LYS J 135 2.97 26.32 54.53
CA LYS J 135 2.84 27.11 55.76
C LYS J 135 2.97 28.60 55.47
N SER J 136 2.46 29.40 56.40
CA SER J 136 2.54 30.84 56.29
C SER J 136 2.30 31.52 57.64
N GLY J 137 2.80 32.75 57.79
CA GLY J 137 2.56 33.53 58.99
C GLY J 137 2.96 34.99 58.88
N GLY J 138 2.70 35.75 59.94
CA GLY J 138 3.04 37.17 59.96
C GLY J 138 3.00 37.76 61.35
N VAL J 139 3.90 38.72 61.61
CA VAL J 139 3.93 39.44 62.88
C VAL J 139 4.21 40.92 62.66
N GLY J 140 3.35 41.78 63.20
CA GLY J 140 3.47 43.22 63.02
C GLY J 140 2.97 44.06 64.18
N ALA J 141 3.60 45.20 64.41
CA ALA J 141 3.15 46.13 65.43
C ALA J 141 3.32 47.59 65.00
N ARG J 142 2.32 48.41 65.33
CA ARG J 142 2.45 49.84 65.17
C ARG J 142 2.12 50.52 66.49
N TYR J 143 2.84 51.60 66.77
CA TYR J 143 2.75 52.29 68.06
C TYR J 143 2.58 53.79 67.87
N GLY J 145 2.62 55.86 66.03
CA GLY J 145 3.23 56.46 64.84
C GLY J 145 4.27 55.63 64.08
N ILE J 146 4.94 54.69 64.78
CA ILE J 146 6.03 53.90 64.18
C ILE J 146 5.63 52.42 64.11
N GLY J 147 5.91 51.76 62.99
CA GLY J 147 5.46 50.38 62.79
C GLY J 147 6.33 49.51 61.92
N ALA J 148 6.28 48.20 62.18
CA ALA J 148 6.96 47.24 61.35
C ALA J 148 6.19 45.92 61.33
N ASP J 149 6.54 45.07 60.37
CA ASP J 149 5.88 43.77 60.23
C ASP J 149 6.68 42.87 59.31
N THR J 150 6.66 41.57 59.58
CA THR J 150 7.13 40.61 58.61
C THR J 150 6.01 39.62 58.28
N GLN J 151 6.11 39.03 57.10
CA GLN J 151 5.20 38.00 56.66
C GLN J 151 5.97 36.95 55.90
N TYR J 152 5.61 35.68 56.09
CA TYR J 152 6.34 34.61 55.43
C TYR J 152 5.42 33.57 54.88
N GLN J 153 5.81 33.00 53.75
CA GLN J 153 5.13 31.81 53.23
C GLN J 153 6.15 30.76 52.78
N LEU J 154 5.77 29.49 52.82
CA LEU J 154 6.62 28.47 52.25
C LEU J 154 5.86 27.36 51.52
N ASP J 155 6.51 26.84 50.47
CA ASP J 155 5.93 25.92 49.49
C ASP J 155 6.75 24.63 49.48
N GLN J 156 6.18 23.55 48.95
CA GLN J 156 6.87 22.26 48.90
C GLN J 156 7.10 21.80 47.47
N ILE J 157 8.10 20.97 47.28
CA ILE J 157 8.41 20.42 45.96
C ILE J 157 9.09 19.06 46.16
N ALA J 158 8.71 18.08 45.35
CA ALA J 158 9.20 16.73 45.57
C ALA J 158 9.60 16.15 44.26
N VAL J 159 10.56 15.24 44.31
CA VAL J 159 11.10 14.67 43.11
C VAL J 159 11.32 13.18 43.29
N ASN J 160 10.82 12.41 42.32
CA ASN J 160 11.13 10.99 42.22
C ASN J 160 12.25 10.81 41.21
N LEU J 161 13.29 10.10 41.62
CA LEU J 161 14.24 9.54 40.67
C LEU J 161 14.31 8.02 40.85
N ARG J 162 14.55 7.30 39.77
CA ARG J 162 14.61 5.85 39.86
C ARG J 162 15.46 5.18 38.79
N VAL J 163 16.34 4.30 39.26
CA VAL J 163 17.24 3.53 38.40
C VAL J 163 16.51 2.32 37.89
N VAL J 164 16.46 2.21 36.58
CA VAL J 164 15.90 1.06 35.95
C VAL J 164 17.02 0.29 35.30
N ASN J 165 16.97 -1.01 35.46
CA ASN J 165 17.87 -1.89 34.71
C ASN J 165 17.40 -2.17 33.26
N VAL J 166 18.20 -1.74 32.29
CA VAL J 166 17.90 -1.94 30.90
C VAL J 166 17.74 -3.41 30.62
N SER J 167 18.55 -4.25 31.24
CA SER J 167 18.67 -5.64 30.85
C SER J 167 17.47 -6.46 31.31
N THR J 168 16.66 -5.87 32.20
CA THR J 168 15.46 -6.57 32.72
C THR J 168 14.17 -5.72 32.77
N GLY J 169 14.33 -4.43 33.03
CA GLY J 169 13.19 -3.62 33.35
C GLY J 169 12.94 -3.53 34.84
N GLU J 170 13.60 -4.38 35.63
CA GLU J 170 13.54 -4.26 37.11
C GLU J 170 13.94 -2.85 37.42
N ILE J 171 13.13 -2.16 38.19
CA ILE J 171 13.61 -0.98 38.84
C ILE J 171 14.65 -1.37 39.91
N LEU J 172 15.87 -0.82 39.82
CA LEU J 172 16.91 -1.16 40.78
C LEU J 172 16.93 -0.24 42.03
N SER J 173 16.21 0.88 41.95
CA SER J 173 16.16 1.85 43.05
C SER J 173 15.15 2.95 42.76
N SER J 174 14.32 3.24 43.74
CA SER J 174 13.44 4.41 43.66
C SER J 174 13.71 5.27 44.86
N VAL J 175 13.78 6.57 44.65
CA VAL J 175 13.99 7.52 45.75
C VAL J 175 13.08 8.73 45.64
N ASN J 176 12.65 9.23 46.79
CA ASN J 176 11.69 10.33 46.85
C ASN J 176 12.19 11.52 47.69
N THR J 177 12.76 12.55 47.06
CA THR J 177 13.28 13.70 47.78
C THR J 177 12.33 14.88 47.77
N SER J 178 12.54 15.80 48.69
CA SER J 178 11.61 16.91 48.90
C SER J 178 12.36 18.14 49.36
N LYS J 179 11.79 19.29 49.08
CA LYS J 179 12.46 20.54 49.42
C LYS J 179 11.46 21.69 49.56
N THR J 180 11.79 22.61 50.44
CA THR J 180 10.92 23.68 50.77
C THR J 180 11.41 24.99 50.15
N ILE J 181 10.49 25.74 49.59
CA ILE J 181 10.77 27.07 49.05
C ILE J 181 10.30 28.18 50.00
N LEU J 182 11.25 28.94 50.53
CA LEU J 182 10.97 30.04 51.45
C LEU J 182 10.72 31.41 50.79
N SER J 183 9.75 32.14 51.34
CA SER J 183 9.48 33.50 50.94
C SER J 183 9.17 34.36 52.17
N TYR J 184 9.67 35.59 52.19
CA TYR J 184 9.36 36.53 53.27
C TYR J 184 9.42 38.02 52.90
N GLU J 185 8.68 38.80 53.66
CA GLU J 185 8.44 40.19 53.36
C GLU J 185 8.56 41.02 54.63
N VAL J 186 9.64 41.79 54.72
CA VAL J 186 9.90 42.65 55.86
C VAL J 186 9.58 44.10 55.50
N GLN J 187 8.96 44.80 56.44
CA GLN J 187 8.46 46.11 56.12
C GLN J 187 8.41 47.00 57.38
N ALA J 188 8.85 48.24 57.22
CA ALA J 188 8.87 49.20 58.34
C ALA J 188 8.46 50.58 57.85
N GLY J 189 7.69 51.28 58.66
CA GLY J 189 7.26 52.63 58.31
C GLY J 189 7.18 53.55 59.52
N VAL J 190 7.63 54.78 59.35
CA VAL J 190 7.53 55.79 60.39
C VAL J 190 6.58 56.91 59.94
N PHE J 191 5.69 57.33 60.84
CA PHE J 191 4.60 58.26 60.48
C PHE J 191 4.41 59.34 61.56
N ARG J 192 4.11 60.59 61.19
CA ARG J 192 3.79 61.65 62.17
C ARG J 192 2.95 62.76 61.53
N LEU J 200 5.05 63.79 58.52
CA LEU J 200 6.30 63.19 58.06
C LEU J 200 6.18 61.67 57.97
N GLU J 201 6.25 61.15 56.75
CA GLU J 201 6.15 59.71 56.52
C GLU J 201 7.46 59.17 55.95
N GLY J 202 7.79 57.93 56.29
CA GLY J 202 8.93 57.25 55.71
C GLY J 202 8.77 55.74 55.75
N GLU J 203 8.89 55.09 54.60
CA GLU J 203 8.66 53.64 54.51
C GLU J 203 9.77 52.89 53.80
N VAL J 204 10.16 51.77 54.41
CA VAL J 204 11.13 50.87 53.83
C VAL J 204 10.51 49.48 53.76
N GLY J 205 10.71 48.81 52.63
CA GLY J 205 10.23 47.45 52.45
C GLY J 205 11.26 46.57 51.77
N TYR J 206 11.24 45.27 52.08
CA TYR J 206 12.10 44.30 51.41
C TYR J 206 11.38 42.96 51.31
N THR J 207 11.56 42.26 50.20
CA THR J 207 10.94 40.94 50.01
C THR J 207 11.90 39.96 49.35
N SER J 208 11.93 38.72 49.85
CA SER J 208 12.81 37.70 49.28
C SER J 208 12.10 36.39 49.05
N ASN J 209 12.19 35.91 47.80
CA ASN J 209 11.72 34.60 47.41
C ASN J 209 12.89 33.69 47.05
N GLU J 210 12.85 32.47 47.53
CA GLU J 210 13.77 31.46 47.02
C GLU J 210 13.42 31.19 45.58
N PRO J 211 14.42 30.98 44.74
CA PRO J 211 14.13 30.50 43.38
C PRO J 211 13.68 29.03 43.36
N VAL J 212 12.53 28.78 42.73
CA VAL J 212 11.96 27.42 42.64
C VAL J 212 12.91 26.61 41.81
N MET J 213 13.38 27.27 40.76
CA MET J 213 14.50 26.82 39.90
C MET J 213 15.64 26.14 40.68
N LEU J 214 16.03 26.77 41.76
CA LEU J 214 17.25 26.44 42.46
C LEU J 214 16.95 25.34 43.44
N CYS J 215 15.72 25.34 43.94
CA CYS J 215 15.28 24.30 44.87
C CYS J 215 15.12 22.97 44.14
N LEU J 216 14.56 23.06 42.94
CA LEU J 216 14.42 21.88 42.09
C LEU J 216 15.80 21.28 41.86
N MET J 217 16.77 22.15 41.56
CA MET J 217 18.12 21.69 41.23
C MET J 217 18.77 21.02 42.43
N SER J 218 18.65 21.67 43.58
CA SER J 218 19.14 21.12 44.84
C SER J 218 18.57 19.71 45.13
N ALA J 219 17.26 19.58 45.05
CA ALA J 219 16.60 18.34 45.41
C ALA J 219 17.02 17.20 44.46
N ILE J 220 17.23 17.53 43.19
CA ILE J 220 17.63 16.52 42.20
C ILE J 220 19.04 16.01 42.53
N GLU J 221 19.93 16.92 42.93
CA GLU J 221 21.29 16.54 43.33
C GLU J 221 21.22 15.56 44.48
N THR J 222 20.46 15.94 45.51
CA THR J 222 20.24 15.11 46.70
C THR J 222 19.78 13.71 46.30
N GLY J 223 18.80 13.66 45.42
CA GLY J 223 18.30 12.40 44.89
C GLY J 223 19.38 11.56 44.26
N VAL J 224 20.29 12.21 43.52
CA VAL J 224 21.35 11.49 42.82
C VAL J 224 22.27 10.85 43.85
N ILE J 225 22.55 11.58 44.93
CA ILE J 225 23.39 11.04 45.98
C ILE J 225 22.74 9.79 46.60
N PHE J 226 21.47 9.92 47.00
CA PHE J 226 20.74 8.80 47.60
C PHE J 226 20.73 7.58 46.67
N LEU J 227 20.69 7.85 45.37
CA LEU J 227 20.73 6.77 44.37
C LEU J 227 22.07 6.07 44.34
N ILE J 228 23.15 6.84 44.39
CA ILE J 228 24.50 6.28 44.37
C ILE J 228 24.72 5.47 45.64
N ASN J 229 24.38 6.05 46.78
CA ASN J 229 24.54 5.38 48.07
C ASN J 229 23.74 4.08 48.13
N ASP J 230 22.51 4.14 47.65
CA ASP J 230 21.65 2.97 47.59
C ASP J 230 22.28 1.89 46.69
N GLY J 231 22.83 2.31 45.56
CA GLY J 231 23.45 1.38 44.62
C GLY J 231 24.70 0.73 45.20
N ILE J 232 25.44 1.51 45.99
CA ILE J 232 26.61 0.99 46.69
C ILE J 232 26.16 -0.13 47.61
N ASP J 233 25.13 0.15 48.42
CA ASP J 233 24.63 -0.83 49.38
C ASP J 233 24.20 -2.10 48.65
N ARG J 234 23.45 -1.92 47.58
CA ARG J 234 22.84 -3.06 46.89
C ARG J 234 23.77 -3.77 45.89
N GLY J 235 24.99 -3.28 45.75
CA GLY J 235 25.98 -3.96 44.94
C GLY J 235 25.76 -3.73 43.46
N LEU J 236 25.24 -2.56 43.10
CA LEU J 236 25.21 -2.14 41.68
C LEU J 236 26.61 -1.74 41.25
N TRP J 237 27.25 -0.92 42.08
CA TRP J 237 28.58 -0.42 41.79
C TRP J 237 29.44 -0.38 43.05
N ASP J 238 30.76 -0.25 42.87
CA ASP J 238 31.71 -0.37 43.99
C ASP J 238 32.68 0.80 44.08
N LEU J 239 33.07 1.12 45.31
CA LEU J 239 33.99 2.21 45.57
C LEU J 239 35.41 1.80 45.19
N GLN J 240 36.17 2.76 44.67
CA GLN J 240 37.61 2.60 44.51
C GLN J 240 38.27 2.16 45.81
N ASN J 241 38.08 2.98 46.84
CA ASN J 241 38.59 2.71 48.17
C ASN J 241 37.49 2.22 49.09
N LYS J 242 37.56 0.94 49.47
CA LYS J 242 36.58 0.37 50.40
C LYS J 242 36.68 1.05 51.77
N ALA J 243 37.87 1.55 52.07
CA ALA J 243 38.14 2.36 53.27
C ALA J 243 37.31 3.63 53.30
N GLU J 244 36.82 4.06 52.13
CA GLU J 244 36.09 5.32 52.06
C GLU J 244 34.59 5.10 52.24
N ARG J 245 34.18 3.90 52.64
CA ARG J 245 32.78 3.63 52.94
C ARG J 245 32.21 4.57 53.99
N GLN J 246 33.03 4.92 54.98
CA GLN J 246 32.56 5.75 56.11
C GLN J 246 32.79 7.23 55.85
N ASN J 247 32.97 7.58 54.57
CA ASN J 247 33.01 8.97 54.14
C ASN J 247 31.94 9.78 54.88
N ASP J 248 32.29 11.01 55.27
CA ASP J 248 31.35 11.91 55.98
C ASP J 248 30.01 12.07 55.24
N ILE J 249 30.10 12.33 53.94
CA ILE J 249 28.93 12.57 53.11
C ILE J 249 28.07 11.29 53.00
N LEU J 250 28.72 10.18 52.65
CA LEU J 250 28.03 8.90 52.51
C LEU J 250 27.31 8.45 53.79
N VAL J 251 27.91 8.67 54.95
CA VAL J 251 27.28 8.30 56.23
C VAL J 251 26.21 9.31 56.63
N LYS J 252 26.32 10.54 56.14
CA LYS J 252 25.28 11.55 56.35
C LYS J 252 23.97 11.15 55.62
N TYR J 253 24.09 10.74 54.36
CA TYR J 253 22.93 10.32 53.55
C TYR J 253 22.45 8.93 53.92
N ARG J 254 23.37 8.07 54.32
CA ARG J 254 23.03 6.80 54.94
C ARG J 254 22.14 7.02 56.17
N HIS J 255 22.47 8.05 56.95
CA HIS J 255 21.75 8.36 58.18
C HIS J 255 20.36 8.89 57.90
N MET J 256 20.21 9.64 56.82
CA MET J 256 18.90 10.17 56.48
C MET J 256 17.93 9.04 56.08
N SER J 257 18.49 7.90 55.66
CA SER J 257 17.72 6.68 55.40
C SER J 257 17.39 5.97 56.71
N LEU K 2 23.02 43.36 46.64
CA LEU K 2 21.68 42.70 46.64
C LEU K 2 21.00 42.85 45.27
N THR K 3 21.66 42.25 44.27
CA THR K 3 21.08 41.97 42.96
C THR K 3 21.57 40.61 42.45
N ALA K 4 22.50 39.99 43.16
CA ALA K 4 22.77 38.58 42.93
C ALA K 4 21.72 37.71 43.68
N PRO K 5 21.84 36.36 43.65
CA PRO K 5 20.66 35.64 44.09
C PRO K 5 20.66 35.33 45.58
N PRO K 6 19.50 34.91 46.11
CA PRO K 6 19.46 34.32 47.45
C PRO K 6 19.87 32.84 47.45
N LYS K 7 20.46 32.40 48.55
CA LYS K 7 20.92 31.01 48.66
C LYS K 7 19.89 30.15 49.39
N GLU K 8 20.12 28.83 49.36
CA GLU K 8 19.12 27.87 49.77
C GLU K 8 18.81 27.87 51.30
N ALA K 9 17.58 28.22 51.64
CA ALA K 9 17.10 28.23 53.02
C ALA K 9 16.36 26.93 53.32
N ALA K 10 16.92 26.14 54.23
CA ALA K 10 16.44 24.78 54.54
C ALA K 10 17.02 23.77 53.56
N ARG K 11 17.11 22.53 54.01
CA ARG K 11 17.93 21.51 53.34
C ARG K 11 17.04 20.57 52.54
N PRO K 12 17.58 19.98 51.46
CA PRO K 12 16.89 18.83 50.93
C PRO K 12 16.85 17.66 51.93
N THR K 13 15.64 17.31 52.37
CA THR K 13 15.40 16.05 53.03
C THR K 13 14.82 15.00 52.06
N LEU K 14 14.90 13.71 52.38
CA LEU K 14 14.13 12.74 51.58
C LEU K 14 12.66 12.84 51.99
N MET K 15 11.74 12.41 51.13
CA MET K 15 10.37 12.95 51.17
C MET K 15 9.64 12.49 52.43
N PRO K 16 9.12 13.45 53.21
CA PRO K 16 8.57 13.22 54.56
C PRO K 16 7.31 12.35 54.59
N ARG K 17 7.51 11.03 54.55
CA ARG K 17 6.42 10.06 54.72
C ARG K 17 6.28 9.71 56.19
N ALA K 18 5.04 9.48 56.64
CA ALA K 18 4.78 9.28 58.08
C ALA K 18 4.31 7.85 58.38
N GLN K 19 3.10 7.71 58.94
CA GLN K 19 2.73 6.50 59.65
C GLN K 19 2.59 5.34 58.66
N SER K 20 1.82 5.60 57.62
CA SER K 20 1.58 4.63 56.57
C SER K 20 2.89 3.99 56.17
N TYR K 21 3.89 4.83 55.96
CA TYR K 21 5.23 4.36 55.57
C TYR K 21 5.82 3.40 56.61
N LYS K 22 5.76 3.80 57.87
CA LYS K 22 6.36 3.01 58.96
C LYS K 22 5.74 1.63 59.04
N ASP K 23 4.42 1.58 58.87
CA ASP K 23 3.68 0.31 58.85
C ASP K 23 4.11 -0.50 57.65
N LEU K 24 4.20 0.17 56.51
CA LEU K 24 4.47 -0.50 55.23
C LEU K 24 5.86 -1.13 55.19
N THR K 25 6.83 -0.47 55.83
CA THR K 25 8.21 -0.94 55.84
C THR K 25 8.41 -2.14 56.77
N HIS K 26 7.87 -2.03 57.99
CA HIS K 26 8.03 -3.06 59.02
C HIS K 26 6.99 -4.19 58.87
N LEU K 27 6.65 -4.53 57.63
CA LEU K 27 5.75 -5.65 57.37
C LEU K 27 6.56 -6.93 57.29
N PRO K 28 6.08 -7.99 57.94
CA PRO K 28 6.74 -9.31 57.88
C PRO K 28 6.89 -9.85 56.47
N ALA K 29 8.10 -10.23 56.09
CA ALA K 29 8.42 -10.50 54.68
C ALA K 29 7.77 -11.82 54.18
N PRO K 30 7.43 -11.87 52.89
CA PRO K 30 6.89 -13.09 52.26
C PRO K 30 7.98 -14.12 51.97
N THR K 31 7.59 -15.28 51.46
CA THR K 31 8.55 -16.34 51.11
C THR K 31 9.46 -15.98 49.93
N GLY K 32 8.97 -15.12 49.04
CA GLY K 32 9.80 -14.49 48.02
C GLY K 32 9.12 -13.21 47.57
N LYS K 33 9.88 -12.25 47.05
CA LYS K 33 9.28 -11.02 46.54
C LYS K 33 8.47 -11.31 45.26
N ILE K 34 7.41 -10.52 45.03
CA ILE K 34 6.50 -10.77 43.92
C ILE K 34 6.73 -9.69 42.87
N PHE K 35 6.69 -10.12 41.61
CA PHE K 35 6.97 -9.25 40.44
C PHE K 35 5.71 -8.53 40.07
N VAL K 36 5.80 -7.20 39.99
CA VAL K 36 4.61 -6.42 39.79
C VAL K 36 4.81 -5.39 38.67
N SER K 37 3.74 -5.06 37.97
CA SER K 37 3.77 -4.02 36.96
C SER K 37 2.82 -2.92 37.32
N VAL K 38 3.26 -1.69 37.21
CA VAL K 38 2.29 -0.61 37.22
C VAL K 38 2.41 0.17 35.91
N TYR K 39 1.32 0.22 35.12
CA TYR K 39 1.28 0.99 33.87
C TYR K 39 0.82 2.46 34.06
N ASN K 40 -0.28 2.67 34.76
CA ASN K 40 -0.75 4.03 35.02
C ASN K 40 -1.87 4.10 36.06
N ILE K 41 -1.74 5.04 36.99
CA ILE K 41 -2.85 5.41 37.86
C ILE K 41 -3.27 6.86 37.57
N GLN K 42 -4.52 7.07 37.13
CA GLN K 42 -4.95 8.38 36.61
C GLN K 42 -5.55 9.27 37.68
N ASP K 43 -5.51 10.57 37.42
CA ASP K 43 -6.20 11.56 38.24
C ASP K 43 -7.65 11.64 37.84
N GLU K 44 -8.39 10.54 38.08
CA GLU K 44 -9.81 10.40 37.63
C GLU K 44 -10.73 11.38 38.38
N THR K 45 -10.12 12.34 39.09
CA THR K 45 -10.82 13.12 40.10
C THR K 45 -11.72 14.14 39.42
N GLY K 46 -11.20 14.80 38.39
CA GLY K 46 -11.97 15.82 37.64
C GLY K 46 -11.90 17.26 38.15
N GLN K 47 -10.88 17.55 38.92
CA GLN K 47 -10.99 18.67 39.78
C GLN K 47 -9.76 19.56 39.69
N PHE K 48 -10.02 20.87 39.69
CA PHE K 48 -8.99 21.88 39.62
C PHE K 48 -9.12 22.88 40.76
N LYS K 49 -8.08 23.71 40.92
CA LYS K 49 -8.01 24.64 42.04
C LYS K 49 -8.81 25.87 41.71
N PRO K 50 -9.43 26.46 42.73
CA PRO K 50 -10.27 27.66 42.56
C PRO K 50 -9.44 28.92 42.50
N TYR K 51 -10.08 30.01 42.14
CA TYR K 51 -9.40 31.31 42.18
C TYR K 51 -8.78 31.50 43.55
N PRO K 52 -7.53 32.01 43.61
CA PRO K 52 -6.69 32.56 42.54
C PRO K 52 -5.71 31.62 41.86
N ALA K 53 -5.90 30.31 41.99
CA ALA K 53 -5.06 29.38 41.24
C ALA K 53 -5.20 29.55 39.72
N SER K 54 -4.18 29.09 38.98
CA SER K 54 -4.32 28.96 37.55
C SER K 54 -5.50 28.05 37.24
N ASN K 55 -6.25 28.44 36.21
CA ASN K 55 -7.40 27.66 35.75
C ASN K 55 -7.03 26.19 35.57
N PHE K 56 -5.76 25.97 35.25
CA PHE K 56 -5.28 24.66 34.83
C PHE K 56 -4.62 23.90 35.97
N SER K 57 -4.54 24.49 37.15
CA SER K 57 -3.91 23.80 38.26
C SER K 57 -4.84 22.71 38.75
N THR K 58 -4.43 21.47 38.57
CA THR K 58 -5.21 20.36 39.08
C THR K 58 -5.25 20.32 40.59
N ALA K 59 -6.31 19.75 41.12
CA ALA K 59 -6.40 19.74 42.56
C ALA K 59 -5.48 18.69 43.15
N VAL K 60 -5.03 17.75 42.33
CA VAL K 60 -4.32 16.59 42.82
C VAL K 60 -3.15 16.37 41.91
N PRO K 61 -2.03 15.92 42.47
CA PRO K 61 -0.86 15.78 41.63
C PRO K 61 -1.01 14.59 40.70
N GLN K 62 -0.43 14.70 39.50
CA GLN K 62 -0.62 13.69 38.47
C GLN K 62 0.45 12.65 38.59
N SER K 63 0.82 12.32 39.81
CA SER K 63 2.04 11.59 40.04
C SER K 63 1.79 10.27 40.77
N ALA K 64 0.52 9.88 40.87
CA ALA K 64 0.11 8.74 41.68
C ALA K 64 0.82 7.44 41.29
N THR K 65 0.97 7.24 40.00
CA THR K 65 1.64 6.08 39.49
C THR K 65 2.97 5.82 40.18
N ALA K 66 3.80 6.85 40.22
CA ALA K 66 5.16 6.68 40.69
C ALA K 66 5.10 6.41 42.18
N MET K 67 4.15 7.06 42.86
CA MET K 67 4.01 6.90 44.31
C MET K 67 3.66 5.45 44.63
N LEU K 68 2.78 4.87 43.81
CA LEU K 68 2.38 3.51 44.02
C LEU K 68 3.57 2.59 43.81
N VAL K 69 4.33 2.82 42.74
CA VAL K 69 5.47 1.95 42.43
C VAL K 69 6.42 1.99 43.62
N THR K 70 6.64 3.19 44.13
CA THR K 70 7.57 3.38 45.21
C THR K 70 7.06 2.63 46.42
N ALA K 71 5.77 2.79 46.72
CA ALA K 71 5.19 2.14 47.90
C ALA K 71 5.32 0.62 47.76
N LEU K 72 5.10 0.12 46.54
CA LEU K 72 5.20 -1.32 46.27
C LEU K 72 6.63 -1.80 46.50
N LYS K 73 7.60 -0.90 46.34
CA LYS K 73 8.99 -1.27 46.57
C LYS K 73 9.38 -1.20 48.03
N ASP K 74 8.98 -0.12 48.69
CA ASP K 74 9.32 0.08 50.11
C ASP K 74 8.78 -1.04 51.00
N SER K 75 7.67 -1.66 50.58
CA SER K 75 7.01 -2.71 51.37
C SER K 75 7.87 -3.97 51.51
N ARG K 76 8.79 -4.16 50.57
CA ARG K 76 9.67 -5.33 50.52
C ARG K 76 8.85 -6.59 50.34
N TRP K 77 7.78 -6.47 49.57
CA TRP K 77 7.01 -7.61 49.10
C TRP K 77 7.11 -7.77 47.58
N PHE K 78 7.21 -6.64 46.88
CA PHE K 78 7.17 -6.60 45.42
C PHE K 78 8.44 -6.00 44.80
N ILE K 79 8.84 -6.56 43.67
CA ILE K 79 9.80 -5.93 42.76
C ILE K 79 8.96 -5.28 41.69
N PRO K 80 9.08 -3.98 41.55
CA PRO K 80 8.39 -3.35 40.45
C PRO K 80 9.15 -3.39 39.13
N LEU K 81 8.47 -3.78 38.07
CA LEU K 81 9.01 -3.73 36.72
C LEU K 81 8.57 -2.47 36.00
N GLU K 82 9.51 -1.89 35.26
CA GLU K 82 9.36 -0.53 34.74
C GLU K 82 8.53 -0.61 33.48
N ARG K 83 7.33 -0.08 33.58
CA ARG K 83 6.44 0.04 32.44
C ARG K 83 6.00 1.48 32.20
N GLN K 84 6.05 2.35 33.20
CA GLN K 84 5.64 3.76 32.96
C GLN K 84 6.46 4.37 31.83
N GLY K 85 7.75 4.08 31.78
CA GLY K 85 8.56 4.61 30.70
C GLY K 85 9.02 3.54 29.75
N LEU K 86 8.14 2.59 29.44
CA LEU K 86 8.53 1.37 28.71
C LEU K 86 9.16 1.70 27.35
N GLN K 87 8.69 2.77 26.72
CA GLN K 87 9.14 3.10 25.37
C GLN K 87 10.64 3.42 25.35
N ASN K 88 11.08 4.19 26.35
CA ASN K 88 12.49 4.56 26.46
C ASN K 88 13.37 3.33 26.70
N LEU K 89 12.82 2.40 27.46
CA LEU K 89 13.54 1.24 27.87
C LEU K 89 13.85 0.48 26.57
N LEU K 90 12.85 0.42 25.71
CA LEU K 90 12.94 -0.41 24.51
C LEU K 90 13.89 0.26 23.53
N ASN K 91 13.94 1.58 23.61
CA ASN K 91 14.85 2.37 22.79
C ASN K 91 16.31 2.18 23.18
N GLU K 92 16.61 2.27 24.48
CA GLU K 92 17.97 1.97 24.96
C GLU K 92 18.42 0.55 24.58
N ARG K 93 17.47 -0.37 24.57
CA ARG K 93 17.74 -1.74 24.19
C ARG K 93 17.99 -1.88 22.67
N LYS K 94 17.32 -1.06 21.88
CA LYS K 94 17.66 -0.96 20.46
C LYS K 94 19.10 -0.49 20.27
N ILE K 95 19.50 0.51 21.06
CA ILE K 95 20.81 1.14 20.87
C ILE K 95 21.93 0.19 21.27
N ILE K 96 21.68 -0.50 22.38
CA ILE K 96 22.54 -1.56 22.83
C ILE K 96 22.72 -2.56 21.69
N ARG K 97 21.62 -3.15 21.22
CA ARG K 97 21.70 -4.23 20.24
C ARG K 97 22.39 -3.76 18.95
N ALA K 98 22.23 -2.47 18.65
CA ALA K 98 22.87 -1.91 17.48
C ALA K 98 24.36 -1.70 17.71
N ALA K 99 24.72 -1.51 18.98
CA ALA K 99 26.11 -1.31 19.36
C ALA K 99 26.95 -2.58 19.21
N GLN K 100 26.45 -3.67 19.74
CA GLN K 100 27.29 -4.83 19.99
C GLN K 100 27.04 -5.97 19.04
N GLU K 101 26.20 -5.73 18.03
CA GLU K 101 25.82 -6.81 17.11
C GLU K 101 26.99 -7.27 16.25
N ASN K 102 27.98 -6.40 16.08
CA ASN K 102 29.13 -6.73 15.22
C ASN K 102 30.29 -7.38 15.97
N GLY K 103 30.17 -7.50 17.28
CA GLY K 103 31.27 -8.04 18.10
C GLY K 103 32.58 -7.27 18.05
N THR K 104 32.47 -5.96 17.91
CA THR K 104 33.64 -5.10 18.04
C THR K 104 33.63 -4.47 19.41
N VAL K 105 32.45 -4.30 20.00
CA VAL K 105 32.35 -3.55 21.27
C VAL K 105 33.21 -4.21 22.36
N ALA K 106 33.86 -3.36 23.15
CA ALA K 106 34.85 -3.76 24.13
C ALA K 106 34.23 -4.66 25.19
N ILE K 107 34.90 -5.76 25.50
CA ILE K 107 34.36 -6.79 26.39
C ILE K 107 34.00 -6.24 27.79
N ASN K 108 34.73 -5.22 28.23
CA ASN K 108 34.46 -4.54 29.51
C ASN K 108 33.19 -3.70 29.41
N ASN K 109 32.96 -3.15 28.24
CA ASN K 109 31.85 -2.23 28.00
C ASN K 109 30.56 -2.93 27.62
N ARG K 110 30.67 -4.20 27.22
CA ARG K 110 29.55 -4.99 26.68
C ARG K 110 28.39 -5.05 27.66
N ILE K 111 27.16 -4.84 27.16
CA ILE K 111 25.96 -5.00 28.00
C ILE K 111 25.17 -6.23 27.59
N PRO K 112 25.02 -7.24 28.50
CA PRO K 112 24.37 -8.49 28.14
C PRO K 112 22.86 -8.33 28.25
N LEU K 113 22.14 -8.71 27.18
CA LEU K 113 20.70 -8.42 27.05
C LEU K 113 19.86 -9.65 27.15
N GLN K 114 18.78 -9.47 27.89
CA GLN K 114 18.02 -10.57 28.42
C GLN K 114 16.60 -10.09 28.31
N SER K 115 15.71 -11.03 28.04
CA SER K 115 14.32 -10.69 27.75
C SER K 115 13.74 -9.91 28.92
N LEU K 116 12.71 -9.10 28.65
CA LEU K 116 12.27 -8.16 29.66
C LEU K 116 11.55 -8.96 30.74
N THR K 117 12.00 -8.83 31.99
CA THR K 117 11.42 -9.58 33.13
C THR K 117 9.96 -9.28 33.19
N ALA K 118 9.16 -10.32 33.33
CA ALA K 118 7.73 -10.19 33.12
C ALA K 118 6.98 -10.45 34.41
N ALA K 119 5.93 -9.65 34.60
CA ALA K 119 5.13 -9.66 35.83
C ALA K 119 4.04 -10.69 35.80
N ASN K 120 3.59 -11.12 36.99
CA ASN K 120 2.43 -12.01 37.05
C ASN K 120 1.12 -11.30 37.40
N ILE K 121 1.19 -10.45 38.40
CA ILE K 121 0.05 -9.64 38.70
C ILE K 121 0.42 -8.26 38.32
N MET K 122 -0.54 -7.51 37.84
CA MET K 122 -0.31 -6.08 37.69
C MET K 122 -1.42 -5.34 38.43
N VAL K 123 -1.06 -4.21 39.01
CA VAL K 123 -2.00 -3.48 39.84
C VAL K 123 -2.17 -2.15 39.23
N GLU K 124 -3.43 -1.79 38.98
CA GLU K 124 -3.76 -0.41 38.59
C GLU K 124 -4.80 0.19 39.51
N GLY K 125 -5.04 1.47 39.33
CA GLY K 125 -6.02 2.15 40.12
C GLY K 125 -6.30 3.54 39.62
N SER K 126 -6.80 4.38 40.50
CA SER K 126 -7.15 5.72 40.10
C SER K 126 -7.23 6.57 41.34
N ILE K 127 -6.93 7.86 41.20
CA ILE K 127 -7.43 8.81 42.16
C ILE K 127 -8.92 9.07 41.90
N ILE K 128 -9.77 8.43 42.72
CA ILE K 128 -11.24 8.60 42.68
C ILE K 128 -11.62 9.73 43.64
N GLY K 129 -11.74 10.92 43.08
CA GLY K 129 -12.29 12.02 43.83
C GLY K 129 -11.28 12.89 44.58
N TYR K 130 -11.56 14.18 44.52
CA TYR K 130 -11.13 15.12 45.54
C TYR K 130 -12.29 16.07 45.74
N GLU K 131 -12.95 15.99 46.90
CA GLU K 131 -13.92 17.01 47.27
C GLU K 131 -13.28 18.03 48.20
N SER K 132 -13.71 19.30 48.08
CA SER K 132 -13.00 20.39 48.75
C SER K 132 -13.89 21.12 49.76
N ASN K 133 -13.30 21.50 50.89
CA ASN K 133 -14.06 22.01 52.03
C ASN K 133 -15.26 21.12 52.34
N VAL K 134 -14.96 19.85 52.57
CA VAL K 134 -15.97 18.87 52.92
C VAL K 134 -16.52 19.21 54.32
N LYS K 135 -15.64 19.72 55.18
CA LYS K 135 -16.08 20.45 56.37
C LYS K 135 -15.29 21.73 56.56
N SER K 136 -15.88 22.64 57.33
CA SER K 136 -15.21 23.90 57.66
C SER K 136 -15.83 24.56 58.87
N GLY K 137 -15.06 25.41 59.54
CA GLY K 137 -15.58 26.16 60.68
C GLY K 137 -14.68 27.31 61.11
N GLY K 138 -15.16 28.08 62.08
CA GLY K 138 -14.38 29.20 62.62
C GLY K 138 -14.91 29.72 63.94
N VAL K 139 -13.99 30.15 64.81
CA VAL K 139 -14.35 30.70 66.11
C VAL K 139 -13.46 31.88 66.43
N GLY K 140 -14.08 33.02 66.76
CA GLY K 140 -13.34 34.24 67.08
C GLY K 140 -14.02 35.16 68.09
N ALA K 141 -13.20 35.83 68.90
CA ALA K 141 -13.71 36.75 69.92
C ALA K 141 -12.79 37.95 70.12
N ARG K 142 -13.40 39.12 70.29
CA ARG K 142 -12.65 40.31 70.62
C ARG K 142 -13.28 40.98 71.84
N TYR K 143 -12.44 41.55 72.68
CA TYR K 143 -12.86 42.08 73.99
C TYR K 143 -12.35 43.50 74.21
N GLY K 145 -10.58 45.37 73.26
CA GLY K 145 -9.35 45.73 72.56
C GLY K 145 -8.53 44.55 72.02
N ILE K 146 -8.67 43.38 72.63
CA ILE K 146 -7.80 42.23 72.33
C ILE K 146 -8.64 41.15 71.68
N GLY K 147 -8.13 40.51 70.63
CA GLY K 147 -8.94 39.52 69.91
C GLY K 147 -8.17 38.40 69.27
N ALA K 148 -8.85 37.27 69.06
CA ALA K 148 -8.27 36.16 68.33
C ALA K 148 -9.35 35.42 67.56
N ASP K 149 -8.93 34.57 66.63
CA ASP K 149 -9.85 33.73 65.88
C ASP K 149 -9.11 32.60 65.19
N THR K 150 -9.75 31.44 65.08
CA THR K 150 -9.25 30.39 64.20
C THR K 150 -10.30 30.04 63.18
N GLN K 151 -9.83 29.55 62.03
CA GLN K 151 -10.69 29.05 60.98
C GLN K 151 -10.10 27.77 60.43
N TYR K 152 -10.92 26.79 60.09
CA TYR K 152 -10.41 25.55 59.58
C TYR K 152 -11.23 25.06 58.43
N GLN K 153 -10.56 24.43 57.47
CA GLN K 153 -11.26 23.71 56.41
C GLN K 153 -10.62 22.35 56.17
N LEU K 154 -11.41 21.40 55.68
CA LEU K 154 -10.84 20.10 55.33
C LEU K 154 -11.47 19.50 54.10
N ASP K 155 -10.62 18.79 53.34
CA ASP K 155 -10.91 18.27 52.01
C ASP K 155 -10.73 16.75 52.02
N GLN K 156 -11.30 16.07 51.03
CA GLN K 156 -11.22 14.61 50.97
C GLN K 156 -10.46 14.17 49.72
N ILE K 157 -9.86 12.99 49.80
CA ILE K 157 -9.22 12.40 48.65
C ILE K 157 -9.33 10.87 48.78
N ALA K 158 -9.61 10.19 47.66
CA ALA K 158 -9.82 8.74 47.70
C ALA K 158 -9.08 8.07 46.57
N VAL K 159 -8.69 6.83 46.80
CA VAL K 159 -7.82 6.16 45.90
C VAL K 159 -8.24 4.73 45.77
N ASN K 160 -8.42 4.31 44.51
CA ASN K 160 -8.66 2.90 44.20
C ASN K 160 -7.33 2.28 43.78
N LEU K 161 -7.01 1.15 44.40
CA LEU K 161 -6.01 0.26 43.86
C LEU K 161 -6.59 -1.14 43.65
N ARG K 162 -6.12 -1.85 42.65
CA ARG K 162 -6.66 -3.15 42.39
C ARG K 162 -5.70 -4.08 41.65
N VAL K 163 -5.58 -5.28 42.20
CA VAL K 163 -4.72 -6.33 41.63
C VAL K 163 -5.46 -7.10 40.57
N VAL K 164 -4.87 -7.13 39.38
CA VAL K 164 -5.43 -7.84 38.26
C VAL K 164 -4.55 -8.97 37.92
N ASN K 165 -5.15 -10.11 37.72
CA ASN K 165 -4.38 -11.27 37.29
C ASN K 165 -4.11 -11.28 35.78
N VAL K 166 -2.83 -11.25 35.40
CA VAL K 166 -2.41 -11.17 34.01
C VAL K 166 -2.89 -12.39 33.29
N SER K 167 -2.84 -13.55 33.96
CA SER K 167 -3.13 -14.81 33.32
C SER K 167 -4.63 -15.01 33.00
N THR K 168 -5.51 -14.21 33.61
CA THR K 168 -6.97 -14.31 33.33
C THR K 168 -7.72 -12.97 33.07
N GLY K 169 -7.27 -11.90 33.70
CA GLY K 169 -7.98 -10.64 33.65
C GLY K 169 -8.88 -10.52 34.86
N GLU K 170 -9.07 -11.62 35.61
CA GLU K 170 -9.81 -11.56 36.89
C GLU K 170 -9.14 -10.48 37.67
N ILE K 171 -9.89 -9.49 38.10
CA ILE K 171 -9.44 -8.71 39.24
C ILE K 171 -9.34 -9.57 40.54
N LEU K 172 -8.14 -9.63 41.16
CA LEU K 172 -7.94 -10.47 42.36
C LEU K 172 -8.18 -9.72 43.69
N SER K 173 -8.28 -8.38 43.56
CA SER K 173 -8.51 -7.53 44.73
C SER K 173 -8.76 -6.09 44.32
N SER K 174 -9.79 -5.50 44.87
CA SER K 174 -10.02 -4.05 44.75
C SER K 174 -10.11 -3.47 46.14
N VAL K 175 -9.46 -2.32 46.33
CA VAL K 175 -9.51 -1.61 47.61
C VAL K 175 -9.71 -0.11 47.42
N ASN K 176 -10.45 0.49 48.34
CA ASN K 176 -10.82 1.89 48.25
C ASN K 176 -10.43 2.70 49.50
N THR K 177 -9.27 3.36 49.47
CA THR K 177 -8.79 4.14 50.62
C THR K 177 -9.10 5.63 50.47
N SER K 178 -9.07 6.34 51.60
CA SER K 178 -9.51 7.73 51.66
C SER K 178 -8.73 8.46 52.72
N LYS K 179 -8.61 9.76 52.53
CA LYS K 179 -7.78 10.54 53.43
C LYS K 179 -8.16 12.03 53.40
N THR K 180 -7.98 12.68 54.54
CA THR K 180 -8.50 13.98 54.72
C THR K 180 -7.33 14.92 54.74
N ILE K 181 -7.49 16.05 54.04
CA ILE K 181 -6.50 17.12 54.05
C ILE K 181 -6.92 18.31 54.95
N LEU K 182 -6.15 18.54 56.00
CA LEU K 182 -6.47 19.57 56.98
C LEU K 182 -5.84 20.92 56.66
N SER K 183 -6.61 21.98 56.89
CA SER K 183 -6.10 23.35 56.80
C SER K 183 -6.66 24.20 57.95
N TYR K 184 -5.81 25.06 58.51
CA TYR K 184 -6.27 26.00 59.55
C TYR K 184 -5.49 27.31 59.61
N GLU K 185 -6.17 28.31 60.15
CA GLU K 185 -5.70 29.67 60.19
C GLU K 185 -5.96 30.29 61.56
N VAL K 186 -4.88 30.47 62.31
CA VAL K 186 -4.94 31.07 63.63
C VAL K 186 -4.49 32.52 63.54
N GLN K 187 -5.20 33.38 64.25
CA GLN K 187 -4.92 34.79 64.14
C GLN K 187 -5.26 35.52 65.46
N ALA K 188 -4.35 36.38 65.89
CA ALA K 188 -4.54 37.13 67.12
C ALA K 188 -4.07 38.57 66.94
N GLY K 189 -4.83 39.51 67.48
CA GLY K 189 -4.50 40.92 67.35
C GLY K 189 -4.79 41.69 68.62
N VAL K 190 -3.88 42.58 69.00
CA VAL K 190 -4.07 43.46 70.13
C VAL K 190 -4.22 44.90 69.63
N PHE K 191 -5.19 45.63 70.18
CA PHE K 191 -5.54 46.96 69.67
C PHE K 191 -5.70 47.96 70.81
N LEU K 200 -1.75 51.88 69.54
CA LEU K 200 -1.12 50.58 69.53
C LEU K 200 -2.01 49.56 68.79
N GLU K 201 -1.52 49.08 67.66
CA GLU K 201 -2.00 47.82 67.07
C GLU K 201 -0.87 46.81 66.95
N GLY K 202 -1.20 45.53 67.12
CA GLY K 202 -0.23 44.46 66.93
C GLY K 202 -0.92 43.17 66.53
N GLU K 203 -0.49 42.57 65.43
CA GLU K 203 -1.15 41.37 64.91
C GLU K 203 -0.19 40.23 64.62
N VAL K 204 -0.58 39.04 65.06
CA VAL K 204 0.11 37.80 64.73
C VAL K 204 -0.85 36.88 64.00
N GLY K 205 -0.37 36.28 62.91
CA GLY K 205 -1.16 35.33 62.15
C GLY K 205 -0.34 34.11 61.77
N TYR K 206 -1.00 32.96 61.68
CA TYR K 206 -0.36 31.73 61.22
C TYR K 206 -1.35 30.86 60.48
N THR K 207 -0.91 30.23 59.40
CA THR K 207 -1.77 29.36 58.59
C THR K 207 -1.04 28.09 58.17
N SER K 208 -1.72 26.95 58.30
CA SER K 208 -1.11 25.68 57.96
C SER K 208 -2.02 24.84 57.10
N ASN K 209 -1.49 24.40 55.95
CA ASN K 209 -2.16 23.45 55.08
C ASN K 209 -1.39 22.16 55.06
N GLU K 210 -2.11 21.06 55.13
CA GLU K 210 -1.52 19.78 54.80
C GLU K 210 -1.16 19.76 53.32
N PRO K 211 -0.06 19.11 52.99
CA PRO K 211 0.21 18.91 51.58
C PRO K 211 -0.67 17.81 50.97
N VAL K 212 -1.37 18.14 49.88
CA VAL K 212 -2.21 17.18 49.18
C VAL K 212 -1.36 16.07 48.58
N MET K 213 -0.23 16.48 48.03
CA MET K 213 0.92 15.64 47.73
C MET K 213 1.16 14.49 48.73
N LEU K 214 1.21 14.86 50.00
CA LEU K 214 1.67 13.96 51.05
C LEU K 214 0.53 13.07 51.52
N CYS K 215 -0.69 13.59 51.42
CA CYS K 215 -1.89 12.81 51.74
C CYS K 215 -2.15 11.73 50.68
N LEU K 216 -1.95 12.10 49.41
CA LEU K 216 -2.02 11.15 48.32
C LEU K 216 -1.05 10.01 48.58
N MET K 217 0.18 10.36 48.96
CA MET K 217 1.23 9.38 49.13
C MET K 217 0.88 8.43 50.29
N SER K 218 0.43 9.01 51.39
CA SER K 218 -0.02 8.24 52.56
C SER K 218 -1.11 7.22 52.21
N ALA K 219 -2.15 7.71 51.54
CA ALA K 219 -3.29 6.88 51.22
C ALA K 219 -2.90 5.71 50.30
N ILE K 220 -1.97 5.97 49.38
CA ILE K 220 -1.53 4.93 48.45
C ILE K 220 -0.78 3.82 49.20
N GLU K 221 0.05 4.22 50.16
CA GLU K 221 0.76 3.26 51.01
C GLU K 221 -0.25 2.37 51.74
N THR K 222 -1.24 3.01 52.38
CA THR K 222 -2.31 2.32 53.10
C THR K 222 -3.00 1.30 52.20
N GLY K 223 -3.35 1.74 50.99
CA GLY K 223 -3.92 0.86 49.99
C GLY K 223 -3.05 -0.36 49.66
N VAL K 224 -1.73 -0.15 49.57
CA VAL K 224 -0.83 -1.25 49.29
C VAL K 224 -0.85 -2.27 50.43
N ILE K 225 -0.89 -1.79 51.68
CA ILE K 225 -0.98 -2.68 52.81
C ILE K 225 -2.25 -3.52 52.73
N PHE K 226 -3.40 -2.86 52.57
CA PHE K 226 -4.71 -3.57 52.46
C PHE K 226 -4.70 -4.61 51.33
N LEU K 227 -4.01 -4.31 50.23
CA LEU K 227 -3.86 -5.24 49.14
C LEU K 227 -3.04 -6.46 49.54
N ILE K 228 -1.95 -6.25 50.27
CA ILE K 228 -1.09 -7.36 50.68
C ILE K 228 -1.86 -8.24 51.65
N ASN K 229 -2.49 -7.60 52.64
CA ASN K 229 -3.23 -8.33 53.65
C ASN K 229 -4.34 -9.15 52.99
N ASP K 230 -5.05 -8.51 52.07
CA ASP K 230 -6.13 -9.17 51.39
C ASP K 230 -5.60 -10.39 50.65
N GLY K 231 -4.44 -10.22 50.01
CA GLY K 231 -3.86 -11.29 49.20
C GLY K 231 -3.45 -12.45 50.09
N ILE K 232 -3.00 -12.11 51.31
CA ILE K 232 -2.59 -13.13 52.27
C ILE K 232 -3.81 -13.97 52.60
N ASP K 233 -4.91 -13.31 52.93
CA ASP K 233 -6.17 -13.98 53.26
C ASP K 233 -6.64 -14.89 52.11
N ARG K 234 -6.63 -14.34 50.91
CA ARG K 234 -7.15 -15.06 49.76
C ARG K 234 -6.18 -16.09 49.13
N GLY K 235 -4.98 -16.20 49.68
CA GLY K 235 -4.03 -17.20 49.22
C GLY K 235 -3.35 -16.85 47.91
N LEU K 236 -3.15 -15.55 47.66
CA LEU K 236 -2.32 -15.12 46.54
C LEU K 236 -0.86 -15.38 46.90
N TRP K 237 -0.46 -14.97 48.10
CA TRP K 237 0.92 -15.09 48.54
C TRP K 237 0.96 -15.47 50.01
N ASP K 238 2.13 -15.93 50.47
CA ASP K 238 2.26 -16.52 51.80
C ASP K 238 3.40 -15.91 52.60
N LEU K 239 3.21 -15.86 53.92
CA LEU K 239 4.21 -15.32 54.82
C LEU K 239 5.35 -16.31 55.03
N GLN K 240 6.56 -15.77 55.16
CA GLN K 240 7.71 -16.56 55.59
C GLN K 240 7.38 -17.29 56.90
N ASN K 241 7.01 -16.51 57.91
CA ASN K 241 6.66 -17.04 59.22
C ASN K 241 5.16 -17.00 59.44
N LYS K 242 4.55 -18.19 59.46
CA LYS K 242 3.11 -18.29 59.66
C LYS K 242 2.75 -17.80 61.05
N ALA K 243 3.73 -17.88 61.96
CA ALA K 243 3.64 -17.35 63.31
C ALA K 243 3.45 -15.84 63.31
N GLU K 244 3.81 -15.19 62.20
CA GLU K 244 3.72 -13.73 62.12
C GLU K 244 2.39 -13.26 61.55
N ARG K 245 1.41 -14.17 61.40
CA ARG K 245 0.07 -13.78 61.00
C ARG K 245 -0.54 -12.72 61.91
N GLN K 246 -0.27 -12.82 63.22
CA GLN K 246 -0.91 -11.92 64.18
C GLN K 246 -0.04 -10.70 64.44
N ASN K 247 0.85 -10.41 63.51
CA ASN K 247 1.61 -9.15 63.50
C ASN K 247 0.73 -7.96 63.86
N ASP K 248 1.25 -7.04 64.67
CA ASP K 248 0.48 -5.87 65.11
C ASP K 248 -0.14 -5.10 63.93
N ILE K 249 0.69 -4.87 62.91
CA ILE K 249 0.29 -4.09 61.75
C ILE K 249 -0.80 -4.84 60.97
N LEU K 250 -0.53 -6.10 60.68
CA LEU K 250 -1.46 -6.94 59.92
C LEU K 250 -2.84 -7.07 60.57
N VAL K 251 -2.87 -7.18 61.90
CA VAL K 251 -4.14 -7.27 62.63
C VAL K 251 -4.82 -5.90 62.74
N LYS K 252 -4.04 -4.83 62.68
CA LYS K 252 -4.58 -3.47 62.68
C LYS K 252 -5.37 -3.20 61.39
N TYR K 253 -4.81 -3.60 60.25
CA TYR K 253 -5.44 -3.40 58.92
C TYR K 253 -6.52 -4.44 58.68
N ARG K 254 -6.31 -5.64 59.22
CA ARG K 254 -7.37 -6.65 59.27
C ARG K 254 -8.59 -6.08 59.99
N HIS K 255 -8.36 -5.36 61.08
CA HIS K 255 -9.44 -4.81 61.90
C HIS K 255 -10.19 -3.70 61.15
N MET K 256 -9.47 -2.92 60.35
CA MET K 256 -10.12 -1.83 59.61
C MET K 256 -11.08 -2.37 58.55
N SER K 257 -10.86 -3.64 58.13
CA SER K 257 -11.75 -4.33 57.19
C SER K 257 -13.02 -4.84 57.88
N LEU L 2 10.50 25.65 61.99
CA LEU L 2 9.05 25.58 61.63
C LEU L 2 8.81 26.41 60.34
N THR L 3 9.43 25.93 59.26
CA THR L 3 9.10 26.25 57.87
C THR L 3 9.27 25.00 56.95
N ALA L 4 9.75 23.88 57.50
CA ALA L 4 9.66 22.58 56.83
C ALA L 4 8.19 22.06 56.91
N PRO L 5 7.92 20.83 56.41
CA PRO L 5 6.49 20.64 56.20
C PRO L 5 5.77 20.19 57.45
N PRO L 6 4.43 20.21 57.42
CA PRO L 6 3.64 19.53 58.45
C PRO L 6 3.47 18.01 58.23
N LYS L 7 3.30 17.27 59.33
CA LYS L 7 3.02 15.82 59.26
C LYS L 7 1.53 15.56 59.47
N GLU L 8 1.13 14.31 59.25
CA GLU L 8 -0.28 13.99 58.97
C GLU L 8 -1.21 14.21 60.13
N ALA L 9 -2.15 15.12 59.92
CA ALA L 9 -3.27 15.32 60.81
C ALA L 9 -4.48 14.54 60.29
N ALA L 10 -4.85 13.50 61.04
CA ALA L 10 -5.87 12.51 60.67
C ALA L 10 -5.25 11.44 59.84
N ARG L 11 -5.86 10.28 59.87
CA ARG L 11 -5.24 9.07 59.32
C ARG L 11 -5.87 8.67 57.96
N PRO L 12 -5.11 7.96 57.11
CA PRO L 12 -5.76 7.27 56.00
C PRO L 12 -6.67 6.14 56.50
N THR L 13 -7.97 6.30 56.28
CA THR L 13 -8.93 5.22 56.44
C THR L 13 -9.27 4.59 55.07
N LEU L 14 -9.83 3.39 55.05
CA LEU L 14 -10.38 2.88 53.78
C LEU L 14 -11.75 3.55 53.56
N MET L 15 -12.22 3.62 52.32
CA MET L 15 -13.11 4.73 51.90
C MET L 15 -14.47 4.60 52.56
N PRO L 16 -14.91 5.65 53.29
CA PRO L 16 -16.11 5.62 54.12
C PRO L 16 -17.41 5.42 53.31
N ARG L 17 -17.72 4.15 53.04
CA ARG L 17 -19.03 3.77 52.50
C ARG L 17 -20.04 3.46 53.61
N ALA L 18 -21.31 3.82 53.39
CA ALA L 18 -22.32 3.73 54.45
C ALA L 18 -23.38 2.68 54.16
N GLN L 19 -24.65 3.08 54.06
CA GLN L 19 -25.76 2.13 54.18
C GLN L 19 -25.86 1.18 52.98
N SER L 20 -25.84 1.78 51.79
CA SER L 20 -25.77 1.06 50.51
C SER L 20 -24.76 -0.09 50.55
N TYR L 21 -23.55 0.23 50.99
CA TYR L 21 -22.52 -0.78 51.21
C TYR L 21 -22.97 -1.93 52.13
N LYS L 22 -23.51 -1.58 53.31
CA LYS L 22 -23.88 -2.57 54.32
C LYS L 22 -24.94 -3.53 53.82
N ASP L 23 -25.88 -2.98 53.06
CA ASP L 23 -26.86 -3.79 52.35
C ASP L 23 -26.21 -4.69 51.29
N LEU L 24 -25.32 -4.08 50.50
CA LEU L 24 -24.70 -4.75 49.37
C LEU L 24 -23.83 -5.95 49.80
N THR L 25 -23.18 -5.81 50.96
CA THR L 25 -22.27 -6.85 51.46
C THR L 25 -23.02 -8.03 52.05
N HIS L 26 -24.02 -7.72 52.90
CA HIS L 26 -24.81 -8.73 53.57
C HIS L 26 -25.98 -9.24 52.69
N LEU L 27 -25.73 -9.37 51.39
CA LEU L 27 -26.69 -9.98 50.48
C LEU L 27 -26.48 -11.49 50.43
N PRO L 28 -27.56 -12.25 50.55
CA PRO L 28 -27.47 -13.71 50.47
C PRO L 28 -26.84 -14.21 49.19
N ALA L 29 -25.88 -15.09 49.30
CA ALA L 29 -25.03 -15.41 48.14
C ALA L 29 -25.78 -16.27 47.10
N PRO L 30 -25.47 -16.08 45.82
CA PRO L 30 -25.95 -16.97 44.77
C PRO L 30 -25.34 -18.38 44.76
N THR L 31 -25.80 -19.23 43.86
CA THR L 31 -25.24 -20.58 43.71
C THR L 31 -23.80 -20.60 43.19
N GLY L 32 -23.44 -19.58 42.42
CA GLY L 32 -22.03 -19.37 42.03
C GLY L 32 -21.86 -17.93 41.65
N LYS L 33 -20.65 -17.40 41.77
CA LYS L 33 -20.42 -16.00 41.38
C LYS L 33 -20.52 -15.86 39.85
N ILE L 34 -20.93 -14.68 39.37
CA ILE L 34 -21.13 -14.46 37.96
C ILE L 34 -19.99 -13.59 37.46
N PHE L 35 -19.54 -13.90 36.24
CA PHE L 35 -18.44 -13.18 35.56
C PHE L 35 -18.97 -11.91 34.89
N VAL L 36 -18.44 -10.77 35.27
CA VAL L 36 -18.91 -9.56 34.71
C VAL L 36 -17.81 -8.63 34.12
N SER L 37 -18.15 -7.84 33.10
CA SER L 37 -17.20 -6.92 32.41
C SER L 37 -17.69 -5.50 32.47
N VAL L 38 -16.85 -4.58 32.92
CA VAL L 38 -17.24 -3.19 32.87
C VAL L 38 -16.20 -2.45 32.06
N TYR L 39 -16.62 -1.88 30.93
CA TYR L 39 -15.69 -1.20 29.99
C TYR L 39 -15.62 0.28 30.35
N ASN L 40 -16.77 0.92 30.54
CA ASN L 40 -16.77 2.33 30.88
C ASN L 40 -18.15 2.88 31.29
N ILE L 41 -18.18 3.62 32.38
CA ILE L 41 -19.34 4.42 32.73
C ILE L 41 -18.98 5.92 32.68
N GLN L 42 -19.60 6.67 31.78
CA GLN L 42 -19.20 8.06 31.51
C GLN L 42 -19.85 9.07 32.45
N ASP L 43 -19.19 10.21 32.64
CA ASP L 43 -19.81 11.41 33.18
C ASP L 43 -20.68 12.12 32.12
N GLU L 44 -21.78 11.47 31.70
CA GLU L 44 -22.71 12.04 30.69
C GLU L 44 -23.47 13.28 31.19
N THR L 45 -23.05 13.81 32.34
CA THR L 45 -23.85 14.78 33.11
C THR L 45 -23.84 16.14 32.42
N GLY L 46 -22.68 16.56 31.93
CA GLY L 46 -22.57 17.81 31.16
C GLY L 46 -22.30 19.05 32.02
N GLN L 47 -21.79 18.80 33.21
CA GLN L 47 -21.87 19.81 34.19
C GLN L 47 -20.54 20.06 34.87
N PHE L 48 -20.28 21.35 35.07
CA PHE L 48 -19.09 21.80 35.75
C PHE L 48 -19.47 22.68 36.93
N LYS L 49 -18.46 22.95 37.76
CA LYS L 49 -18.65 23.75 38.97
C LYS L 49 -18.71 25.23 38.61
N PRO L 50 -19.56 25.97 39.33
CA PRO L 50 -19.74 27.38 39.10
C PRO L 50 -18.63 28.18 39.77
N TYR L 51 -18.57 29.47 39.42
CA TYR L 51 -17.62 30.34 40.06
C TYR L 51 -17.77 30.18 41.57
N PRO L 52 -16.64 30.12 42.32
CA PRO L 52 -15.25 30.35 41.93
C PRO L 52 -14.41 29.12 41.58
N ALA L 53 -15.05 28.02 41.23
CA ALA L 53 -14.30 26.85 40.76
C ALA L 53 -13.59 27.13 39.44
N SER L 54 -12.59 26.31 39.15
CA SER L 54 -12.01 26.34 37.82
C SER L 54 -13.14 26.03 36.81
N ASN L 55 -13.07 26.71 35.68
CA ASN L 55 -13.97 26.47 34.58
C ASN L 55 -14.08 24.99 34.25
N PHE L 56 -12.97 24.28 34.48
CA PHE L 56 -12.81 22.90 34.02
C PHE L 56 -13.14 21.88 35.09
N SER L 57 -13.48 22.34 36.29
CA SER L 57 -13.77 21.42 37.37
C SER L 57 -15.15 20.81 37.11
N THR L 58 -15.17 19.51 36.86
CA THR L 58 -16.40 18.81 36.63
C THR L 58 -17.20 18.70 37.88
N ALA L 59 -18.49 18.62 37.71
CA ALA L 59 -19.29 18.63 38.91
C ALA L 59 -19.19 17.29 39.59
N VAL L 60 -18.77 16.28 38.83
CA VAL L 60 -18.93 14.89 39.24
C VAL L 60 -17.65 14.16 38.89
N PRO L 61 -17.21 13.25 39.76
CA PRO L 61 -15.91 12.66 39.53
C PRO L 61 -16.00 11.73 38.39
N GLN L 62 -14.88 11.60 37.69
CA GLN L 62 -14.84 10.82 36.46
C GLN L 62 -14.44 9.43 36.77
N SER L 63 -14.93 8.91 37.86
CA SER L 63 -14.39 7.68 38.44
C SER L 63 -15.45 6.60 38.63
N ALA L 64 -16.62 6.83 38.04
CA ALA L 64 -17.77 5.94 38.24
C ALA L 64 -17.45 4.47 37.89
N THR L 65 -16.70 4.27 36.81
CA THR L 65 -16.41 2.94 36.29
C THR L 65 -15.78 2.08 37.36
N ALA L 66 -14.79 2.63 38.05
CA ALA L 66 -14.07 1.87 39.03
C ALA L 66 -14.96 1.62 40.27
N MET L 67 -15.81 2.58 40.59
CA MET L 67 -16.74 2.43 41.72
C MET L 67 -17.71 1.26 41.46
N LEU L 68 -18.21 1.18 40.23
CA LEU L 68 -19.12 0.15 39.87
C LEU L 68 -18.42 -1.18 40.00
N VAL L 69 -17.19 -1.28 39.47
CA VAL L 69 -16.46 -2.58 39.46
C VAL L 69 -16.25 -3.01 40.89
N THR L 70 -15.90 -2.05 41.73
CA THR L 70 -15.73 -2.31 43.13
C THR L 70 -17.03 -2.76 43.83
N ALA L 71 -18.13 -2.07 43.56
CA ALA L 71 -19.42 -2.47 44.12
C ALA L 71 -19.82 -3.90 43.65
N LEU L 72 -19.62 -4.18 42.37
CA LEU L 72 -19.90 -5.50 41.82
C LEU L 72 -19.08 -6.57 42.52
N LYS L 73 -17.90 -6.20 43.04
CA LYS L 73 -17.05 -7.16 43.75
C LYS L 73 -17.47 -7.31 45.20
N ASP L 74 -17.74 -6.19 45.86
CA ASP L 74 -18.12 -6.21 47.29
C ASP L 74 -19.43 -6.97 47.55
N SER L 75 -20.30 -7.01 46.53
CA SER L 75 -21.59 -7.72 46.63
C SER L 75 -21.44 -9.24 46.82
N ARG L 76 -20.33 -9.80 46.33
CA ARG L 76 -20.04 -11.23 46.40
C ARG L 76 -21.03 -11.99 45.57
N TRP L 77 -21.41 -11.38 44.45
CA TRP L 77 -22.22 -12.03 43.44
C TRP L 77 -21.44 -12.16 42.12
N PHE L 78 -20.58 -11.17 41.86
CA PHE L 78 -19.86 -11.07 40.61
C PHE L 78 -18.34 -11.11 40.80
N ILE L 79 -17.65 -11.74 39.84
CA ILE L 79 -16.22 -11.57 39.63
C ILE L 79 -16.04 -10.58 38.52
N PRO L 80 -15.31 -9.50 38.80
CA PRO L 80 -15.17 -8.58 37.69
C PRO L 80 -13.94 -8.96 36.89
N LEU L 81 -14.08 -8.96 35.57
CA LEU L 81 -12.96 -9.04 34.69
C LEU L 81 -12.46 -7.68 34.23
N GLU L 82 -11.12 -7.57 34.15
CA GLU L 82 -10.45 -6.26 33.96
C GLU L 82 -10.45 -5.90 32.51
N ARG L 83 -11.27 -4.88 32.21
CA ARG L 83 -11.37 -4.34 30.86
C ARG L 83 -11.09 -2.83 30.82
N GLN L 84 -11.20 -2.14 31.95
CA GLN L 84 -10.86 -0.71 31.91
C GLN L 84 -9.44 -0.51 31.42
N GLY L 85 -8.53 -1.35 31.88
CA GLY L 85 -7.16 -1.19 31.48
C GLY L 85 -6.73 -2.38 30.63
N LEU L 86 -7.60 -2.79 29.72
CA LEU L 86 -7.36 -3.99 28.91
C LEU L 86 -6.08 -3.91 28.08
N GLN L 87 -5.76 -2.71 27.58
CA GLN L 87 -4.60 -2.54 26.71
C GLN L 87 -3.26 -2.90 27.42
N ASN L 88 -3.11 -2.45 28.65
CA ASN L 88 -1.94 -2.78 29.46
C ASN L 88 -1.85 -4.26 29.79
N LEU L 89 -3.01 -4.86 30.06
CA LEU L 89 -3.07 -6.27 30.36
C LEU L 89 -2.50 -7.06 29.14
N LEU L 90 -2.85 -6.63 27.94
CA LEU L 90 -2.47 -7.35 26.73
C LEU L 90 -0.98 -7.14 26.50
N ASN L 91 -0.50 -5.98 26.93
CA ASN L 91 0.89 -5.66 26.76
C ASN L 91 1.77 -6.51 27.67
N GLU L 92 1.41 -6.58 28.95
CA GLU L 92 2.13 -7.49 29.87
C GLU L 92 2.13 -8.97 29.39
N ARG L 93 1.02 -9.38 28.78
CA ARG L 93 0.96 -10.70 28.19
C ARG L 93 1.88 -10.85 26.94
N LYS L 94 2.04 -9.80 26.15
CA LYS L 94 3.04 -9.82 25.10
C LYS L 94 4.43 -10.04 25.69
N ILE L 95 4.71 -9.35 26.80
CA ILE L 95 6.07 -9.36 27.35
C ILE L 95 6.39 -10.70 27.97
N ILE L 96 5.38 -11.25 28.64
CA ILE L 96 5.43 -12.63 29.11
C ILE L 96 5.76 -13.58 27.96
N ARG L 97 4.93 -13.58 26.93
CA ARG L 97 5.11 -14.54 25.82
C ARG L 97 6.45 -14.38 25.12
N ALA L 98 6.96 -13.15 25.12
CA ALA L 98 8.27 -12.89 24.54
C ALA L 98 9.39 -13.39 25.45
N ALA L 99 9.11 -13.41 26.75
CA ALA L 99 10.06 -13.87 27.74
C ALA L 99 10.33 -15.38 27.63
N GLN L 100 9.26 -16.15 27.58
CA GLN L 100 9.35 -17.57 27.88
C GLN L 100 9.18 -18.43 26.65
N GLU L 101 9.13 -17.80 25.50
CA GLU L 101 8.90 -18.55 24.25
C GLU L 101 10.08 -19.45 23.89
N ASN L 102 11.27 -19.12 24.40
CA ASN L 102 12.46 -19.90 24.08
C ASN L 102 12.75 -21.03 25.07
N GLY L 103 11.93 -21.15 26.12
CA GLY L 103 12.15 -22.17 27.14
C GLY L 103 13.48 -22.09 27.87
N THR L 104 13.98 -20.88 28.05
CA THR L 104 15.13 -20.68 28.89
C THR L 104 14.67 -20.21 30.24
N VAL L 105 13.51 -19.55 30.29
CA VAL L 105 13.11 -18.82 31.52
C VAL L 105 12.95 -19.83 32.66
N ALA L 106 13.39 -19.40 33.85
CA ALA L 106 13.52 -20.27 35.01
C ALA L 106 12.16 -20.81 35.44
N ILE L 107 12.11 -22.12 35.69
CA ILE L 107 10.85 -22.81 35.97
C ILE L 107 10.07 -22.21 37.17
N ASN L 108 10.81 -21.68 38.14
CA ASN L 108 10.20 -20.98 39.28
C ASN L 108 9.58 -19.65 38.85
N ASN L 109 10.23 -18.99 37.89
CA ASN L 109 9.84 -17.66 37.45
C ASN L 109 8.78 -17.68 36.36
N ARG L 110 8.60 -18.83 35.73
CA ARG L 110 7.69 -18.99 34.60
C ARG L 110 6.27 -18.55 34.96
N ILE L 111 5.64 -17.80 34.06
CA ILE L 111 4.22 -17.42 34.22
C ILE L 111 3.37 -18.17 33.20
N PRO L 112 2.45 -19.05 33.67
CA PRO L 112 1.64 -19.83 32.76
C PRO L 112 0.46 -19.01 32.24
N LEU L 113 0.31 -18.98 30.92
CA LEU L 113 -0.65 -18.09 30.26
C LEU L 113 -1.82 -18.85 29.72
N GLN L 114 -2.97 -18.22 29.91
CA GLN L 114 -4.23 -18.87 29.73
C GLN L 114 -5.08 -17.80 29.12
N SER L 115 -6.03 -18.22 28.29
CA SER L 115 -6.83 -17.29 27.50
C SER L 115 -7.60 -16.39 28.44
N LEU L 116 -7.97 -15.21 27.96
CA LEU L 116 -8.44 -14.21 28.90
C LEU L 116 -9.83 -14.63 29.33
N THR L 117 -10.06 -14.76 30.65
CA THR L 117 -11.35 -15.21 31.18
C THR L 117 -12.41 -14.29 30.69
N ALA L 118 -13.48 -14.88 30.16
CA ALA L 118 -14.47 -14.11 29.37
C ALA L 118 -15.81 -14.04 30.03
N ALA L 119 -16.42 -12.85 29.94
CA ALA L 119 -17.63 -12.55 30.66
C ALA L 119 -18.87 -12.99 29.89
N ASN L 120 -19.97 -13.24 30.60
CA ASN L 120 -21.25 -13.53 29.93
C ASN L 120 -22.14 -12.29 29.81
N ILE L 121 -22.26 -11.57 30.92
CA ILE L 121 -23.03 -10.34 30.89
C ILE L 121 -22.04 -9.27 31.07
N MET L 122 -22.20 -8.20 30.35
CA MET L 122 -21.50 -7.01 30.71
C MET L 122 -22.48 -5.86 31.06
N VAL L 123 -22.11 -5.05 32.05
CA VAL L 123 -22.96 -3.98 32.54
C VAL L 123 -22.31 -2.68 32.26
N GLU L 124 -23.01 -1.83 31.54
CA GLU L 124 -22.57 -0.44 31.40
C GLU L 124 -23.64 0.56 31.79
N GLY L 125 -23.24 1.82 31.92
CA GLY L 125 -24.12 2.84 32.42
C GLY L 125 -23.51 4.21 32.29
N SER L 126 -24.05 5.16 33.03
CA SER L 126 -23.69 6.55 32.82
C SER L 126 -24.11 7.33 34.00
N ILE L 127 -23.35 8.37 34.32
CA ILE L 127 -23.85 9.36 35.25
C ILE L 127 -24.78 10.25 34.42
N ILE L 128 -26.06 10.03 34.59
CA ILE L 128 -27.10 10.83 33.95
C ILE L 128 -27.47 11.95 34.93
N GLY L 129 -26.90 13.11 34.68
CA GLY L 129 -27.34 14.31 35.39
C GLY L 129 -26.75 14.64 36.75
N TYR L 130 -26.41 15.90 36.89
CA TYR L 130 -26.19 16.51 38.19
C TYR L 130 -26.82 17.90 38.10
N GLU L 131 -27.93 18.09 38.78
CA GLU L 131 -28.50 19.41 38.93
C GLU L 131 -28.08 19.99 40.27
N SER L 132 -27.90 21.29 40.33
CA SER L 132 -27.33 21.93 41.52
C SER L 132 -28.28 22.92 42.18
N ASN L 133 -28.26 22.95 43.51
CA ASN L 133 -29.25 23.70 44.29
C ASN L 133 -30.66 23.43 43.78
N VAL L 134 -31.02 22.15 43.78
CA VAL L 134 -32.35 21.71 43.38
C VAL L 134 -33.35 22.21 44.43
N LYS L 135 -32.92 22.23 45.68
CA LYS L 135 -33.61 23.01 46.71
C LYS L 135 -32.65 23.77 47.58
N SER L 136 -33.19 24.80 48.25
CA SER L 136 -32.38 25.61 49.17
C SER L 136 -33.26 26.43 50.12
N GLY L 137 -32.70 26.80 51.28
CA GLY L 137 -33.42 27.63 52.24
C GLY L 137 -32.56 28.16 53.37
N GLY L 138 -33.15 29.00 54.22
CA GLY L 138 -32.42 29.66 55.31
C GLY L 138 -33.32 30.28 56.36
N VAL L 139 -32.86 30.25 57.62
CA VAL L 139 -33.56 30.88 58.73
C VAL L 139 -32.56 31.54 59.66
N GLY L 140 -32.80 32.82 59.97
CA GLY L 140 -31.92 33.58 60.87
C GLY L 140 -32.63 34.66 61.66
N ALA L 141 -32.14 34.90 62.88
CA ALA L 141 -32.63 36.01 63.69
C ALA L 141 -31.52 36.69 64.49
N ARG L 142 -31.58 38.01 64.56
CA ARG L 142 -30.72 38.76 65.46
C ARG L 142 -31.59 39.67 66.32
N TYR L 143 -31.18 39.82 67.58
CA TYR L 143 -31.98 40.52 68.58
C TYR L 143 -31.15 41.56 69.34
N GLY L 145 -28.61 42.30 69.91
CA GLY L 145 -27.16 42.13 69.99
C GLY L 145 -26.71 40.72 69.67
N ILE L 146 -27.61 39.73 69.82
CA ILE L 146 -27.26 38.31 69.70
C ILE L 146 -27.98 37.71 68.49
N GLY L 147 -27.29 36.87 67.71
CA GLY L 147 -27.90 36.34 66.49
C GLY L 147 -27.42 34.97 66.06
N ALA L 148 -28.26 34.28 65.30
CA ALA L 148 -27.87 33.05 64.66
C ALA L 148 -28.60 32.88 63.33
N ASP L 149 -28.13 31.92 62.53
CA ASP L 149 -28.79 31.60 61.27
C ASP L 149 -28.29 30.26 60.74
N THR L 150 -29.16 29.53 60.06
CA THR L 150 -28.71 28.44 59.23
C THR L 150 -29.17 28.63 57.78
N GLN L 151 -28.41 28.02 56.87
CA GLN L 151 -28.75 28.00 55.46
C GLN L 151 -28.48 26.61 54.92
N TYR L 152 -29.32 26.13 54.00
CA TYR L 152 -29.08 24.83 53.41
C TYR L 152 -29.31 24.81 51.90
N GLN L 153 -28.53 23.99 51.21
CA GLN L 153 -28.77 23.73 49.80
C GLN L 153 -28.65 22.24 49.52
N LEU L 154 -29.34 21.77 48.49
CA LEU L 154 -29.16 20.39 48.07
C LEU L 154 -29.22 20.20 46.56
N ASP L 155 -28.44 19.22 46.10
CA ASP L 155 -28.18 18.96 44.68
C ASP L 155 -28.63 17.53 44.35
N GLN L 156 -28.83 17.23 43.07
CA GLN L 156 -29.22 15.88 42.66
C GLN L 156 -28.09 15.19 41.84
N ILE L 157 -28.06 13.87 41.88
CA ILE L 157 -27.21 13.09 40.99
C ILE L 157 -27.90 11.74 40.64
N ALA L 158 -27.80 11.32 39.38
CA ALA L 158 -28.51 10.13 38.97
C ALA L 158 -27.59 9.27 38.16
N VAL L 159 -27.85 8.00 38.21
CA VAL L 159 -26.98 7.02 37.58
C VAL L 159 -27.82 5.94 36.89
N ASN L 160 -27.51 5.71 35.64
CA ASN L 160 -28.02 4.56 34.95
C ASN L 160 -26.97 3.42 35.06
N LEU L 161 -27.43 2.23 35.43
CA LEU L 161 -26.70 1.02 35.13
C LEU L 161 -27.57 0.09 34.32
N ARG L 162 -26.95 -0.73 33.51
CA ARG L 162 -27.74 -1.68 32.73
C ARG L 162 -26.98 -2.93 32.34
N VAL L 163 -27.61 -4.07 32.59
CA VAL L 163 -27.05 -5.37 32.16
C VAL L 163 -27.36 -5.71 30.70
N VAL L 164 -26.32 -6.02 29.95
CA VAL L 164 -26.42 -6.35 28.54
C VAL L 164 -25.99 -7.75 28.39
N ASN L 165 -26.76 -8.48 27.63
CA ASN L 165 -26.41 -9.85 27.31
C ASN L 165 -25.45 -9.96 26.11
N VAL L 166 -24.25 -10.48 26.36
CA VAL L 166 -23.19 -10.55 25.37
C VAL L 166 -23.65 -11.38 24.22
N SER L 167 -24.38 -12.44 24.52
CA SER L 167 -24.76 -13.40 23.51
C SER L 167 -25.79 -12.85 22.51
N THR L 168 -26.43 -11.72 22.84
CA THR L 168 -27.51 -11.20 21.98
C THR L 168 -27.48 -9.71 21.78
N GLY L 169 -27.12 -9.02 22.83
CA GLY L 169 -27.18 -7.57 22.76
C GLY L 169 -28.43 -7.05 23.43
N GLU L 170 -29.36 -7.96 23.73
CA GLU L 170 -30.54 -7.62 24.49
C GLU L 170 -30.03 -7.02 25.74
N ILE L 171 -30.54 -5.86 26.07
CA ILE L 171 -30.39 -5.36 27.43
C ILE L 171 -31.28 -6.18 28.36
N LEU L 172 -30.69 -6.78 29.40
CA LEU L 172 -31.44 -7.67 30.27
C LEU L 172 -32.07 -6.91 31.45
N SER L 173 -31.61 -5.67 31.64
CA SER L 173 -32.03 -4.88 32.78
C SER L 173 -31.49 -3.46 32.68
N SER L 174 -32.36 -2.48 32.84
CA SER L 174 -31.94 -1.09 33.03
C SER L 174 -32.51 -0.56 34.33
N VAL L 175 -31.68 0.18 35.08
CA VAL L 175 -32.10 0.78 36.37
C VAL L 175 -31.58 2.20 36.52
N ASN L 176 -32.38 3.04 37.15
CA ASN L 176 -32.11 4.50 37.19
C ASN L 176 -32.14 5.08 38.60
N THR L 177 -30.98 5.14 39.27
CA THR L 177 -30.94 5.51 40.68
C THR L 177 -30.57 6.95 40.82
N SER L 178 -30.92 7.50 41.96
CA SER L 178 -30.76 8.94 42.17
C SER L 178 -30.44 9.21 43.62
N LYS L 179 -29.75 10.31 43.85
CA LYS L 179 -29.29 10.59 45.19
C LYS L 179 -29.10 12.10 45.38
N THR L 180 -29.38 12.56 46.60
CA THR L 180 -29.33 13.97 46.88
C THR L 180 -28.09 14.31 47.72
N ILE L 181 -27.40 15.36 47.32
CA ILE L 181 -26.23 15.84 48.06
C ILE L 181 -26.60 17.04 48.96
N LEU L 182 -26.42 16.88 50.27
CA LEU L 182 -26.79 17.89 51.25
C LEU L 182 -25.66 18.82 51.64
N SER L 183 -25.99 20.10 51.77
CA SER L 183 -25.05 21.11 52.27
C SER L 183 -25.77 22.06 53.25
N TYR L 184 -25.09 22.43 54.34
CA TYR L 184 -25.64 23.42 55.26
C TYR L 184 -24.58 24.25 55.98
N GLU L 185 -25.01 25.44 56.40
CA GLU L 185 -24.15 26.42 57.07
C GLU L 185 -24.84 26.97 58.31
N VAL L 186 -24.29 26.65 59.47
CA VAL L 186 -24.78 27.15 60.74
C VAL L 186 -23.85 28.25 61.24
N GLN L 187 -24.44 29.30 61.78
CA GLN L 187 -23.68 30.46 62.21
C GLN L 187 -24.33 31.12 63.41
N ALA L 188 -23.51 31.52 64.38
CA ALA L 188 -24.00 32.25 65.55
C ALA L 188 -22.99 33.32 65.97
N GLY L 189 -23.51 34.49 66.35
CA GLY L 189 -22.65 35.60 66.75
C GLY L 189 -23.25 36.42 67.87
N VAL L 190 -22.41 36.81 68.82
CA VAL L 190 -22.82 37.69 69.91
C VAL L 190 -22.08 39.03 69.81
N PHE L 191 -22.82 40.14 69.99
CA PHE L 191 -22.28 41.48 69.75
C PHE L 191 -22.63 42.42 70.90
N LEU L 200 -17.44 44.03 72.73
CA LEU L 200 -17.50 42.58 72.68
C LEU L 200 -18.16 42.10 71.39
N GLU L 201 -17.37 41.43 70.55
CA GLU L 201 -17.91 40.58 69.49
C GLU L 201 -17.41 39.14 69.67
N GLY L 202 -18.24 38.18 69.29
CA GLY L 202 -17.84 36.77 69.27
C GLY L 202 -18.66 35.99 68.26
N GLU L 203 -17.96 35.30 67.36
CA GLU L 203 -18.64 34.56 66.28
C GLU L 203 -18.17 33.12 66.14
N VAL L 204 -19.13 32.22 65.98
CA VAL L 204 -18.88 30.82 65.65
C VAL L 204 -19.61 30.48 64.35
N GLY L 205 -18.92 29.77 63.47
CA GLY L 205 -19.52 29.31 62.22
C GLY L 205 -19.12 27.87 61.92
N TYR L 206 -20.01 27.16 61.24
CA TYR L 206 -19.74 25.79 60.79
C TYR L 206 -20.47 25.50 59.49
N THR L 207 -19.81 24.79 58.58
CA THR L 207 -20.42 24.45 57.29
C THR L 207 -20.10 23.00 56.94
N SER L 208 -21.10 22.29 56.44
CA SER L 208 -20.90 20.89 56.05
C SER L 208 -21.49 20.56 54.70
N ASN L 209 -20.65 20.01 53.83
CA ASN L 209 -21.06 19.51 52.52
C ASN L 209 -20.92 18.02 52.50
N GLU L 210 -21.92 17.35 51.95
CA GLU L 210 -21.75 15.96 51.60
C GLU L 210 -20.73 15.85 50.47
N PRO L 211 -19.89 14.82 50.52
CA PRO L 211 -19.05 14.56 49.37
C PRO L 211 -19.82 14.01 48.18
N VAL L 212 -19.70 14.68 47.03
CA VAL L 212 -20.34 14.23 45.80
C VAL L 212 -19.77 12.87 45.37
N MET L 213 -18.45 12.77 45.46
CA MET L 213 -17.71 11.51 45.52
C MET L 213 -18.44 10.32 46.21
N LEU L 214 -18.92 10.58 47.41
CA LEU L 214 -19.46 9.55 48.28
C LEU L 214 -20.92 9.24 47.96
N CYS L 215 -21.62 10.24 47.44
CA CYS L 215 -23.01 10.08 46.96
C CYS L 215 -23.10 9.30 45.64
N LEU L 216 -22.20 9.64 44.72
CA LEU L 216 -22.01 8.82 43.56
C LEU L 216 -21.81 7.35 43.95
N MET L 217 -20.88 7.09 44.88
CA MET L 217 -20.51 5.73 45.24
C MET L 217 -21.73 4.99 45.80
N SER L 218 -22.45 5.68 46.68
CA SER L 218 -23.64 5.12 47.31
C SER L 218 -24.66 4.73 46.26
N ALA L 219 -24.93 5.65 45.35
CA ALA L 219 -25.97 5.43 44.34
C ALA L 219 -25.63 4.26 43.41
N ILE L 220 -24.35 4.09 43.13
CA ILE L 220 -23.90 3.00 42.26
C ILE L 220 -24.09 1.64 42.95
N GLU L 221 -23.77 1.59 44.25
CA GLU L 221 -24.05 0.39 45.05
C GLU L 221 -25.56 0.01 45.01
N THR L 222 -26.41 0.98 45.33
CA THR L 222 -27.86 0.84 45.26
C THR L 222 -28.31 0.29 43.91
N GLY L 223 -27.84 0.90 42.83
CA GLY L 223 -28.05 0.38 41.50
C GLY L 223 -27.67 -1.10 41.31
N VAL L 224 -26.53 -1.50 41.87
CA VAL L 224 -26.07 -2.86 41.73
C VAL L 224 -27.04 -3.81 42.43
N ILE L 225 -27.53 -3.42 43.60
CA ILE L 225 -28.51 -4.23 44.31
C ILE L 225 -29.76 -4.41 43.44
N PHE L 226 -30.32 -3.30 42.94
CA PHE L 226 -31.56 -3.34 42.12
C PHE L 226 -31.35 -4.24 40.92
N LEU L 227 -30.12 -4.26 40.41
CA LEU L 227 -29.79 -5.11 39.26
C LEU L 227 -29.83 -6.58 39.64
N ILE L 228 -29.28 -6.90 40.80
CA ILE L 228 -29.23 -8.28 41.24
C ILE L 228 -30.65 -8.74 41.47
N ASN L 229 -31.39 -7.94 42.21
CA ASN L 229 -32.76 -8.33 42.60
C ASN L 229 -33.56 -8.56 41.33
N ASP L 230 -33.36 -7.67 40.36
CA ASP L 230 -34.11 -7.71 39.13
C ASP L 230 -33.76 -9.00 38.39
N GLY L 231 -32.50 -9.35 38.45
CA GLY L 231 -32.04 -10.51 37.74
C GLY L 231 -32.57 -11.75 38.40
N ILE L 232 -32.70 -11.72 39.73
CA ILE L 232 -33.28 -12.84 40.47
C ILE L 232 -34.71 -13.09 40.00
N ASP L 233 -35.50 -12.02 39.97
CA ASP L 233 -36.89 -12.08 39.49
C ASP L 233 -36.97 -12.65 38.07
N ARG L 234 -36.17 -12.10 37.18
CA ARG L 234 -36.25 -12.45 35.77
C ARG L 234 -35.61 -13.80 35.42
N GLY L 235 -35.01 -14.46 36.40
CA GLY L 235 -34.30 -15.73 36.13
C GLY L 235 -32.98 -15.62 35.35
N LEU L 236 -32.22 -14.56 35.56
CA LEU L 236 -30.82 -14.51 35.13
C LEU L 236 -29.95 -15.37 36.05
N TRP L 237 -30.09 -15.19 37.36
CA TRP L 237 -29.34 -15.97 38.36
C TRP L 237 -30.21 -16.34 39.59
N ASP L 238 -29.75 -17.26 40.44
CA ASP L 238 -30.59 -17.73 41.60
C ASP L 238 -29.84 -17.89 42.88
N LEU L 239 -30.63 -17.87 43.95
CA LEU L 239 -30.11 -17.88 45.30
C LEU L 239 -29.68 -19.28 45.74
N GLN L 240 -28.62 -19.32 46.54
CA GLN L 240 -28.20 -20.56 47.19
C GLN L 240 -29.32 -21.14 48.05
N ASN L 241 -29.82 -20.31 48.96
CA ASN L 241 -30.94 -20.68 49.83
C ASN L 241 -32.25 -20.04 49.42
N LYS L 242 -33.20 -20.86 48.94
CA LYS L 242 -34.47 -20.29 48.43
C LYS L 242 -35.18 -19.73 49.62
N ALA L 243 -34.88 -20.27 50.80
CA ALA L 243 -35.43 -19.78 52.08
C ALA L 243 -35.03 -18.34 52.35
N GLU L 244 -34.00 -17.87 51.65
CA GLU L 244 -33.55 -16.50 51.83
C GLU L 244 -34.18 -15.49 50.88
N ARG L 245 -35.19 -15.91 50.13
CA ARG L 245 -35.97 -15.06 49.23
C ARG L 245 -36.53 -13.82 49.98
N GLN L 246 -36.95 -14.03 51.22
CA GLN L 246 -37.59 -12.96 51.97
C GLN L 246 -36.60 -12.26 52.89
N ASN L 247 -35.33 -12.34 52.54
CA ASN L 247 -34.28 -11.50 53.11
C ASN L 247 -34.70 -10.04 53.29
N ASP L 248 -34.37 -9.46 54.44
CA ASP L 248 -34.78 -8.08 54.78
C ASP L 248 -34.41 -7.11 53.65
N ILE L 249 -33.18 -7.25 53.18
CA ILE L 249 -32.62 -6.33 52.21
C ILE L 249 -33.34 -6.50 50.88
N LEU L 250 -33.48 -7.74 50.46
CA LEU L 250 -34.11 -8.05 49.17
C LEU L 250 -35.55 -7.57 49.08
N VAL L 251 -36.28 -7.67 50.19
CA VAL L 251 -37.67 -7.22 50.23
C VAL L 251 -37.76 -5.71 50.34
N LYS L 252 -36.69 -5.11 50.88
CA LYS L 252 -36.63 -3.65 51.01
C LYS L 252 -36.49 -3.03 49.61
N TYR L 253 -35.62 -3.59 48.79
CA TYR L 253 -35.36 -3.07 47.43
C TYR L 253 -36.49 -3.47 46.52
N ARG L 254 -37.16 -4.61 46.80
CA ARG L 254 -38.27 -5.07 46.07
C ARG L 254 -39.43 -4.09 46.34
N HIS L 255 -39.47 -3.55 47.53
CA HIS L 255 -40.48 -2.57 47.90
C HIS L 255 -40.25 -1.22 47.24
N MET L 256 -38.99 -0.85 47.02
CA MET L 256 -38.68 0.43 46.38
C MET L 256 -39.06 0.43 44.89
N SER L 257 -39.09 -0.75 44.27
CA SER L 257 -39.51 -0.88 42.87
C SER L 257 -41.00 -0.65 42.70
N LEU M 2 -13.90 15.06 64.68
CA LEU M 2 -14.72 15.87 63.71
C LEU M 2 -13.80 16.70 62.77
N THR M 3 -13.03 15.94 61.98
CA THR M 3 -12.33 16.40 60.79
C THR M 3 -12.35 15.32 59.67
N ALA M 4 -12.86 14.14 59.98
CA ALA M 4 -13.12 13.11 58.97
C ALA M 4 -14.43 13.47 58.19
N PRO M 5 -14.87 12.62 57.25
CA PRO M 5 -15.93 13.17 56.41
C PRO M 5 -17.32 13.20 57.08
N PRO M 6 -18.28 13.90 56.46
CA PRO M 6 -19.68 13.85 56.88
C PRO M 6 -20.37 12.58 56.40
N LYS M 7 -21.41 12.14 57.11
CA LYS M 7 -22.12 10.91 56.75
C LYS M 7 -23.35 11.17 55.90
N GLU M 8 -23.89 10.09 55.30
CA GLU M 8 -24.86 10.19 54.19
C GLU M 8 -26.21 10.76 54.65
N ALA M 9 -26.55 11.91 54.08
CA ALA M 9 -27.83 12.54 54.32
C ALA M 9 -28.78 12.12 53.20
N ALA M 10 -29.83 11.40 53.57
CA ALA M 10 -30.84 10.86 52.64
C ALA M 10 -30.36 9.55 52.08
N ARG M 11 -31.29 8.76 51.59
CA ARG M 11 -30.97 7.43 51.05
C ARG M 11 -30.94 7.50 49.52
N PRO M 12 -30.13 6.63 48.86
CA PRO M 12 -30.37 6.44 47.45
C PRO M 12 -31.77 5.85 47.20
N THR M 13 -32.62 6.63 46.56
CA THR M 13 -33.87 6.13 46.01
C THR M 13 -33.72 5.80 44.54
N LEU M 14 -34.63 5.02 44.00
CA LEU M 14 -34.62 4.86 42.56
C LEU M 14 -35.10 6.14 41.95
N MET M 15 -34.82 6.39 40.67
CA MET M 15 -34.99 7.74 40.14
C MET M 15 -36.48 8.19 40.07
N PRO M 16 -36.82 9.28 40.76
CA PRO M 16 -38.17 9.74 40.95
C PRO M 16 -38.88 10.19 39.66
N ARG M 17 -39.44 9.23 38.94
CA ARG M 17 -40.26 9.51 37.76
C ARG M 17 -41.70 9.69 38.19
N ALA M 18 -42.44 10.56 37.50
CA ALA M 18 -43.85 10.85 37.91
C ALA M 18 -44.89 10.38 36.90
N GLN M 19 -45.68 11.32 36.36
CA GLN M 19 -46.95 10.94 35.73
C GLN M 19 -46.75 10.19 34.41
N SER M 20 -45.93 10.78 33.56
CA SER M 20 -45.50 10.18 32.33
C SER M 20 -45.16 8.70 32.53
N TYR M 21 -44.34 8.41 33.54
CA TYR M 21 -43.97 7.04 33.90
C TYR M 21 -45.17 6.14 34.18
N LYS M 22 -46.08 6.62 35.03
CA LYS M 22 -47.25 5.85 35.42
C LYS M 22 -48.14 5.49 34.24
N ASP M 23 -48.32 6.45 33.33
CA ASP M 23 -49.03 6.20 32.08
C ASP M 23 -48.30 5.16 31.24
N LEU M 24 -46.98 5.34 31.13
CA LEU M 24 -46.15 4.54 30.23
C LEU M 24 -46.13 3.06 30.65
N THR M 25 -46.19 2.84 31.97
CA THR M 25 -46.09 1.49 32.51
C THR M 25 -47.41 0.73 32.35
N HIS M 26 -48.50 1.40 32.71
CA HIS M 26 -49.83 0.81 32.66
C HIS M 26 -50.46 0.91 31.24
N LEU M 27 -49.63 0.79 30.20
CA LEU M 27 -50.13 0.71 28.82
C LEU M 27 -50.47 -0.73 28.43
N PRO M 28 -51.63 -0.93 27.80
CA PRO M 28 -52.09 -2.28 27.39
C PRO M 28 -51.12 -2.93 26.44
N ALA M 29 -50.73 -4.16 26.72
CA ALA M 29 -49.59 -4.78 26.04
C ALA M 29 -49.93 -5.17 24.58
N PRO M 30 -48.95 -5.05 23.67
CA PRO M 30 -49.09 -5.53 22.30
C PRO M 30 -49.10 -7.07 22.17
N THR M 31 -49.29 -7.56 20.94
CA THR M 31 -49.28 -9.01 20.67
C THR M 31 -47.90 -9.67 20.84
N GLY M 32 -46.85 -8.90 20.64
CA GLY M 32 -45.50 -9.30 21.07
C GLY M 32 -44.68 -8.04 21.28
N LYS M 33 -43.63 -8.10 22.10
CA LYS M 33 -42.72 -6.97 22.20
C LYS M 33 -41.95 -6.71 20.88
N ILE M 34 -41.62 -5.44 20.61
CA ILE M 34 -40.96 -5.08 19.37
C ILE M 34 -39.46 -4.79 19.68
N PHE M 35 -38.59 -5.23 18.77
CA PHE M 35 -37.16 -5.05 18.90
C PHE M 35 -36.76 -3.65 18.44
N VAL M 36 -36.06 -2.90 19.29
CA VAL M 36 -35.71 -1.55 18.94
C VAL M 36 -34.26 -1.21 19.18
N SER M 37 -33.75 -0.25 18.42
CA SER M 37 -32.35 0.17 18.52
C SER M 37 -32.32 1.64 18.79
N VAL M 38 -31.56 2.06 19.79
CA VAL M 38 -31.23 3.47 19.92
C VAL M 38 -29.72 3.70 19.86
N TYR M 39 -29.26 4.47 18.86
CA TYR M 39 -27.83 4.74 18.63
C TYR M 39 -27.40 6.00 19.37
N ASN M 40 -28.16 7.07 19.21
CA ASN M 40 -27.83 8.31 19.89
C ASN M 40 -28.90 9.39 19.79
N ILE M 41 -29.23 10.03 20.91
CA ILE M 41 -30.06 11.23 20.91
C ILE M 41 -29.24 12.42 21.44
N GLN M 42 -29.00 13.42 20.60
CA GLN M 42 -28.03 14.47 20.93
C GLN M 42 -28.65 15.61 21.69
N ASP M 43 -27.81 16.35 22.40
CA ASP M 43 -28.16 17.64 22.95
C ASP M 43 -28.06 18.72 21.87
N GLU M 44 -28.93 18.65 20.87
CA GLU M 44 -28.97 19.62 19.74
C GLU M 44 -29.47 21.02 20.18
N THR M 45 -29.50 21.25 21.50
CA THR M 45 -30.06 22.46 22.07
C THR M 45 -29.20 23.71 21.84
N GLY M 46 -27.88 23.57 22.01
CA GLY M 46 -26.95 24.67 21.71
C GLY M 46 -26.69 25.59 22.91
N GLN M 47 -27.01 25.10 24.09
CA GLN M 47 -27.20 25.98 25.16
C GLN M 47 -26.40 25.57 26.38
N PHE M 48 -25.80 26.59 26.98
CA PHE M 48 -25.05 26.43 28.19
C PHE M 48 -25.59 27.36 29.27
N LYS M 49 -25.12 27.11 30.48
CA LYS M 49 -25.56 27.88 31.62
C LYS M 49 -24.88 29.24 31.62
N PRO M 50 -25.60 30.26 32.07
CA PRO M 50 -25.06 31.61 32.19
C PRO M 50 -24.17 31.79 33.43
N TYR M 51 -23.48 32.93 33.48
CA TYR M 51 -22.73 33.26 34.65
C TYR M 51 -23.65 33.16 35.84
N PRO M 52 -23.17 32.56 36.96
CA PRO M 52 -21.81 32.13 37.28
C PRO M 52 -21.45 30.69 37.01
N ALA M 53 -22.20 30.02 36.14
CA ALA M 53 -21.86 28.64 35.79
C ALA M 53 -20.58 28.60 35.00
N SER M 54 -19.95 27.43 34.99
CA SER M 54 -18.82 27.26 34.09
C SER M 54 -19.30 27.54 32.67
N ASN M 55 -18.43 28.16 31.90
CA ASN M 55 -18.64 28.33 30.49
C ASN M 55 -19.11 27.06 29.78
N PHE M 56 -18.66 25.93 30.31
CA PHE M 56 -18.84 24.65 29.65
C PHE M 56 -20.03 23.87 30.18
N SER M 57 -20.74 24.41 31.16
CA SER M 57 -21.85 23.65 31.78
C SER M 57 -23.01 23.73 30.81
N THR M 58 -23.41 22.58 30.29
CA THR M 58 -24.52 22.52 29.36
C THR M 58 -25.82 22.74 30.08
N ALA M 59 -26.76 23.27 29.36
CA ALA M 59 -28.00 23.59 30.04
C ALA M 59 -28.80 22.32 30.29
N VAL M 60 -28.49 21.27 29.53
CA VAL M 60 -29.31 20.06 29.47
C VAL M 60 -28.36 18.87 29.60
N PRO M 61 -28.73 17.88 30.40
CA PRO M 61 -27.86 16.72 30.48
C PRO M 61 -27.67 16.00 29.17
N GLN M 62 -26.47 15.46 28.98
CA GLN M 62 -26.13 14.76 27.74
C GLN M 62 -26.52 13.30 27.79
N SER M 63 -27.64 12.99 28.44
CA SER M 63 -27.96 11.62 28.86
C SER M 63 -29.30 11.14 28.29
N ALA M 64 -29.85 11.91 27.35
CA ALA M 64 -31.12 11.59 26.73
C ALA M 64 -31.22 10.16 26.15
N THR M 65 -30.16 9.70 25.50
CA THR M 65 -30.12 8.38 24.84
C THR M 65 -30.50 7.28 25.80
N ALA M 66 -29.88 7.29 26.97
CA ALA M 66 -30.13 6.24 27.94
C ALA M 66 -31.53 6.35 28.54
N MET M 67 -32.02 7.59 28.72
CA MET M 67 -33.37 7.82 29.21
C MET M 67 -34.38 7.27 28.20
N LEU M 68 -34.14 7.49 26.90
CA LEU M 68 -35.03 6.96 25.90
C LEU M 68 -35.06 5.42 25.91
N VAL M 69 -33.89 4.78 25.98
CA VAL M 69 -33.82 3.33 25.98
C VAL M 69 -34.55 2.81 27.17
N THR M 70 -34.33 3.46 28.32
CA THR M 70 -35.05 3.07 29.53
C THR M 70 -36.59 3.23 29.47
N ALA M 71 -37.05 4.35 28.95
CA ALA M 71 -38.46 4.52 28.69
C ALA M 71 -39.05 3.49 27.70
N LEU M 72 -38.33 3.24 26.60
CA LEU M 72 -38.71 2.16 25.68
C LEU M 72 -38.80 0.77 26.33
N LYS M 73 -38.02 0.54 27.39
CA LYS M 73 -38.12 -0.71 28.12
C LYS M 73 -39.29 -0.74 29.13
N ASP M 74 -39.43 0.33 29.92
CA ASP M 74 -40.47 0.40 30.96
C ASP M 74 -41.88 0.29 30.39
N SER M 75 -42.05 0.70 29.13
CA SER M 75 -43.36 0.65 28.44
C SER M 75 -43.88 -0.77 28.24
N ARG M 76 -42.96 -1.73 28.15
CA ARG M 76 -43.27 -3.15 27.94
C ARG M 76 -43.86 -3.38 26.57
N TRP M 77 -43.38 -2.59 25.63
CA TRP M 77 -43.74 -2.75 24.25
C TRP M 77 -42.50 -3.16 23.45
N PHE M 78 -41.34 -2.64 23.86
CA PHE M 78 -40.07 -2.77 23.12
C PHE M 78 -38.99 -3.49 23.94
N ILE M 79 -38.19 -4.29 23.25
CA ILE M 79 -36.93 -4.81 23.77
C ILE M 79 -35.84 -3.93 23.16
N PRO M 80 -34.99 -3.30 24.02
CA PRO M 80 -33.99 -2.46 23.43
C PRO M 80 -32.72 -3.22 23.23
N LEU M 81 -32.18 -3.13 22.03
CA LEU M 81 -30.95 -3.76 21.74
C LEU M 81 -29.85 -2.75 21.99
N GLU M 82 -28.75 -3.26 22.56
CA GLU M 82 -27.63 -2.41 22.99
C GLU M 82 -26.77 -2.01 21.79
N ARG M 83 -26.89 -0.72 21.43
CA ARG M 83 -26.04 -0.10 20.44
C ARG M 83 -25.25 1.13 20.96
N GLN M 84 -25.66 1.72 22.08
CA GLN M 84 -24.88 2.85 22.56
C GLN M 84 -23.45 2.39 22.84
N GLY M 85 -23.28 1.22 23.44
CA GLY M 85 -21.93 0.77 23.75
C GLY M 85 -21.47 -0.36 22.87
N LEU M 86 -21.75 -0.27 21.57
CA LEU M 86 -21.70 -1.47 20.69
C LEU M 86 -20.28 -1.96 20.58
N GLN M 87 -19.35 -1.02 20.68
CA GLN M 87 -17.94 -1.36 20.49
C GLN M 87 -17.44 -2.36 21.58
N ASN M 88 -17.84 -2.11 22.82
CA ASN M 88 -17.48 -2.96 23.94
C ASN M 88 -18.12 -4.34 23.83
N LEU M 89 -19.35 -4.35 23.33
CA LEU M 89 -20.04 -5.58 23.15
C LEU M 89 -19.27 -6.48 22.17
N LEU M 90 -18.79 -5.87 21.11
CA LEU M 90 -18.07 -6.61 20.06
C LEU M 90 -16.72 -7.10 20.59
N ASN M 91 -16.14 -6.31 21.48
CA ASN M 91 -14.87 -6.64 22.07
C ASN M 91 -15.00 -7.86 22.98
N GLU M 92 -15.99 -7.84 23.86
CA GLU M 92 -16.24 -9.01 24.71
C GLU M 92 -16.44 -10.26 23.86
N ARG M 93 -17.09 -10.09 22.70
CA ARG M 93 -17.38 -11.22 21.85
C ARG M 93 -16.10 -11.72 21.19
N LYS M 94 -15.17 -10.82 20.91
CA LYS M 94 -13.84 -11.23 20.44
C LYS M 94 -13.12 -12.06 21.50
N ILE M 95 -13.24 -11.64 22.77
CA ILE M 95 -12.52 -12.32 23.85
C ILE M 95 -13.11 -13.68 24.14
N ILE M 96 -14.46 -13.75 24.11
CA ILE M 96 -15.18 -15.01 24.18
C ILE M 96 -14.68 -15.96 23.11
N ARG M 97 -14.75 -15.54 21.85
CA ARG M 97 -14.39 -16.43 20.72
C ARG M 97 -12.92 -16.87 20.77
N ALA M 98 -12.08 -16.00 21.32
CA ALA M 98 -10.67 -16.33 21.47
C ALA M 98 -10.47 -17.33 22.61
N ALA M 99 -11.38 -17.29 23.59
CA ALA M 99 -11.32 -18.16 24.77
C ALA M 99 -11.62 -19.60 24.42
N GLN M 100 -12.72 -19.80 23.72
CA GLN M 100 -13.31 -21.12 23.60
C GLN M 100 -13.12 -21.77 22.22
N GLU M 101 -12.33 -21.14 21.38
CA GLU M 101 -12.10 -21.67 20.02
C GLU M 101 -11.33 -22.99 20.01
N ASN M 102 -10.57 -23.25 21.06
CA ASN M 102 -9.76 -24.48 21.12
C ASN M 102 -10.47 -25.64 21.79
N GLY M 103 -11.66 -25.42 22.30
CA GLY M 103 -12.40 -26.47 23.00
C GLY M 103 -11.70 -27.03 24.23
N THR M 104 -10.96 -26.17 24.93
CA THR M 104 -10.44 -26.54 26.23
C THR M 104 -11.32 -25.94 27.30
N VAL M 105 -12.03 -24.85 26.98
CA VAL M 105 -12.73 -24.07 28.04
C VAL M 105 -13.79 -24.93 28.70
N ALA M 106 -13.90 -24.79 30.03
CA ALA M 106 -14.71 -25.66 30.86
C ALA M 106 -16.19 -25.55 30.46
N ILE M 107 -16.84 -26.70 30.33
CA ILE M 107 -18.21 -26.77 29.82
C ILE M 107 -19.21 -25.92 30.65
N ASN M 108 -18.94 -25.79 31.94
CA ASN M 108 -19.75 -24.96 32.84
C ASN M 108 -19.53 -23.48 32.54
N ASN M 109 -18.30 -23.15 32.18
CA ASN M 109 -17.88 -21.77 31.96
C ASN M 109 -18.17 -21.26 30.54
N ARG M 110 -18.42 -22.20 29.62
CA ARG M 110 -18.58 -21.91 28.20
C ARG M 110 -19.68 -20.88 27.97
N ILE M 111 -19.42 -19.89 27.13
CA ILE M 111 -20.48 -18.95 26.70
C ILE M 111 -20.88 -19.18 25.25
N PRO M 112 -22.14 -19.55 25.01
CA PRO M 112 -22.58 -19.82 23.67
C PRO M 112 -22.88 -18.51 22.94
N LEU M 113 -22.35 -18.39 21.73
CA LEU M 113 -22.45 -17.17 20.96
C LEU M 113 -23.38 -17.30 19.76
N GLN M 114 -24.10 -16.22 19.54
CA GLN M 114 -25.17 -16.17 18.57
C GLN M 114 -25.11 -14.78 17.96
N SER M 115 -25.50 -14.67 16.70
CA SER M 115 -25.38 -13.43 15.93
C SER M 115 -26.12 -12.36 16.67
N LEU M 116 -25.77 -11.11 16.42
CA LEU M 116 -26.27 -10.05 17.30
C LEU M 116 -27.71 -9.80 16.93
N THR M 117 -28.61 -9.87 17.92
CA THR M 117 -30.05 -9.77 17.66
C THR M 117 -30.23 -8.47 16.99
N ALA M 118 -31.03 -8.47 15.91
CA ALA M 118 -31.16 -7.30 15.04
C ALA M 118 -32.51 -6.66 15.04
N ALA M 119 -32.50 -5.33 14.99
CA ALA M 119 -33.73 -4.55 15.19
C ALA M 119 -34.46 -4.34 13.90
N ASN M 120 -35.78 -4.12 13.96
CA ASN M 120 -36.53 -3.77 12.74
C ASN M 120 -36.78 -2.28 12.58
N ILE M 121 -37.22 -1.65 13.66
CA ILE M 121 -37.33 -0.20 13.66
C ILE M 121 -36.27 0.34 14.60
N MET M 122 -35.65 1.42 14.20
CA MET M 122 -34.84 2.10 15.12
C MET M 122 -35.43 3.50 15.33
N VAL M 123 -35.37 3.98 16.55
CA VAL M 123 -35.82 5.34 16.87
C VAL M 123 -34.70 6.28 17.34
N GLU M 124 -34.59 7.42 16.69
CA GLU M 124 -33.63 8.43 17.08
C GLU M 124 -34.32 9.75 17.22
N GLY M 125 -33.60 10.68 17.81
CA GLY M 125 -34.17 11.98 18.10
C GLY M 125 -33.10 12.93 18.67
N SER M 126 -33.56 14.00 19.31
CA SER M 126 -32.68 15.10 19.64
C SER M 126 -33.34 15.95 20.66
N ILE M 127 -32.56 16.49 21.56
CA ILE M 127 -33.09 17.53 22.44
C ILE M 127 -33.10 18.82 21.64
N ILE M 128 -34.28 19.21 21.18
CA ILE M 128 -34.46 20.38 20.32
C ILE M 128 -34.85 21.50 21.25
N GLY M 129 -33.85 22.29 21.61
CA GLY M 129 -34.13 23.53 22.33
C GLY M 129 -34.31 23.52 23.84
N TYR M 130 -33.62 24.47 24.45
CA TYR M 130 -33.85 24.82 25.84
C TYR M 130 -33.77 26.32 25.87
N GLU M 131 -34.92 26.95 25.99
CA GLU M 131 -34.97 28.39 26.20
C GLU M 131 -35.10 28.65 27.69
N SER M 132 -34.50 29.73 28.17
CA SER M 132 -34.40 29.96 29.60
C SER M 132 -35.11 31.25 30.01
N ASN M 133 -35.75 31.21 31.18
CA ASN M 133 -36.64 32.30 31.60
C ASN M 133 -37.62 32.71 30.49
N VAL M 134 -38.35 31.72 30.00
CA VAL M 134 -39.34 31.93 28.95
C VAL M 134 -40.44 32.79 29.56
N LYS M 135 -40.72 32.56 30.84
CA LYS M 135 -41.50 33.51 31.63
C LYS M 135 -40.89 33.73 33.00
N SER M 136 -41.23 34.87 33.61
CA SER M 136 -40.75 35.19 34.94
C SER M 136 -41.56 36.30 35.60
N GLY M 137 -41.54 36.33 36.92
CA GLY M 137 -42.29 37.34 37.67
C GLY M 137 -41.92 37.41 39.15
N GLY M 138 -42.47 38.40 39.84
CA GLY M 138 -42.20 38.58 41.26
C GLY M 138 -43.18 39.52 41.93
N VAL M 139 -43.51 39.21 43.18
CA VAL M 139 -44.43 40.03 43.95
C VAL M 139 -43.93 40.12 45.38
N GLY M 140 -43.80 41.35 45.88
CA GLY M 140 -43.32 41.59 47.23
C GLY M 140 -43.89 42.83 47.88
N ALA M 141 -44.03 42.79 49.19
CA ALA M 141 -44.41 43.98 49.94
C ALA M 141 -43.71 44.06 51.29
N ARG M 142 -43.32 45.28 51.65
CA ARG M 142 -42.83 45.52 52.99
C ARG M 142 -43.58 46.69 53.58
N TYR M 143 -43.82 46.62 54.89
CA TYR M 143 -44.66 47.60 55.59
C TYR M 143 -43.93 48.08 56.85
N GLY M 145 -41.92 47.68 58.59
CA GLY M 145 -40.96 46.81 59.27
C GLY M 145 -41.01 45.34 58.85
N ILE M 146 -42.17 44.88 58.35
CA ILE M 146 -42.40 43.45 58.05
C ILE M 146 -42.59 43.27 56.55
N GLY M 147 -41.98 42.24 55.97
CA GLY M 147 -42.04 42.07 54.53
C GLY M 147 -41.94 40.64 54.01
N ALA M 148 -42.48 40.43 52.81
CA ALA M 148 -42.32 39.15 52.14
C ALA M 148 -42.30 39.37 50.62
N ASP M 149 -41.89 38.33 49.91
CA ASP M 149 -41.85 38.38 48.46
C ASP M 149 -41.66 36.99 47.86
N THR M 150 -42.24 36.77 46.69
CA THR M 150 -41.89 35.61 45.89
C THR M 150 -41.44 36.03 44.52
N GLN M 151 -40.67 35.15 43.90
CA GLN M 151 -40.20 35.37 42.55
C GLN M 151 -40.19 34.04 41.84
N TYR M 152 -40.54 34.05 40.56
CA TYR M 152 -40.58 32.79 39.81
C TYR M 152 -40.04 32.94 38.42
N GLN M 153 -39.41 31.88 37.93
CA GLN M 153 -39.00 31.83 36.54
C GLN M 153 -39.36 30.47 35.98
N LEU M 154 -39.56 30.40 34.67
CA LEU M 154 -39.71 29.11 34.02
C LEU M 154 -39.08 29.02 32.64
N ASP M 155 -38.62 27.81 32.33
CA ASP M 155 -37.77 27.53 31.16
C ASP M 155 -38.46 26.48 30.32
N GLN M 156 -38.09 26.38 29.04
CA GLN M 156 -38.67 25.36 28.16
C GLN M 156 -37.65 24.30 27.74
N ILE M 157 -38.14 23.11 27.39
CA ILE M 157 -37.29 22.05 26.83
C ILE M 157 -38.12 21.17 25.89
N ALA M 158 -37.55 20.83 24.74
CA ALA M 158 -38.33 20.13 23.74
C ALA M 158 -37.52 18.99 23.21
N VAL M 159 -38.22 17.94 22.81
CA VAL M 159 -37.59 16.70 22.39
C VAL M 159 -38.27 16.18 21.13
N ASN M 160 -37.47 15.90 20.12
CA ASN M 160 -37.88 15.13 18.97
C ASN M 160 -37.53 13.63 19.19
N LEU M 161 -38.51 12.76 18.99
CA LEU M 161 -38.25 11.33 18.78
C LEU M 161 -38.88 10.90 17.47
N ARG M 162 -38.27 9.94 16.81
CA ARG M 162 -38.79 9.52 15.50
C ARG M 162 -38.42 8.13 15.11
N VAL M 163 -39.43 7.38 14.73
CA VAL M 163 -39.26 6.00 14.33
C VAL M 163 -38.85 5.95 12.87
N VAL M 164 -37.77 5.25 12.61
CA VAL M 164 -37.26 5.04 11.26
C VAL M 164 -37.34 3.59 10.93
N ASN M 165 -37.84 3.31 9.73
CA ASN M 165 -37.91 1.95 9.26
C ASN M 165 -36.57 1.51 8.64
N VAL M 166 -35.96 0.48 9.24
CA VAL M 166 -34.65 -0.02 8.82
C VAL M 166 -34.70 -0.47 7.38
N SER M 167 -35.82 -1.10 7.02
CA SER M 167 -35.95 -1.76 5.75
C SER M 167 -36.04 -0.76 4.59
N THR M 168 -36.29 0.52 4.89
CA THR M 168 -36.51 1.50 3.83
C THR M 168 -35.85 2.82 4.09
N GLY M 169 -35.84 3.22 5.34
CA GLY M 169 -35.34 4.55 5.63
C GLY M 169 -36.45 5.57 5.71
N GLU M 170 -37.65 5.18 5.29
CA GLU M 170 -38.85 5.97 5.58
C GLU M 170 -38.91 6.21 7.06
N ILE M 171 -39.07 7.46 7.44
CA ILE M 171 -39.44 7.74 8.81
C ILE M 171 -40.89 7.39 9.01
N LEU M 172 -41.19 6.56 10.01
CA LEU M 172 -42.55 6.03 10.17
C LEU M 172 -43.36 6.92 11.11
N SER M 173 -42.66 7.79 11.80
CA SER M 173 -43.29 8.64 12.79
C SER M 173 -42.30 9.65 13.32
N SER M 174 -42.72 10.91 13.36
CA SER M 174 -41.97 11.96 14.09
C SER M 174 -42.88 12.62 15.09
N VAL M 175 -42.34 12.86 16.27
CA VAL M 175 -43.12 13.50 17.34
C VAL M 175 -42.28 14.56 18.05
N ASN M 176 -42.94 15.62 18.48
CA ASN M 176 -42.28 16.75 19.07
C ASN M 176 -42.87 17.13 20.42
N THR M 177 -42.28 16.62 21.51
CA THR M 177 -42.79 16.92 22.86
C THR M 177 -42.06 18.09 23.53
N SER M 178 -42.70 18.68 24.53
CA SER M 178 -42.17 19.87 25.20
C SER M 178 -42.54 19.87 26.66
N LYS M 179 -41.74 20.55 27.46
CA LYS M 179 -41.95 20.54 28.90
C LYS M 179 -41.35 21.79 29.54
N THR M 180 -42.02 22.29 30.57
CA THR M 180 -41.62 23.52 31.23
C THR M 180 -40.97 23.25 32.60
N ILE M 181 -39.84 23.90 32.84
CA ILE M 181 -39.11 23.74 34.10
C ILE M 181 -39.37 24.92 35.04
N LEU M 182 -39.97 24.63 36.20
CA LEU M 182 -40.40 25.67 37.16
C LEU M 182 -39.36 25.96 38.25
N SER M 183 -39.20 27.24 38.57
CA SER M 183 -38.34 27.68 39.63
C SER M 183 -39.01 28.82 40.41
N TYR M 184 -38.85 28.81 41.73
CA TYR M 184 -39.37 29.89 42.55
C TYR M 184 -38.61 30.12 43.85
N GLU M 185 -38.74 31.36 44.35
CA GLU M 185 -38.06 31.81 45.56
C GLU M 185 -39.05 32.55 46.45
N VAL M 186 -39.34 31.97 47.61
CA VAL M 186 -40.17 32.61 48.61
C VAL M 186 -39.30 33.15 49.74
N GLN M 187 -39.65 34.34 50.22
CA GLN M 187 -38.84 35.01 51.25
C GLN M 187 -39.69 35.88 52.16
N ALA M 188 -39.41 35.83 53.46
CA ALA M 188 -40.10 36.68 54.42
C ALA M 188 -39.14 37.15 55.49
N GLY M 189 -39.28 38.41 55.89
CA GLY M 189 -38.40 38.99 56.90
C GLY M 189 -39.10 39.99 57.80
N VAL M 190 -38.78 39.93 59.09
CA VAL M 190 -39.32 40.87 60.06
C VAL M 190 -38.19 41.72 60.64
N PHE M 191 -38.43 43.03 60.74
CA PHE M 191 -37.37 43.98 61.09
C PHE M 191 -37.87 44.96 62.16
N LEU M 200 -34.10 43.92 66.43
CA LEU M 200 -34.74 42.67 66.02
C LEU M 200 -34.80 42.57 64.51
N GLU M 201 -34.03 41.63 63.97
CA GLU M 201 -34.24 41.15 62.61
C GLU M 201 -34.51 39.65 62.63
N GLY M 202 -35.34 39.19 61.71
CA GLY M 202 -35.55 37.75 61.51
C GLY M 202 -35.97 37.44 60.09
N GLU M 203 -35.25 36.52 59.44
CA GLU M 203 -35.50 36.20 58.04
C GLU M 203 -35.63 34.71 57.76
N VAL M 204 -36.66 34.37 56.97
CA VAL M 204 -36.83 33.02 56.44
C VAL M 204 -36.89 33.07 54.93
N GLY M 205 -36.17 32.14 54.31
CA GLY M 205 -36.13 32.06 52.85
C GLY M 205 -36.22 30.62 52.38
N TYR M 206 -36.78 30.42 51.19
CA TYR M 206 -36.83 29.11 50.57
C TYR M 206 -36.80 29.24 49.05
N THR M 207 -36.10 28.33 48.38
CA THR M 207 -36.03 28.35 46.91
C THR M 207 -36.12 26.94 46.33
N SER M 208 -36.87 26.80 45.24
CA SER M 208 -37.05 25.48 44.62
C SER M 208 -36.94 25.53 43.11
N ASN M 209 -36.07 24.68 42.57
CA ASN M 209 -35.93 24.46 41.13
C ASN M 209 -36.37 23.07 40.77
N GLU M 210 -37.10 22.96 39.67
CA GLU M 210 -37.36 21.64 39.09
C GLU M 210 -36.06 21.12 38.51
N PRO M 211 -35.82 19.80 38.65
CA PRO M 211 -34.64 19.25 38.00
C PRO M 211 -34.85 19.14 36.50
N VAL M 212 -33.94 19.75 35.75
CA VAL M 212 -33.98 19.73 34.29
C VAL M 212 -33.86 18.27 33.84
N MET M 213 -32.95 17.57 34.51
CA MET M 213 -32.82 16.10 34.49
C MET M 213 -34.14 15.35 34.42
N LEU M 214 -35.04 15.76 35.32
CA LEU M 214 -36.27 15.01 35.55
C LEU M 214 -37.36 15.43 34.54
N CYS M 215 -37.28 16.68 34.09
CA CYS M 215 -38.16 17.17 33.02
C CYS M 215 -37.83 16.55 31.66
N LEU M 216 -36.53 16.45 31.38
CA LEU M 216 -36.07 15.76 30.20
C LEU M 216 -36.66 14.34 30.21
N MET M 217 -36.55 13.66 31.35
CA MET M 217 -36.95 12.27 31.42
C MET M 217 -38.44 12.17 31.14
N SER M 218 -39.20 13.04 31.80
CA SER M 218 -40.66 13.05 31.67
C SER M 218 -41.06 13.20 30.21
N ALA M 219 -40.44 14.16 29.54
CA ALA M 219 -40.82 14.50 28.18
C ALA M 219 -40.49 13.36 27.21
N ILE M 220 -39.42 12.64 27.48
CA ILE M 220 -39.03 11.50 26.65
C ILE M 220 -40.04 10.36 26.78
N GLU M 221 -40.50 10.11 28.01
CA GLU M 221 -41.54 9.10 28.24
C GLU M 221 -42.79 9.43 27.44
N THR M 222 -43.25 10.67 27.58
CA THR M 222 -44.42 11.19 26.86
C THR M 222 -44.29 10.95 25.37
N GLY M 223 -43.13 11.31 24.84
CA GLY M 223 -42.81 11.05 23.43
C GLY M 223 -42.96 9.57 23.05
N VAL M 224 -42.52 8.68 23.94
CA VAL M 224 -42.56 7.26 23.64
C VAL M 224 -44.01 6.85 23.52
N ILE M 225 -44.86 7.35 24.41
CA ILE M 225 -46.29 7.04 24.38
C ILE M 225 -46.90 7.49 23.06
N PHE M 226 -46.71 8.75 22.70
CA PHE M 226 -47.20 9.30 21.43
C PHE M 226 -46.72 8.44 20.25
N LEU M 227 -45.51 7.87 20.35
CA LEU M 227 -44.97 7.03 19.27
C LEU M 227 -45.76 5.79 19.16
N ILE M 228 -46.03 5.18 20.31
CA ILE M 228 -46.71 3.89 20.33
C ILE M 228 -48.14 4.07 19.81
N ASN M 229 -48.81 5.08 20.33
CA ASN M 229 -50.17 5.38 19.92
C ASN M 229 -50.22 5.64 18.41
N ASP M 230 -49.27 6.42 17.91
CA ASP M 230 -49.18 6.77 16.49
C ASP M 230 -48.96 5.53 15.66
N GLY M 231 -48.11 4.63 16.16
CA GLY M 231 -47.87 3.38 15.49
C GLY M 231 -49.08 2.44 15.47
N ILE M 232 -49.85 2.47 16.54
CA ILE M 232 -51.12 1.71 16.61
C ILE M 232 -52.10 2.17 15.54
N ASP M 233 -52.34 3.48 15.47
CA ASP M 233 -53.18 4.09 14.42
C ASP M 233 -52.70 3.68 13.02
N ARG M 234 -51.40 3.82 12.75
CA ARG M 234 -50.87 3.64 11.40
C ARG M 234 -50.64 2.18 11.01
N GLY M 235 -50.91 1.27 11.93
CA GLY M 235 -50.74 -0.16 11.66
C GLY M 235 -49.29 -0.62 11.62
N LEU M 236 -48.42 -0.01 12.43
CA LEU M 236 -47.06 -0.57 12.67
C LEU M 236 -47.17 -1.80 13.56
N TRP M 237 -47.92 -1.67 14.65
CA TRP M 237 -48.08 -2.76 15.61
C TRP M 237 -49.55 -2.81 16.11
N ASP M 238 -49.92 -3.92 16.74
CA ASP M 238 -51.30 -4.16 17.13
C ASP M 238 -51.46 -4.54 18.60
N LEU M 239 -52.58 -4.14 19.19
CA LEU M 239 -52.87 -4.46 20.57
C LEU M 239 -53.28 -5.93 20.73
N GLN M 240 -52.91 -6.51 21.87
CA GLN M 240 -53.39 -7.83 22.26
C GLN M 240 -54.92 -7.83 22.26
N ASN M 241 -55.49 -6.93 23.04
CA ASN M 241 -56.95 -6.79 23.16
C ASN M 241 -57.43 -5.58 22.38
N LYS M 242 -58.14 -5.85 21.29
CA LYS M 242 -58.66 -4.76 20.45
C LYS M 242 -59.67 -3.95 21.24
N ALA M 243 -60.28 -4.62 22.23
CA ALA M 243 -61.22 -4.01 23.17
C ALA M 243 -60.53 -2.92 24.00
N GLU M 244 -59.20 -2.96 24.05
CA GLU M 244 -58.46 -2.01 24.88
C GLU M 244 -58.02 -0.79 24.10
N ARG M 245 -58.55 -0.63 22.88
CA ARG M 245 -58.31 0.61 22.09
C ARG M 245 -58.74 1.88 22.81
N GLN M 246 -59.83 1.80 23.58
CA GLN M 246 -60.35 2.99 24.27
C GLN M 246 -59.83 3.08 25.71
N ASN M 247 -58.71 2.42 25.97
CA ASN M 247 -57.93 2.62 27.20
C ASN M 247 -57.83 4.10 27.60
N ASP M 248 -57.97 4.39 28.89
CA ASP M 248 -57.98 5.77 29.39
C ASP M 248 -56.75 6.55 28.92
N ILE M 249 -55.60 5.91 29.04
CA ILE M 249 -54.33 6.52 28.72
C ILE M 249 -54.25 6.77 27.21
N LEU M 250 -54.54 5.74 26.44
CA LEU M 250 -54.47 5.83 24.98
C LEU M 250 -55.37 6.93 24.41
N VAL M 251 -56.58 7.08 24.98
CA VAL M 251 -57.52 8.10 24.52
C VAL M 251 -57.12 9.49 25.02
N LYS M 252 -56.38 9.54 26.12
CA LYS M 252 -55.85 10.79 26.63
C LYS M 252 -54.81 11.38 25.67
N TYR M 253 -53.89 10.52 25.22
CA TYR M 253 -52.82 10.94 24.30
C TYR M 253 -53.35 11.09 22.89
N ARG M 254 -54.36 10.31 22.54
CA ARG M 254 -55.05 10.47 21.28
C ARG M 254 -55.77 11.82 21.24
N HIS M 255 -56.20 12.28 22.41
CA HIS M 255 -56.87 13.59 22.52
C HIS M 255 -55.89 14.75 22.42
N MET M 256 -54.68 14.55 22.92
CA MET M 256 -53.66 15.60 22.82
C MET M 256 -53.22 15.85 21.36
N SER M 257 -53.39 14.83 20.51
CA SER M 257 -53.17 14.96 19.06
C SER M 257 -54.31 15.67 18.33
N LEU N 2 -38.52 16.23 53.01
CA LEU N 2 -38.40 17.32 51.99
C LEU N 2 -36.94 17.79 51.85
N THR N 3 -36.10 16.83 51.41
CA THR N 3 -34.76 17.07 50.89
C THR N 3 -34.48 16.16 49.68
N ALA N 4 -35.42 15.28 49.38
CA ALA N 4 -35.49 14.65 48.06
C ALA N 4 -36.00 15.70 47.06
N PRO N 5 -36.17 15.35 45.78
CA PRO N 5 -36.34 16.47 44.87
C PRO N 5 -37.75 17.07 44.91
N PRO N 6 -37.94 18.24 44.30
CA PRO N 6 -39.27 18.78 44.02
C PRO N 6 -39.92 18.11 42.83
N LYS N 7 -41.25 18.05 42.82
CA LYS N 7 -41.94 17.25 41.82
C LYS N 7 -42.27 18.11 40.63
N GLU N 8 -43.00 17.45 39.76
CA GLU N 8 -43.33 18.00 38.46
C GLU N 8 -44.17 19.26 38.56
N ALA N 9 -43.62 20.34 38.06
CA ALA N 9 -44.37 21.54 37.79
C ALA N 9 -44.78 21.60 36.30
N ALA N 10 -46.09 21.46 36.05
CA ALA N 10 -46.66 21.38 34.70
C ALA N 10 -46.58 19.97 34.15
N ARG N 11 -47.35 19.69 33.11
CA ARG N 11 -47.34 18.37 32.46
C ARG N 11 -46.51 18.44 31.18
N PRO N 12 -45.89 17.32 30.75
CA PRO N 12 -45.43 17.26 29.38
C PRO N 12 -46.60 17.35 28.39
N THR N 13 -46.65 18.44 27.65
CA THR N 13 -47.50 18.53 26.48
C THR N 13 -46.74 18.18 25.20
N LEU N 14 -47.42 17.84 24.11
CA LEU N 14 -46.70 17.82 22.84
C LEU N 14 -46.38 19.26 22.39
N MET N 15 -45.40 19.46 21.52
CA MET N 15 -44.73 20.76 21.42
C MET N 15 -45.67 21.84 20.83
N PRO N 16 -45.86 22.95 21.57
CA PRO N 16 -46.86 23.98 21.27
C PRO N 16 -46.58 24.73 19.98
N ARG N 17 -47.02 24.15 18.86
CA ARG N 17 -46.96 24.84 17.56
C ARG N 17 -48.25 25.62 17.36
N ALA N 18 -48.19 26.77 16.68
CA ALA N 18 -49.38 27.63 16.52
C ALA N 18 -49.85 27.72 15.06
N GLN N 19 -49.86 28.93 14.49
CA GLN N 19 -50.68 29.21 13.32
C GLN N 19 -50.13 28.53 12.07
N SER N 20 -48.83 28.74 11.86
CA SER N 20 -48.09 28.07 10.81
C SER N 20 -48.49 26.58 10.72
N TYR N 21 -48.45 25.90 11.87
CA TYR N 21 -48.83 24.49 11.96
C TYR N 21 -50.24 24.23 11.46
N LYS N 22 -51.19 25.03 11.93
CA LYS N 22 -52.59 24.84 11.57
C LYS N 22 -52.81 24.98 10.07
N ASP N 23 -52.14 25.95 9.47
CA ASP N 23 -52.17 26.12 8.02
C ASP N 23 -51.54 24.92 7.31
N LEU N 24 -50.40 24.49 7.84
CA LEU N 24 -49.60 23.44 7.22
C LEU N 24 -50.33 22.09 7.20
N THR N 25 -51.10 21.83 8.26
CA THR N 25 -51.82 20.55 8.40
C THR N 25 -53.06 20.49 7.50
N HIS N 26 -53.85 21.56 7.52
CA HIS N 26 -55.08 21.64 6.74
C HIS N 26 -54.84 22.07 5.28
N LEU N 27 -53.72 21.62 4.71
CA LEU N 27 -53.46 21.88 3.30
C LEU N 27 -54.10 20.78 2.46
N PRO N 28 -54.76 21.16 1.36
CA PRO N 28 -55.34 20.18 0.44
C PRO N 28 -54.32 19.19 -0.11
N ALA N 29 -54.61 17.89 -0.03
CA ALA N 29 -53.60 16.86 -0.31
C ALA N 29 -53.28 16.75 -1.82
N PRO N 30 -52.02 16.43 -2.16
CA PRO N 30 -51.60 16.15 -3.54
C PRO N 30 -52.06 14.78 -4.05
N THR N 31 -51.79 14.49 -5.32
CA THR N 31 -52.22 13.22 -5.93
C THR N 31 -51.48 12.01 -5.35
N GLY N 32 -50.26 12.22 -4.88
CA GLY N 32 -49.54 11.24 -4.07
C GLY N 32 -48.51 11.97 -3.24
N LYS N 33 -48.13 11.40 -2.10
CA LYS N 33 -47.09 12.02 -1.30
C LYS N 33 -45.74 11.98 -2.04
N ILE N 34 -44.88 12.95 -1.78
CA ILE N 34 -43.60 13.04 -2.47
C ILE N 34 -42.50 12.61 -1.49
N PHE N 35 -41.50 11.89 -2.02
CA PHE N 35 -40.36 11.40 -1.25
C PHE N 35 -39.32 12.48 -1.11
N VAL N 36 -38.93 12.80 0.12
CA VAL N 36 -37.99 13.89 0.34
C VAL N 36 -36.85 13.54 1.27
N SER N 37 -35.71 14.17 1.07
CA SER N 37 -34.54 13.91 1.88
C SER N 37 -34.14 15.22 2.53
N VAL N 38 -33.87 15.20 3.81
CA VAL N 38 -33.14 16.31 4.43
C VAL N 38 -31.84 15.81 5.10
N TYR N 39 -30.70 16.34 4.64
CA TYR N 39 -29.40 15.95 5.15
C TYR N 39 -29.04 16.85 6.32
N ASN N 40 -29.07 18.17 6.11
CA ASN N 40 -28.68 19.11 7.16
C ASN N 40 -29.04 20.57 6.90
N ILE N 41 -29.63 21.22 7.90
CA ILE N 41 -29.87 22.67 7.85
C ILE N 41 -29.06 23.32 8.97
N GLN N 42 -28.09 24.16 8.61
CA GLN N 42 -27.10 24.66 9.58
C GLN N 42 -27.54 25.94 10.28
N ASP N 43 -27.00 26.15 11.47
CA ASP N 43 -27.08 27.42 12.15
C ASP N 43 -26.06 28.37 11.53
N GLU N 44 -26.27 28.74 10.26
CA GLU N 44 -25.41 29.70 9.55
C GLU N 44 -25.51 31.19 10.09
N THR N 45 -26.08 31.33 11.30
CA THR N 45 -26.38 32.63 11.89
C THR N 45 -25.18 33.38 12.44
N GLY N 46 -24.27 32.67 13.09
CA GLY N 46 -22.97 33.24 13.49
C GLY N 46 -23.06 33.90 14.86
N GLN N 47 -24.08 33.54 15.60
CA GLN N 47 -24.41 34.37 16.69
C GLN N 47 -24.55 33.56 17.97
N PHE N 48 -24.02 34.16 19.02
CA PHE N 48 -24.10 33.60 20.37
C PHE N 48 -24.78 34.60 21.31
N LYS N 49 -25.11 34.09 22.48
CA LYS N 49 -25.73 34.91 23.50
C LYS N 49 -24.71 35.82 24.15
N PRO N 50 -25.16 37.02 24.54
CA PRO N 50 -24.30 37.97 25.22
C PRO N 50 -24.12 37.66 26.72
N TYR N 51 -23.14 38.35 27.33
CA TYR N 51 -23.01 38.30 28.76
C TYR N 51 -24.36 38.56 29.41
N PRO N 52 -24.72 37.78 30.44
CA PRO N 52 -23.93 36.76 31.15
C PRO N 52 -24.02 35.32 30.66
N ALA N 53 -24.49 35.10 29.43
CA ALA N 53 -24.55 33.74 28.92
C ALA N 53 -23.15 33.18 28.78
N SER N 54 -23.05 31.86 28.74
CA SER N 54 -21.78 31.27 28.38
C SER N 54 -21.37 31.82 27.01
N ASN N 55 -20.07 32.07 26.87
CA ASN N 55 -19.47 32.37 25.60
C ASN N 55 -19.94 31.45 24.44
N PHE N 56 -20.27 30.21 24.80
CA PHE N 56 -20.57 29.15 23.83
C PHE N 56 -22.05 28.90 23.62
N SER N 57 -22.91 29.63 24.32
CA SER N 57 -24.34 29.45 24.13
C SER N 57 -24.77 30.08 22.80
N THR N 58 -25.23 29.25 21.88
CA THR N 58 -25.65 29.76 20.60
C THR N 58 -26.94 30.56 20.72
N ALA N 59 -27.15 31.51 19.84
CA ALA N 59 -28.37 32.30 19.93
C ALA N 59 -29.58 31.53 19.41
N VAL N 60 -29.33 30.51 18.59
CA VAL N 60 -30.38 29.77 17.91
C VAL N 60 -30.14 28.28 18.11
N PRO N 61 -31.22 27.53 18.29
CA PRO N 61 -31.02 26.10 18.48
C PRO N 61 -30.49 25.41 17.24
N GLN N 62 -29.65 24.39 17.45
CA GLN N 62 -28.97 23.69 16.37
C GLN N 62 -29.83 22.54 15.89
N SER N 63 -31.14 22.73 15.89
CA SER N 63 -32.05 21.64 15.70
C SER N 63 -32.94 21.78 14.46
N ALA N 64 -32.64 22.78 13.63
CA ALA N 64 -33.49 23.14 12.50
C ALA N 64 -33.81 21.95 11.56
N THR N 65 -32.81 21.10 11.36
CA THR N 65 -32.93 19.95 10.47
C THR N 65 -34.14 19.11 10.83
N ALA N 66 -34.25 18.79 12.12
CA ALA N 66 -35.29 17.89 12.55
C ALA N 66 -36.63 18.58 12.47
N MET N 67 -36.63 19.90 12.71
CA MET N 67 -37.87 20.70 12.65
C MET N 67 -38.41 20.72 11.21
N LEU N 68 -37.48 20.81 10.26
CA LEU N 68 -37.87 20.80 8.85
C LEU N 68 -38.43 19.46 8.44
N VAL N 69 -37.77 18.37 8.86
CA VAL N 69 -38.24 17.03 8.54
C VAL N 69 -39.63 16.80 9.11
N THR N 70 -39.81 17.23 10.35
CA THR N 70 -41.12 17.15 11.00
C THR N 70 -42.19 17.97 10.29
N ALA N 71 -41.86 19.21 9.93
CA ALA N 71 -42.79 20.05 9.16
C ALA N 71 -43.14 19.45 7.79
N LEU N 72 -42.13 18.93 7.09
CA LEU N 72 -42.37 18.19 5.84
C LEU N 72 -43.31 16.98 6.01
N LYS N 73 -43.34 16.40 7.20
CA LYS N 73 -44.22 15.25 7.45
C LYS N 73 -45.62 15.68 7.81
N ASP N 74 -45.73 16.66 8.72
CA ASP N 74 -47.02 17.14 9.19
C ASP N 74 -47.88 17.70 8.04
N SER N 75 -47.24 18.20 6.99
CA SER N 75 -47.94 18.80 5.83
C SER N 75 -48.78 17.77 5.06
N ARG N 76 -48.42 16.49 5.17
CA ARG N 76 -49.11 15.39 4.49
C ARG N 76 -48.93 15.57 2.97
N TRP N 77 -47.78 16.09 2.57
CA TRP N 77 -47.39 16.15 1.18
C TRP N 77 -46.15 15.27 0.90
N PHE N 78 -45.28 15.18 1.90
CA PHE N 78 -43.97 14.52 1.77
C PHE N 78 -43.79 13.36 2.75
N ILE N 79 -43.13 12.29 2.27
CA ILE N 79 -42.56 11.25 3.13
C ILE N 79 -41.07 11.58 3.30
N PRO N 80 -40.62 11.76 4.56
CA PRO N 80 -39.22 12.08 4.70
C PRO N 80 -38.42 10.83 4.89
N LEU N 81 -37.33 10.74 4.13
CA LEU N 81 -36.44 9.62 4.23
C LEU N 81 -35.35 10.02 5.19
N GLU N 82 -34.98 9.05 6.05
CA GLU N 82 -34.00 9.27 7.13
C GLU N 82 -32.55 9.28 6.62
N ARG N 83 -32.00 10.49 6.57
CA ARG N 83 -30.62 10.70 6.20
C ARG N 83 -29.82 11.42 7.29
N GLN N 84 -30.48 12.14 8.20
CA GLN N 84 -29.71 12.76 9.29
C GLN N 84 -28.90 11.70 10.05
N GLY N 85 -29.49 10.54 10.33
CA GLY N 85 -28.75 9.51 11.05
C GLY N 85 -28.41 8.32 10.15
N LEU N 86 -28.01 8.59 8.90
CA LEU N 86 -27.93 7.54 7.89
C LEU N 86 -26.97 6.44 8.33
N GLN N 87 -25.92 6.83 9.04
CA GLN N 87 -24.87 5.90 9.39
C GLN N 87 -25.42 4.77 10.25
N ASN N 88 -26.28 5.13 11.19
CA ASN N 88 -26.85 4.14 12.12
C ASN N 88 -27.79 3.19 11.39
N LEU N 89 -28.45 3.73 10.39
CA LEU N 89 -29.41 2.97 9.63
C LEU N 89 -28.66 1.90 8.87
N LEU N 90 -27.52 2.29 8.33
CA LEU N 90 -26.68 1.34 7.55
C LEU N 90 -26.05 0.27 8.46
N ASN N 91 -25.78 0.67 9.70
CA ASN N 91 -25.24 -0.23 10.68
C ASN N 91 -26.25 -1.31 11.04
N GLU N 92 -27.47 -0.90 11.37
CA GLU N 92 -28.50 -1.86 11.74
C GLU N 92 -28.69 -2.85 10.61
N ARG N 93 -28.58 -2.34 9.39
CA ARG N 93 -28.77 -3.18 8.22
C ARG N 93 -27.62 -4.17 8.10
N LYS N 94 -26.42 -3.76 8.51
CA LYS N 94 -25.27 -4.69 8.54
C LYS N 94 -25.54 -5.81 9.53
N ILE N 95 -26.14 -5.43 10.67
CA ILE N 95 -26.35 -6.41 11.74
C ILE N 95 -27.42 -7.38 11.34
N ILE N 96 -28.46 -6.83 10.66
CA ILE N 96 -29.53 -7.63 10.10
C ILE N 96 -28.97 -8.67 9.15
N ARG N 97 -28.26 -8.19 8.15
CA ARG N 97 -27.73 -9.08 7.12
C ARG N 97 -26.79 -10.11 7.71
N ALA N 98 -26.08 -9.75 8.78
CA ALA N 98 -25.15 -10.67 9.41
C ALA N 98 -25.92 -11.71 10.21
N ALA N 99 -27.12 -11.33 10.68
CA ALA N 99 -28.01 -12.21 11.49
C ALA N 99 -28.63 -13.32 10.71
N GLN N 100 -29.19 -12.96 9.56
CA GLN N 100 -30.03 -13.89 8.80
C GLN N 100 -29.39 -14.48 7.51
N GLU N 101 -28.11 -14.23 7.29
CA GLU N 101 -27.43 -14.71 6.09
C GLU N 101 -27.29 -16.23 6.06
N ASN N 102 -27.32 -16.86 7.23
CA ASN N 102 -27.13 -18.31 7.30
C ASN N 102 -28.42 -19.09 7.29
N GLY N 103 -29.55 -18.39 7.27
CA GLY N 103 -30.85 -19.05 7.24
C GLY N 103 -31.09 -19.95 8.45
N THR N 104 -30.56 -19.54 9.59
CA THR N 104 -30.94 -20.17 10.84
C THR N 104 -32.00 -19.30 11.53
N VAL N 105 -32.02 -18.01 11.25
CA VAL N 105 -32.84 -17.08 12.07
C VAL N 105 -34.31 -17.44 11.92
N ALA N 106 -35.02 -17.35 13.04
CA ALA N 106 -36.40 -17.80 13.16
C ALA N 106 -37.31 -17.03 12.20
N ILE N 107 -38.17 -17.75 11.49
CA ILE N 107 -39.00 -17.18 10.43
C ILE N 107 -39.91 -16.05 10.94
N ASN N 108 -40.32 -16.13 12.20
CA ASN N 108 -41.11 -15.07 12.85
C ASN N 108 -40.27 -13.83 13.10
N ASN N 109 -39.01 -14.05 13.41
CA ASN N 109 -38.09 -12.99 13.79
C ASN N 109 -37.41 -12.32 12.60
N ARG N 110 -37.47 -12.99 11.44
CA ARG N 110 -36.76 -12.56 10.22
C ARG N 110 -37.14 -11.14 9.81
N ILE N 111 -36.15 -10.32 9.46
CA ILE N 111 -36.43 -8.97 8.94
C ILE N 111 -36.10 -8.90 7.48
N PRO N 112 -37.12 -8.66 6.63
CA PRO N 112 -36.88 -8.61 5.20
C PRO N 112 -36.27 -7.26 4.80
N LEU N 113 -35.19 -7.31 4.04
CA LEU N 113 -34.44 -6.12 3.67
C LEU N 113 -34.61 -5.74 2.22
N GLN N 114 -34.72 -4.44 2.03
CA GLN N 114 -35.08 -3.87 0.77
C GLN N 114 -34.22 -2.66 0.59
N SER N 115 -33.87 -2.36 -0.65
CA SER N 115 -32.92 -1.29 -0.94
C SER N 115 -33.44 0.00 -0.35
N LEU N 116 -32.54 0.94 -0.09
CA LEU N 116 -32.97 2.07 0.74
C LEU N 116 -33.81 2.95 -0.16
N THR N 117 -35.03 3.27 0.28
CA THR N 117 -35.96 4.06 -0.52
C THR N 117 -35.25 5.35 -0.81
N ALA N 118 -35.33 5.77 -2.08
CA ALA N 118 -34.53 6.89 -2.57
C ALA N 118 -35.37 8.08 -2.98
N ALA N 119 -34.85 9.26 -2.71
CA ALA N 119 -35.63 10.50 -2.83
C ALA N 119 -35.45 11.09 -4.20
N ASN N 120 -36.44 11.86 -4.66
CA ASN N 120 -36.28 12.55 -5.94
C ASN N 120 -35.86 13.99 -5.79
N ILE N 121 -36.53 14.69 -4.88
CA ILE N 121 -36.10 16.05 -4.57
C ILE N 121 -35.55 16.02 -3.16
N MET N 122 -34.49 16.78 -2.94
CA MET N 122 -34.05 16.98 -1.59
C MET N 122 -34.10 18.47 -1.33
N VAL N 123 -34.44 18.81 -0.10
CA VAL N 123 -34.49 20.21 0.30
C VAL N 123 -33.54 20.50 1.44
N GLU N 124 -32.70 21.51 1.24
CA GLU N 124 -31.80 21.95 2.28
C GLU N 124 -31.95 23.42 2.46
N GLY N 125 -31.32 23.92 3.51
CA GLY N 125 -31.41 25.32 3.86
C GLY N 125 -30.51 25.69 5.01
N SER N 126 -30.78 26.82 5.64
CA SER N 126 -29.89 27.35 6.64
C SER N 126 -30.65 28.33 7.48
N ILE N 127 -30.29 28.42 8.74
CA ILE N 127 -30.73 29.55 9.53
C ILE N 127 -29.84 30.74 9.18
N ILE N 128 -30.37 31.63 8.36
CA ILE N 128 -29.67 32.82 7.88
C ILE N 128 -30.06 33.91 8.85
N GLY N 129 -29.17 34.14 9.79
CA GLY N 129 -29.29 35.34 10.61
C GLY N 129 -30.18 35.32 11.84
N TYR N 130 -29.63 35.87 12.91
CA TYR N 130 -30.40 36.22 14.11
C TYR N 130 -29.81 37.53 14.57
N GLU N 131 -30.53 38.61 14.32
CA GLU N 131 -30.13 39.91 14.86
C GLU N 131 -30.90 40.15 16.14
N SER N 132 -30.25 40.79 17.10
CA SER N 132 -30.82 40.88 18.45
C SER N 132 -31.10 42.33 18.83
N ASN N 133 -32.23 42.53 19.53
CA ASN N 133 -32.73 43.87 19.83
C ASN N 133 -32.80 44.73 18.58
N VAL N 134 -33.49 44.21 17.57
CA VAL N 134 -33.62 44.88 16.29
C VAL N 134 -34.49 46.10 16.55
N LYS N 135 -35.45 45.97 17.48
CA LYS N 135 -36.09 47.13 18.09
C LYS N 135 -36.21 46.96 19.60
N SER N 136 -36.39 48.09 20.28
CA SER N 136 -36.56 48.10 21.71
C SER N 136 -37.14 49.42 22.19
N GLY N 137 -37.77 49.38 23.36
CA GLY N 137 -38.33 50.60 23.94
C GLY N 137 -38.77 50.43 25.38
N GLY N 138 -39.16 51.54 26.00
CA GLY N 138 -39.58 51.51 27.39
C GLY N 138 -40.32 52.77 27.79
N VAL N 139 -41.32 52.60 28.66
CA VAL N 139 -42.09 53.73 29.19
C VAL N 139 -42.37 53.53 30.68
N GLY N 140 -41.98 54.52 31.48
CA GLY N 140 -42.10 54.44 32.93
C GLY N 140 -42.28 55.77 33.62
N ALA N 141 -43.10 55.79 34.66
CA ALA N 141 -43.38 57.01 35.39
C ALA N 141 -43.56 56.73 36.88
N ARG N 142 -42.99 57.61 37.69
CA ARG N 142 -43.19 57.55 39.12
C ARG N 142 -43.63 58.92 39.61
N TYR N 143 -44.52 58.92 40.61
CA TYR N 143 -45.18 60.13 41.09
C TYR N 143 -45.10 60.24 42.62
N GLY N 145 -44.60 58.85 44.88
CA GLY N 145 -44.47 57.61 45.65
C GLY N 145 -44.87 56.34 44.91
N ILE N 146 -45.68 56.48 43.86
CA ILE N 146 -46.23 55.33 43.11
C ILE N 146 -45.66 55.31 41.69
N GLY N 147 -45.29 54.13 41.19
CA GLY N 147 -44.67 54.06 39.86
C GLY N 147 -44.88 52.76 39.09
N ALA N 148 -44.77 52.87 37.77
CA ALA N 148 -44.81 51.69 36.91
C ALA N 148 -43.92 51.90 35.70
N ASP N 149 -43.64 50.82 34.98
CA ASP N 149 -42.88 50.89 33.75
C ASP N 149 -43.01 49.60 32.94
N THR N 150 -42.98 49.73 31.63
CA THR N 150 -42.77 48.56 30.77
C THR N 150 -41.53 48.78 29.91
N GLN N 151 -40.94 47.67 29.50
CA GLN N 151 -39.85 47.69 28.57
C GLN N 151 -40.06 46.55 27.59
N TYR N 152 -39.69 46.76 26.33
CA TYR N 152 -39.77 45.69 25.36
C TYR N 152 -38.54 45.62 24.46
N GLN N 153 -38.19 44.40 24.07
CA GLN N 153 -37.24 44.24 23.00
C GLN N 153 -37.74 43.22 21.97
N LEU N 154 -37.25 43.32 20.74
CA LEU N 154 -37.51 42.28 19.76
C LEU N 154 -36.32 41.99 18.83
N ASP N 155 -36.25 40.71 18.43
CA ASP N 155 -35.12 40.15 17.70
C ASP N 155 -35.62 39.54 16.41
N GLN N 156 -34.71 39.33 15.45
CA GLN N 156 -35.10 38.76 14.16
C GLN N 156 -34.45 37.39 13.91
N ILE N 157 -35.08 36.58 13.07
CA ILE N 157 -34.54 35.28 12.70
C ILE N 157 -35.03 34.96 11.29
N ALA N 158 -34.14 34.43 10.47
CA ALA N 158 -34.51 34.17 9.09
C ALA N 158 -34.07 32.81 8.70
N VAL N 159 -34.80 32.21 7.78
CA VAL N 159 -34.54 30.85 7.37
C VAL N 159 -34.62 30.73 5.85
N ASN N 160 -33.59 30.14 5.26
CA ASN N 160 -33.63 29.72 3.87
C ASN N 160 -34.01 28.24 3.81
N LEU N 161 -35.01 27.91 2.98
CA LEU N 161 -35.22 26.53 2.51
C LEU N 161 -35.24 26.46 1.00
N ARG N 162 -34.73 25.39 0.45
CA ARG N 162 -34.62 25.32 -1.01
C ARG N 162 -34.65 23.90 -1.55
N VAL N 163 -35.49 23.70 -2.57
CA VAL N 163 -35.69 22.40 -3.21
C VAL N 163 -34.66 22.24 -4.31
N VAL N 164 -33.88 21.17 -4.21
CA VAL N 164 -32.85 20.83 -5.21
C VAL N 164 -33.22 19.57 -5.92
N ASN N 165 -33.09 19.58 -7.24
CA ASN N 165 -33.48 18.43 -8.01
C ASN N 165 -32.32 17.46 -8.07
N VAL N 166 -32.54 16.23 -7.58
CA VAL N 166 -31.47 15.22 -7.50
C VAL N 166 -30.95 14.87 -8.88
N SER N 167 -31.86 14.83 -9.83
CA SER N 167 -31.54 14.37 -11.17
C SER N 167 -30.68 15.36 -11.96
N THR N 168 -30.55 16.61 -11.48
CA THR N 168 -29.78 17.64 -12.18
C THR N 168 -28.86 18.48 -11.29
N GLY N 169 -29.31 18.75 -10.08
CA GLY N 169 -28.65 19.73 -9.29
C GLY N 169 -29.24 21.12 -9.44
N GLU N 170 -30.13 21.30 -10.42
CA GLU N 170 -30.92 22.54 -10.51
C GLU N 170 -31.65 22.74 -9.20
N ILE N 171 -31.50 23.92 -8.61
CA ILE N 171 -32.39 24.30 -7.53
C ILE N 171 -33.77 24.61 -8.11
N LEU N 172 -34.81 23.95 -7.60
CA LEU N 172 -36.13 24.10 -8.18
C LEU N 172 -36.94 25.15 -7.44
N SER N 173 -36.42 25.58 -6.29
CA SER N 173 -37.08 26.62 -5.54
C SER N 173 -36.17 27.07 -4.40
N SER N 174 -36.05 28.38 -4.23
CA SER N 174 -35.49 28.96 -2.99
C SER N 174 -36.47 29.93 -2.33
N VAL N 175 -36.60 29.82 -1.01
CA VAL N 175 -37.50 30.69 -0.25
C VAL N 175 -36.83 31.22 1.02
N ASN N 176 -37.16 32.45 1.38
CA ASN N 176 -36.50 33.15 2.49
C ASN N 176 -37.51 33.67 3.49
N THR N 177 -37.78 32.92 4.56
CA THR N 177 -38.76 33.35 5.56
C THR N 177 -38.09 34.03 6.76
N SER N 178 -38.88 34.82 7.50
CA SER N 178 -38.36 35.62 8.62
C SER N 178 -39.40 35.72 9.73
N LYS N 179 -38.93 35.91 10.95
CA LYS N 179 -39.81 35.92 12.08
C LYS N 179 -39.21 36.74 13.22
N THR N 180 -40.09 37.40 13.96
CA THR N 180 -39.67 38.29 15.03
C THR N 180 -39.94 37.68 16.42
N ILE N 181 -38.93 37.73 17.28
CA ILE N 181 -39.05 37.22 18.65
C ILE N 181 -39.32 38.37 19.62
N LEU N 182 -40.51 38.34 20.26
CA LEU N 182 -40.92 39.37 21.21
C LEU N 182 -40.54 39.11 22.69
N SER N 183 -40.12 40.17 23.37
CA SER N 183 -39.85 40.12 24.82
C SER N 183 -40.34 41.41 25.48
N TYR N 184 -40.92 41.28 26.68
CA TYR N 184 -41.35 42.45 27.44
C TYR N 184 -41.33 42.26 28.95
N GLU N 185 -41.19 43.38 29.65
CA GLU N 185 -41.12 43.42 31.11
C GLU N 185 -42.01 44.51 31.67
N VAL N 186 -43.05 44.09 32.38
CA VAL N 186 -43.97 45.00 33.06
C VAL N 186 -43.66 45.04 34.56
N GLN N 187 -43.70 46.24 35.15
CA GLN N 187 -43.33 46.41 36.54
C GLN N 187 -44.10 47.54 37.18
N ALA N 188 -44.54 47.32 38.41
CA ALA N 188 -45.22 48.37 39.18
C ALA N 188 -44.81 48.31 40.64
N GLY N 189 -44.63 49.48 41.25
CA GLY N 189 -44.22 49.54 42.65
C GLY N 189 -44.83 50.72 43.39
N VAL N 190 -45.25 50.49 44.64
CA VAL N 190 -45.79 51.55 45.47
C VAL N 190 -44.85 51.78 46.66
N PHE N 191 -44.58 53.04 46.95
CA PHE N 191 -43.55 53.40 47.94
C PHE N 191 -44.04 54.47 48.93
N LEU N 200 -43.64 51.86 53.94
CA LEU N 200 -44.38 50.98 53.04
C LEU N 200 -43.72 50.92 51.66
N GLU N 201 -43.21 49.75 51.29
CA GLU N 201 -42.92 49.43 49.90
C GLU N 201 -43.71 48.22 49.44
N GLY N 202 -44.09 48.18 48.17
CA GLY N 202 -44.73 47.02 47.57
C GLY N 202 -44.49 46.97 46.07
N GLU N 203 -43.99 45.84 45.58
CA GLU N 203 -43.63 45.71 44.16
C GLU N 203 -44.19 44.45 43.48
N VAL N 204 -44.69 44.65 42.26
CA VAL N 204 -45.12 43.56 41.38
C VAL N 204 -44.37 43.67 40.06
N GLY N 205 -43.89 42.53 39.58
CA GLY N 205 -43.19 42.47 38.30
C GLY N 205 -43.58 41.25 37.48
N TYR N 206 -43.52 41.39 36.15
CA TYR N 206 -43.79 40.28 35.24
C TYR N 206 -42.93 40.43 33.98
N THR N 207 -42.41 39.33 33.47
CA THR N 207 -41.61 39.36 32.23
C THR N 207 -41.97 38.18 31.32
N SER N 208 -42.09 38.46 30.03
CA SER N 208 -42.39 37.41 29.06
C SER N 208 -41.47 37.44 27.82
N ASN N 209 -40.83 36.30 27.53
CA ASN N 209 -40.05 36.11 26.32
C ASN N 209 -40.71 35.08 25.42
N GLU N 210 -40.73 35.35 24.13
CA GLU N 210 -41.03 34.31 23.15
C GLU N 210 -39.88 33.29 23.11
N PRO N 211 -40.21 32.00 23.00
CA PRO N 211 -39.17 31.00 22.78
C PRO N 211 -38.59 31.07 21.36
N VAL N 212 -37.28 31.21 21.27
CA VAL N 212 -36.61 31.32 19.98
C VAL N 212 -36.85 30.01 19.26
N MET N 213 -36.71 28.94 20.04
CA MET N 213 -37.07 27.57 19.69
C MET N 213 -38.36 27.49 18.84
N LEU N 214 -39.38 28.21 19.31
CA LEU N 214 -40.72 28.08 18.79
C LEU N 214 -40.88 28.96 17.55
N CYS N 215 -40.13 30.06 17.52
CA CYS N 215 -40.15 30.97 16.37
C CYS N 215 -39.47 30.32 15.18
N LEU N 216 -38.34 29.66 15.46
CA LEU N 216 -37.64 28.92 14.45
C LEU N 216 -38.62 27.94 13.83
N MET N 217 -39.33 27.21 14.70
CA MET N 217 -40.19 26.12 14.24
C MET N 217 -41.28 26.69 13.35
N SER N 218 -41.88 27.80 13.81
CA SER N 218 -42.93 28.49 13.06
C SER N 218 -42.45 28.88 11.68
N ALA N 219 -41.29 29.53 11.61
CA ALA N 219 -40.76 30.05 10.35
C ALA N 219 -40.42 28.94 9.35
N ILE N 220 -39.98 27.80 9.88
CA ILE N 220 -39.69 26.65 9.02
C ILE N 220 -40.97 26.09 8.39
N GLU N 221 -42.04 26.01 9.19
CA GLU N 221 -43.35 25.55 8.69
C GLU N 221 -43.86 26.44 7.55
N THR N 222 -43.85 27.74 7.82
CA THR N 222 -44.16 28.76 6.82
C THR N 222 -43.37 28.55 5.52
N GLY N 223 -42.05 28.37 5.66
CA GLY N 223 -41.18 28.07 4.51
C GLY N 223 -41.63 26.84 3.73
N VAL N 224 -42.07 25.80 4.44
CA VAL N 224 -42.49 24.59 3.79
C VAL N 224 -43.73 24.86 2.95
N ILE N 225 -44.64 25.65 3.50
CA ILE N 225 -45.86 26.01 2.76
C ILE N 225 -45.52 26.76 1.48
N PHE N 226 -44.71 27.83 1.59
CA PHE N 226 -44.27 28.60 0.42
C PHE N 226 -43.59 27.70 -0.63
N LEU N 227 -42.86 26.69 -0.17
CA LEU N 227 -42.23 25.75 -1.07
C LEU N 227 -43.26 24.93 -1.83
N ILE N 228 -44.28 24.43 -1.12
CA ILE N 228 -45.30 23.60 -1.75
C ILE N 228 -46.06 24.43 -2.76
N ASN N 229 -46.47 25.62 -2.35
CA ASN N 229 -47.25 26.50 -3.21
C ASN N 229 -46.45 26.83 -4.46
N ASP N 230 -45.16 27.12 -4.26
CA ASP N 230 -44.26 27.45 -5.37
C ASP N 230 -44.14 26.27 -6.32
N GLY N 231 -44.07 25.09 -5.76
CA GLY N 231 -43.97 23.88 -6.57
C GLY N 231 -45.24 23.56 -7.34
N ILE N 232 -46.38 23.90 -6.74
CA ILE N 232 -47.68 23.81 -7.43
C ILE N 232 -47.72 24.71 -8.65
N ASP N 233 -47.37 25.99 -8.47
CA ASP N 233 -47.29 26.97 -9.57
C ASP N 233 -46.35 26.50 -10.69
N ARG N 234 -45.14 26.05 -10.33
CA ARG N 234 -44.13 25.68 -11.32
C ARG N 234 -44.30 24.29 -11.94
N GLY N 235 -45.31 23.54 -11.49
CA GLY N 235 -45.59 22.21 -12.03
C GLY N 235 -44.62 21.13 -11.56
N LEU N 236 -44.12 21.25 -10.32
CA LEU N 236 -43.38 20.14 -9.71
C LEU N 236 -44.37 19.05 -9.32
N TRP N 237 -45.45 19.45 -8.65
CA TRP N 237 -46.46 18.50 -8.18
C TRP N 237 -47.87 19.08 -8.38
N ASP N 238 -48.87 18.22 -8.28
CA ASP N 238 -50.26 18.60 -8.60
C ASP N 238 -51.27 18.24 -7.50
N LEU N 239 -52.31 19.07 -7.39
CA LEU N 239 -53.34 18.89 -6.38
C LEU N 239 -54.27 17.76 -6.79
N GLN N 240 -54.75 17.01 -5.80
CA GLN N 240 -55.81 16.04 -6.01
C GLN N 240 -57.02 16.73 -6.67
N ASN N 241 -57.52 17.76 -6.01
CA ASN N 241 -58.66 18.53 -6.49
C ASN N 241 -58.20 19.86 -7.05
N LYS N 242 -58.31 20.00 -8.38
CA LYS N 242 -57.91 21.25 -9.05
C LYS N 242 -58.81 22.40 -8.60
N ALA N 243 -60.03 22.02 -8.19
CA ALA N 243 -61.00 22.94 -7.60
C ALA N 243 -60.49 23.55 -6.31
N GLU N 244 -59.50 22.92 -5.68
CA GLU N 244 -58.98 23.39 -4.40
C GLU N 244 -57.82 24.36 -4.57
N ARG N 245 -57.56 24.80 -5.81
CA ARG N 245 -56.51 25.79 -6.06
C ARG N 245 -56.74 27.08 -5.26
N GLN N 246 -58.00 27.48 -5.11
CA GLN N 246 -58.32 28.74 -4.42
C GLN N 246 -58.60 28.51 -2.94
N ASN N 247 -58.11 27.39 -2.41
CA ASN N 247 -58.02 27.18 -0.97
C ASN N 247 -57.61 28.45 -0.20
N ASP N 248 -58.25 28.72 0.93
CA ASP N 248 -57.98 29.92 1.74
C ASP N 248 -56.49 30.07 2.05
N ILE N 249 -55.89 28.97 2.49
CA ILE N 249 -54.50 28.96 2.93
C ILE N 249 -53.59 29.24 1.72
N LEU N 250 -53.83 28.49 0.64
CA LEU N 250 -53.00 28.60 -0.56
C LEU N 250 -53.02 30.01 -1.16
N VAL N 251 -54.19 30.66 -1.14
CA VAL N 251 -54.31 32.02 -1.66
C VAL N 251 -53.75 33.05 -0.69
N LYS N 252 -53.72 32.71 0.59
CA LYS N 252 -53.09 33.57 1.59
C LYS N 252 -51.57 33.66 1.35
N TYR N 253 -50.95 32.52 1.14
CA TYR N 253 -49.50 32.46 0.92
C TYR N 253 -49.14 32.91 -0.48
N ARG N 254 -50.03 32.63 -1.42
CA ARG N 254 -49.92 33.18 -2.77
C ARG N 254 -49.89 34.72 -2.70
N HIS N 255 -50.70 35.28 -1.80
CA HIS N 255 -50.80 36.74 -1.64
C HIS N 255 -49.57 37.34 -1.01
N MET N 256 -48.93 36.58 -0.12
CA MET N 256 -47.69 37.07 0.50
C MET N 256 -46.51 37.16 -0.51
N SER N 257 -46.58 36.37 -1.59
CA SER N 257 -45.57 36.40 -2.67
C SER N 257 -45.71 37.58 -3.62
N LEU O 2 -50.88 29.54 33.07
CA LEU O 2 -49.81 30.38 32.44
C LEU O 2 -48.43 30.08 33.05
N THR O 3 -48.01 28.83 32.83
CA THR O 3 -46.63 28.37 32.99
C THR O 3 -46.26 27.40 31.85
N ALA O 4 -47.23 27.08 31.01
CA ALA O 4 -46.96 26.59 29.65
C ALA O 4 -46.46 27.79 28.80
N PRO O 5 -46.27 27.59 27.49
CA PRO O 5 -45.48 28.66 26.90
C PRO O 5 -46.31 29.90 26.54
N PRO O 6 -45.64 31.03 26.20
CA PRO O 6 -46.31 32.17 25.58
C PRO O 6 -46.58 31.95 24.10
N LYS O 7 -47.63 32.59 23.58
CA LYS O 7 -48.05 32.32 22.22
C LYS O 7 -47.48 33.32 21.23
N GLU O 8 -47.66 33.01 19.94
CA GLU O 8 -46.98 33.73 18.85
C GLU O 8 -47.34 35.20 18.75
N ALA O 9 -46.33 36.04 18.93
CA ALA O 9 -46.43 37.47 18.68
C ALA O 9 -45.82 37.77 17.30
N ALA O 10 -46.68 38.15 16.37
CA ALA O 10 -46.34 38.38 14.95
C ALA O 10 -46.35 37.07 14.18
N ARG O 11 -46.49 37.18 12.86
CA ARG O 11 -46.57 36.02 11.97
C ARG O 11 -45.24 35.86 11.24
N PRO O 12 -44.88 34.63 10.86
CA PRO O 12 -43.78 34.48 9.92
C PRO O 12 -44.17 35.07 8.58
N THR O 13 -43.52 36.16 8.21
CA THR O 13 -43.59 36.66 6.84
C THR O 13 -42.46 36.08 6.00
N LEU O 14 -42.57 36.12 4.68
CA LEU O 14 -41.37 35.83 3.89
C LEU O 14 -40.43 37.04 3.96
N MET O 15 -39.14 36.84 3.73
CA MET O 15 -38.10 37.72 4.30
C MET O 15 -38.14 39.12 3.67
N PRO O 16 -38.24 40.17 4.51
CA PRO O 16 -38.49 41.55 4.10
C PRO O 16 -37.34 42.17 3.31
N ARG O 17 -37.30 41.89 2.01
CA ARG O 17 -36.37 42.53 1.09
C ARG O 17 -37.00 43.82 0.54
N ALA O 18 -36.19 44.85 0.28
CA ALA O 18 -36.72 46.15 -0.16
C ALA O 18 -36.33 46.51 -1.60
N GLN O 19 -35.59 47.61 -1.77
CA GLN O 19 -35.50 48.27 -3.07
C GLN O 19 -34.69 47.45 -4.07
N SER O 20 -33.50 47.05 -3.62
CA SER O 20 -32.63 46.17 -4.38
C SER O 20 -33.43 45.03 -5.00
N TYR O 21 -34.23 44.36 -4.17
CA TYR O 21 -35.10 43.27 -4.62
C TYR O 21 -36.06 43.69 -5.76
N LYS O 22 -36.75 44.80 -5.55
CA LYS O 22 -37.70 45.28 -6.54
C LYS O 22 -37.04 45.53 -7.88
N ASP O 23 -35.86 46.14 -7.85
CA ASP O 23 -35.09 46.38 -9.07
C ASP O 23 -34.72 45.05 -9.70
N LEU O 24 -34.25 44.13 -8.86
CA LEU O 24 -33.68 42.87 -9.32
C LEU O 24 -34.74 41.99 -10.00
N THR O 25 -35.97 42.07 -9.50
CA THR O 25 -37.07 41.25 -10.03
C THR O 25 -37.60 41.78 -11.36
N HIS O 26 -37.82 43.10 -11.42
CA HIS O 26 -38.35 43.75 -12.61
C HIS O 26 -37.23 44.10 -13.61
N LEU O 27 -36.25 43.22 -13.74
CA LEU O 27 -35.23 43.36 -14.78
C LEU O 27 -35.65 42.67 -16.07
N PRO O 28 -35.41 43.33 -17.22
CA PRO O 28 -35.86 42.79 -18.51
C PRO O 28 -35.17 41.49 -18.80
N ALA O 29 -35.93 40.46 -19.19
CA ALA O 29 -35.39 39.11 -19.26
C ALA O 29 -34.43 38.91 -20.46
N PRO O 30 -33.42 38.05 -20.28
CA PRO O 30 -32.47 37.68 -21.34
C PRO O 30 -33.08 36.68 -22.35
N THR O 31 -32.33 36.36 -23.40
CA THR O 31 -32.82 35.43 -24.45
C THR O 31 -32.99 34.01 -23.95
N GLY O 32 -32.21 33.65 -22.93
CA GLY O 32 -32.42 32.42 -22.18
C GLY O 32 -31.78 32.57 -20.81
N LYS O 33 -32.26 31.83 -19.81
CA LYS O 33 -31.63 31.90 -18.50
C LYS O 33 -30.23 31.28 -18.57
N ILE O 34 -29.32 31.76 -17.72
CA ILE O 34 -27.94 31.29 -17.73
C ILE O 34 -27.74 30.39 -16.50
N PHE O 35 -26.98 29.32 -16.72
CA PHE O 35 -26.69 28.34 -15.68
C PHE O 35 -25.55 28.87 -14.82
N VAL O 36 -25.75 28.91 -13.51
CA VAL O 36 -24.71 29.42 -12.63
C VAL O 36 -24.41 28.50 -11.43
N SER O 37 -23.18 28.55 -10.94
CA SER O 37 -22.78 27.77 -9.78
C SER O 37 -22.27 28.70 -8.71
N VAL O 38 -22.73 28.51 -7.48
CA VAL O 38 -22.09 29.20 -6.36
C VAL O 38 -21.60 28.15 -5.38
N TYR O 39 -20.28 28.14 -5.14
CA TYR O 39 -19.67 27.19 -4.22
C TYR O 39 -19.65 27.79 -2.80
N ASN O 40 -19.12 29.00 -2.65
CA ASN O 40 -19.00 29.61 -1.34
C ASN O 40 -18.63 31.08 -1.36
N ILE O 41 -19.35 31.89 -0.58
CA ILE O 41 -18.95 33.27 -0.31
C ILE O 41 -18.64 33.45 1.19
N GLN O 42 -17.39 33.76 1.51
CA GLN O 42 -16.92 33.72 2.91
C GLN O 42 -17.10 35.04 3.64
N ASP O 43 -17.13 34.94 4.97
CA ASP O 43 -17.14 36.12 5.85
C ASP O 43 -15.75 36.61 6.04
N GLU O 44 -15.15 37.08 4.94
CA GLU O 44 -13.75 37.52 4.94
C GLU O 44 -13.54 38.82 5.79
N THR O 45 -14.52 39.14 6.66
CA THR O 45 -14.60 40.44 7.34
C THR O 45 -13.69 40.55 8.55
N GLY O 46 -13.59 39.48 9.32
CA GLY O 46 -12.55 39.39 10.36
C GLY O 46 -13.06 39.97 11.66
N GLN O 47 -14.36 40.05 11.78
CA GLN O 47 -14.87 40.88 12.78
C GLN O 47 -15.93 40.18 13.62
N PHE O 48 -15.86 40.46 14.92
CA PHE O 48 -16.80 39.93 15.87
C PHE O 48 -17.47 41.06 16.64
N LYS O 49 -18.52 40.68 17.37
CA LYS O 49 -19.28 41.63 18.16
C LYS O 49 -18.52 41.96 19.44
N PRO O 50 -18.64 43.21 19.88
CA PRO O 50 -17.96 43.64 21.10
C PRO O 50 -18.70 43.20 22.35
N TYR O 51 -18.01 43.31 23.48
CA TYR O 51 -18.66 43.13 24.75
C TYR O 51 -19.97 43.94 24.79
N PRO O 52 -21.07 43.33 25.29
CA PRO O 52 -21.17 42.03 25.99
C PRO O 52 -21.49 40.80 25.14
N ALA O 53 -21.37 40.89 23.82
CA ALA O 53 -21.68 39.73 22.98
C ALA O 53 -20.75 38.59 23.36
N SER O 54 -21.11 37.38 22.92
CA SER O 54 -20.15 36.32 23.00
C SER O 54 -18.91 36.68 22.18
N ASN O 55 -17.75 36.34 22.73
CA ASN O 55 -16.49 36.51 22.04
C ASN O 55 -16.56 35.96 20.61
N PHE O 56 -17.41 34.94 20.40
CA PHE O 56 -17.45 34.16 19.15
C PHE O 56 -18.54 34.64 18.24
N SER O 57 -19.32 35.64 18.66
CA SER O 57 -20.40 36.10 17.81
C SER O 57 -19.78 36.92 16.68
N THR O 58 -19.92 36.44 15.46
CA THR O 58 -19.44 37.18 14.30
C THR O 58 -20.25 38.45 14.09
N ALA O 59 -19.62 39.44 13.49
CA ALA O 59 -20.36 40.64 13.25
C ALA O 59 -21.38 40.49 12.10
N VAL O 60 -21.15 39.51 11.23
CA VAL O 60 -21.87 39.41 9.98
C VAL O 60 -22.29 37.99 9.84
N PRO O 61 -23.49 37.78 9.31
CA PRO O 61 -23.96 36.39 9.21
C PRO O 61 -23.19 35.59 8.18
N GLN O 62 -23.05 34.28 8.45
CA GLN O 62 -22.17 33.42 7.64
C GLN O 62 -22.96 32.84 6.51
N SER O 63 -23.89 33.59 5.96
CA SER O 63 -24.96 33.03 5.17
C SER O 63 -24.98 33.57 3.75
N ALA O 64 -23.95 34.34 3.43
CA ALA O 64 -23.93 35.14 2.20
C ALA O 64 -24.14 34.29 0.96
N THR O 65 -23.60 33.07 1.01
CA THR O 65 -23.66 32.13 -0.10
C THR O 65 -25.10 31.92 -0.54
N ALA O 66 -25.96 31.65 0.44
CA ALA O 66 -27.32 31.29 0.13
C ALA O 66 -28.09 32.50 -0.34
N MET O 67 -27.71 33.66 0.19
CA MET O 67 -28.33 34.91 -0.22
C MET O 67 -28.02 35.19 -1.68
N LEU O 68 -26.78 34.92 -2.06
CA LEU O 68 -26.37 35.18 -3.43
C LEU O 68 -27.11 34.25 -4.36
N VAL O 69 -27.20 32.98 -4.00
CA VAL O 69 -27.89 32.00 -4.85
C VAL O 69 -29.36 32.41 -5.03
N THR O 70 -29.98 32.83 -3.94
CA THR O 70 -31.36 33.30 -3.98
C THR O 70 -31.53 34.54 -4.85
N ALA O 71 -30.62 35.50 -4.70
CA ALA O 71 -30.64 36.71 -5.53
C ALA O 71 -30.46 36.36 -7.02
N LEU O 72 -29.53 35.46 -7.30
CA LEU O 72 -29.32 34.99 -8.68
C LEU O 72 -30.58 34.34 -9.26
N LYS O 73 -31.43 33.79 -8.40
CA LYS O 73 -32.67 33.13 -8.86
C LYS O 73 -33.78 34.13 -9.05
N ASP O 74 -33.94 35.01 -8.08
CA ASP O 74 -35.00 36.01 -8.14
C ASP O 74 -34.89 36.92 -9.37
N SER O 75 -33.67 37.12 -9.85
CA SER O 75 -33.41 38.02 -10.98
C SER O 75 -34.05 37.52 -12.29
N ARG O 76 -34.27 36.21 -12.36
CA ARG O 76 -34.82 35.55 -13.54
C ARG O 76 -33.90 35.67 -14.73
N TRP O 77 -32.61 35.67 -14.43
CA TRP O 77 -31.57 35.63 -15.45
C TRP O 77 -30.81 34.29 -15.37
N PHE O 78 -30.66 33.78 -14.14
CA PHE O 78 -29.84 32.61 -13.85
C PHE O 78 -30.63 31.46 -13.23
N ILE O 79 -30.28 30.23 -13.62
CA ILE O 79 -30.66 29.04 -12.91
C ILE O 79 -29.47 28.69 -12.03
N PRO O 80 -29.70 28.57 -10.70
CA PRO O 80 -28.56 28.19 -9.88
C PRO O 80 -28.48 26.69 -9.71
N LEU O 81 -27.29 26.14 -9.90
CA LEU O 81 -27.06 24.74 -9.70
C LEU O 81 -26.51 24.58 -8.30
N GLU O 82 -26.99 23.52 -7.65
CA GLU O 82 -26.67 23.28 -6.23
C GLU O 82 -25.27 22.68 -6.15
N ARG O 83 -24.38 23.47 -5.58
CA ARG O 83 -23.04 23.00 -5.22
C ARG O 83 -22.70 23.25 -3.73
N GLN O 84 -23.42 24.13 -3.03
CA GLN O 84 -23.15 24.31 -1.59
C GLN O 84 -23.31 22.98 -0.83
N GLY O 85 -24.34 22.20 -1.13
CA GLY O 85 -24.45 20.90 -0.49
C GLY O 85 -24.15 19.71 -1.40
N LEU O 86 -23.13 19.83 -2.26
CA LEU O 86 -22.99 18.91 -3.40
C LEU O 86 -22.90 17.49 -2.89
N GLN O 87 -22.30 17.34 -1.73
CA GLN O 87 -21.93 16.01 -1.24
C GLN O 87 -23.21 15.20 -1.01
N ASN O 88 -24.24 15.88 -0.49
CA ASN O 88 -25.52 15.22 -0.19
C ASN O 88 -26.25 14.85 -1.47
N LEU O 89 -26.06 15.69 -2.47
CA LEU O 89 -26.68 15.46 -3.75
C LEU O 89 -26.12 14.15 -4.33
N LEU O 90 -24.79 13.99 -4.21
CA LEU O 90 -24.10 12.83 -4.82
C LEU O 90 -24.40 11.58 -4.05
N ASN O 91 -24.66 11.76 -2.75
CA ASN O 91 -25.08 10.66 -1.90
C ASN O 91 -26.48 10.12 -2.28
N GLU O 92 -27.44 11.02 -2.43
CA GLU O 92 -28.78 10.59 -2.82
C GLU O 92 -28.71 9.84 -4.14
N ARG O 93 -27.83 10.30 -5.01
CA ARG O 93 -27.73 9.71 -6.31
C ARG O 93 -27.13 8.32 -6.19
N LYS O 94 -26.25 8.13 -5.21
CA LYS O 94 -25.69 6.81 -4.96
C LYS O 94 -26.80 5.87 -4.49
N ILE O 95 -27.68 6.40 -3.64
CA ILE O 95 -28.72 5.56 -3.07
C ILE O 95 -29.72 5.18 -4.15
N ILE O 96 -29.99 6.16 -5.05
CA ILE O 96 -30.87 5.95 -6.21
C ILE O 96 -30.34 4.85 -7.06
N ARG O 97 -29.11 5.02 -7.51
CA ARG O 97 -28.49 4.03 -8.37
C ARG O 97 -28.43 2.64 -7.72
N ALA O 98 -28.29 2.59 -6.40
CA ALA O 98 -28.23 1.33 -5.69
C ALA O 98 -29.63 0.72 -5.59
N ALA O 99 -30.65 1.58 -5.60
CA ALA O 99 -32.06 1.15 -5.50
C ALA O 99 -32.53 0.45 -6.75
N GLN O 100 -32.30 1.09 -7.89
CA GLN O 100 -32.91 0.66 -9.15
C GLN O 100 -32.00 -0.08 -10.14
N GLU O 101 -30.79 -0.42 -9.72
CA GLU O 101 -29.85 -1.11 -10.58
C GLU O 101 -30.30 -2.54 -10.93
N ASN O 102 -31.12 -3.14 -10.09
CA ASN O 102 -31.54 -4.52 -10.29
C ASN O 102 -32.83 -4.64 -11.08
N GLY O 103 -33.43 -3.51 -11.42
CA GLY O 103 -34.68 -3.52 -12.18
C GLY O 103 -35.80 -4.26 -11.49
N THR O 104 -35.83 -4.18 -10.17
CA THR O 104 -36.98 -4.62 -9.41
C THR O 104 -37.83 -3.40 -9.01
N VAL O 105 -37.22 -2.22 -8.91
CA VAL O 105 -37.93 -1.06 -8.36
C VAL O 105 -39.14 -0.72 -9.21
N ALA O 106 -40.23 -0.36 -8.52
CA ALA O 106 -41.53 -0.15 -9.13
C ALA O 106 -41.49 1.00 -10.13
N ILE O 107 -42.08 0.77 -11.31
CA ILE O 107 -42.00 1.71 -12.44
C ILE O 107 -42.56 3.11 -12.09
N ASN O 108 -43.53 3.16 -11.20
CA ASN O 108 -44.08 4.43 -10.69
C ASN O 108 -43.08 5.13 -9.79
N ASN O 109 -42.32 4.34 -9.03
CA ASN O 109 -41.39 4.85 -8.04
C ASN O 109 -40.01 5.20 -8.61
N ARG O 110 -39.73 4.69 -9.80
CA ARG O 110 -38.42 4.82 -10.46
C ARG O 110 -37.99 6.29 -10.60
N ILE O 111 -36.75 6.58 -10.26
CA ILE O 111 -36.20 7.93 -10.50
C ILE O 111 -35.18 7.91 -11.61
N PRO O 112 -35.45 8.63 -12.73
CA PRO O 112 -34.54 8.61 -13.87
C PRO O 112 -33.39 9.57 -13.64
N LEU O 113 -32.17 9.05 -13.81
CA LEU O 113 -30.97 9.79 -13.46
C LEU O 113 -30.24 10.28 -14.69
N GLN O 114 -29.76 11.50 -14.56
CA GLN O 114 -29.22 12.22 -15.66
C GLN O 114 -27.99 12.88 -15.12
N SER O 115 -26.98 13.03 -15.96
CA SER O 115 -25.74 13.64 -15.54
C SER O 115 -25.99 15.02 -14.90
N LEU O 116 -25.10 15.44 -14.01
CA LEU O 116 -25.42 16.60 -13.22
C LEU O 116 -25.32 17.77 -14.16
N THR O 117 -26.38 18.58 -14.22
CA THR O 117 -26.39 19.78 -15.05
C THR O 117 -25.19 20.63 -14.67
N ALA O 118 -24.44 21.06 -15.67
CA ALA O 118 -23.18 21.72 -15.44
C ALA O 118 -23.24 23.19 -15.85
N ALA O 119 -22.58 24.01 -15.03
CA ALA O 119 -22.59 25.45 -15.21
C ALA O 119 -21.52 25.94 -16.21
N ASN O 120 -21.74 27.12 -16.82
CA ASN O 120 -20.72 27.73 -17.67
C ASN O 120 -19.94 28.83 -17.00
N ILE O 121 -20.64 29.71 -16.33
CA ILE O 121 -19.96 30.65 -15.47
C ILE O 121 -20.23 30.25 -14.02
N MET O 122 -19.23 30.40 -13.16
CA MET O 122 -19.50 30.40 -11.74
C MET O 122 -19.09 31.72 -11.09
N VAL O 123 -19.88 32.16 -10.11
CA VAL O 123 -19.62 33.44 -9.48
C VAL O 123 -19.33 33.24 -8.01
N GLU O 124 -18.21 33.79 -7.57
CA GLU O 124 -17.85 33.74 -6.14
C GLU O 124 -17.45 35.10 -5.67
N GLY O 125 -17.32 35.22 -4.36
CA GLY O 125 -17.12 36.50 -3.73
C GLY O 125 -16.86 36.37 -2.25
N SER O 126 -17.03 37.47 -1.53
CA SER O 126 -16.61 37.51 -0.14
C SER O 126 -17.24 38.71 0.51
N ILE O 127 -17.54 38.59 1.80
CA ILE O 127 -17.91 39.75 2.58
C ILE O 127 -16.63 40.43 2.96
N ILE O 128 -16.32 41.50 2.24
CA ILE O 128 -15.12 42.26 2.47
C ILE O 128 -15.47 43.35 3.44
N GLY O 129 -15.10 43.16 4.68
CA GLY O 129 -15.21 44.24 5.66
C GLY O 129 -16.56 44.57 6.31
N TYR O 130 -16.48 44.77 7.62
CA TYR O 130 -17.57 45.35 8.41
C TYR O 130 -16.91 46.23 9.43
N GLU O 131 -16.96 47.52 9.18
CA GLU O 131 -16.41 48.46 10.15
C GLU O 131 -17.58 48.95 10.98
N SER O 132 -17.32 49.23 12.25
CA SER O 132 -18.41 49.53 13.19
C SER O 132 -18.31 50.94 13.77
N ASN O 133 -19.46 51.60 13.91
CA ASN O 133 -19.53 53.02 14.28
C ASN O 133 -18.60 53.87 13.42
N VAL O 134 -18.80 53.75 12.11
CA VAL O 134 -18.00 54.47 11.13
C VAL O 134 -18.33 55.93 11.31
N LYS O 135 -19.60 56.20 11.63
CA LYS O 135 -20.00 57.51 12.13
C LYS O 135 -20.94 57.39 13.31
N SER O 136 -21.03 58.47 14.08
CA SER O 136 -21.91 58.51 15.23
C SER O 136 -22.14 59.92 15.67
N GLY O 137 -23.22 60.12 16.40
CA GLY O 137 -23.50 61.43 17.01
C GLY O 137 -24.59 61.41 18.06
N GLY O 138 -24.81 62.54 18.72
CA GLY O 138 -25.87 62.66 19.71
C GLY O 138 -26.22 64.07 20.07
N VAL O 139 -27.50 64.32 20.32
CA VAL O 139 -27.97 65.64 20.72
C VAL O 139 -29.00 65.51 21.83
N GLY O 140 -28.76 66.21 22.94
CA GLY O 140 -29.64 66.16 24.09
C GLY O 140 -29.70 67.43 24.90
N ALA O 141 -30.87 67.74 25.45
CA ALA O 141 -31.05 68.92 26.27
C ALA O 141 -32.02 68.68 27.42
N ARG O 142 -31.68 69.21 28.58
CA ARG O 142 -32.57 69.18 29.71
C ARG O 142 -32.70 70.59 30.25
N TYR O 143 -33.90 70.92 30.72
CA TYR O 143 -34.23 72.27 31.17
C TYR O 143 -34.90 72.27 32.55
N GLY O 145 -36.10 70.69 34.41
CA GLY O 145 -36.83 69.50 34.82
C GLY O 145 -37.19 68.54 33.68
N ILE O 146 -37.26 69.05 32.45
CA ILE O 146 -37.73 68.27 31.29
C ILE O 146 -36.58 68.07 30.29
N GLY O 147 -36.43 66.87 29.74
CA GLY O 147 -35.29 66.58 28.86
C GLY O 147 -35.52 65.54 27.79
N ALA O 148 -34.74 65.63 26.73
CA ALA O 148 -34.75 64.62 25.69
C ALA O 148 -33.36 64.48 25.08
N ASP O 149 -33.16 63.41 24.33
CA ASP O 149 -31.90 63.22 23.61
C ASP O 149 -32.06 62.15 22.53
N THR O 150 -31.33 62.32 21.43
CA THR O 150 -31.15 61.22 20.49
C THR O 150 -29.66 60.90 20.34
N GLN O 151 -29.38 59.66 19.98
CA GLN O 151 -28.05 59.24 19.63
C GLN O 151 -28.11 58.36 18.41
N TYR O 152 -27.15 58.48 17.52
CA TYR O 152 -27.13 57.61 16.34
C TYR O 152 -25.74 57.07 16.05
N GLN O 153 -25.69 55.84 15.55
CA GLN O 153 -24.45 55.27 15.08
C GLN O 153 -24.69 54.59 13.74
N LEU O 154 -23.64 54.49 12.93
CA LEU O 154 -23.73 53.71 11.71
C LEU O 154 -22.44 52.97 11.37
N ASP O 155 -22.64 51.80 10.74
CA ASP O 155 -21.61 50.81 10.46
C ASP O 155 -21.56 50.54 8.96
N GLN O 156 -20.46 49.98 8.48
CA GLN O 156 -20.29 49.72 7.03
C GLN O 156 -20.15 48.24 6.75
N ILE O 157 -20.52 47.84 5.54
CA ILE O 157 -20.39 46.47 5.13
C ILE O 157 -20.13 46.47 3.63
N ALA O 158 -19.21 45.65 3.16
CA ALA O 158 -18.93 45.61 1.73
C ALA O 158 -18.92 44.18 1.22
N VAL O 159 -19.27 44.00 -0.04
CA VAL O 159 -19.34 42.70 -0.64
C VAL O 159 -18.72 42.64 -2.04
N ASN O 160 -17.85 41.65 -2.25
CA ASN O 160 -17.24 41.38 -3.56
C ASN O 160 -18.01 40.25 -4.17
N LEU O 161 -18.47 40.45 -5.39
CA LEU O 161 -18.90 39.34 -6.21
C LEU O 161 -18.12 39.36 -7.50
N ARG O 162 -17.87 38.19 -8.06
CA ARG O 162 -17.11 38.13 -9.31
C ARG O 162 -17.43 36.87 -10.18
N VAL O 163 -17.66 37.12 -11.46
CA VAL O 163 -17.97 36.07 -12.43
C VAL O 163 -16.69 35.52 -12.98
N VAL O 164 -16.53 34.23 -12.83
CA VAL O 164 -15.35 33.51 -13.32
C VAL O 164 -15.75 32.58 -14.44
N ASN O 165 -14.95 32.58 -15.51
CA ASN O 165 -15.26 31.74 -16.65
C ASN O 165 -14.68 30.35 -16.45
N VAL O 166 -15.55 29.34 -16.45
CA VAL O 166 -15.15 27.96 -16.17
C VAL O 166 -14.20 27.46 -17.20
N SER O 167 -14.44 27.89 -18.44
CA SER O 167 -13.66 27.40 -19.57
C SER O 167 -12.23 27.91 -19.60
N THR O 168 -11.91 28.93 -18.79
CA THR O 168 -10.57 29.53 -18.80
C THR O 168 -10.00 29.80 -17.41
N GLY O 169 -10.84 30.18 -16.48
CA GLY O 169 -10.35 30.76 -15.27
C GLY O 169 -10.15 32.27 -15.31
N GLU O 170 -10.28 32.88 -16.49
CA GLU O 170 -10.45 34.33 -16.58
C GLU O 170 -11.62 34.77 -15.69
N ILE O 171 -11.37 35.73 -14.82
CA ILE O 171 -12.47 36.46 -14.20
C ILE O 171 -13.12 37.38 -15.25
N LEU O 172 -14.43 37.23 -15.44
CA LEU O 172 -15.12 38.00 -16.48
C LEU O 172 -15.73 39.30 -15.93
N SER O 173 -15.78 39.41 -14.61
CA SER O 173 -16.28 40.59 -13.96
C SER O 173 -16.01 40.55 -12.46
N SER O 174 -15.51 41.64 -11.92
CA SER O 174 -15.48 41.84 -10.46
C SER O 174 -16.24 43.09 -10.09
N VAL O 175 -17.04 43.02 -9.03
CA VAL O 175 -17.79 44.18 -8.53
C VAL O 175 -17.74 44.30 -7.01
N ASN O 176 -17.70 45.54 -6.52
CA ASN O 176 -17.47 45.83 -5.08
C ASN O 176 -18.55 46.74 -4.49
N THR O 177 -19.60 46.16 -3.89
CA THR O 177 -20.73 46.93 -3.38
C THR O 177 -20.56 47.20 -1.89
N SER O 178 -21.27 48.21 -1.39
CA SER O 178 -21.16 48.63 0.02
C SER O 178 -22.48 49.17 0.53
N LYS O 179 -22.67 49.09 1.85
CA LYS O 179 -23.95 49.42 2.44
C LYS O 179 -23.76 49.82 3.90
N THR O 180 -24.58 50.77 4.33
CA THR O 180 -24.47 51.32 5.66
C THR O 180 -25.62 50.86 6.57
N ILE O 181 -25.26 50.41 7.77
CA ILE O 181 -26.23 49.94 8.76
C ILE O 181 -26.52 51.07 9.76
N LEU O 182 -27.77 51.53 9.78
CA LEU O 182 -28.20 52.61 10.69
C LEU O 182 -28.76 52.17 12.04
N SER O 183 -28.38 52.89 13.10
CA SER O 183 -28.90 52.66 14.44
C SER O 183 -29.15 53.99 15.13
N TYR O 184 -30.25 54.07 15.87
CA TYR O 184 -30.55 55.28 16.66
C TYR O 184 -31.35 55.01 17.93
N GLU O 185 -31.17 55.92 18.89
CA GLU O 185 -31.82 55.85 20.20
C GLU O 185 -32.43 57.19 20.59
N VAL O 186 -33.76 57.23 20.64
CA VAL O 186 -34.48 58.40 21.06
C VAL O 186 -34.96 58.23 22.51
N GLN O 187 -34.85 59.28 23.30
CA GLN O 187 -35.21 59.22 24.72
C GLN O 187 -35.75 60.54 25.23
N ALA O 188 -36.78 60.47 26.06
CA ALA O 188 -37.33 61.67 26.67
C ALA O 188 -37.75 61.39 28.11
N GLY O 189 -37.51 62.35 29.00
CA GLY O 189 -37.87 62.19 30.40
C GLY O 189 -38.32 63.48 31.05
N VAL O 190 -39.37 63.38 31.87
CA VAL O 190 -39.87 64.54 32.61
C VAL O 190 -39.62 64.31 34.12
N PHE O 191 -39.13 65.35 34.80
CA PHE O 191 -38.68 65.19 36.20
C PHE O 191 -39.21 66.31 37.08
N LEU O 200 -42.21 63.45 41.02
CA LEU O 200 -42.67 63.10 39.68
C LEU O 200 -41.48 62.85 38.76
N GLU O 201 -41.32 61.59 38.38
CA GLU O 201 -40.51 61.24 37.22
C GLU O 201 -41.34 60.49 36.18
N GLY O 202 -41.01 60.68 34.90
CA GLY O 202 -41.62 59.91 33.82
C GLY O 202 -40.71 59.82 32.61
N GLU O 203 -40.45 58.60 32.13
CA GLU O 203 -39.49 58.40 31.04
C GLU O 203 -40.03 57.54 29.91
N VAL O 204 -39.77 57.98 28.67
CA VAL O 204 -40.03 57.20 27.47
C VAL O 204 -38.74 57.03 26.66
N GLY O 205 -38.51 55.81 26.16
CA GLY O 205 -37.36 55.53 25.32
C GLY O 205 -37.71 54.65 24.12
N TYR O 206 -36.95 54.82 23.03
CA TYR O 206 -37.08 53.96 21.85
C TYR O 206 -35.73 53.80 21.16
N THR O 207 -35.44 52.60 20.65
CA THR O 207 -34.20 52.36 19.92
C THR O 207 -34.46 51.52 18.66
N SER O 208 -33.83 51.89 17.55
CA SER O 208 -33.97 51.11 16.31
C SER O 208 -32.63 50.80 15.64
N ASN O 209 -32.39 49.52 15.38
CA ASN O 209 -31.24 49.05 14.63
C ASN O 209 -31.70 48.47 13.31
N GLU O 210 -30.97 48.80 12.25
CA GLU O 210 -31.12 48.04 11.02
C GLU O 210 -30.60 46.61 11.23
N PRO O 211 -31.27 45.61 10.67
CA PRO O 211 -30.70 44.27 10.64
C PRO O 211 -29.49 44.18 9.70
N VAL O 212 -28.35 43.74 10.23
CA VAL O 212 -27.14 43.53 9.44
C VAL O 212 -27.41 42.46 8.39
N MET O 213 -28.07 41.40 8.84
CA MET O 213 -28.74 40.41 7.98
C MET O 213 -29.32 40.99 6.67
N LEU O 214 -30.11 42.04 6.82
CA LEU O 214 -30.95 42.53 5.75
C LEU O 214 -30.11 43.44 4.84
N CYS O 215 -29.12 44.09 5.43
CA CYS O 215 -28.21 44.96 4.68
C CYS O 215 -27.30 44.12 3.78
N LEU O 216 -26.83 43.02 4.35
CA LEU O 216 -26.05 42.08 3.60
C LEU O 216 -26.86 41.63 2.39
N MET O 217 -28.11 41.27 2.61
CA MET O 217 -28.94 40.72 1.56
C MET O 217 -29.13 41.77 0.45
N SER O 218 -29.45 43.01 0.87
CA SER O 218 -29.62 44.12 -0.05
C SER O 218 -28.39 44.33 -0.93
N ALA O 219 -27.22 44.40 -0.29
CA ALA O 219 -25.97 44.68 -1.01
C ALA O 219 -25.63 43.57 -2.02
N ILE O 220 -25.97 42.32 -1.68
CA ILE O 220 -25.70 41.19 -2.57
C ILE O 220 -26.58 41.31 -3.82
N GLU O 221 -27.84 41.68 -3.62
CA GLU O 221 -28.77 41.87 -4.75
C GLU O 221 -28.20 42.91 -5.71
N THR O 222 -27.82 44.07 -5.14
CA THR O 222 -27.23 45.18 -5.89
C THR O 222 -26.05 44.69 -6.71
N GLY O 223 -25.17 43.94 -6.07
CA GLY O 223 -24.02 43.34 -6.74
C GLY O 223 -24.41 42.45 -7.91
N VAL O 224 -25.50 41.70 -7.76
CA VAL O 224 -25.97 40.83 -8.82
C VAL O 224 -26.41 41.67 -10.03
N ILE O 225 -27.12 42.77 -9.76
CA ILE O 225 -27.55 43.66 -10.84
C ILE O 225 -26.35 44.24 -11.59
N PHE O 226 -25.39 44.82 -10.87
CA PHE O 226 -24.16 45.33 -11.48
C PHE O 226 -23.44 44.27 -12.32
N LEU O 227 -23.50 43.01 -11.88
CA LEU O 227 -22.90 41.91 -12.65
C LEU O 227 -23.61 41.72 -13.95
N ILE O 228 -24.93 41.69 -13.90
CA ILE O 228 -25.74 41.43 -15.10
C ILE O 228 -25.51 42.57 -16.10
N ASN O 229 -25.59 43.80 -15.60
CA ASN O 229 -25.41 44.97 -16.45
C ASN O 229 -24.02 45.00 -17.07
N ASP O 230 -23.01 44.70 -16.25
CA ASP O 230 -21.63 44.58 -16.73
C ASP O 230 -21.49 43.50 -17.82
N GLY O 231 -22.16 42.37 -17.62
CA GLY O 231 -22.11 41.28 -18.59
C GLY O 231 -22.83 41.61 -19.89
N ILE O 232 -23.91 42.40 -19.79
CA ILE O 232 -24.61 42.91 -20.96
C ILE O 232 -23.68 43.80 -21.81
N ASP O 233 -23.04 44.77 -21.17
CA ASP O 233 -22.05 45.63 -21.82
C ASP O 233 -20.93 44.84 -22.50
N ARG O 234 -20.34 43.89 -21.78
CA ARG O 234 -19.17 43.16 -22.28
C ARG O 234 -19.52 42.00 -23.24
N GLY O 235 -20.80 41.78 -23.48
CA GLY O 235 -21.24 40.75 -24.42
C GLY O 235 -21.14 39.33 -23.89
N LEU O 236 -21.33 39.16 -22.58
CA LEU O 236 -21.46 37.81 -22.01
C LEU O 236 -22.83 37.27 -22.40
N TRP O 237 -23.87 38.08 -22.20
CA TRP O 237 -25.25 37.67 -22.46
C TRP O 237 -26.02 38.81 -23.10
N ASP O 238 -27.17 38.50 -23.68
CA ASP O 238 -27.95 39.48 -24.46
C ASP O 238 -29.41 39.57 -24.05
N LEU O 239 -29.98 40.76 -24.20
CA LEU O 239 -31.37 41.03 -23.85
C LEU O 239 -32.30 40.46 -24.90
N GLN O 240 -33.45 39.96 -24.45
CA GLN O 240 -34.53 39.59 -25.36
C GLN O 240 -34.90 40.75 -26.27
N ASN O 241 -35.23 41.88 -25.65
CA ASN O 241 -35.59 43.11 -26.37
C ASN O 241 -34.46 44.12 -26.31
N LYS O 242 -33.84 44.35 -27.46
CA LYS O 242 -32.72 45.30 -27.53
C LYS O 242 -33.24 46.70 -27.24
N ALA O 243 -34.53 46.89 -27.51
CA ALA O 243 -35.25 48.13 -27.19
C ALA O 243 -35.27 48.39 -25.70
N GLU O 244 -35.04 47.35 -24.89
CA GLU O 244 -35.10 47.50 -23.44
C GLU O 244 -33.75 47.82 -22.84
N ARG O 245 -32.76 48.14 -23.67
CA ARG O 245 -31.45 48.59 -23.16
C ARG O 245 -31.56 49.81 -22.25
N GLN O 246 -32.47 50.72 -22.56
CA GLN O 246 -32.59 51.96 -21.79
C GLN O 246 -33.61 51.85 -20.68
N ASN O 247 -33.91 50.61 -20.28
CA ASN O 247 -34.68 50.33 -19.08
C ASN O 247 -34.27 51.23 -17.91
N ASP O 248 -35.26 51.71 -17.15
CA ASP O 248 -35.02 52.63 -16.04
C ASP O 248 -33.96 52.10 -15.07
N ILE O 249 -34.13 50.82 -14.71
CA ILE O 249 -33.26 50.18 -13.73
C ILE O 249 -31.84 50.05 -14.30
N LEU O 250 -31.75 49.54 -15.52
CA LEU O 250 -30.45 49.32 -16.16
C LEU O 250 -29.65 50.61 -16.32
N VAL O 251 -30.33 51.71 -16.64
CA VAL O 251 -29.66 53.01 -16.81
C VAL O 251 -29.33 53.64 -15.46
N LYS O 252 -30.08 53.25 -14.43
CA LYS O 252 -29.80 53.70 -13.07
C LYS O 252 -28.47 53.11 -12.56
N TYR O 253 -28.29 51.82 -12.77
CA TYR O 253 -27.06 51.13 -12.35
C TYR O 253 -25.90 51.42 -13.28
N ARG O 254 -26.22 51.62 -14.56
CA ARG O 254 -25.23 52.10 -15.52
C ARG O 254 -24.68 53.45 -15.06
N HIS O 255 -25.57 54.29 -14.53
CA HIS O 255 -25.18 55.62 -14.04
C HIS O 255 -24.31 55.58 -12.79
N MET O 256 -24.56 54.59 -11.94
CA MET O 256 -23.74 54.45 -10.72
C MET O 256 -22.29 54.03 -11.05
N SER O 257 -22.08 53.40 -12.20
CA SER O 257 -20.75 53.03 -12.69
C SER O 257 -19.98 54.23 -13.24
N LEU P 2 -45.46 47.99 13.57
CA LEU P 2 -44.02 48.32 13.75
C LEU P 2 -43.43 47.52 14.94
N THR P 3 -43.43 46.20 14.75
CA THR P 3 -42.61 45.27 15.52
C THR P 3 -42.04 44.15 14.59
N ALA P 4 -42.43 44.19 13.33
CA ALA P 4 -41.66 43.53 12.27
C ALA P 4 -40.39 44.38 11.98
N PRO P 5 -39.60 44.06 10.93
CA PRO P 5 -38.35 44.78 10.93
C PRO P 5 -38.45 46.18 10.36
N PRO P 6 -37.39 46.98 10.53
CA PRO P 6 -37.29 48.27 9.82
C PRO P 6 -36.81 48.12 8.38
N LYS P 7 -37.19 49.06 7.51
CA LYS P 7 -36.82 48.97 6.09
C LYS P 7 -35.58 49.78 5.78
N GLU P 8 -35.03 49.59 4.59
CA GLU P 8 -33.67 50.00 4.27
C GLU P 8 -33.45 51.52 4.27
N ALA P 9 -32.61 51.98 5.18
CA ALA P 9 -32.19 53.38 5.25
C ALA P 9 -30.86 53.55 4.53
N ALA P 10 -30.89 54.29 3.42
CA ALA P 10 -29.76 54.44 2.48
C ALA P 10 -29.79 53.27 1.49
N ARG P 11 -29.17 53.49 0.34
CA ARG P 11 -29.16 52.47 -0.71
C ARG P 11 -27.78 51.77 -0.78
N PRO P 12 -27.76 50.53 -1.27
CA PRO P 12 -26.47 49.93 -1.56
C PRO P 12 -25.83 50.68 -2.70
N THR P 13 -24.72 51.35 -2.42
CA THR P 13 -23.90 51.96 -3.45
C THR P 13 -22.81 50.98 -3.84
N LEU P 14 -22.21 51.15 -5.02
CA LEU P 14 -20.99 50.41 -5.27
C LEU P 14 -19.81 51.07 -4.48
N MET P 15 -18.75 50.32 -4.19
CA MET P 15 -17.97 50.56 -2.97
C MET P 15 -17.21 51.85 -3.16
N PRO P 16 -17.36 52.79 -2.23
CA PRO P 16 -16.80 54.13 -2.30
C PRO P 16 -15.26 54.21 -2.33
N ARG P 17 -14.70 54.00 -3.51
CA ARG P 17 -13.27 54.21 -3.73
C ARG P 17 -13.03 55.67 -4.13
N ALA P 18 -11.91 56.24 -3.73
CA ALA P 18 -11.63 57.65 -4.02
C ALA P 18 -10.46 57.86 -4.98
N GLN P 19 -9.39 58.53 -4.52
CA GLN P 19 -8.42 59.14 -5.44
C GLN P 19 -7.59 58.08 -6.16
N SER P 20 -7.03 57.17 -5.37
CA SER P 20 -6.27 56.03 -5.86
C SER P 20 -6.98 55.38 -7.03
N TYR P 21 -8.27 55.09 -6.84
CA TYR P 21 -9.14 54.54 -7.91
C TYR P 21 -9.17 55.40 -9.19
N LYS P 22 -9.41 56.70 -9.03
CA LYS P 22 -9.49 57.61 -10.16
C LYS P 22 -8.20 57.66 -10.98
N ASP P 23 -7.07 57.69 -10.27
CA ASP P 23 -5.78 57.57 -10.92
C ASP P 23 -5.64 56.23 -11.66
N LEU P 24 -6.01 55.16 -10.97
CA LEU P 24 -5.79 53.79 -11.44
C LEU P 24 -6.60 53.50 -12.72
N THR P 25 -7.79 54.09 -12.80
CA THR P 25 -8.69 53.87 -13.95
C THR P 25 -8.26 54.64 -15.20
N HIS P 26 -7.91 55.92 -15.00
CA HIS P 26 -7.49 56.79 -16.09
C HIS P 26 -6.00 56.66 -16.43
N LEU P 27 -5.47 55.44 -16.33
CA LEU P 27 -4.09 55.18 -16.71
C LEU P 27 -4.03 54.84 -18.19
N PRO P 28 -3.05 55.40 -18.92
CA PRO P 28 -2.90 55.16 -20.36
C PRO P 28 -2.66 53.70 -20.67
N ALA P 29 -3.43 53.13 -21.60
CA ALA P 29 -3.48 51.67 -21.75
C ALA P 29 -2.20 51.11 -22.42
N PRO P 30 -1.81 49.89 -22.04
CA PRO P 30 -0.65 49.21 -22.64
C PRO P 30 -0.97 48.65 -24.02
N THR P 31 0.03 48.07 -24.69
CA THR P 31 -0.17 47.51 -26.05
C THR P 31 -1.07 46.28 -26.05
N GLY P 32 -1.09 45.55 -24.94
CA GLY P 32 -2.08 44.51 -24.71
C GLY P 32 -2.21 44.27 -23.21
N LYS P 33 -3.34 43.77 -22.75
CA LYS P 33 -3.49 43.51 -21.33
C LYS P 33 -2.60 42.33 -20.93
N ILE P 34 -2.14 42.32 -19.67
CA ILE P 34 -1.22 41.30 -19.20
C ILE P 34 -1.99 40.33 -18.29
N PHE P 35 -1.67 39.05 -18.42
CA PHE P 35 -2.32 38.00 -17.67
C PHE P 35 -1.68 37.89 -16.30
N VAL P 36 -2.49 37.93 -15.25
CA VAL P 36 -1.94 37.92 -13.89
C VAL P 36 -2.65 36.91 -12.98
N SER P 37 -1.92 36.39 -12.01
CA SER P 37 -2.50 35.50 -11.05
C SER P 37 -2.30 36.02 -9.67
N VAL P 38 -3.33 35.99 -8.86
CA VAL P 38 -3.13 36.28 -7.43
C VAL P 38 -3.64 35.11 -6.61
N TYR P 39 -2.74 34.52 -5.82
CA TYR P 39 -3.09 33.33 -5.05
C TYR P 39 -3.58 33.81 -3.68
N ASN P 40 -2.77 34.63 -3.00
CA ASN P 40 -3.10 35.02 -1.62
C ASN P 40 -2.23 36.16 -1.03
N ILE P 41 -2.90 37.17 -0.47
CA ILE P 41 -2.22 38.23 0.26
C ILE P 41 -2.69 38.18 1.71
N GLN P 42 -1.77 37.89 2.62
CA GLN P 42 -2.14 37.58 4.02
C GLN P 42 -2.19 38.79 4.90
N ASP P 43 -2.94 38.68 5.99
CA ASP P 43 -2.93 39.69 7.08
C ASP P 43 -1.72 39.48 7.99
N GLU P 44 -0.52 39.67 7.42
CA GLU P 44 0.70 39.42 8.15
C GLU P 44 0.89 40.42 9.35
N THR P 45 -0.20 41.11 9.75
CA THR P 45 -0.08 42.32 10.61
C THR P 45 0.06 42.00 12.07
N GLY P 46 -0.64 40.95 12.48
CA GLY P 46 -0.43 40.37 13.83
C GLY P 46 -1.28 41.05 14.90
N GLN P 47 -2.34 41.68 14.46
CA GLN P 47 -2.95 42.64 15.31
C GLN P 47 -4.44 42.49 15.36
N PHE P 48 -4.95 42.66 16.58
CA PHE P 48 -6.36 42.56 16.84
C PHE P 48 -6.83 43.83 17.53
N LYS P 49 -8.15 43.94 17.62
CA LYS P 49 -8.77 45.11 18.22
C LYS P 49 -8.73 44.99 19.73
N PRO P 50 -8.58 46.12 20.41
CA PRO P 50 -8.52 46.13 21.86
C PRO P 50 -9.91 46.02 22.49
N TYR P 51 -9.95 45.77 23.80
CA TYR P 51 -11.19 45.90 24.54
C TYR P 51 -11.88 47.23 24.23
N PRO P 52 -13.21 47.21 23.99
CA PRO P 52 -14.16 46.12 24.13
C PRO P 52 -14.43 45.22 22.92
N ALA P 53 -13.56 45.23 21.92
CA ALA P 53 -13.77 44.38 20.75
C ALA P 53 -13.62 42.96 21.14
N SER P 54 -14.15 42.08 20.29
CA SER P 54 -13.94 40.67 20.56
C SER P 54 -12.45 40.44 20.50
N ASN P 55 -11.97 39.57 21.38
CA ASN P 55 -10.59 39.12 21.37
C ASN P 55 -10.11 38.69 19.97
N PHE P 56 -11.06 38.21 19.15
CA PHE P 56 -10.76 37.62 17.87
C PHE P 56 -10.95 38.58 16.72
N SER P 57 -11.37 39.81 16.99
CA SER P 57 -11.58 40.76 15.91
C SER P 57 -10.20 41.25 15.45
N THR P 58 -9.86 40.93 14.22
CA THR P 58 -8.62 41.39 13.64
C THR P 58 -8.65 42.88 13.40
N ALA P 59 -7.49 43.48 13.42
CA ALA P 59 -7.48 44.91 13.23
C ALA P 59 -7.69 45.27 11.76
N VAL P 60 -7.46 44.32 10.87
CA VAL P 60 -7.45 44.57 9.44
C VAL P 60 -8.28 43.48 8.77
N PRO P 61 -9.08 43.86 7.76
CA PRO P 61 -9.88 42.83 7.05
C PRO P 61 -9.04 41.82 6.27
N GLN P 62 -9.51 40.57 6.26
CA GLN P 62 -8.71 39.44 5.74
C GLN P 62 -8.95 39.31 4.27
N SER P 63 -9.15 40.45 3.60
CA SER P 63 -9.79 40.46 2.30
C SER P 63 -8.88 41.05 1.22
N ALA P 64 -7.62 41.24 1.57
CA ALA P 64 -6.70 42.00 0.73
C ALA P 64 -6.56 41.39 -0.66
N THR P 65 -6.57 40.05 -0.69
CA THR P 65 -6.42 39.28 -1.95
C THR P 65 -7.42 39.70 -3.02
N ALA P 66 -8.69 39.80 -2.62
CA ALA P 66 -9.75 40.15 -3.56
C ALA P 66 -9.66 41.62 -3.96
N MET P 67 -9.21 42.46 -3.03
CA MET P 67 -9.04 43.83 -3.34
C MET P 67 -7.99 43.97 -4.44
N LEU P 68 -6.90 43.22 -4.28
CA LEU P 68 -5.78 43.36 -5.19
C LEU P 68 -6.18 42.90 -6.55
N VAL P 69 -6.89 41.79 -6.62
CA VAL P 69 -7.39 41.29 -7.90
C VAL P 69 -8.27 42.35 -8.57
N THR P 70 -9.16 42.96 -7.78
CA THR P 70 -10.08 43.96 -8.29
C THR P 70 -9.31 45.16 -8.82
N ALA P 71 -8.33 45.62 -8.05
CA ALA P 71 -7.53 46.75 -8.46
C ALA P 71 -6.81 46.43 -9.78
N LEU P 72 -6.26 45.22 -9.86
CA LEU P 72 -5.53 44.80 -11.05
C LEU P 72 -6.46 44.81 -12.26
N LYS P 73 -7.76 44.65 -12.02
CA LYS P 73 -8.72 44.62 -13.13
C LYS P 73 -9.11 46.01 -13.51
N ASP P 74 -9.39 46.83 -12.51
CA ASP P 74 -9.87 48.19 -12.75
C ASP P 74 -8.84 49.03 -13.53
N SER P 75 -7.57 48.69 -13.38
CA SER P 75 -6.48 49.44 -14.02
C SER P 75 -6.52 49.34 -15.55
N ARG P 76 -7.11 48.25 -16.04
CA ARG P 76 -7.20 47.96 -17.48
C ARG P 76 -5.82 47.74 -18.07
N TRP P 77 -4.96 47.14 -17.25
CA TRP P 77 -3.65 46.69 -17.70
C TRP P 77 -3.58 45.15 -17.66
N PHE P 78 -4.29 44.56 -16.69
CA PHE P 78 -4.19 43.14 -16.38
C PHE P 78 -5.55 42.44 -16.50
N ILE P 79 -5.52 41.22 -17.01
CA ILE P 79 -6.60 40.26 -16.84
C ILE P 79 -6.25 39.35 -15.66
N PRO P 80 -7.12 39.31 -14.66
CA PRO P 80 -6.78 38.42 -13.58
C PRO P 80 -7.34 37.05 -13.87
N LEU P 81 -6.52 36.04 -13.65
CA LEU P 81 -6.98 34.70 -13.67
C LEU P 81 -7.35 34.32 -12.24
N GLU P 82 -8.44 33.57 -12.15
CA GLU P 82 -8.99 33.09 -10.87
C GLU P 82 -8.13 31.92 -10.33
N ARG P 83 -7.38 32.22 -9.28
CA ARG P 83 -6.73 31.22 -8.50
C ARG P 83 -7.17 31.15 -7.00
N GLN P 84 -7.81 32.19 -6.46
CA GLN P 84 -8.23 32.17 -5.04
C GLN P 84 -9.24 31.07 -4.77
N GLY P 85 -10.14 30.86 -5.70
CA GLY P 85 -10.93 29.65 -5.61
C GLY P 85 -10.64 28.50 -6.60
N LEU P 86 -9.37 28.19 -6.85
CA LEU P 86 -9.02 27.37 -8.01
C LEU P 86 -9.67 26.00 -7.91
N GLN P 87 -9.80 25.51 -6.67
CA GLN P 87 -10.30 24.16 -6.44
C GLN P 87 -11.74 23.97 -7.00
N ASN P 88 -12.57 24.99 -6.79
CA ASN P 88 -13.94 24.98 -7.27
C ASN P 88 -14.00 25.05 -8.80
N LEU P 89 -13.08 25.84 -9.37
CA LEU P 89 -13.00 25.97 -10.78
C LEU P 89 -12.71 24.60 -11.43
N LEU P 90 -11.81 23.85 -10.80
CA LEU P 90 -11.42 22.54 -11.32
C LEU P 90 -12.57 21.55 -11.17
N ASN P 91 -13.37 21.76 -10.13
CA ASN P 91 -14.45 20.87 -9.85
C ASN P 91 -15.52 21.03 -10.91
N GLU P 92 -15.90 22.26 -11.16
CA GLU P 92 -16.91 22.53 -12.18
C GLU P 92 -16.46 21.92 -13.51
N ARG P 93 -15.15 21.99 -13.78
CA ARG P 93 -14.64 21.46 -15.01
C ARG P 93 -14.71 19.93 -15.03
N LYS P 94 -14.58 19.31 -13.86
CA LYS P 94 -14.81 17.84 -13.74
C LYS P 94 -16.27 17.50 -14.03
N ILE P 95 -17.19 18.32 -13.52
CA ILE P 95 -18.59 18.06 -13.73
C ILE P 95 -18.98 18.23 -15.20
N ILE P 96 -18.42 19.28 -15.82
CA ILE P 96 -18.61 19.53 -17.24
C ILE P 96 -18.18 18.33 -18.02
N ARG P 97 -16.92 17.95 -17.86
CA ARG P 97 -16.36 16.84 -18.63
C ARG P 97 -17.12 15.52 -18.40
N ALA P 98 -17.68 15.37 -17.21
CA ALA P 98 -18.48 14.20 -16.91
C ALA P 98 -19.87 14.29 -17.57
N ALA P 99 -20.35 15.52 -17.77
CA ALA P 99 -21.65 15.77 -18.42
C ALA P 99 -21.64 15.41 -19.89
N GLN P 100 -20.64 15.89 -20.60
CA GLN P 100 -20.70 15.88 -22.08
C GLN P 100 -19.81 14.83 -22.74
N GLU P 101 -19.21 13.97 -21.94
CA GLU P 101 -18.29 12.97 -22.48
C GLU P 101 -19.01 11.93 -23.35
N ASN P 102 -20.30 11.73 -23.11
CA ASN P 102 -21.04 10.69 -23.82
C ASN P 102 -21.69 11.20 -25.09
N GLY P 103 -21.57 12.51 -25.35
CA GLY P 103 -22.18 13.09 -26.54
C GLY P 103 -23.69 12.94 -26.60
N THR P 104 -24.33 12.98 -25.44
CA THR P 104 -25.76 13.10 -25.40
C THR P 104 -26.15 14.55 -25.11
N VAL P 105 -25.26 15.31 -24.46
CA VAL P 105 -25.64 16.66 -24.00
C VAL P 105 -26.02 17.55 -25.17
N ALA P 106 -27.08 18.33 -24.96
CA ALA P 106 -27.70 19.15 -26.00
C ALA P 106 -26.73 20.18 -26.55
N ILE P 107 -26.68 20.30 -27.88
CA ILE P 107 -25.69 21.13 -28.57
C ILE P 107 -25.77 22.62 -28.14
N ASN P 108 -26.97 23.07 -27.79
CA ASN P 108 -27.16 24.42 -27.26
C ASN P 108 -26.56 24.57 -25.87
N ASN P 109 -26.66 23.49 -25.08
CA ASN P 109 -26.26 23.50 -23.69
C ASN P 109 -24.77 23.21 -23.49
N ARG P 110 -24.14 22.66 -24.53
CA ARG P 110 -22.74 22.18 -24.49
C ARG P 110 -21.79 23.28 -24.05
N ILE P 111 -20.88 22.95 -23.13
CA ILE P 111 -19.85 23.91 -22.72
C ILE P 111 -18.50 23.49 -23.25
N PRO P 112 -17.90 24.31 -24.14
CA PRO P 112 -16.62 23.94 -24.72
C PRO P 112 -15.49 24.25 -23.75
N LEU P 113 -14.63 23.26 -23.52
CA LEU P 113 -13.59 23.36 -22.52
C LEU P 113 -12.22 23.55 -23.14
N GLN P 114 -11.46 24.40 -22.48
CA GLN P 114 -10.21 24.89 -23.03
C GLN P 114 -9.26 24.89 -21.86
N SER P 115 -8.00 24.62 -22.13
CA SER P 115 -7.03 24.49 -21.06
C SER P 115 -7.00 25.76 -20.23
N LEU P 116 -6.60 25.67 -18.95
CA LEU P 116 -6.80 26.84 -18.11
C LEU P 116 -5.83 27.89 -18.57
N THR P 117 -6.33 29.08 -18.90
CA THR P 117 -5.48 30.20 -19.28
C THR P 117 -4.45 30.48 -18.19
N ALA P 118 -3.18 30.66 -18.59
CA ALA P 118 -2.06 30.60 -17.65
C ALA P 118 -1.34 31.87 -17.65
N ALA P 119 -0.95 32.27 -16.45
CA ALA P 119 -0.38 33.59 -16.21
C ALA P 119 1.13 33.60 -16.42
N ASN P 120 1.69 34.76 -16.76
CA ASN P 120 3.14 34.88 -16.91
C ASN P 120 3.81 35.48 -15.70
N ILE P 121 3.25 36.55 -15.20
CA ILE P 121 3.69 37.07 -13.94
C ILE P 121 2.60 36.79 -12.93
N MET P 122 3.00 36.46 -11.73
CA MET P 122 2.06 36.50 -10.66
C MET P 122 2.53 37.55 -9.64
N VAL P 123 1.58 38.26 -9.03
CA VAL P 123 1.91 39.16 -7.94
C VAL P 123 1.32 38.78 -6.59
N GLU P 124 2.17 38.74 -5.57
CA GLU P 124 1.73 38.43 -4.21
C GLU P 124 2.31 39.44 -3.26
N GLY P 125 1.79 39.44 -2.03
CA GLY P 125 2.11 40.47 -1.06
C GLY P 125 1.53 40.18 0.30
N SER P 126 1.47 41.20 1.13
CA SER P 126 1.09 40.99 2.51
C SER P 126 0.69 42.28 3.13
N ILE P 127 -0.23 42.22 4.08
CA ILE P 127 -0.52 43.40 4.88
C ILE P 127 0.56 43.40 5.92
N ILE P 128 1.55 44.27 5.73
CA ILE P 128 2.69 44.41 6.64
C ILE P 128 2.38 45.53 7.63
N GLY P 129 1.91 45.12 8.78
CA GLY P 129 1.68 46.08 9.85
C GLY P 129 0.37 46.89 9.91
N TYR P 130 -0.16 46.99 11.12
CA TYR P 130 -1.15 47.99 11.48
C TYR P 130 -0.78 48.44 12.87
N GLU P 131 -0.23 49.64 12.98
CA GLU P 131 0.01 50.21 14.27
C GLU P 131 -1.17 51.12 14.61
N SER P 132 -1.52 51.20 15.89
CA SER P 132 -2.73 51.90 16.31
C SER P 132 -2.44 53.09 17.24
N ASN P 133 -3.18 54.18 17.05
CA ASN P 133 -2.90 55.47 17.71
C ASN P 133 -1.45 55.86 17.57
N VAL P 134 -1.00 55.93 16.33
CA VAL P 134 0.39 56.25 16.02
C VAL P 134 0.58 57.69 16.41
N LYS P 135 -0.49 58.46 16.23
CA LYS P 135 -0.60 59.79 16.84
C LYS P 135 -1.99 60.03 17.42
N SER P 136 -2.06 60.97 18.35
CA SER P 136 -3.32 61.32 18.97
C SER P 136 -3.21 62.66 19.69
N GLY P 137 -4.36 63.28 19.89
CA GLY P 137 -4.42 64.56 20.60
C GLY P 137 -5.82 64.95 21.02
N GLY P 138 -5.92 66.02 21.80
CA GLY P 138 -7.21 66.56 22.19
C GLY P 138 -7.12 67.98 22.72
N VAL P 139 -8.15 68.77 22.43
CA VAL P 139 -8.24 70.15 22.91
C VAL P 139 -9.67 70.42 23.38
N GLY P 140 -9.79 70.88 24.61
CA GLY P 140 -11.09 71.18 25.20
C GLY P 140 -11.07 72.31 26.21
N ALA P 141 -12.14 73.09 26.23
CA ALA P 141 -12.26 74.18 27.19
C ALA P 141 -13.71 74.35 27.67
N ARG P 142 -13.85 74.60 28.96
CA ARG P 142 -15.14 74.93 29.52
C ARG P 142 -15.00 76.21 30.32
N TYR P 143 -16.05 77.02 30.27
CA TYR P 143 -16.03 78.36 30.86
C TYR P 143 -17.26 78.58 31.72
N GLY P 145 -19.70 77.61 32.43
CA GLY P 145 -20.93 76.92 32.09
C GLY P 145 -20.97 76.29 30.70
N ILE P 146 -20.22 76.83 29.74
CA ILE P 146 -20.28 76.40 28.33
C ILE P 146 -18.95 75.75 27.92
N GLY P 147 -18.99 74.64 27.19
CA GLY P 147 -17.76 73.91 26.88
C GLY P 147 -17.76 73.15 25.56
N ALA P 148 -16.56 72.93 25.02
CA ALA P 148 -16.41 72.06 23.86
C ALA P 148 -15.06 71.35 23.92
N ASP P 149 -14.92 70.33 23.10
CA ASP P 149 -13.66 69.61 22.99
C ASP P 149 -13.61 68.75 21.74
N THR P 150 -12.43 68.60 21.15
CA THR P 150 -12.22 67.59 20.14
C THR P 150 -11.11 66.66 20.61
N GLN P 151 -11.15 65.43 20.13
CA GLN P 151 -10.02 64.51 20.29
C GLN P 151 -9.82 63.77 18.96
N TYR P 152 -8.57 63.52 18.63
CA TYR P 152 -8.27 62.82 17.39
C TYR P 152 -7.25 61.72 17.61
N GLN P 153 -7.40 60.61 16.87
CA GLN P 153 -6.39 59.57 16.84
C GLN P 153 -6.14 59.13 15.41
N LEU P 154 -4.94 58.65 15.14
CA LEU P 154 -4.65 58.08 13.82
C LEU P 154 -3.71 56.87 13.87
N ASP P 155 -3.96 55.96 12.93
CA ASP P 155 -3.38 54.63 12.90
C ASP P 155 -2.66 54.44 11.58
N GLN P 156 -1.75 53.48 11.52
CA GLN P 156 -1.00 53.23 10.26
C GLN P 156 -1.27 51.83 9.69
N ILE P 157 -1.08 51.69 8.39
CA ILE P 157 -1.30 50.42 7.72
C ILE P 157 -0.35 50.39 6.54
N ALA P 158 0.30 49.26 6.32
CA ALA P 158 1.24 49.17 5.20
C ALA P 158 1.02 47.89 4.43
N VAL P 159 1.36 47.95 3.15
CA VAL P 159 1.10 46.84 2.26
C VAL P 159 2.29 46.60 1.36
N ASN P 160 2.75 45.35 1.33
CA ASN P 160 3.72 44.92 0.35
C ASN P 160 2.99 44.29 -0.83
N LEU P 161 3.33 44.73 -2.05
CA LEU P 161 3.00 43.95 -3.22
C LEU P 161 4.28 43.61 -3.93
N ARG P 162 4.31 42.49 -4.63
CA ARG P 162 5.48 42.18 -5.44
C ARG P 162 5.23 41.25 -6.65
N VAL P 163 5.81 41.62 -7.79
CA VAL P 163 5.67 40.89 -9.02
C VAL P 163 6.74 39.85 -9.00
N VAL P 164 6.31 38.62 -9.17
CA VAL P 164 7.20 37.46 -9.33
C VAL P 164 7.10 36.83 -10.71
N ASN P 165 8.27 36.57 -11.31
CA ASN P 165 8.33 36.05 -12.67
C ASN P 165 8.19 34.53 -12.59
N VAL P 166 7.15 33.99 -13.23
CA VAL P 166 6.84 32.58 -13.18
C VAL P 166 7.95 31.80 -13.78
N SER P 167 8.50 32.34 -14.85
CA SER P 167 9.50 31.63 -15.62
C SER P 167 10.85 31.45 -14.89
N THR P 168 11.04 32.17 -13.77
CA THR P 168 12.33 32.15 -13.09
C THR P 168 12.23 32.14 -11.57
N GLY P 169 11.25 32.81 -11.07
CA GLY P 169 11.18 32.96 -9.65
C GLY P 169 11.94 34.19 -9.17
N GLU P 170 12.69 34.84 -10.07
CA GLU P 170 13.05 36.26 -9.86
C GLU P 170 11.83 37.16 -9.51
N ILE P 171 11.89 37.82 -8.36
CA ILE P 171 10.98 38.86 -8.11
C ILE P 171 11.33 40.02 -9.08
N LEU P 172 10.35 40.49 -9.84
CA LEU P 172 10.60 41.57 -10.81
C LEU P 172 10.32 42.98 -10.26
N SER P 173 9.64 43.03 -9.13
CA SER P 173 9.35 44.29 -8.47
C SER P 173 8.79 44.08 -7.08
N SER P 174 9.34 44.78 -6.09
CA SER P 174 8.72 44.83 -4.78
C SER P 174 8.38 46.30 -4.47
N VAL P 175 7.19 46.53 -3.92
CA VAL P 175 6.78 47.86 -3.49
C VAL P 175 6.13 47.86 -2.12
N ASN P 176 6.35 48.94 -1.37
CA ASN P 176 5.89 49.06 0.03
C ASN P 176 5.05 50.31 0.30
N THR P 177 3.72 50.24 0.20
CA THR P 177 2.86 51.42 0.37
C THR P 177 2.33 51.51 1.80
N SER P 178 1.91 52.70 2.17
CA SER P 178 1.43 52.97 3.54
C SER P 178 0.34 54.05 3.55
N LYS P 179 -0.49 54.01 4.59
CA LYS P 179 -1.68 54.83 4.62
C LYS P 179 -2.13 55.02 6.06
N THR P 180 -2.64 56.21 6.32
CA THR P 180 -3.03 56.58 7.67
C THR P 180 -4.56 56.63 7.83
N ILE P 181 -5.05 55.99 8.90
CA ILE P 181 -6.47 55.98 9.18
C ILE P 181 -6.77 57.06 10.22
N LEU P 182 -7.60 58.04 9.81
CA LEU P 182 -8.03 59.13 10.70
C LEU P 182 -9.33 58.89 11.52
N SER P 183 -9.30 59.29 12.81
CA SER P 183 -10.48 59.26 13.67
C SER P 183 -10.55 60.53 14.53
N TYR P 184 -11.76 61.06 14.70
CA TYR P 184 -11.95 62.22 15.55
C TYR P 184 -13.32 62.27 16.21
N GLU P 185 -13.35 62.96 17.36
CA GLU P 185 -14.56 63.15 18.16
C GLU P 185 -14.74 64.60 18.58
N VAL P 186 -15.78 65.24 18.05
CA VAL P 186 -16.13 66.60 18.40
C VAL P 186 -17.30 66.59 19.37
N GLN P 187 -17.23 67.45 20.39
CA GLN P 187 -18.26 67.49 21.42
C GLN P 187 -18.45 68.90 21.95
N ALA P 188 -19.70 69.29 22.16
CA ALA P 188 -20.01 70.58 22.76
C ALA P 188 -21.18 70.46 23.72
N GLY P 189 -21.10 71.15 24.86
CA GLY P 189 -22.14 71.09 25.89
C GLY P 189 -22.35 72.41 26.60
N VAL P 190 -23.62 72.75 26.83
CA VAL P 190 -23.98 73.98 27.54
C VAL P 190 -24.66 73.62 28.86
N PHE P 191 -24.27 74.29 29.94
CA PHE P 191 -24.71 73.91 31.29
C PHE P 191 -25.18 75.15 32.06
N LEU P 200 -30.59 73.92 33.25
CA LEU P 200 -30.38 73.73 31.81
C LEU P 200 -29.08 73.00 31.54
N GLU P 201 -29.19 71.80 30.98
CA GLU P 201 -28.08 71.15 30.30
C GLU P 201 -28.44 70.87 28.85
N GLY P 202 -27.44 70.92 27.97
CA GLY P 202 -27.61 70.54 26.57
C GLY P 202 -26.30 70.08 25.96
N GLU P 203 -26.27 68.89 25.37
CA GLU P 203 -25.05 68.39 24.75
C GLU P 203 -25.26 67.95 23.26
N VAL P 204 -24.28 68.30 22.43
CA VAL P 204 -24.15 67.78 21.05
C VAL P 204 -22.80 67.08 20.90
N GLY P 205 -22.81 65.91 20.27
CA GLY P 205 -21.60 65.16 20.00
C GLY P 205 -21.57 64.58 18.60
N TYR P 206 -20.37 64.43 18.03
CA TYR P 206 -20.17 63.80 16.73
C TYR P 206 -18.83 63.08 16.69
N THR P 207 -18.78 61.89 16.07
CA THR P 207 -17.54 61.13 15.94
C THR P 207 -17.41 60.53 14.53
N SER P 208 -16.21 60.62 13.96
CA SER P 208 -15.97 60.06 12.63
C SER P 208 -14.69 59.22 12.56
N ASN P 209 -14.84 57.98 12.11
CA ASN P 209 -13.70 57.09 11.86
C ASN P 209 -13.60 56.80 10.38
N GLU P 210 -12.38 56.84 9.87
CA GLU P 210 -12.14 56.33 8.53
C GLU P 210 -12.36 54.82 8.56
N PRO P 211 -12.93 54.27 7.51
CA PRO P 211 -12.95 52.83 7.39
C PRO P 211 -11.58 52.22 7.07
N VAL P 212 -11.12 51.30 7.92
CA VAL P 212 -9.84 50.60 7.73
C VAL P 212 -9.90 49.78 6.44
N MET P 213 -11.03 49.12 6.27
CA MET P 213 -11.48 48.61 4.99
C MET P 213 -11.06 49.45 3.77
N LEU P 214 -11.36 50.74 3.82
CA LEU P 214 -11.32 51.61 2.66
C LEU P 214 -9.90 52.09 2.47
N CYS P 215 -9.19 52.23 3.57
CA CYS P 215 -7.78 52.61 3.53
C CYS P 215 -6.92 51.48 2.93
N LEU P 216 -7.25 50.25 3.33
CA LEU P 216 -6.59 49.09 2.80
C LEU P 216 -6.76 49.10 1.27
N MET P 217 -7.99 49.33 0.82
CA MET P 217 -8.29 49.25 -0.59
C MET P 217 -7.52 50.32 -1.31
N SER P 218 -7.52 51.54 -0.76
CA SER P 218 -6.78 52.70 -1.35
C SER P 218 -5.29 52.43 -1.51
N ALA P 219 -4.69 51.94 -0.42
CA ALA P 219 -3.26 51.61 -0.44
C ALA P 219 -2.88 50.49 -1.46
N ILE P 220 -3.74 49.48 -1.61
CA ILE P 220 -3.50 48.43 -2.58
C ILE P 220 -3.55 48.96 -4.02
N GLU P 221 -4.50 49.85 -4.31
CA GLU P 221 -4.58 50.52 -5.63
C GLU P 221 -3.30 51.27 -5.94
N THR P 222 -2.89 52.10 -4.99
CA THR P 222 -1.64 52.85 -5.08
C THR P 222 -0.46 51.93 -5.42
N GLY P 223 -0.36 50.82 -4.67
CA GLY P 223 0.68 49.82 -4.90
C GLY P 223 0.65 49.29 -6.32
N VAL P 224 -0.56 49.08 -6.86
CA VAL P 224 -0.69 48.55 -8.21
C VAL P 224 -0.13 49.55 -9.20
N ILE P 225 -0.43 50.83 -8.99
CA ILE P 225 0.08 51.88 -9.86
C ILE P 225 1.62 51.90 -9.84
N PHE P 226 2.21 51.94 -8.66
CA PHE P 226 3.69 51.91 -8.50
C PHE P 226 4.30 50.68 -9.16
N LEU P 227 3.56 49.56 -9.16
CA LEU P 227 4.02 48.35 -9.87
C LEU P 227 4.05 48.56 -11.36
N ILE P 228 2.98 49.13 -11.90
CA ILE P 228 2.85 49.29 -13.35
C ILE P 228 3.93 50.26 -13.81
N ASN P 229 4.07 51.38 -13.10
CA ASN P 229 5.06 52.40 -13.44
C ASN P 229 6.49 51.85 -13.36
N ASP P 230 6.77 51.10 -12.29
CA ASP P 230 8.04 50.41 -12.14
C ASP P 230 8.29 49.42 -13.31
N GLY P 231 7.25 48.69 -13.72
CA GLY P 231 7.39 47.72 -14.81
C GLY P 231 7.60 48.40 -16.15
N ILE P 232 7.00 49.57 -16.33
CA ILE P 232 7.23 50.40 -17.53
C ILE P 232 8.69 50.82 -17.63
N ASP P 233 9.22 51.37 -16.55
CA ASP P 233 10.63 51.74 -16.45
C ASP P 233 11.54 50.55 -16.77
N ARG P 234 11.29 49.41 -16.13
CA ARG P 234 12.20 48.26 -16.21
C ARG P 234 11.99 47.40 -17.47
N GLY P 235 11.04 47.78 -18.31
CA GLY P 235 10.82 47.11 -19.58
C GLY P 235 10.13 45.77 -19.44
N LEU P 236 9.25 45.64 -18.44
CA LEU P 236 8.37 44.48 -18.37
C LEU P 236 7.29 44.62 -19.44
N TRP P 237 6.68 45.79 -19.51
CA TRP P 237 5.58 46.05 -20.45
C TRP P 237 5.71 47.46 -21.03
N ASP P 238 4.98 47.71 -22.12
CA ASP P 238 5.12 48.95 -22.88
C ASP P 238 3.79 49.67 -23.16
N LEU P 239 3.85 51.00 -23.22
CA LEU P 239 2.67 51.83 -23.45
C LEU P 239 2.27 51.79 -24.89
N GLN P 240 0.96 51.84 -25.13
CA GLN P 240 0.44 52.02 -26.48
C GLN P 240 1.02 53.27 -27.12
N ASN P 241 0.86 54.40 -26.45
CA ASN P 241 1.39 55.69 -26.91
C ASN P 241 2.61 56.09 -26.10
N LYS P 242 3.76 56.08 -26.75
CA LYS P 242 5.02 56.42 -26.08
C LYS P 242 4.98 57.88 -25.70
N ALA P 243 4.17 58.64 -26.44
CA ALA P 243 3.89 60.06 -26.16
C ALA P 243 3.20 60.24 -24.82
N GLU P 244 2.60 59.17 -24.29
CA GLU P 244 1.87 59.27 -23.03
C GLU P 244 2.74 58.91 -21.84
N ARG P 245 4.05 58.81 -22.04
CA ARG P 245 4.96 58.62 -20.92
C ARG P 245 4.88 59.72 -19.85
N GLN P 246 4.66 60.97 -20.28
CA GLN P 246 4.62 62.09 -19.35
C GLN P 246 3.19 62.37 -18.87
N ASN P 247 2.34 61.37 -18.97
CA ASN P 247 1.01 61.39 -18.34
C ASN P 247 1.06 61.96 -16.92
N ASP P 248 0.07 62.78 -16.58
CA ASP P 248 0.04 63.47 -15.27
C ASP P 248 0.19 62.47 -14.11
N ILE P 249 -0.57 61.38 -14.21
CA ILE P 249 -0.62 60.38 -13.16
C ILE P 249 0.73 59.67 -13.05
N LEU P 250 1.25 59.23 -14.20
CA LEU P 250 2.51 58.49 -14.25
C LEU P 250 3.69 59.30 -13.72
N VAL P 251 3.71 60.59 -14.00
CA VAL P 251 4.77 61.47 -13.51
C VAL P 251 4.58 61.81 -12.03
N LYS P 252 3.33 61.77 -11.57
CA LYS P 252 3.03 61.98 -10.17
C LYS P 252 3.62 60.85 -9.31
N TYR P 253 3.40 59.61 -9.76
CA TYR P 253 3.88 58.43 -9.03
C TYR P 253 5.36 58.22 -9.25
N ARG P 254 5.83 58.62 -10.43
CA ARG P 254 7.27 58.66 -10.71
C ARG P 254 7.95 59.61 -9.71
N HIS P 255 7.28 60.73 -9.41
CA HIS P 255 7.81 61.72 -8.48
C HIS P 255 7.83 61.25 -7.04
N MET P 256 6.85 60.44 -6.65
CA MET P 256 6.84 59.90 -5.29
C MET P 256 8.01 58.91 -5.05
N SER P 257 8.53 58.32 -6.13
CA SER P 257 9.72 57.44 -6.07
C SER P 257 10.99 58.24 -5.94
N LEU Q 2 -25.75 62.19 4.75
CA LEU Q 2 -24.52 61.88 5.56
C LEU Q 2 -24.84 60.77 6.59
N THR Q 3 -25.16 59.59 6.04
CA THR Q 3 -25.16 58.31 6.75
C THR Q 3 -24.62 57.19 5.84
N ALA Q 4 -24.34 57.53 4.58
CA ALA Q 4 -23.43 56.73 3.76
C ALA Q 4 -21.99 56.96 4.25
N PRO Q 5 -21.00 56.38 3.59
CA PRO Q 5 -19.73 56.42 4.32
C PRO Q 5 -19.03 57.79 4.26
N PRO Q 6 -17.99 57.97 5.08
CA PRO Q 6 -17.04 59.07 4.90
C PRO Q 6 -16.02 58.86 3.77
N LYS Q 7 -15.50 59.94 3.20
CA LYS Q 7 -14.51 59.84 2.11
C LYS Q 7 -13.08 59.99 2.62
N GLU Q 8 -12.13 59.66 1.74
CA GLU Q 8 -10.75 59.38 2.14
C GLU Q 8 -10.01 60.61 2.68
N ALA Q 9 -9.61 60.51 3.94
CA ALA Q 9 -8.76 61.50 4.58
C ALA Q 9 -7.29 61.05 4.55
N ALA Q 10 -6.45 61.79 3.82
CA ALA Q 10 -5.02 61.49 3.63
C ALA Q 10 -4.79 60.52 2.47
N ARG Q 11 -3.56 60.54 1.95
CA ARG Q 11 -3.22 59.80 0.74
C ARG Q 11 -2.33 58.60 1.06
N PRO Q 12 -2.44 57.55 0.25
CA PRO Q 12 -1.42 56.52 0.35
C PRO Q 12 -0.08 57.07 -0.12
N THR Q 13 0.87 57.15 0.79
CA THR Q 13 2.25 57.35 0.42
C THR Q 13 2.98 56.02 0.26
N LEU Q 14 4.10 55.99 -0.47
CA LEU Q 14 4.95 54.80 -0.36
C LEU Q 14 5.69 54.81 1.00
N MET Q 15 6.10 53.63 1.49
CA MET Q 15 6.25 53.42 2.94
C MET Q 15 7.43 54.22 3.45
N PRO Q 16 7.17 55.09 4.43
CA PRO Q 16 8.14 56.02 4.98
C PRO Q 16 9.36 55.36 5.66
N ARG Q 17 10.34 54.97 4.84
CA ARG Q 17 11.64 54.53 5.34
C ARG Q 17 12.56 55.74 5.51
N ALA Q 18 13.44 55.70 6.50
CA ALA Q 18 14.35 56.83 6.75
C ALA Q 18 15.85 56.54 6.45
N GLN Q 19 16.69 56.64 7.48
CA GLN Q 19 18.13 56.80 7.26
C GLN Q 19 18.76 55.51 6.75
N SER Q 20 18.45 54.41 7.43
CA SER Q 20 18.85 53.06 7.03
C SER Q 20 18.64 52.84 5.52
N TYR Q 21 17.45 53.19 5.03
CA TYR Q 21 17.13 53.14 3.60
C TYR Q 21 18.07 53.97 2.71
N LYS Q 22 18.27 55.24 3.09
CA LYS Q 22 19.15 56.13 2.33
C LYS Q 22 20.59 55.62 2.23
N ASP Q 23 21.11 55.09 3.33
CA ASP Q 23 22.41 54.41 3.33
C ASP Q 23 22.41 53.17 2.44
N LEU Q 24 21.36 52.36 2.56
CA LEU Q 24 21.25 51.09 1.85
C LEU Q 24 21.19 51.26 0.32
N THR Q 25 20.51 52.32 -0.12
CA THR Q 25 20.32 52.57 -1.55
C THR Q 25 21.61 53.09 -2.21
N HIS Q 26 22.25 54.08 -1.55
CA HIS Q 26 23.44 54.74 -2.09
C HIS Q 26 24.72 53.95 -1.75
N LEU Q 27 24.62 52.63 -1.76
CA LEU Q 27 25.78 51.79 -1.54
C LEU Q 27 26.45 51.53 -2.89
N PRO Q 28 27.79 51.60 -2.93
CA PRO Q 28 28.56 51.38 -4.17
C PRO Q 28 28.35 49.99 -4.72
N ALA Q 29 28.02 49.87 -5.99
CA ALA Q 29 27.52 48.61 -6.54
C ALA Q 29 28.63 47.56 -6.70
N PRO Q 30 28.29 46.26 -6.52
CA PRO Q 30 29.23 45.14 -6.72
C PRO Q 30 29.47 44.84 -8.20
N THR Q 31 30.36 43.89 -8.48
CA THR Q 31 30.73 43.57 -9.88
C THR Q 31 29.59 42.89 -10.62
N GLY Q 32 28.72 42.23 -9.88
CA GLY Q 32 27.44 41.77 -10.40
C GLY Q 32 26.50 41.63 -9.22
N LYS Q 33 25.19 41.73 -9.46
CA LYS Q 33 24.24 41.39 -8.42
C LYS Q 33 24.32 39.90 -7.98
N ILE Q 34 24.02 39.62 -6.71
CA ILE Q 34 24.09 38.26 -6.18
C ILE Q 34 22.66 37.71 -6.01
N PHE Q 35 22.49 36.43 -6.34
CA PHE Q 35 21.22 35.73 -6.24
C PHE Q 35 20.95 35.25 -4.82
N VAL Q 36 19.80 35.63 -4.25
CA VAL Q 36 19.54 35.34 -2.83
C VAL Q 36 18.15 34.79 -2.58
N SER Q 37 18.03 33.99 -1.54
CA SER Q 37 16.78 33.33 -1.24
C SER Q 37 16.41 33.65 0.17
N VAL Q 38 15.18 34.08 0.40
CA VAL Q 38 14.67 34.17 1.79
C VAL Q 38 13.42 33.32 1.95
N TYR Q 39 13.49 32.32 2.84
CA TYR Q 39 12.41 31.36 3.03
C TYR Q 39 11.50 31.91 4.13
N ASN Q 40 12.07 32.25 5.29
CA ASN Q 40 11.28 32.75 6.42
C ASN Q 40 12.09 33.38 7.56
N ILE Q 41 11.68 34.57 8.01
CA ILE Q 41 12.21 35.16 9.24
C ILE Q 41 11.12 35.28 10.30
N GLN Q 42 11.27 34.58 11.43
CA GLN Q 42 10.15 34.39 12.35
C GLN Q 42 10.11 35.47 13.41
N ASP Q 43 8.91 35.70 13.95
CA ASP Q 43 8.73 36.50 15.16
C ASP Q 43 9.14 35.70 16.42
N GLU Q 44 10.42 35.35 16.54
CA GLU Q 44 10.92 34.54 17.65
C GLU Q 44 10.89 35.31 18.96
N THR Q 45 10.14 36.41 18.99
CA THR Q 45 10.16 37.34 20.14
C THR Q 45 9.41 36.82 21.38
N GLY Q 46 8.26 36.22 21.17
CA GLY Q 46 7.49 35.58 22.27
C GLY Q 46 6.52 36.52 22.98
N GLN Q 47 6.14 37.57 22.30
CA GLN Q 47 5.58 38.65 23.01
C GLN Q 47 4.32 39.18 22.37
N PHE Q 48 3.35 39.44 23.24
CA PHE Q 48 2.06 39.98 22.85
C PHE Q 48 1.75 41.24 23.61
N LYS Q 49 0.72 41.94 23.15
CA LYS Q 49 0.38 43.24 23.69
C LYS Q 49 -0.38 43.04 24.97
N PRO Q 50 -0.18 43.95 25.92
CA PRO Q 50 -0.86 43.86 27.19
C PRO Q 50 -2.32 44.35 27.12
N TYR Q 51 -3.08 44.08 28.19
CA TYR Q 51 -4.38 44.66 28.33
C TYR Q 51 -4.32 46.16 28.13
N PRO Q 52 -5.29 46.72 27.38
CA PRO Q 52 -6.50 46.14 26.82
C PRO Q 52 -6.42 45.54 25.42
N ALA Q 53 -5.22 45.26 24.91
CA ALA Q 53 -5.10 44.69 23.56
C ALA Q 53 -5.78 43.33 23.56
N SER Q 54 -6.15 42.84 22.38
CA SER Q 54 -6.53 41.45 22.29
C SER Q 54 -5.38 40.58 22.80
N ASN Q 55 -5.77 39.52 23.51
CA ASN Q 55 -4.83 38.53 24.00
C ASN Q 55 -3.88 38.04 22.91
N PHE Q 56 -4.38 38.09 21.68
CA PHE Q 56 -3.70 37.50 20.51
C PHE Q 56 -2.93 38.52 19.69
N SER Q 57 -2.95 39.78 20.06
CA SER Q 57 -2.19 40.79 19.32
C SER Q 57 -0.70 40.66 19.63
N THR Q 58 0.08 40.32 18.63
CA THR Q 58 1.51 40.18 18.81
C THR Q 58 2.14 41.51 19.03
N ALA Q 59 3.27 41.53 19.70
CA ALA Q 59 3.93 42.81 19.90
C ALA Q 59 4.67 43.32 18.65
N VAL Q 60 4.97 42.40 17.73
CA VAL Q 60 5.78 42.70 16.55
C VAL Q 60 5.07 42.15 15.31
N PRO Q 61 5.08 42.91 14.19
CA PRO Q 61 4.48 42.38 12.97
C PRO Q 61 5.17 41.12 12.43
N GLN Q 62 4.36 40.22 11.86
CA GLN Q 62 4.84 38.90 11.44
C GLN Q 62 5.36 38.96 10.03
N SER Q 63 5.93 40.10 9.67
CA SER Q 63 6.11 40.46 8.26
C SER Q 63 7.60 40.62 7.89
N ALA Q 64 8.48 40.24 8.81
CA ALA Q 64 9.89 40.50 8.71
C ALA Q 64 10.49 39.93 7.42
N THR Q 65 10.01 38.76 7.02
CA THR Q 65 10.47 38.09 5.82
C THR Q 65 10.39 38.96 4.58
N ALA Q 66 9.23 39.59 4.38
CA ALA Q 66 9.02 40.43 3.20
C ALA Q 66 9.81 41.75 3.25
N MET Q 67 10.00 42.27 4.46
CA MET Q 67 10.86 43.42 4.66
C MET Q 67 12.32 43.11 4.25
N LEU Q 68 12.83 41.98 4.71
CA LEU Q 68 14.18 41.61 4.41
C LEU Q 68 14.38 41.45 2.92
N VAL Q 69 13.44 40.77 2.25
CA VAL Q 69 13.53 40.58 0.80
C VAL Q 69 13.56 41.94 0.09
N THR Q 70 12.70 42.85 0.56
CA THR Q 70 12.63 44.20 0.00
C THR Q 70 13.92 44.99 0.22
N ALA Q 71 14.46 44.87 1.42
CA ALA Q 71 15.74 45.50 1.71
C ALA Q 71 16.85 44.94 0.82
N LEU Q 72 16.86 43.64 0.67
CA LEU Q 72 17.88 42.97 -0.15
C LEU Q 72 17.80 43.47 -1.57
N LYS Q 73 16.61 43.90 -1.99
CA LYS Q 73 16.43 44.36 -3.37
C LYS Q 73 16.86 45.81 -3.49
N ASP Q 74 16.44 46.63 -2.54
CA ASP Q 74 16.67 48.05 -2.61
C ASP Q 74 18.16 48.33 -2.63
N SER Q 75 18.93 47.46 -1.99
CA SER Q 75 20.38 47.65 -1.85
C SER Q 75 21.11 47.67 -3.20
N ARG Q 76 20.49 47.03 -4.19
CA ARG Q 76 21.08 46.83 -5.52
C ARG Q 76 22.37 46.07 -5.45
N TRP Q 77 22.41 45.12 -4.52
CA TRP Q 77 23.44 44.10 -4.50
C TRP Q 77 22.89 42.68 -4.85
N PHE Q 78 21.64 42.43 -4.49
CA PHE Q 78 21.02 41.11 -4.57
C PHE Q 78 19.78 41.12 -5.46
N ILE Q 79 19.59 40.02 -6.17
CA ILE Q 79 18.31 39.66 -6.81
C ILE Q 79 17.61 38.61 -5.95
N PRO Q 80 16.40 38.95 -5.49
CA PRO Q 80 15.85 37.98 -4.61
C PRO Q 80 15.09 37.04 -5.47
N LEU Q 81 15.21 35.77 -5.14
CA LEU Q 81 14.35 34.80 -5.68
C LEU Q 81 13.17 34.56 -4.74
N GLU Q 82 12.00 34.39 -5.38
CA GLU Q 82 10.76 34.15 -4.66
C GLU Q 82 10.69 32.69 -4.14
N ARG Q 83 10.84 32.56 -2.81
CA ARG Q 83 10.57 31.32 -2.11
C ARG Q 83 9.43 31.41 -1.04
N GLN Q 84 9.05 32.60 -0.59
CA GLN Q 84 8.01 32.72 0.45
C GLN Q 84 6.71 32.17 -0.08
N GLY Q 85 6.43 32.39 -1.34
CA GLY Q 85 5.24 31.76 -1.93
C GLY Q 85 5.55 30.69 -2.95
N LEU Q 86 6.57 29.87 -2.69
CA LEU Q 86 7.09 28.93 -3.71
C LEU Q 86 6.02 27.96 -4.24
N GLN Q 87 5.11 27.54 -3.37
CA GLN Q 87 4.10 26.55 -3.75
C GLN Q 87 3.19 27.03 -4.92
N ASN Q 88 2.71 28.24 -4.79
CA ASN Q 88 1.91 28.83 -5.83
C ASN Q 88 2.68 28.95 -7.14
N LEU Q 89 3.96 29.30 -7.03
CA LEU Q 89 4.80 29.52 -8.18
C LEU Q 89 4.83 28.18 -8.98
N LEU Q 90 4.98 27.09 -8.25
CA LEU Q 90 5.09 25.77 -8.86
C LEU Q 90 3.76 25.36 -9.46
N ASN Q 91 2.68 25.82 -8.85
CA ASN Q 91 1.37 25.55 -9.36
C ASN Q 91 1.11 26.25 -10.68
N GLU Q 92 1.39 27.54 -10.74
CA GLU Q 92 1.21 28.29 -11.97
C GLU Q 92 1.99 27.60 -13.08
N ARG Q 93 3.18 27.14 -12.73
CA ARG Q 93 4.01 26.50 -13.72
C ARG Q 93 3.36 25.17 -14.19
N LYS Q 94 2.66 24.49 -13.29
CA LYS Q 94 1.95 23.27 -13.68
C LYS Q 94 0.86 23.64 -14.67
N ILE Q 95 0.22 24.79 -14.43
CA ILE Q 95 -0.92 25.18 -15.25
C ILE Q 95 -0.47 25.62 -16.64
N ILE Q 96 0.68 26.31 -16.65
CA ILE Q 96 1.37 26.65 -17.90
C ILE Q 96 1.67 25.42 -18.69
N ARG Q 97 2.43 24.50 -18.09
CA ARG Q 97 2.85 23.27 -18.79
C ARG Q 97 1.67 22.42 -19.28
N ALA Q 98 0.56 22.48 -18.53
CA ALA Q 98 -0.64 21.78 -18.94
C ALA Q 98 -1.32 22.48 -20.12
N ALA Q 99 -1.14 23.80 -20.17
CA ALA Q 99 -1.74 24.63 -21.22
C ALA Q 99 -1.14 24.32 -22.59
N GLN Q 100 0.18 24.35 -22.64
CA GLN Q 100 0.89 24.47 -23.91
C GLN Q 100 1.58 23.19 -24.33
N GLU Q 101 1.34 22.10 -23.59
CA GLU Q 101 1.96 20.82 -23.92
C GLU Q 101 1.46 20.20 -25.25
N ASN Q 102 0.26 20.58 -25.69
CA ASN Q 102 -0.29 20.04 -26.91
C ASN Q 102 0.03 20.89 -28.15
N GLY Q 103 0.71 22.03 -27.98
CA GLY Q 103 1.05 22.89 -29.12
C GLY Q 103 -0.16 23.41 -29.89
N THR Q 104 -1.24 23.65 -29.17
CA THR Q 104 -2.35 24.37 -29.74
C THR Q 104 -2.29 25.81 -29.27
N VAL Q 105 -1.70 26.07 -28.11
CA VAL Q 105 -1.74 27.41 -27.53
C VAL Q 105 -1.10 28.45 -28.46
N ALA Q 106 -1.76 29.62 -28.54
CA ALA Q 106 -1.43 30.65 -29.52
C ALA Q 106 -0.03 31.17 -29.29
N ILE Q 107 0.72 31.31 -30.37
CA ILE Q 107 2.14 31.68 -30.31
C ILE Q 107 2.40 33.03 -29.59
N ASN Q 108 1.44 33.95 -29.70
CA ASN Q 108 1.49 35.22 -28.98
C ASN Q 108 1.29 35.02 -27.48
N ASN Q 109 0.44 34.07 -27.14
CA ASN Q 109 0.03 33.82 -25.76
C ASN Q 109 0.99 32.89 -25.01
N ARG Q 110 1.82 32.19 -25.78
CA ARG Q 110 2.73 31.16 -25.24
C ARG Q 110 3.64 31.72 -24.14
N ILE Q 111 3.76 31.00 -23.03
CA ILE Q 111 4.72 31.37 -21.98
C ILE Q 111 5.90 30.43 -21.98
N PRO Q 112 7.10 30.93 -22.28
CA PRO Q 112 8.28 30.08 -22.29
C PRO Q 112 8.79 29.80 -20.88
N LEU Q 113 8.99 28.52 -20.57
CA LEU Q 113 9.34 28.11 -19.23
C LEU Q 113 10.80 27.74 -19.11
N GLN Q 114 11.38 28.12 -18.00
CA GLN Q 114 12.80 28.06 -17.80
C GLN Q 114 12.94 27.52 -16.40
N SER Q 115 13.99 26.78 -16.15
CA SER Q 115 14.17 26.15 -14.83
C SER Q 115 14.24 27.19 -13.74
N LEU Q 116 13.89 26.82 -12.50
CA LEU Q 116 13.73 27.89 -11.53
C LEU Q 116 15.09 28.40 -11.16
N THR Q 117 15.32 29.69 -11.35
CA THR Q 117 16.62 30.30 -11.07
C THR Q 117 16.96 29.98 -9.63
N ALA Q 118 18.20 29.56 -9.38
CA ALA Q 118 18.60 29.01 -8.08
C ALA Q 118 19.63 29.85 -7.42
N ALA Q 119 19.47 29.99 -6.12
CA ALA Q 119 20.31 30.88 -5.33
C ALA Q 119 21.62 30.21 -4.89
N ASN Q 120 22.65 31.02 -4.60
CA ASN Q 120 23.88 30.48 -4.05
C ASN Q 120 23.95 30.63 -2.54
N ILE Q 121 23.64 31.82 -2.07
CA ILE Q 121 23.58 32.05 -0.63
C ILE Q 121 22.15 32.27 -0.31
N MET Q 122 21.72 31.72 0.82
CA MET Q 122 20.43 32.10 1.34
C MET Q 122 20.58 32.67 2.75
N VAL Q 123 19.79 33.70 3.05
CA VAL Q 123 19.91 34.38 4.31
C VAL Q 123 18.62 34.21 5.07
N GLU Q 124 18.73 33.74 6.30
CA GLU Q 124 17.59 33.69 7.20
C GLU Q 124 17.92 34.34 8.52
N GLY Q 125 16.90 34.54 9.33
CA GLY Q 125 17.08 35.21 10.61
C GLY Q 125 15.84 35.14 11.46
N SER Q 126 15.75 36.03 12.42
CA SER Q 126 14.65 35.97 13.38
C SER Q 126 14.51 37.31 14.07
N ILE Q 127 13.29 37.66 14.44
CA ILE Q 127 13.11 38.77 15.34
C ILE Q 127 13.42 38.15 16.69
N ILE Q 128 14.61 38.46 17.18
CA ILE Q 128 15.03 38.11 18.52
C ILE Q 128 14.65 39.25 19.50
N GLY Q 129 13.53 39.07 20.18
CA GLY Q 129 13.18 39.92 21.27
C GLY Q 129 12.41 41.21 20.96
N TYR Q 130 11.42 41.47 21.81
CA TYR Q 130 10.86 42.81 21.98
C TYR Q 130 10.61 42.98 23.48
N GLU Q 131 11.44 43.78 24.14
CA GLU Q 131 11.15 44.16 25.50
C GLU Q 131 10.38 45.50 25.50
N SER Q 132 9.50 45.68 26.48
CA SER Q 132 8.61 46.83 26.48
C SER Q 132 8.80 47.72 27.72
N ASN Q 133 8.69 49.05 27.52
CA ASN Q 133 9.06 50.04 28.55
C ASN Q 133 10.42 49.73 29.16
N VAL Q 134 11.43 49.66 28.29
CA VAL Q 134 12.80 49.38 28.72
C VAL Q 134 13.28 50.59 29.49
N LYS Q 135 12.83 51.77 29.06
CA LYS Q 135 12.91 52.97 29.89
C LYS Q 135 11.65 53.81 29.82
N SER Q 136 11.46 54.64 30.83
CA SER Q 136 10.27 55.46 30.95
C SER Q 136 10.46 56.57 31.95
N GLY Q 137 9.68 57.64 31.78
CA GLY Q 137 9.73 58.76 32.71
C GLY Q 137 8.57 59.74 32.53
N GLY Q 138 8.49 60.70 33.45
CA GLY Q 138 7.45 61.71 33.38
C GLY Q 138 7.79 62.91 34.22
N VAL Q 139 7.40 64.09 33.73
CA VAL Q 139 7.59 65.34 34.46
C VAL Q 139 6.32 66.21 34.34
N GLY Q 140 5.78 66.59 35.48
CA GLY Q 140 4.57 67.38 35.51
C GLY Q 140 4.50 68.32 36.70
N ALA Q 141 3.88 69.47 36.48
CA ALA Q 141 3.69 70.45 37.57
C ALA Q 141 2.35 71.18 37.43
N ARG Q 142 1.69 71.38 38.57
CA ARG Q 142 0.52 72.20 38.60
C ARG Q 142 0.69 73.26 39.68
N TYR Q 143 0.16 74.45 39.40
CA TYR Q 143 0.36 75.61 40.27
C TYR Q 143 -0.98 76.30 40.58
N GLY Q 145 -3.59 76.52 39.86
CA GLY Q 145 -4.69 76.39 38.90
C GLY Q 145 -4.27 75.88 37.53
N ILE Q 146 -3.00 76.08 37.15
CA ILE Q 146 -2.51 75.80 35.79
C ILE Q 146 -1.48 74.66 35.84
N GLY Q 147 -1.56 73.71 34.90
CA GLY Q 147 -0.67 72.55 34.95
C GLY Q 147 -0.32 71.93 33.62
N ALA Q 148 0.82 71.28 33.58
CA ALA Q 148 1.25 70.53 32.40
C ALA Q 148 2.07 69.32 32.82
N ASP Q 149 2.27 68.41 31.87
CA ASP Q 149 3.08 67.24 32.12
C ASP Q 149 3.44 66.54 30.81
N THR Q 150 4.62 65.94 30.78
CA THR Q 150 4.91 64.96 29.73
C THR Q 150 5.27 63.63 30.35
N GLN Q 151 5.09 62.58 29.55
CA GLN Q 151 5.47 61.26 29.92
C GLN Q 151 6.03 60.55 28.73
N TYR Q 152 7.07 59.74 28.93
CA TYR Q 152 7.66 59.02 27.83
C TYR Q 152 7.97 57.59 28.16
N GLN Q 153 7.83 56.71 27.17
CA GLN Q 153 8.28 55.33 27.33
C GLN Q 153 9.02 54.88 26.09
N LEU Q 154 9.94 53.93 26.27
CA LEU Q 154 10.62 53.35 25.10
C LEU Q 154 10.88 51.86 25.24
N ASP Q 155 10.82 51.19 24.09
CA ASP Q 155 10.83 49.72 23.98
C ASP Q 155 12.03 49.31 23.13
N GLN Q 156 12.44 48.04 23.23
CA GLN Q 156 13.55 47.50 22.41
C GLN Q 156 13.09 46.40 21.42
N ILE Q 157 13.85 46.24 20.33
CA ILE Q 157 13.56 45.25 19.35
C ILE Q 157 14.89 44.83 18.73
N ALA Q 158 15.10 43.55 18.51
CA ALA Q 158 16.36 43.07 17.95
C ALA Q 158 16.15 42.03 16.88
N VAL Q 159 17.12 41.95 15.98
CA VAL Q 159 16.96 41.16 14.78
C VAL Q 159 18.27 40.45 14.52
N ASN Q 160 18.18 39.17 14.31
CA ASN Q 160 19.25 38.41 13.75
C ASN Q 160 19.02 38.24 12.24
N LEU Q 161 20.06 38.54 11.46
CA LEU Q 161 20.15 38.02 10.08
C LEU Q 161 21.43 37.19 9.92
N ARG Q 162 21.38 36.19 9.06
CA ARG Q 162 22.55 35.41 8.80
C ARG Q 162 22.62 34.77 7.40
N VAL Q 163 23.80 34.90 6.77
CA VAL Q 163 24.08 34.32 5.46
C VAL Q 163 24.57 32.91 5.58
N VAL Q 164 23.85 32.00 4.93
CA VAL Q 164 24.16 30.60 4.93
C VAL Q 164 24.57 30.15 3.56
N ASN Q 165 25.65 29.38 3.50
CA ASN Q 165 26.17 28.94 2.22
C ASN Q 165 25.48 27.66 1.80
N VAL Q 166 24.80 27.71 0.66
CA VAL Q 166 24.01 26.60 0.16
C VAL Q 166 24.89 25.42 -0.11
N SER Q 167 26.07 25.70 -0.61
CA SER Q 167 26.95 24.65 -1.01
C SER Q 167 27.55 23.86 0.18
N THR Q 168 27.44 24.36 1.41
CA THR Q 168 28.07 23.70 2.55
C THR Q 168 27.25 23.68 3.82
N GLY Q 169 26.48 24.72 4.02
CA GLY Q 169 25.69 24.79 5.23
C GLY Q 169 26.45 25.59 6.24
N GLU Q 170 27.72 25.88 5.97
CA GLU Q 170 28.47 26.89 6.75
C GLU Q 170 27.69 28.21 6.78
N ILE Q 171 27.42 28.73 7.95
CA ILE Q 171 26.97 30.05 8.03
C ILE Q 171 28.14 30.94 7.66
N LEU Q 172 27.94 31.84 6.70
CA LEU Q 172 29.03 32.75 6.25
C LEU Q 172 29.04 34.13 6.95
N SER Q 173 27.95 34.41 7.65
CA SER Q 173 27.87 35.63 8.47
C SER Q 173 26.66 35.62 9.38
N SER Q 174 26.85 35.96 10.64
CA SER Q 174 25.72 36.24 11.51
C SER Q 174 25.84 37.69 11.99
N VAL Q 175 24.72 38.42 12.00
CA VAL Q 175 24.68 39.76 12.57
C VAL Q 175 23.46 40.00 13.46
N ASN Q 176 23.63 40.84 14.48
CA ASN Q 176 22.61 41.08 15.53
C ASN Q 176 22.30 42.56 15.72
N THR Q 177 21.28 43.08 15.05
CA THR Q 177 20.95 44.50 15.13
C THR Q 177 19.83 44.78 16.15
N SER Q 178 19.72 46.04 16.58
CA SER Q 178 18.76 46.44 17.64
C SER Q 178 18.29 47.89 17.45
N LYS Q 179 17.13 48.19 17.99
CA LYS Q 179 16.49 49.46 17.71
C LYS Q 179 15.47 49.77 18.78
N THR Q 180 15.35 51.05 19.09
CA THR Q 180 14.49 51.50 20.16
C THR Q 180 13.23 52.20 19.62
N ILE Q 181 12.07 51.83 20.17
CA ILE Q 181 10.79 52.44 19.81
C ILE Q 181 10.36 53.51 20.84
N LEU Q 182 10.23 54.77 20.38
CA LEU Q 182 9.88 55.92 21.25
C LEU Q 182 8.37 56.22 21.31
N SER Q 183 7.90 56.51 22.53
CA SER Q 183 6.53 56.97 22.75
C SER Q 183 6.50 58.11 23.78
N TYR Q 184 5.64 59.11 23.55
CA TYR Q 184 5.48 60.21 24.51
C TYR Q 184 4.09 60.85 24.49
N GLU Q 185 3.73 61.41 25.65
CA GLU Q 185 2.44 62.04 25.90
C GLU Q 185 2.62 63.40 26.55
N VAL Q 186 2.28 64.45 25.81
CA VAL Q 186 2.30 65.81 26.32
C VAL Q 186 0.89 66.28 26.67
N GLN Q 187 0.74 66.97 27.80
CA GLN Q 187 -0.57 67.40 28.27
C GLN Q 187 -0.49 68.70 29.03
N ALA Q 188 -1.48 69.58 28.80
CA ALA Q 188 -1.59 70.84 29.55
C ALA Q 188 -3.05 71.15 29.87
N GLY Q 189 -3.31 71.66 31.08
CA GLY Q 189 -4.66 71.98 31.50
C GLY Q 189 -4.74 73.21 32.39
N VAL Q 190 -5.74 74.05 32.15
CA VAL Q 190 -5.93 75.27 32.92
C VAL Q 190 -7.26 75.18 33.69
N PHE Q 191 -7.24 75.57 34.96
CA PHE Q 191 -8.39 75.34 35.85
C PHE Q 191 -8.69 76.61 36.64
N LEU Q 200 -14.03 77.76 35.09
CA LEU Q 200 -13.22 77.59 33.89
C LEU Q 200 -12.30 76.38 34.01
N GLU Q 201 -12.54 75.38 33.16
CA GLU Q 201 -11.55 74.36 32.87
C GLU Q 201 -11.22 74.35 31.38
N GLY Q 202 -9.98 74.01 31.05
CA GLY Q 202 -9.57 73.82 29.66
C GLY Q 202 -8.37 72.90 29.56
N GLU Q 203 -8.46 71.87 28.71
CA GLU Q 203 -7.37 70.91 28.54
C GLU Q 203 -6.95 70.70 27.08
N VAL Q 204 -5.64 70.62 26.86
CA VAL Q 204 -5.05 70.19 25.59
C VAL Q 204 -4.13 68.98 25.85
N GLY Q 205 -4.22 67.98 24.97
CA GLY Q 205 -3.35 66.81 25.05
C GLY Q 205 -2.85 66.37 23.69
N TYR Q 206 -1.67 65.73 23.66
CA TYR Q 206 -1.11 65.10 22.45
C TYR Q 206 -0.28 63.87 22.81
N THR Q 207 -0.36 62.82 21.99
CA THR Q 207 0.43 61.60 22.21
C THR Q 207 1.00 61.04 20.90
N SER Q 208 2.27 60.60 20.92
CA SER Q 208 2.92 60.08 19.70
C SER Q 208 3.71 58.81 19.95
N ASN Q 209 3.42 57.79 19.14
CA ASN Q 209 4.14 56.52 19.18
C ASN Q 209 4.89 56.30 17.90
N GLU Q 210 6.13 55.81 18.00
CA GLU Q 210 6.85 55.33 16.84
C GLU Q 210 6.16 54.07 16.38
N PRO Q 211 6.07 53.89 15.06
CA PRO Q 211 5.55 52.62 14.57
C PRO Q 211 6.59 51.49 14.75
N VAL Q 212 6.17 50.40 15.41
CA VAL Q 212 7.02 49.22 15.63
C VAL Q 212 7.34 48.57 14.30
N MET Q 213 6.32 48.52 13.46
CA MET Q 213 6.44 48.33 12.02
C MET Q 213 7.71 48.96 11.38
N LEU Q 214 7.92 50.24 11.66
CA LEU Q 214 8.88 51.08 10.93
C LEU Q 214 10.26 50.94 11.54
N CYS Q 215 10.28 50.63 12.83
CA CYS Q 215 11.52 50.30 13.51
C CYS Q 215 12.08 48.93 13.10
N LEU Q 216 11.17 47.94 13.00
CA LEU Q 216 11.53 46.64 12.47
C LEU Q 216 12.17 46.78 11.08
N MET Q 217 11.54 47.57 10.21
CA MET Q 217 12.03 47.75 8.86
C MET Q 217 13.41 48.37 8.86
N SER Q 218 13.57 49.39 9.66
CA SER Q 218 14.87 50.10 9.76
C SER Q 218 15.98 49.17 10.17
N ALA Q 219 15.71 48.39 11.20
CA ALA Q 219 16.72 47.52 11.78
C ALA Q 219 17.14 46.43 10.75
N ILE Q 220 16.20 45.99 9.93
CA ILE Q 220 16.48 44.93 8.98
C ILE Q 220 17.37 45.47 7.88
N GLU Q 221 17.10 46.69 7.46
CA GLU Q 221 17.95 47.37 6.46
C GLU Q 221 19.39 47.43 6.98
N THR Q 222 19.53 47.95 8.19
CA THR Q 222 20.82 48.08 8.87
C THR Q 222 21.56 46.75 8.87
N GLY Q 223 20.85 45.69 9.25
CA GLY Q 223 21.40 44.34 9.21
C GLY Q 223 21.89 43.91 7.84
N VAL Q 224 21.14 44.28 6.80
CA VAL Q 224 21.54 43.94 5.43
C VAL Q 224 22.86 44.63 5.08
N ILE Q 225 23.00 45.90 5.47
CA ILE Q 225 24.24 46.62 5.24
C ILE Q 225 25.41 45.93 5.93
N PHE Q 226 25.28 45.65 7.23
CA PHE Q 226 26.33 44.96 8.00
C PHE Q 226 26.70 43.63 7.36
N LEU Q 227 25.71 42.98 6.71
CA LEU Q 227 25.96 41.70 6.01
C LEU Q 227 26.81 41.92 4.80
N ILE Q 228 26.48 42.95 4.02
CA ILE Q 228 27.20 43.24 2.79
C ILE Q 228 28.64 43.64 3.10
N ASN Q 229 28.79 44.53 4.07
CA ASN Q 229 30.12 44.98 4.50
C ASN Q 229 30.97 43.83 5.04
N ASP Q 230 30.37 42.99 5.87
CA ASP Q 230 31.02 41.80 6.39
C ASP Q 230 31.45 40.87 5.24
N GLY Q 231 30.58 40.70 4.24
CA GLY Q 231 30.89 39.84 3.10
C GLY Q 231 32.01 40.39 2.25
N ILE Q 232 32.05 41.72 2.13
CA ILE Q 232 33.14 42.39 1.43
C ILE Q 232 34.48 42.09 2.09
N ASP Q 233 34.54 42.29 3.41
CA ASP Q 233 35.74 41.99 4.20
C ASP Q 233 36.15 40.53 4.01
N ARG Q 234 35.21 39.61 4.11
CA ARG Q 234 35.52 38.16 4.14
C ARG Q 234 35.70 37.56 2.76
N GLY Q 235 35.53 38.37 1.72
CA GLY Q 235 35.77 37.92 0.35
C GLY Q 235 34.65 37.06 -0.19
N LEU Q 236 33.41 37.30 0.25
CA LEU Q 236 32.24 36.67 -0.39
C LEU Q 236 31.99 37.32 -1.75
N TRP Q 237 31.98 38.65 -1.75
CA TRP Q 237 31.73 39.41 -2.97
C TRP Q 237 32.66 40.64 -3.03
N ASP Q 238 32.75 41.25 -4.21
CA ASP Q 238 33.73 42.32 -4.47
C ASP Q 238 33.10 43.58 -5.07
N LEU Q 239 33.68 44.73 -4.74
CA LEU Q 239 33.20 46.01 -5.23
C LEU Q 239 33.63 46.22 -6.68
N GLN Q 240 32.77 46.89 -7.45
CA GLN Q 240 33.12 47.34 -8.79
C GLN Q 240 34.37 48.21 -8.75
N ASN Q 241 34.30 49.27 -7.95
CA ASN Q 241 35.42 50.18 -7.75
C ASN Q 241 36.10 49.93 -6.42
N LYS Q 242 37.32 49.42 -6.48
CA LYS Q 242 38.08 49.14 -5.25
C LYS Q 242 38.41 50.45 -4.54
N ALA Q 243 38.45 51.53 -5.32
CA ALA Q 243 38.61 52.90 -4.83
C ALA Q 243 37.45 53.31 -3.93
N GLU Q 244 36.31 52.61 -4.02
CA GLU Q 244 35.14 52.96 -3.24
C GLU Q 244 35.08 52.21 -1.92
N ARG Q 245 36.16 51.52 -1.54
CA ARG Q 245 36.22 50.87 -0.24
C ARG Q 245 36.02 51.84 0.92
N GLN Q 246 36.53 53.06 0.80
CA GLN Q 246 36.44 54.04 1.88
C GLN Q 246 35.20 54.93 1.73
N ASN Q 247 34.20 54.44 0.99
CA ASN Q 247 32.88 55.03 0.97
C ASN Q 247 32.41 55.46 2.36
N ASP Q 248 31.78 56.64 2.46
CA ASP Q 248 31.32 57.18 3.75
C ASP Q 248 30.46 56.19 4.53
N ILE Q 249 29.51 55.58 3.82
CA ILE Q 249 28.58 54.67 4.42
C ILE Q 249 29.31 53.41 4.91
N LEU Q 250 30.11 52.83 4.02
CA LEU Q 250 30.85 51.60 4.34
C LEU Q 250 31.79 51.74 5.54
N VAL Q 251 32.43 52.90 5.66
CA VAL Q 251 33.33 53.16 6.78
C VAL Q 251 32.55 53.49 8.05
N LYS Q 252 31.33 54.00 7.89
CA LYS Q 252 30.46 54.27 9.03
C LYS Q 252 30.03 52.95 9.70
N TYR Q 253 29.63 51.98 8.89
CA TYR Q 253 29.20 50.66 9.41
C TYR Q 253 30.39 49.81 9.81
N ARG Q 254 31.51 49.99 9.10
CA ARG Q 254 32.78 49.40 9.51
C ARG Q 254 33.15 49.87 10.93
N HIS Q 255 32.92 51.16 11.19
CA HIS Q 255 33.22 51.75 12.49
C HIS Q 255 32.31 51.23 13.60
N MET Q 256 31.05 50.95 13.29
CA MET Q 256 30.13 50.43 14.31
C MET Q 256 30.52 49.01 14.77
N SER Q 257 31.25 48.27 13.90
CA SER Q 257 31.74 46.91 14.23
C SER Q 257 32.91 46.92 15.20
N LEU R 2 0.58 67.00 9.60
CA LEU R 2 1.01 66.10 10.73
C LEU R 2 -0.15 65.18 11.19
N THR R 3 -0.57 64.34 10.26
CA THR R 3 -1.44 63.17 10.50
C THR R 3 -0.97 61.97 9.63
N ALA R 4 0.03 62.22 8.79
CA ALA R 4 0.86 61.15 8.25
C ALA R 4 1.79 60.65 9.38
N PRO R 5 2.70 59.74 9.08
CA PRO R 5 3.30 59.16 10.26
C PRO R 5 4.36 60.07 10.91
N PRO R 6 4.85 59.68 12.08
CA PRO R 6 6.12 60.20 12.63
C PRO R 6 7.39 59.59 12.02
N LYS R 7 8.47 60.35 12.00
CA LYS R 7 9.74 59.87 11.43
C LYS R 7 10.67 59.29 12.48
N GLU R 8 11.76 58.66 12.01
CA GLU R 8 12.60 57.80 12.86
C GLU R 8 13.32 58.56 14.00
N ALA R 9 12.98 58.20 15.23
CA ALA R 9 13.68 58.66 16.43
C ALA R 9 14.70 57.61 16.92
N ALA R 10 15.99 57.95 16.80
CA ALA R 10 17.12 57.04 17.07
C ALA R 10 17.45 56.17 15.86
N ARG R 11 18.68 55.63 15.84
CA ARG R 11 19.17 54.78 14.76
C ARG R 11 19.20 53.31 15.19
N PRO R 12 19.00 52.40 14.24
CA PRO R 12 19.37 51.03 14.54
C PRO R 12 20.89 50.94 14.78
N THR R 13 21.27 50.63 16.00
CA THR R 13 22.62 50.17 16.27
C THR R 13 22.74 48.63 16.11
N LEU R 14 23.94 48.10 15.97
CA LEU R 14 24.10 46.63 16.15
C LEU R 14 23.99 46.26 17.65
N MET R 15 23.64 45.01 17.96
CA MET R 15 22.92 44.71 19.25
C MET R 15 23.87 44.86 20.42
N PRO R 16 23.48 45.70 21.39
CA PRO R 16 24.35 46.13 22.47
C PRO R 16 24.74 44.99 23.42
N ARG R 17 25.76 44.24 23.04
CA ARG R 17 26.36 43.26 23.93
C ARG R 17 27.41 43.93 24.83
N ALA R 18 27.54 43.47 26.08
CA ALA R 18 28.55 44.02 26.98
C ALA R 18 29.73 43.04 27.30
N GLN R 19 29.90 42.68 28.57
CA GLN R 19 31.21 42.22 29.08
C GLN R 19 31.53 40.82 28.59
N SER R 20 30.55 39.94 28.76
CA SER R 20 30.60 38.61 28.22
C SER R 20 31.15 38.62 26.77
N TYR R 21 30.57 39.47 25.93
CA TYR R 21 31.00 39.61 24.53
C TYR R 21 32.50 39.94 24.42
N LYS R 22 32.92 40.96 25.18
CA LYS R 22 34.30 41.43 25.12
C LYS R 22 35.30 40.35 25.50
N ASP R 23 34.94 39.57 26.51
CA ASP R 23 35.74 38.40 26.89
C ASP R 23 35.74 37.34 25.79
N LEU R 24 34.56 37.09 25.23
CA LEU R 24 34.36 36.03 24.25
C LEU R 24 35.14 36.29 22.95
N THR R 25 35.22 37.57 22.56
CA THR R 25 35.91 37.96 21.32
C THR R 25 37.45 37.90 21.45
N HIS R 26 37.96 38.45 22.54
CA HIS R 26 39.40 38.54 22.78
C HIS R 26 39.95 37.23 23.40
N LEU R 27 39.40 36.10 23.00
CA LEU R 27 39.89 34.81 23.46
C LEU R 27 41.01 34.36 22.53
N PRO R 28 42.11 33.84 23.10
CA PRO R 28 43.23 33.32 22.29
C PRO R 28 42.82 32.20 21.36
N ALA R 29 43.15 32.32 20.08
CA ALA R 29 42.59 31.43 19.05
C ALA R 29 43.18 29.98 19.12
N PRO R 30 42.37 28.98 18.77
CA PRO R 30 42.80 27.57 18.73
C PRO R 30 43.62 27.29 17.48
N THR R 31 44.12 26.06 17.36
CA THR R 31 44.97 25.67 16.22
C THR R 31 44.19 25.66 14.91
N GLY R 32 42.89 25.41 15.01
CA GLY R 32 41.97 25.57 13.87
C GLY R 32 40.58 25.77 14.44
N LYS R 33 39.71 26.44 13.69
CA LYS R 33 38.33 26.52 14.13
C LYS R 33 37.65 25.13 14.13
N ILE R 34 36.67 24.93 15.01
CA ILE R 34 36.01 23.62 15.16
C ILE R 34 34.57 23.66 14.71
N PHE R 35 34.15 22.65 13.93
CA PHE R 35 32.86 22.65 13.23
C PHE R 35 31.71 22.29 14.14
N VAL R 36 30.65 23.11 14.23
CA VAL R 36 29.64 22.95 15.27
C VAL R 36 28.23 23.10 14.75
N SER R 37 27.33 22.34 15.38
CA SER R 37 25.94 22.30 14.95
C SER R 37 25.07 22.69 16.12
N VAL R 38 24.15 23.63 15.91
CA VAL R 38 23.12 23.85 16.87
C VAL R 38 21.76 23.61 16.21
N TYR R 39 21.00 22.63 16.75
CA TYR R 39 19.69 22.27 16.23
C TYR R 39 18.59 23.12 16.94
N ASN R 40 18.59 23.11 18.26
CA ASN R 40 17.59 23.87 19.01
C ASN R 40 17.89 24.01 20.50
N ILE R 41 17.75 25.22 21.02
CA ILE R 41 17.77 25.46 22.47
C ILE R 41 16.40 26.00 22.93
N GLN R 42 15.70 25.24 23.77
CA GLN R 42 14.28 25.52 24.07
C GLN R 42 14.10 26.45 25.24
N ASP R 43 12.95 27.12 25.26
CA ASP R 43 12.52 27.89 26.43
C ASP R 43 11.91 26.98 27.49
N GLU R 44 12.74 26.11 28.07
CA GLU R 44 12.27 25.11 29.02
C GLU R 44 11.87 25.75 30.35
N THR R 45 11.69 27.07 30.34
CA THR R 45 11.45 27.83 31.57
C THR R 45 10.05 27.66 32.16
N GLY R 46 9.03 27.66 31.32
CA GLY R 46 7.64 27.40 31.76
C GLY R 46 6.90 28.65 32.24
N GLN R 47 7.33 29.78 31.78
CA GLN R 47 6.91 30.95 32.43
C GLN R 47 6.43 32.00 31.46
N PHE R 48 5.35 32.67 31.87
CA PHE R 48 4.78 33.76 31.09
C PHE R 48 4.70 35.03 31.90
N LYS R 49 4.41 36.13 31.20
CA LYS R 49 4.30 37.43 31.84
C LYS R 49 2.97 37.55 32.58
N PRO R 50 2.99 38.24 33.72
CA PRO R 50 1.79 38.48 34.50
C PRO R 50 0.93 39.63 33.94
N TYR R 51 -0.29 39.72 34.47
CA TYR R 51 -1.17 40.81 34.13
C TYR R 51 -0.39 42.10 34.28
N PRO R 52 -0.57 43.03 33.34
CA PRO R 52 -1.53 43.06 32.23
C PRO R 52 -1.02 42.52 30.91
N ALA R 53 0.07 41.74 30.93
CA ALA R 53 0.59 41.18 29.67
C ALA R 53 -0.47 40.28 29.05
N SER R 54 -0.37 40.06 27.76
CA SER R 54 -1.14 38.96 27.18
C SER R 54 -0.80 37.65 27.88
N ASN R 55 -1.83 36.84 28.04
CA ASN R 55 -1.70 35.53 28.64
C ASN R 55 -0.52 34.77 28.02
N PHE R 56 -0.28 35.08 26.74
CA PHE R 56 0.58 34.28 25.87
C PHE R 56 1.96 34.85 25.73
N SER R 57 2.19 35.99 26.33
CA SER R 57 3.53 36.54 26.29
C SER R 57 4.50 35.73 27.22
N THR R 58 5.48 35.09 26.62
CA THR R 58 6.45 34.33 27.37
C THR R 58 7.34 35.23 28.18
N ALA R 59 7.90 34.69 29.23
CA ALA R 59 8.75 35.53 30.04
C ALA R 59 10.13 35.67 29.44
N VAL R 60 10.49 34.76 28.54
CA VAL R 60 11.83 34.71 27.95
C VAL R 60 11.72 34.57 26.44
N PRO R 61 12.57 35.31 25.70
CA PRO R 61 12.47 35.18 24.25
C PRO R 61 12.79 33.76 23.77
N GLN R 62 12.11 33.34 22.70
CA GLN R 62 12.26 31.99 22.16
C GLN R 62 13.42 31.86 21.20
N SER R 63 14.49 32.61 21.45
CA SER R 63 15.45 32.95 20.39
C SER R 63 16.85 32.48 20.75
N ALA R 64 16.92 31.72 21.84
CA ALA R 64 18.20 31.31 22.42
C ALA R 64 19.11 30.59 21.44
N THR R 65 18.50 29.79 20.56
CA THR R 65 19.21 29.03 19.54
C THR R 65 20.10 29.91 18.67
N ALA R 66 19.51 30.98 18.15
CA ALA R 66 20.25 31.87 17.26
C ALA R 66 21.35 32.64 18.02
N MET R 67 21.05 32.99 19.28
CA MET R 67 22.04 33.66 20.14
C MET R 67 23.27 32.78 20.38
N LEU R 68 23.03 31.50 20.64
CA LEU R 68 24.10 30.57 20.86
C LEU R 68 24.94 30.41 19.62
N VAL R 69 24.31 30.25 18.47
CA VAL R 69 25.05 30.12 17.20
C VAL R 69 25.92 31.36 16.97
N THR R 70 25.34 32.54 17.22
CA THR R 70 26.06 33.79 17.08
C THR R 70 27.23 33.89 18.04
N ALA R 71 27.01 33.51 19.29
CA ALA R 71 28.09 33.51 20.26
C ALA R 71 29.21 32.53 19.84
N LEU R 72 28.81 31.37 19.36
CA LEU R 72 29.78 30.36 18.90
C LEU R 72 30.60 30.88 17.73
N LYS R 73 30.04 31.82 16.98
CA LYS R 73 30.78 32.40 15.88
C LYS R 73 31.72 33.50 16.40
N ASP R 74 31.20 34.39 17.23
CA ASP R 74 31.95 35.59 17.64
C ASP R 74 33.22 35.18 18.36
N SER R 75 33.19 34.00 18.97
CA SER R 75 34.32 33.51 19.77
C SER R 75 35.56 33.25 18.94
N ARG R 76 35.34 33.01 17.65
CA ARG R 76 36.41 32.68 16.72
C ARG R 76 37.10 31.40 17.14
N TRP R 77 36.31 30.48 17.68
CA TRP R 77 36.72 29.10 17.90
C TRP R 77 35.92 28.08 17.02
N PHE R 78 34.68 28.43 16.67
CA PHE R 78 33.77 27.55 15.94
C PHE R 78 33.35 28.23 14.65
N ILE R 79 33.56 27.56 13.55
CA ILE R 79 32.64 27.78 12.43
C ILE R 79 31.43 27.15 12.98
N PRO R 80 30.29 27.89 13.01
CA PRO R 80 29.10 27.13 13.32
C PRO R 80 28.48 26.66 12.12
N LEU R 81 28.58 25.37 12.00
CA LEU R 81 27.64 24.78 11.09
C LEU R 81 26.23 24.80 11.57
N GLU R 82 25.42 25.24 10.56
CA GLU R 82 23.93 25.55 10.38
C GLU R 82 22.95 24.36 10.02
N ARG R 83 21.86 24.31 10.80
CA ARG R 83 20.78 23.27 10.94
C ARG R 83 19.38 23.82 11.42
N GLN R 84 19.31 25.03 11.97
CA GLN R 84 18.00 25.56 12.43
C GLN R 84 17.03 25.66 11.27
N GLY R 85 17.52 26.05 10.11
CA GLY R 85 16.64 26.05 8.94
C GLY R 85 16.97 24.99 7.90
N LEU R 86 17.30 23.77 8.35
CA LEU R 86 17.93 22.76 7.46
C LEU R 86 17.03 22.40 6.29
N GLN R 87 15.73 22.42 6.53
CA GLN R 87 14.78 22.04 5.49
C GLN R 87 14.87 22.95 4.24
N ASN R 88 14.94 24.26 4.46
CA ASN R 88 15.02 25.22 3.37
C ASN R 88 16.30 25.02 2.63
N LEU R 89 17.35 24.65 3.37
CA LEU R 89 18.69 24.55 2.80
C LEU R 89 18.66 23.39 1.78
N LEU R 90 17.98 22.32 2.18
CA LEU R 90 17.88 21.15 1.34
C LEU R 90 16.98 21.42 0.11
N ASN R 91 16.00 22.31 0.29
CA ASN R 91 15.14 22.71 -0.79
C ASN R 91 15.84 23.52 -1.84
N GLU R 92 16.60 24.53 -1.40
CA GLU R 92 17.42 25.33 -2.34
C GLU R 92 18.40 24.46 -3.11
N ARG R 93 18.94 23.45 -2.42
CA ARG R 93 19.79 22.50 -3.09
C ARG R 93 19.02 21.61 -4.12
N LYS R 94 17.77 21.29 -3.84
CA LYS R 94 16.94 20.57 -4.82
C LYS R 94 16.76 21.43 -6.06
N ILE R 95 16.55 22.74 -5.84
CA ILE R 95 16.24 23.66 -6.94
C ILE R 95 17.47 23.87 -7.80
N ILE R 96 18.62 24.00 -7.12
CA ILE R 96 19.90 23.99 -7.79
C ILE R 96 20.06 22.76 -8.66
N ARG R 97 19.99 21.58 -8.05
CA ARG R 97 20.24 20.35 -8.77
C ARG R 97 19.25 20.19 -9.94
N ALA R 98 18.03 20.70 -9.76
CA ALA R 98 17.05 20.60 -10.82
C ALA R 98 17.37 21.56 -11.97
N ALA R 99 18.05 22.64 -11.61
CA ALA R 99 18.43 23.67 -12.58
C ALA R 99 19.48 23.14 -13.55
N GLN R 100 20.54 22.57 -13.01
CA GLN R 100 21.79 22.41 -13.74
C GLN R 100 22.08 20.96 -14.10
N GLU R 101 21.12 20.09 -13.84
CA GLU R 101 21.27 18.67 -14.19
C GLU R 101 21.39 18.38 -15.70
N ASN R 102 20.88 19.28 -16.53
CA ASN R 102 20.85 19.03 -17.96
C ASN R 102 22.06 19.60 -18.65
N GLY R 103 22.91 20.29 -17.91
CA GLY R 103 24.05 21.00 -18.54
C GLY R 103 23.72 22.05 -19.62
N THR R 104 22.62 22.74 -19.44
CA THR R 104 22.33 23.89 -20.23
C THR R 104 22.68 25.13 -19.45
N VAL R 105 22.62 25.07 -18.12
CA VAL R 105 22.71 26.29 -17.33
C VAL R 105 24.05 26.99 -17.60
N ALA R 106 23.98 28.32 -17.67
CA ALA R 106 25.10 29.17 -18.07
C ALA R 106 26.28 29.00 -17.10
N ILE R 107 27.47 28.84 -17.67
CA ILE R 107 28.66 28.55 -16.89
C ILE R 107 28.98 29.62 -15.81
N ASN R 108 28.61 30.87 -16.10
CA ASN R 108 28.74 31.98 -15.13
C ASN R 108 27.75 31.82 -13.98
N ASN R 109 26.57 31.31 -14.30
CA ASN R 109 25.47 31.22 -13.36
C ASN R 109 25.51 29.93 -12.53
N ARG R 110 26.30 28.97 -12.98
CA ARG R 110 26.36 27.62 -12.39
C ARG R 110 26.72 27.65 -10.90
N ILE R 111 26.00 26.90 -10.06
CA ILE R 111 26.35 26.79 -8.66
C ILE R 111 26.90 25.42 -8.38
N PRO R 112 28.19 25.34 -7.99
CA PRO R 112 28.81 24.04 -7.72
C PRO R 112 28.40 23.49 -6.34
N LEU R 113 27.92 22.25 -6.32
CA LEU R 113 27.34 21.67 -5.12
C LEU R 113 28.23 20.58 -4.57
N GLN R 114 28.19 20.44 -3.27
CA GLN R 114 28.79 19.28 -2.66
C GLN R 114 27.91 18.99 -1.48
N SER R 115 27.78 17.72 -1.14
CA SER R 115 27.03 17.32 0.04
C SER R 115 27.59 18.11 1.29
N LEU R 116 26.81 18.23 2.29
CA LEU R 116 26.79 19.25 3.29
C LEU R 116 27.93 19.04 4.23
N THR R 117 28.64 20.12 4.53
CA THR R 117 29.67 20.12 5.58
C THR R 117 29.12 19.66 6.93
N ALA R 118 29.83 18.74 7.57
CA ALA R 118 29.27 17.99 8.70
C ALA R 118 30.05 18.34 9.92
N ALA R 119 29.32 18.46 11.01
CA ALA R 119 29.90 18.75 12.30
C ALA R 119 30.45 17.54 13.06
N ASN R 120 31.41 17.77 13.95
CA ASN R 120 31.88 16.71 14.82
C ASN R 120 31.23 16.77 16.19
N ILE R 121 31.22 17.94 16.79
CA ILE R 121 30.54 18.09 18.05
C ILE R 121 29.30 18.91 17.78
N MET R 122 28.20 18.56 18.44
CA MET R 122 27.04 19.45 18.43
C MET R 122 26.63 19.82 19.85
N VAL R 123 26.24 21.06 20.03
CA VAL R 123 26.00 21.59 21.37
C VAL R 123 24.57 22.02 21.46
N GLU R 124 23.86 21.46 22.43
CA GLU R 124 22.47 21.86 22.68
C GLU R 124 22.29 22.19 24.13
N GLY R 125 21.14 22.75 24.44
CA GLY R 125 20.91 23.26 25.78
C GLY R 125 19.48 23.70 25.97
N SER R 126 19.24 24.47 27.03
CA SER R 126 17.89 24.90 27.35
C SER R 126 17.89 26.11 28.24
N ILE R 127 16.88 26.96 28.11
CA ILE R 127 16.71 27.99 29.07
C ILE R 127 16.04 27.28 30.21
N ILE R 128 16.82 27.02 31.24
CA ILE R 128 16.34 26.43 32.48
C ILE R 128 15.98 27.60 33.42
N GLY R 129 14.71 27.95 33.45
CA GLY R 129 14.20 28.74 34.52
C GLY R 129 14.25 30.23 34.27
N TYR R 130 13.15 30.87 34.67
CA TYR R 130 13.09 32.32 34.89
C TYR R 130 12.21 32.53 36.10
N GLU R 131 12.81 32.86 37.23
CA GLU R 131 12.03 33.24 38.40
C GLU R 131 11.92 34.77 38.43
N SER R 132 10.80 35.28 38.94
CA SER R 132 10.52 36.71 38.84
C SER R 132 10.36 37.36 40.21
N ASN R 133 10.85 38.60 40.33
CA ASN R 133 10.98 39.26 41.64
C ASN R 133 11.60 38.34 42.69
N VAL R 134 12.79 37.84 42.36
CA VAL R 134 13.53 36.96 43.25
C VAL R 134 13.95 37.80 44.46
N LYS R 135 14.26 39.07 44.21
CA LYS R 135 14.34 40.06 45.28
C LYS R 135 13.65 41.36 44.90
N SER R 136 13.30 42.14 45.90
CA SER R 136 12.66 43.43 45.69
C SER R 136 12.72 44.31 46.94
N GLY R 137 12.63 45.63 46.73
CA GLY R 137 12.63 46.57 47.85
C GLY R 137 12.23 47.98 47.46
N GLY R 138 12.13 48.85 48.46
CA GLY R 138 11.76 50.23 48.23
C GLY R 138 12.04 51.13 49.41
N VAL R 139 12.40 52.37 49.13
CA VAL R 139 12.62 53.38 50.16
C VAL R 139 12.04 54.71 49.71
N GLY R 140 11.17 55.28 50.54
CA GLY R 140 10.57 56.58 50.25
C GLY R 140 10.25 57.41 51.48
N ALA R 141 10.35 58.74 51.33
CA ALA R 141 9.99 59.65 52.41
C ALA R 141 9.34 60.93 51.88
N ARG R 142 8.31 61.38 52.59
CA ARG R 142 7.71 62.68 52.30
C ARG R 142 7.65 63.49 53.58
N TYR R 143 7.86 64.80 53.43
CA TYR R 143 8.03 65.69 54.57
C TYR R 143 7.13 66.93 54.42
N GLY R 145 5.27 70.41 51.09
CA GLY R 145 5.47 68.99 51.37
C GLY R 145 6.17 68.25 50.24
N ILE R 146 7.37 67.79 50.56
CA ILE R 146 8.34 67.37 49.54
C ILE R 146 8.64 65.89 49.73
N GLY R 147 8.73 65.13 48.64
CA GLY R 147 8.94 63.68 48.76
C GLY R 147 9.69 63.01 47.64
N ALA R 148 10.32 61.87 47.95
CA ALA R 148 10.93 61.02 46.93
C ALA R 148 10.87 59.56 47.34
N ASP R 149 11.14 58.70 46.37
CA ASP R 149 11.13 57.26 46.63
C ASP R 149 11.80 56.51 45.50
N THR R 150 12.47 55.41 45.83
CA THR R 150 12.84 54.44 44.82
C THR R 150 12.27 53.07 45.15
N GLN R 151 12.10 52.26 44.11
CA GLN R 151 11.68 50.89 44.26
C GLN R 151 12.48 50.03 43.29
N TYR R 152 12.84 48.81 43.70
CA TYR R 152 13.59 47.95 42.80
C TYR R 152 13.11 46.51 42.87
N GLN R 153 13.20 45.83 41.73
CA GLN R 153 12.96 44.40 41.70
C GLN R 153 14.03 43.71 40.84
N LEU R 154 14.28 42.44 41.13
CA LEU R 154 15.17 41.68 40.27
C LEU R 154 14.75 40.22 40.10
N ASP R 155 15.04 39.71 38.90
CA ASP R 155 14.57 38.40 38.41
C ASP R 155 15.79 37.52 38.10
N GLN R 156 15.60 36.21 38.04
CA GLN R 156 16.68 35.30 37.66
C GLN R 156 16.43 34.59 36.30
N ILE R 157 17.52 34.14 35.66
CA ILE R 157 17.43 33.42 34.43
C ILE R 157 18.65 32.46 34.38
N ALA R 158 18.45 31.25 33.92
CA ALA R 158 19.54 30.29 33.86
C ALA R 158 19.54 29.55 32.55
N VAL R 159 20.72 29.07 32.17
CA VAL R 159 20.89 28.48 30.87
C VAL R 159 21.81 27.28 31.00
N ASN R 160 21.37 26.17 30.44
CA ASN R 160 22.21 25.02 30.22
C ASN R 160 22.74 25.11 28.79
N LEU R 161 24.03 24.96 28.64
CA LEU R 161 24.61 24.48 27.36
C LEU R 161 25.44 23.18 27.53
N ARG R 162 25.48 22.35 26.51
CA ARG R 162 26.22 21.10 26.62
C ARG R 162 26.74 20.57 25.29
N VAL R 163 28.01 20.18 25.30
CA VAL R 163 28.71 19.61 24.14
C VAL R 163 28.53 18.12 24.08
N VAL R 164 27.98 17.66 22.95
CA VAL R 164 27.70 16.26 22.74
C VAL R 164 28.59 15.80 21.63
N ASN R 165 29.19 14.65 21.82
CA ASN R 165 30.01 14.04 20.81
C ASN R 165 29.19 13.23 19.84
N VAL R 166 29.24 13.63 18.57
CA VAL R 166 28.44 13.01 17.52
C VAL R 166 28.83 11.55 17.42
N SER R 167 30.12 11.28 17.60
CA SER R 167 30.64 9.98 17.29
C SER R 167 30.24 8.92 18.33
N THR R 168 29.74 9.37 19.49
CA THR R 168 29.36 8.44 20.58
C THR R 168 28.05 8.76 21.31
N GLY R 169 27.71 10.03 21.40
CA GLY R 169 26.54 10.41 22.11
C GLY R 169 26.92 10.75 23.52
N GLU R 170 28.17 10.46 23.90
CA GLU R 170 28.72 10.95 25.18
C GLU R 170 28.59 12.47 25.21
N ILE R 171 27.96 12.99 26.23
CA ILE R 171 28.08 14.38 26.48
C ILE R 171 29.53 14.65 26.91
N LEU R 172 30.19 15.60 26.24
CA LEU R 172 31.58 15.92 26.57
C LEU R 172 31.72 17.10 27.56
N SER R 173 30.61 17.82 27.76
CA SER R 173 30.60 18.92 28.73
C SER R 173 29.20 19.45 28.97
N SER R 174 28.85 19.65 30.24
CA SER R 174 27.60 20.35 30.56
C SER R 174 27.93 21.52 31.43
N VAL R 175 27.30 22.66 31.15
CA VAL R 175 27.51 23.86 31.96
C VAL R 175 26.21 24.60 32.25
N ASN R 176 26.15 25.22 33.42
CA ASN R 176 24.93 25.83 33.92
C ASN R 176 25.15 27.28 34.37
N THR R 177 24.87 28.24 33.49
CA THR R 177 25.07 29.65 33.81
C THR R 177 23.78 30.33 34.28
N SER R 178 23.92 31.47 34.95
CA SER R 178 22.78 32.21 35.54
C SER R 178 23.02 33.72 35.55
N LYS R 179 21.95 34.48 35.54
CA LYS R 179 22.05 35.92 35.37
C LYS R 179 20.83 36.61 35.94
N THR R 180 21.06 37.78 36.52
CA THR R 180 20.01 38.51 37.19
C THR R 180 19.56 39.73 36.36
N ILE R 181 18.24 39.90 36.25
CA ILE R 181 17.66 41.04 35.53
C ILE R 181 17.20 42.13 36.52
N LEU R 182 17.79 43.33 36.41
CA LEU R 182 17.51 44.46 37.31
C LEU R 182 16.43 45.41 36.79
N SER R 183 15.59 45.86 37.70
CA SER R 183 14.59 46.87 37.42
C SER R 183 14.49 47.86 38.59
N TYR R 184 14.32 49.14 38.28
CA TYR R 184 14.13 50.17 39.33
C TYR R 184 13.36 51.43 38.88
N GLU R 185 12.75 52.06 39.88
CA GLU R 185 11.82 53.14 39.68
C GLU R 185 12.07 54.25 40.67
N VAL R 186 12.60 55.36 40.15
CA VAL R 186 12.91 56.53 40.95
C VAL R 186 11.85 57.59 40.74
N GLN R 187 11.44 58.25 41.83
CA GLN R 187 10.35 59.23 41.77
C GLN R 187 10.56 60.33 42.79
N ALA R 188 10.29 61.57 42.38
CA ALA R 188 10.35 62.71 43.29
C ALA R 188 9.22 63.69 42.99
N GLY R 189 8.62 64.26 44.04
CA GLY R 189 7.52 65.19 43.89
C GLY R 189 7.52 66.28 44.94
N VAL R 190 7.21 67.51 44.51
CA VAL R 190 7.09 68.64 45.43
C VAL R 190 5.66 69.17 45.45
N PHE R 191 5.14 69.46 46.64
CA PHE R 191 3.71 69.74 46.82
C PHE R 191 3.53 70.96 47.69
N LEU R 200 0.70 74.52 44.26
CA LEU R 200 1.90 74.05 43.59
C LEU R 200 2.10 72.55 43.77
N GLU R 201 1.98 71.80 42.67
CA GLU R 201 2.52 70.45 42.58
C GLU R 201 3.55 70.35 41.46
N GLY R 202 4.54 69.49 41.65
CA GLY R 202 5.51 69.20 40.61
C GLY R 202 6.12 67.82 40.80
N GLU R 203 6.11 67.00 39.75
CA GLU R 203 6.58 65.63 39.85
C GLU R 203 7.54 65.22 38.74
N VAL R 204 8.60 64.51 39.13
CA VAL R 204 9.51 63.86 38.19
C VAL R 204 9.55 62.37 38.52
N GLY R 205 9.51 61.54 37.47
CA GLY R 205 9.63 60.09 37.61
C GLY R 205 10.51 59.48 36.54
N TYR R 206 11.17 58.38 36.89
CA TYR R 206 11.96 57.60 35.93
C TYR R 206 11.94 56.11 36.28
N THR R 207 11.91 55.25 35.26
CA THR R 207 11.94 53.81 35.49
C THR R 207 12.85 53.11 34.48
N SER R 208 13.64 52.14 34.95
CA SER R 208 14.55 51.39 34.07
C SER R 208 14.49 49.89 34.30
N ASN R 209 14.27 49.16 33.22
CA ASN R 209 14.33 47.70 33.21
C ASN R 209 15.48 47.22 32.36
N GLU R 210 16.20 46.22 32.86
CA GLU R 210 17.16 45.51 32.02
C GLU R 210 16.38 44.73 30.99
N PRO R 211 16.88 44.70 29.76
CA PRO R 211 16.28 43.82 28.78
C PRO R 211 16.57 42.33 29.08
N VAL R 212 15.52 41.53 29.18
CA VAL R 212 15.66 40.08 29.42
C VAL R 212 16.42 39.49 28.25
N MET R 213 16.01 39.93 27.07
CA MET R 213 16.71 39.70 25.81
C MET R 213 18.22 39.68 26.01
N LEU R 214 18.70 40.72 26.67
CA LEU R 214 20.12 41.08 26.64
C LEU R 214 20.82 40.27 27.71
N CYS R 215 20.05 39.91 28.73
CA CYS R 215 20.60 39.10 29.79
C CYS R 215 20.78 37.67 29.28
N LEU R 216 19.79 37.23 28.50
CA LEU R 216 19.82 35.90 27.96
C LEU R 216 21.07 35.79 27.09
N MET R 217 21.29 36.81 26.28
CA MET R 217 22.42 36.81 25.35
C MET R 217 23.75 36.78 26.10
N SER R 218 23.87 37.62 27.12
CA SER R 218 25.04 37.66 27.98
C SER R 218 25.35 36.27 28.58
N ALA R 219 24.34 35.65 29.19
CA ALA R 219 24.54 34.41 29.89
C ALA R 219 24.97 33.29 28.90
N ILE R 220 24.46 33.34 27.68
CA ILE R 220 24.79 32.32 26.68
C ILE R 220 26.26 32.46 26.31
N GLU R 221 26.71 33.70 26.17
CA GLU R 221 28.11 33.96 25.81
C GLU R 221 29.00 33.35 26.89
N THR R 222 28.67 33.69 28.13
CA THR R 222 29.41 33.19 29.30
C THR R 222 29.50 31.68 29.24
N GLY R 223 28.36 31.04 28.96
CA GLY R 223 28.31 29.59 28.84
C GLY R 223 29.28 29.07 27.78
N VAL R 224 29.38 29.81 26.67
CA VAL R 224 30.22 29.36 25.55
C VAL R 224 31.67 29.39 26.00
N ILE R 225 32.03 30.43 26.75
CA ILE R 225 33.40 30.54 27.28
C ILE R 225 33.71 29.35 28.20
N PHE R 226 32.84 29.10 29.19
CA PHE R 226 33.03 27.97 30.11
C PHE R 226 33.15 26.64 29.36
N LEU R 227 32.46 26.54 28.23
CA LEU R 227 32.56 25.32 27.38
C LEU R 227 33.93 25.20 26.78
N ILE R 228 34.43 26.31 26.24
CA ILE R 228 35.71 26.29 25.54
C ILE R 228 36.81 25.98 26.53
N ASN R 229 36.76 26.67 27.68
CA ASN R 229 37.76 26.47 28.74
C ASN R 229 37.74 25.03 29.25
N ASP R 230 36.53 24.51 29.48
CA ASP R 230 36.35 23.13 29.90
C ASP R 230 36.94 22.16 28.86
N GLY R 231 36.70 22.46 27.58
CA GLY R 231 37.19 21.60 26.51
C GLY R 231 38.72 21.63 26.42
N ILE R 232 39.29 22.80 26.69
CA ILE R 232 40.74 22.95 26.71
C ILE R 232 41.32 22.05 27.79
N ASP R 233 40.75 22.12 28.99
CA ASP R 233 41.19 21.30 30.11
C ASP R 233 41.10 19.82 29.75
N ARG R 234 39.96 19.41 29.19
CA ARG R 234 39.68 17.99 28.95
C ARG R 234 40.26 17.43 27.65
N GLY R 235 40.94 18.29 26.89
CA GLY R 235 41.68 17.84 25.72
C GLY R 235 40.77 17.59 24.55
N LEU R 236 39.69 18.35 24.46
CA LEU R 236 38.87 18.34 23.24
C LEU R 236 39.60 19.10 22.15
N TRP R 237 40.08 20.28 22.49
CA TRP R 237 40.77 21.14 21.53
C TRP R 237 41.97 21.81 22.19
N ASP R 238 42.86 22.37 21.36
CA ASP R 238 44.14 22.89 21.84
C ASP R 238 44.41 24.32 21.37
N LEU R 239 45.09 25.07 22.23
CA LEU R 239 45.39 26.47 22.00
C LEU R 239 46.58 26.57 21.02
N GLN R 240 46.50 27.55 20.12
CA GLN R 240 47.63 27.86 19.23
C GLN R 240 48.90 28.06 20.05
N ASN R 241 48.84 28.99 20.99
CA ASN R 241 49.95 29.31 21.88
C ASN R 241 49.73 28.72 23.25
N LYS R 242 50.52 27.71 23.60
CA LYS R 242 50.40 27.06 24.90
C LYS R 242 50.78 28.06 26.01
N ALA R 243 51.61 29.03 25.63
CA ALA R 243 51.99 30.15 26.49
C ALA R 243 50.78 31.01 26.87
N GLU R 244 49.68 30.90 26.11
CA GLU R 244 48.50 31.71 26.38
C GLU R 244 47.50 31.00 27.27
N ARG R 245 47.92 29.92 27.91
CA ARG R 245 47.08 29.21 28.86
C ARG R 245 46.69 30.09 30.06
N GLN R 246 47.58 31.00 30.46
CA GLN R 246 47.31 31.85 31.63
C GLN R 246 46.72 33.19 31.21
N ASN R 247 46.14 33.22 30.01
CA ASN R 247 45.36 34.37 29.56
C ASN R 247 44.45 34.90 30.67
N ASP R 248 44.34 36.23 30.78
CA ASP R 248 43.52 36.86 31.84
C ASP R 248 42.09 36.32 31.88
N ILE R 249 41.48 36.23 30.70
CA ILE R 249 40.10 35.80 30.57
C ILE R 249 39.97 34.33 30.97
N LEU R 250 40.83 33.49 30.39
CA LEU R 250 40.80 32.05 30.66
C LEU R 250 41.00 31.70 32.15
N VAL R 251 41.88 32.43 32.83
CA VAL R 251 42.11 32.21 34.27
C VAL R 251 40.97 32.79 35.12
N LYS R 252 40.28 33.81 34.58
CA LYS R 252 39.12 34.38 35.25
C LYS R 252 37.96 33.36 35.30
N TYR R 253 37.69 32.70 34.17
CA TYR R 253 36.63 31.69 34.07
C TYR R 253 37.04 30.37 34.70
N ARG R 254 38.33 30.06 34.62
CA ARG R 254 38.91 28.95 35.38
C ARG R 254 38.67 29.13 36.87
N HIS R 255 38.82 30.38 37.34
CA HIS R 255 38.62 30.71 38.76
C HIS R 255 37.16 30.58 39.19
N MET R 256 36.23 30.91 38.30
CA MET R 256 34.81 30.80 38.65
C MET R 256 34.40 29.33 38.86
N SER R 257 35.17 28.40 38.26
CA SER R 257 34.95 26.93 38.42
C SER R 257 35.50 26.39 39.72
#